data_2N3E
#
_entry.id   2N3E
#
_entity_poly.entity_id   1
_entity_poly.type   'polypeptide(L)'
_entity_poly.pdbx_seq_one_letter_code
;GMGQANTPWSSKANADAFINSFISAASNTGSFSQDQMENMSLIGNTLMAAMDNMGGRITPSKLQALDMAFASSVAQIAAS
QGGDLGVTTNAIADALTSAFYQTTGVVNSRFISEIRSLIGMFAQASANDVYASAGSG
;
_entity_poly.pdbx_strand_id   A
#
# COMPACT_ATOMS: atom_id res chain seq x y z
N GLY A 1 -18.04 -16.59 4.54
CA GLY A 1 -19.51 -16.35 4.56
C GLY A 1 -19.81 -14.96 4.01
N MET A 2 -20.08 -14.02 4.86
CA MET A 2 -20.38 -12.63 4.38
C MET A 2 -19.19 -12.11 3.57
N GLY A 3 -18.00 -12.43 3.99
CA GLY A 3 -16.80 -11.95 3.24
C GLY A 3 -16.43 -10.55 3.72
N GLN A 4 -17.03 -10.10 4.79
CA GLN A 4 -16.72 -8.74 5.30
C GLN A 4 -15.93 -8.86 6.61
N ALA A 5 -15.18 -7.85 6.94
CA ALA A 5 -14.38 -7.91 8.20
C ALA A 5 -14.11 -6.49 8.71
N ASN A 6 -13.91 -6.33 9.99
CA ASN A 6 -13.65 -4.98 10.55
C ASN A 6 -12.55 -4.29 9.72
N THR A 7 -11.62 -5.05 9.22
CA THR A 7 -10.52 -4.46 8.41
C THR A 7 -10.40 -5.22 7.09
N PRO A 8 -9.96 -4.54 6.01
CA PRO A 8 -9.81 -5.16 4.69
C PRO A 8 -8.72 -6.24 4.67
N TRP A 9 -7.71 -6.09 5.47
CA TRP A 9 -6.63 -7.11 5.49
C TRP A 9 -6.96 -8.19 6.53
N SER A 10 -8.22 -8.34 6.85
CA SER A 10 -8.63 -9.38 7.83
C SER A 10 -9.28 -10.54 7.07
N SER A 11 -9.96 -10.24 6.00
CA SER A 11 -10.61 -11.32 5.21
C SER A 11 -9.99 -11.35 3.81
N LYS A 12 -10.15 -12.43 3.10
CA LYS A 12 -9.57 -12.52 1.73
C LYS A 12 -10.35 -11.63 0.77
N ALA A 13 -11.65 -11.62 0.87
CA ALA A 13 -12.47 -10.78 -0.04
C ALA A 13 -12.40 -9.32 0.41
N ASN A 14 -12.26 -9.08 1.69
CA ASN A 14 -12.18 -7.68 2.18
C ASN A 14 -10.84 -7.06 1.79
N ALA A 15 -9.81 -7.85 1.74
CA ALA A 15 -8.47 -7.31 1.37
C ALA A 15 -8.42 -6.99 -0.13
N ASP A 16 -9.05 -7.81 -0.93
CA ASP A 16 -9.02 -7.56 -2.40
C ASP A 16 -9.56 -6.17 -2.71
N ALA A 17 -10.76 -5.87 -2.28
CA ALA A 17 -11.35 -4.52 -2.56
C ALA A 17 -10.36 -3.44 -2.11
N PHE A 18 -9.75 -3.62 -0.97
CA PHE A 18 -8.79 -2.59 -0.48
C PHE A 18 -7.67 -2.42 -1.50
N ILE A 19 -7.20 -3.49 -2.08
CA ILE A 19 -6.11 -3.39 -3.08
C ILE A 19 -6.64 -2.67 -4.34
N ASN A 20 -7.76 -3.10 -4.84
CA ASN A 20 -8.33 -2.47 -6.07
C ASN A 20 -8.62 -0.99 -5.78
N SER A 21 -9.29 -0.71 -4.71
CA SER A 21 -9.63 0.71 -4.39
C SER A 21 -8.34 1.53 -4.19
N PHE A 22 -7.30 0.90 -3.72
CA PHE A 22 -6.03 1.65 -3.49
C PHE A 22 -5.44 2.10 -4.84
N ILE A 23 -5.44 1.23 -5.82
CA ILE A 23 -4.87 1.61 -7.14
C ILE A 23 -5.80 2.60 -7.84
N SER A 24 -7.04 2.25 -8.01
CA SER A 24 -8.00 3.16 -8.68
C SER A 24 -8.03 4.51 -7.96
N ALA A 25 -7.94 4.49 -6.66
CA ALA A 25 -7.97 5.78 -5.90
C ALA A 25 -6.59 6.46 -5.98
N ALA A 26 -5.54 5.73 -5.78
CA ALA A 26 -4.18 6.34 -5.84
C ALA A 26 -3.92 6.88 -7.25
N SER A 27 -4.40 6.21 -8.26
CA SER A 27 -4.16 6.69 -9.65
C SER A 27 -4.93 8.00 -9.88
N ASN A 28 -5.95 8.26 -9.10
CA ASN A 28 -6.72 9.52 -9.29
C ASN A 28 -6.38 10.51 -8.17
N THR A 29 -5.40 10.20 -7.36
CA THR A 29 -5.05 11.12 -6.25
C THR A 29 -3.80 11.94 -6.62
N GLY A 30 -2.66 11.31 -6.61
CA GLY A 30 -1.41 12.05 -6.94
C GLY A 30 -1.18 12.03 -8.45
N SER A 31 -0.22 11.26 -8.90
CA SER A 31 0.05 11.21 -10.37
C SER A 31 -0.01 9.76 -10.85
N PHE A 32 0.89 8.92 -10.39
CA PHE A 32 0.88 7.50 -10.82
C PHE A 32 0.68 7.45 -12.33
N SER A 33 1.68 7.80 -13.09
CA SER A 33 1.54 7.77 -14.58
C SER A 33 1.23 6.34 -15.02
N GLN A 34 0.78 6.17 -16.24
CA GLN A 34 0.46 4.81 -16.73
C GLN A 34 1.66 3.90 -16.49
N ASP A 35 2.85 4.45 -16.51
CA ASP A 35 4.07 3.62 -16.28
C ASP A 35 4.07 3.13 -14.83
N GLN A 36 3.62 3.94 -13.91
CA GLN A 36 3.60 3.51 -12.49
C GLN A 36 2.54 2.43 -12.29
N MET A 37 1.46 2.51 -13.02
CA MET A 37 0.39 1.50 -12.88
C MET A 37 0.94 0.13 -13.29
N GLU A 38 1.88 0.09 -14.19
CA GLU A 38 2.46 -1.21 -14.61
C GLU A 38 3.00 -1.94 -13.38
N ASN A 39 3.56 -1.22 -12.46
CA ASN A 39 4.10 -1.86 -11.23
C ASN A 39 2.96 -2.61 -10.51
N MET A 40 1.77 -2.11 -10.62
CA MET A 40 0.62 -2.78 -9.96
C MET A 40 0.55 -4.23 -10.44
N SER A 41 0.96 -4.48 -11.65
CA SER A 41 0.92 -5.87 -12.17
C SER A 41 1.73 -6.77 -11.24
N LEU A 42 2.65 -6.20 -10.51
CA LEU A 42 3.46 -7.02 -9.56
C LEU A 42 3.01 -6.74 -8.13
N ILE A 43 2.45 -5.59 -7.89
CA ILE A 43 2.00 -5.26 -6.52
C ILE A 43 0.52 -4.87 -6.54
N GLY A 44 -0.18 -5.10 -5.47
CA GLY A 44 -1.64 -4.77 -5.44
C GLY A 44 -2.44 -5.97 -5.92
N ASN A 45 -3.00 -5.89 -7.10
CA ASN A 45 -3.78 -7.05 -7.61
C ASN A 45 -2.92 -8.30 -7.55
N THR A 46 -1.62 -8.13 -7.53
CA THR A 46 -0.71 -9.31 -7.45
C THR A 46 -0.86 -9.96 -6.07
N LEU A 47 -1.09 -9.17 -5.06
CA LEU A 47 -1.25 -9.74 -3.69
C LEU A 47 -2.30 -10.84 -3.73
N MET A 48 -3.31 -10.68 -4.55
CA MET A 48 -4.37 -11.73 -4.63
C MET A 48 -3.73 -13.06 -5.02
N ALA A 49 -2.74 -13.02 -5.87
CA ALA A 49 -2.07 -14.29 -6.29
C ALA A 49 -1.44 -14.95 -5.06
N ALA A 50 -1.01 -14.17 -4.11
CA ALA A 50 -0.39 -14.75 -2.89
C ALA A 50 -1.47 -15.51 -2.10
N MET A 51 -2.67 -15.01 -2.09
CA MET A 51 -3.75 -15.70 -1.34
C MET A 51 -3.98 -17.10 -1.95
N ASP A 52 -3.76 -17.24 -3.22
CA ASP A 52 -3.96 -18.58 -3.85
C ASP A 52 -3.11 -19.62 -3.12
N ASN A 53 -2.00 -19.22 -2.57
CA ASN A 53 -1.14 -20.18 -1.83
C ASN A 53 -1.85 -20.61 -0.55
N MET A 54 -2.73 -19.80 -0.04
CA MET A 54 -3.46 -20.17 1.20
C MET A 54 -4.39 -21.35 0.91
N GLY A 55 -4.87 -21.46 -0.30
CA GLY A 55 -5.78 -22.60 -0.64
C GLY A 55 -7.22 -22.19 -0.36
N GLY A 56 -7.46 -20.94 -0.08
CA GLY A 56 -8.85 -20.49 0.20
C GLY A 56 -9.03 -20.28 1.71
N ARG A 57 -7.95 -20.20 2.43
CA ARG A 57 -8.06 -20.00 3.91
C ARG A 57 -7.20 -18.81 4.33
N ILE A 58 -7.83 -17.74 4.77
CA ILE A 58 -7.04 -16.54 5.19
C ILE A 58 -7.26 -16.29 6.68
N THR A 59 -6.33 -15.65 7.33
CA THR A 59 -6.50 -15.38 8.79
C THR A 59 -5.99 -13.96 9.10
N PRO A 60 -6.36 -13.44 10.28
CA PRO A 60 -5.95 -12.10 10.71
C PRO A 60 -4.46 -12.03 11.01
N SER A 61 -3.91 -13.06 11.58
CA SER A 61 -2.45 -13.06 11.88
C SER A 61 -1.66 -13.21 10.59
N LYS A 62 -2.18 -13.92 9.63
CA LYS A 62 -1.46 -14.10 8.35
C LYS A 62 -1.56 -12.80 7.52
N LEU A 63 -2.74 -12.30 7.35
CA LEU A 63 -2.90 -11.04 6.57
C LEU A 63 -2.21 -9.90 7.31
N GLN A 64 -2.09 -9.99 8.61
CA GLN A 64 -1.42 -8.90 9.37
C GLN A 64 -0.01 -8.70 8.81
N ALA A 65 0.70 -9.78 8.59
CA ALA A 65 2.09 -9.66 8.05
C ALA A 65 2.02 -9.23 6.57
N LEU A 66 1.15 -9.82 5.82
CA LEU A 66 1.04 -9.47 4.38
C LEU A 66 0.48 -8.04 4.24
N ASP A 67 -0.49 -7.70 5.05
CA ASP A 67 -1.08 -6.33 4.97
C ASP A 67 0.04 -5.30 4.95
N MET A 68 1.02 -5.46 5.79
CA MET A 68 2.15 -4.49 5.84
C MET A 68 2.90 -4.53 4.51
N ALA A 69 3.05 -5.68 3.93
CA ALA A 69 3.78 -5.78 2.64
C ALA A 69 3.14 -4.86 1.60
N PHE A 70 1.83 -4.86 1.52
CA PHE A 70 1.15 -3.98 0.53
C PHE A 70 1.63 -2.54 0.72
N ALA A 71 1.80 -2.11 1.93
CA ALA A 71 2.25 -0.71 2.17
C ALA A 71 3.68 -0.55 1.65
N SER A 72 4.54 -1.49 1.91
CA SER A 72 5.95 -1.39 1.44
C SER A 72 5.97 -1.54 -0.09
N SER A 73 5.16 -2.40 -0.63
CA SER A 73 5.14 -2.58 -2.11
C SER A 73 4.56 -1.34 -2.78
N VAL A 74 3.48 -0.83 -2.26
CA VAL A 74 2.85 0.38 -2.86
C VAL A 74 3.80 1.57 -2.69
N ALA A 75 4.51 1.63 -1.61
CA ALA A 75 5.44 2.77 -1.38
C ALA A 75 6.62 2.68 -2.36
N GLN A 76 7.19 1.52 -2.51
CA GLN A 76 8.34 1.38 -3.45
C GLN A 76 7.92 1.77 -4.86
N ILE A 77 6.70 1.47 -5.24
CA ILE A 77 6.24 1.83 -6.61
C ILE A 77 6.10 3.35 -6.74
N ALA A 78 5.36 3.95 -5.87
CA ALA A 78 5.15 5.43 -5.94
C ALA A 78 6.37 6.17 -5.37
N ALA A 79 6.92 5.69 -4.30
CA ALA A 79 8.10 6.37 -3.69
C ALA A 79 9.23 6.46 -4.73
N SER A 80 9.27 5.53 -5.63
CA SER A 80 10.35 5.55 -6.66
C SER A 80 9.95 6.53 -7.78
N GLN A 81 8.69 6.84 -7.89
CA GLN A 81 8.25 7.78 -8.95
C GLN A 81 8.20 9.20 -8.40
N GLY A 82 8.99 10.07 -8.94
CA GLY A 82 9.01 11.48 -8.45
C GLY A 82 9.69 11.55 -7.09
N GLY A 83 10.92 11.98 -7.06
CA GLY A 83 11.66 12.07 -5.76
C GLY A 83 10.75 12.70 -4.71
N ASP A 84 9.93 13.65 -5.10
CA ASP A 84 9.02 14.30 -4.11
C ASP A 84 8.01 13.27 -3.59
N LEU A 85 8.32 12.63 -2.50
CA LEU A 85 7.40 11.61 -1.93
C LEU A 85 6.23 12.32 -1.23
N GLY A 86 6.30 13.61 -1.09
CA GLY A 86 5.20 14.35 -0.42
C GLY A 86 3.87 14.05 -1.13
N VAL A 87 3.86 14.06 -2.43
CA VAL A 87 2.59 13.77 -3.17
C VAL A 87 2.24 12.30 -3.02
N THR A 88 3.16 11.41 -3.23
CA THR A 88 2.84 9.96 -3.08
C THR A 88 2.22 9.75 -1.72
N THR A 89 2.67 10.47 -0.73
CA THR A 89 2.09 10.33 0.63
C THR A 89 0.58 10.56 0.52
N ASN A 90 0.19 11.64 -0.12
CA ASN A 90 -1.26 11.92 -0.27
C ASN A 90 -1.87 10.91 -1.26
N ALA A 91 -1.13 10.56 -2.27
CA ALA A 91 -1.65 9.58 -3.26
C ALA A 91 -1.82 8.22 -2.59
N ILE A 92 -0.77 7.66 -2.07
CA ILE A 92 -0.86 6.33 -1.40
C ILE A 92 -1.81 6.45 -0.20
N ALA A 93 -1.60 7.45 0.63
CA ALA A 93 -2.48 7.61 1.82
C ALA A 93 -3.94 7.79 1.37
N ASP A 94 -4.18 8.68 0.46
CA ASP A 94 -5.57 8.90 -0.01
C ASP A 94 -6.15 7.58 -0.52
N ALA A 95 -5.40 6.83 -1.29
CA ALA A 95 -5.91 5.54 -1.80
C ALA A 95 -6.25 4.62 -0.62
N LEU A 96 -5.41 4.58 0.37
CA LEU A 96 -5.68 3.71 1.55
C LEU A 96 -6.84 4.30 2.35
N THR A 97 -6.94 5.60 2.38
CA THR A 97 -8.05 6.25 3.15
C THR A 97 -9.39 5.89 2.53
N SER A 98 -9.53 6.03 1.24
CA SER A 98 -10.83 5.71 0.58
C SER A 98 -11.09 4.20 0.68
N ALA A 99 -10.07 3.40 0.51
CA ALA A 99 -10.27 1.93 0.58
C ALA A 99 -10.78 1.54 1.97
N PHE A 100 -10.27 2.16 3.00
CA PHE A 100 -10.74 1.83 4.37
C PHE A 100 -12.27 1.94 4.43
N TYR A 101 -12.80 3.07 4.09
CA TYR A 101 -14.28 3.25 4.13
C TYR A 101 -14.92 2.47 2.99
N GLN A 102 -14.24 2.35 1.88
CA GLN A 102 -14.80 1.59 0.73
C GLN A 102 -14.84 0.10 1.05
N THR A 103 -14.07 -0.34 2.03
CA THR A 103 -14.07 -1.79 2.34
C THR A 103 -14.80 -2.07 3.66
N THR A 104 -14.37 -1.52 4.76
CA THR A 104 -15.06 -1.81 6.05
C THR A 104 -15.44 -0.50 6.77
N GLY A 105 -14.56 0.46 6.80
CA GLY A 105 -14.89 1.74 7.49
C GLY A 105 -14.00 1.88 8.74
N VAL A 106 -12.73 1.64 8.61
CA VAL A 106 -11.83 1.77 9.79
C VAL A 106 -11.05 3.09 9.66
N VAL A 107 -10.32 3.45 10.68
CA VAL A 107 -9.56 4.73 10.62
C VAL A 107 -8.35 4.55 9.70
N ASN A 108 -8.27 5.33 8.66
CA ASN A 108 -7.13 5.22 7.72
C ASN A 108 -5.86 5.78 8.37
N SER A 109 -6.01 6.72 9.24
CA SER A 109 -4.82 7.34 9.91
C SER A 109 -4.01 6.27 10.63
N ARG A 110 -4.65 5.38 11.34
CA ARG A 110 -3.90 4.33 12.08
C ARG A 110 -3.02 3.54 11.11
N PHE A 111 -3.58 3.00 10.07
CA PHE A 111 -2.77 2.22 9.09
C PHE A 111 -1.93 3.16 8.23
N ILE A 112 -2.57 4.12 7.61
CA ILE A 112 -1.82 5.07 6.74
C ILE A 112 -0.70 5.75 7.54
N SER A 113 -0.92 6.00 8.80
CA SER A 113 0.14 6.65 9.62
C SER A 113 1.43 5.84 9.54
N GLU A 114 1.32 4.54 9.63
CA GLU A 114 2.55 3.69 9.57
C GLU A 114 3.10 3.70 8.14
N ILE A 115 2.23 3.72 7.16
CA ILE A 115 2.71 3.74 5.75
C ILE A 115 3.29 5.11 5.43
N ARG A 116 2.64 6.15 5.88
CA ARG A 116 3.16 7.53 5.60
C ARG A 116 4.61 7.63 6.07
N SER A 117 4.92 7.06 7.20
CA SER A 117 6.33 7.13 7.72
C SER A 117 7.21 6.19 6.89
N LEU A 118 6.67 5.09 6.45
CA LEU A 118 7.48 4.13 5.63
C LEU A 118 7.80 4.74 4.27
N ILE A 119 6.84 5.35 3.64
CA ILE A 119 7.09 5.96 2.29
C ILE A 119 8.21 6.99 2.39
N GLY A 120 8.15 7.86 3.36
CA GLY A 120 9.21 8.88 3.51
C GLY A 120 10.57 8.19 3.71
N MET A 121 10.57 7.01 4.25
CA MET A 121 11.86 6.29 4.47
C MET A 121 12.48 5.91 3.12
N PHE A 122 11.68 5.45 2.20
CA PHE A 122 12.22 5.07 0.87
C PHE A 122 12.88 6.28 0.21
N ALA A 123 12.37 7.45 0.48
CA ALA A 123 12.98 8.67 -0.13
C ALA A 123 14.43 8.79 0.30
N GLN A 124 14.74 8.42 1.50
CA GLN A 124 16.15 8.51 1.99
C GLN A 124 17.00 7.45 1.27
N ALA A 125 16.46 6.29 1.06
CA ALA A 125 17.24 5.22 0.36
C ALA A 125 17.43 5.58 -1.11
N SER A 126 16.41 6.14 -1.72
CA SER A 126 16.53 6.52 -3.15
C SER A 126 17.56 7.64 -3.30
N ALA A 127 17.77 8.40 -2.26
CA ALA A 127 18.76 9.52 -2.35
C ALA A 127 20.17 8.94 -2.56
N ASN A 128 20.39 7.73 -2.12
CA ASN A 128 21.73 7.10 -2.28
C ASN A 128 21.93 6.71 -3.75
N ASP A 129 20.87 6.38 -4.44
CA ASP A 129 21.01 5.98 -5.86
C ASP A 129 21.55 7.16 -6.67
N VAL A 130 21.00 8.33 -6.46
CA VAL A 130 21.49 9.52 -7.21
C VAL A 130 22.95 9.80 -6.83
N TYR A 131 23.32 9.51 -5.61
CA TYR A 131 24.72 9.76 -5.18
C TYR A 131 24.89 9.33 -3.73
N ALA A 132 26.09 9.41 -3.22
CA ALA A 132 26.32 9.01 -1.80
C ALA A 132 25.93 10.17 -0.87
N SER A 133 25.04 9.92 0.06
CA SER A 133 24.62 11.01 0.98
C SER A 133 25.86 11.70 1.56
N ALA A 134 25.73 12.95 1.93
CA ALA A 134 26.90 13.67 2.50
C ALA A 134 26.63 14.00 3.97
N GLY A 135 27.66 14.15 4.76
CA GLY A 135 27.46 14.46 6.19
C GLY A 135 26.58 15.71 6.32
N SER A 136 26.66 16.60 5.35
CA SER A 136 25.83 17.84 5.42
C SER A 136 24.82 17.83 4.26
N GLY A 137 23.63 18.29 4.51
CA GLY A 137 22.60 18.31 3.42
C GLY A 137 23.10 19.18 2.27
N GLY A 1 -20.49 -12.96 15.25
CA GLY A 1 -21.51 -11.97 15.68
C GLY A 1 -22.06 -11.24 14.44
N MET A 2 -21.65 -10.02 14.24
CA MET A 2 -22.14 -9.26 13.06
C MET A 2 -21.77 -10.02 11.77
N GLY A 3 -20.64 -10.65 11.76
CA GLY A 3 -20.24 -11.41 10.54
C GLY A 3 -19.49 -10.48 9.58
N GLN A 4 -19.05 -9.35 10.07
CA GLN A 4 -18.31 -8.40 9.19
C GLN A 4 -16.83 -8.39 9.57
N ALA A 5 -15.96 -8.24 8.60
CA ALA A 5 -14.51 -8.23 8.91
C ALA A 5 -14.14 -6.90 9.58
N ASN A 6 -13.31 -6.94 10.59
CA ASN A 6 -12.91 -5.69 11.28
C ASN A 6 -12.03 -4.84 10.36
N THR A 7 -11.43 -5.45 9.37
CA THR A 7 -10.55 -4.68 8.45
C THR A 7 -10.43 -5.44 7.12
N PRO A 8 -10.10 -4.72 6.04
CA PRO A 8 -9.95 -5.31 4.70
C PRO A 8 -8.78 -6.30 4.61
N TRP A 9 -7.71 -6.05 5.29
CA TRP A 9 -6.55 -6.99 5.23
C TRP A 9 -6.77 -8.13 6.22
N SER A 10 -7.96 -8.25 6.76
CA SER A 10 -8.23 -9.34 7.73
C SER A 10 -9.02 -10.44 7.01
N SER A 11 -9.64 -10.11 5.90
CA SER A 11 -10.42 -11.12 5.15
C SER A 11 -9.84 -11.28 3.75
N LYS A 12 -10.09 -12.39 3.12
CA LYS A 12 -9.54 -12.60 1.74
C LYS A 12 -10.33 -11.75 0.74
N ALA A 13 -11.62 -11.68 0.90
CA ALA A 13 -12.44 -10.87 -0.06
C ALA A 13 -12.33 -9.39 0.30
N ASN A 14 -12.26 -9.07 1.57
CA ASN A 14 -12.16 -7.63 1.96
C ASN A 14 -10.75 -7.11 1.64
N ALA A 15 -9.77 -7.95 1.66
CA ALA A 15 -8.38 -7.49 1.36
C ALA A 15 -8.23 -7.19 -0.12
N ASP A 16 -8.61 -8.11 -0.97
CA ASP A 16 -8.48 -7.86 -2.44
C ASP A 16 -9.18 -6.56 -2.82
N ALA A 17 -10.39 -6.37 -2.34
CA ALA A 17 -11.13 -5.12 -2.69
C ALA A 17 -10.31 -3.91 -2.24
N PHE A 18 -9.71 -3.98 -1.08
CA PHE A 18 -8.91 -2.82 -0.58
C PHE A 18 -7.72 -2.57 -1.52
N ILE A 19 -7.13 -3.61 -2.03
CA ILE A 19 -5.96 -3.43 -2.94
C ILE A 19 -6.43 -2.87 -4.28
N ASN A 20 -7.58 -3.30 -4.74
CA ASN A 20 -8.10 -2.80 -6.05
C ASN A 20 -8.47 -1.32 -5.94
N SER A 21 -9.22 -0.96 -4.94
CA SER A 21 -9.63 0.47 -4.78
C SER A 21 -8.41 1.35 -4.52
N PHE A 22 -7.40 0.81 -3.89
CA PHE A 22 -6.18 1.62 -3.60
C PHE A 22 -5.52 2.04 -4.92
N ILE A 23 -5.27 1.12 -5.80
CA ILE A 23 -4.61 1.46 -7.09
C ILE A 23 -5.49 2.45 -7.86
N SER A 24 -6.71 2.09 -8.13
CA SER A 24 -7.61 3.00 -8.88
C SER A 24 -7.76 4.34 -8.13
N ALA A 25 -7.72 4.30 -6.83
CA ALA A 25 -7.87 5.56 -6.05
C ALA A 25 -6.54 6.34 -6.08
N ALA A 26 -5.45 5.69 -5.86
CA ALA A 26 -4.13 6.39 -5.86
C ALA A 26 -3.81 6.91 -7.27
N SER A 27 -4.23 6.19 -8.28
CA SER A 27 -3.94 6.63 -9.68
C SER A 27 -4.64 7.97 -9.96
N ASN A 28 -5.72 8.23 -9.29
CA ASN A 28 -6.45 9.52 -9.53
C ASN A 28 -6.22 10.48 -8.37
N THR A 29 -5.36 10.14 -7.45
CA THR A 29 -5.10 11.05 -6.29
C THR A 29 -3.94 11.99 -6.60
N GLY A 30 -2.73 11.50 -6.51
CA GLY A 30 -1.56 12.37 -6.78
C GLY A 30 -1.28 12.40 -8.28
N SER A 31 -0.27 11.70 -8.72
CA SER A 31 0.05 11.69 -10.18
C SER A 31 0.24 10.25 -10.65
N PHE A 32 1.19 9.55 -10.09
CA PHE A 32 1.42 8.13 -10.50
C PHE A 32 1.37 8.05 -12.03
N SER A 33 2.50 8.16 -12.68
CA SER A 33 2.52 8.09 -14.17
C SER A 33 1.97 6.73 -14.62
N GLN A 34 1.55 6.63 -15.85
CA GLN A 34 0.99 5.33 -16.34
C GLN A 34 2.00 4.22 -16.07
N ASP A 35 3.27 4.47 -16.28
CA ASP A 35 4.29 3.42 -16.03
C ASP A 35 4.21 2.98 -14.57
N GLN A 36 3.92 3.89 -13.68
CA GLN A 36 3.82 3.52 -12.24
C GLN A 36 2.58 2.66 -12.02
N MET A 37 1.54 2.92 -12.77
CA MET A 37 0.30 2.12 -12.61
C MET A 37 0.59 0.66 -12.96
N GLU A 38 1.48 0.43 -13.88
CA GLU A 38 1.82 -0.97 -14.27
C GLU A 38 2.44 -1.70 -13.07
N ASN A 39 3.35 -1.06 -12.39
CA ASN A 39 3.98 -1.71 -11.20
C ASN A 39 2.89 -2.13 -10.22
N MET A 40 1.89 -1.32 -10.05
CA MET A 40 0.79 -1.68 -9.11
C MET A 40 0.20 -3.01 -9.54
N SER A 41 0.19 -3.28 -10.81
CA SER A 41 -0.36 -4.57 -11.31
C SER A 41 0.56 -5.72 -10.91
N LEU A 42 1.81 -5.42 -10.66
CA LEU A 42 2.77 -6.50 -10.27
C LEU A 42 2.76 -6.67 -8.76
N ILE A 43 2.35 -5.65 -8.04
CA ILE A 43 2.32 -5.76 -6.56
C ILE A 43 0.96 -5.26 -6.05
N GLY A 44 0.44 -5.89 -5.03
CA GLY A 44 -0.88 -5.46 -4.50
C GLY A 44 -1.96 -6.39 -5.07
N ASN A 45 -2.42 -6.12 -6.25
CA ASN A 45 -3.46 -7.00 -6.85
C ASN A 45 -2.86 -8.40 -7.01
N THR A 46 -1.56 -8.47 -7.14
CA THR A 46 -0.90 -9.80 -7.29
C THR A 46 -1.01 -10.55 -5.96
N LEU A 47 -0.94 -9.84 -4.87
CA LEU A 47 -1.05 -10.49 -3.54
C LEU A 47 -2.32 -11.35 -3.49
N MET A 48 -3.38 -10.87 -4.08
CA MET A 48 -4.65 -11.65 -4.07
C MET A 48 -4.38 -13.06 -4.60
N ALA A 49 -3.58 -13.18 -5.63
CA ALA A 49 -3.27 -14.52 -6.18
C ALA A 49 -2.57 -15.36 -5.10
N ALA A 50 -1.84 -14.71 -4.24
CA ALA A 50 -1.13 -15.46 -3.15
C ALA A 50 -2.17 -16.05 -2.20
N MET A 51 -3.22 -15.34 -1.94
CA MET A 51 -4.27 -15.86 -1.02
C MET A 51 -4.79 -17.19 -1.55
N ASP A 52 -4.78 -17.37 -2.85
CA ASP A 52 -5.26 -18.66 -3.43
C ASP A 52 -4.40 -19.81 -2.89
N ASN A 53 -3.17 -19.54 -2.57
CA ASN A 53 -2.28 -20.60 -2.04
C ASN A 53 -2.78 -21.03 -0.66
N MET A 54 -3.47 -20.15 0.03
CA MET A 54 -3.99 -20.51 1.37
C MET A 54 -4.98 -21.67 1.25
N GLY A 55 -5.63 -21.79 0.13
CA GLY A 55 -6.61 -22.89 -0.04
C GLY A 55 -8.01 -22.41 0.34
N GLY A 56 -8.15 -21.13 0.59
CA GLY A 56 -9.49 -20.60 0.98
C GLY A 56 -9.51 -20.30 2.48
N ARG A 57 -8.37 -20.31 3.11
CA ARG A 57 -8.31 -20.04 4.57
C ARG A 57 -7.36 -18.87 4.83
N ILE A 58 -7.86 -17.75 5.27
CA ILE A 58 -6.98 -16.59 5.54
C ILE A 58 -7.04 -16.24 7.03
N THR A 59 -5.97 -15.71 7.56
CA THR A 59 -5.97 -15.34 9.00
C THR A 59 -5.28 -13.99 9.18
N PRO A 60 -5.55 -13.31 10.30
CA PRO A 60 -4.96 -12.00 10.60
C PRO A 60 -3.45 -12.09 10.81
N SER A 61 -3.01 -12.96 11.67
CA SER A 61 -1.55 -13.10 11.92
C SER A 61 -0.80 -13.13 10.58
N LYS A 62 -1.21 -13.99 9.68
CA LYS A 62 -0.52 -14.08 8.36
C LYS A 62 -1.02 -12.98 7.43
N LEU A 63 -2.31 -12.88 7.26
CA LEU A 63 -2.86 -11.83 6.34
C LEU A 63 -2.36 -10.46 6.78
N GLN A 64 -2.35 -10.20 8.07
CA GLN A 64 -1.88 -8.87 8.55
C GLN A 64 -0.45 -8.63 8.03
N ALA A 65 0.31 -9.67 7.86
CA ALA A 65 1.70 -9.51 7.35
C ALA A 65 1.63 -9.01 5.90
N LEU A 66 0.60 -9.37 5.19
CA LEU A 66 0.47 -8.92 3.78
C LEU A 66 0.09 -7.44 3.75
N ASP A 67 -0.85 -7.04 4.57
CA ASP A 67 -1.28 -5.62 4.60
C ASP A 67 -0.03 -4.73 4.69
N MET A 68 0.91 -5.10 5.51
CA MET A 68 2.15 -4.28 5.65
C MET A 68 2.92 -4.28 4.32
N ALA A 69 3.07 -5.41 3.70
CA ALA A 69 3.81 -5.47 2.41
C ALA A 69 3.16 -4.51 1.42
N PHE A 70 1.86 -4.54 1.31
CA PHE A 70 1.17 -3.63 0.35
C PHE A 70 1.60 -2.19 0.62
N ALA A 71 1.77 -1.83 1.87
CA ALA A 71 2.19 -0.44 2.20
C ALA A 71 3.65 -0.23 1.78
N SER A 72 4.48 -1.21 1.99
CA SER A 72 5.92 -1.07 1.60
C SER A 72 6.04 -1.02 0.08
N SER A 73 5.29 -1.83 -0.61
CA SER A 73 5.37 -1.83 -2.10
C SER A 73 4.77 -0.55 -2.65
N VAL A 74 3.61 -0.19 -2.18
CA VAL A 74 2.96 1.06 -2.68
C VAL A 74 3.89 2.25 -2.43
N ALA A 75 4.62 2.23 -1.34
CA ALA A 75 5.55 3.37 -1.05
C ALA A 75 6.74 3.32 -2.01
N GLN A 76 7.18 2.15 -2.36
CA GLN A 76 8.34 2.03 -3.29
C GLN A 76 7.89 2.38 -4.71
N ILE A 77 6.76 1.87 -5.12
CA ILE A 77 6.27 2.18 -6.50
C ILE A 77 6.18 3.70 -6.69
N ALA A 78 5.60 4.38 -5.73
CA ALA A 78 5.47 5.86 -5.86
C ALA A 78 6.81 6.52 -5.50
N ALA A 79 7.36 6.20 -4.36
CA ALA A 79 8.66 6.82 -3.97
C ALA A 79 9.71 6.52 -5.04
N SER A 80 9.57 5.41 -5.72
CA SER A 80 10.55 5.06 -6.78
C SER A 80 10.37 6.02 -7.96
N GLN A 81 9.24 6.65 -8.06
CA GLN A 81 9.02 7.60 -9.19
C GLN A 81 10.14 8.65 -9.21
N GLY A 82 10.70 8.97 -8.08
CA GLY A 82 11.78 9.97 -8.05
C GLY A 82 11.19 11.38 -8.05
N GLY A 83 9.91 11.48 -7.83
CA GLY A 83 9.26 12.83 -7.83
C GLY A 83 9.10 13.31 -6.38
N ASP A 84 8.17 14.21 -6.15
CA ASP A 84 7.97 14.72 -4.76
C ASP A 84 7.36 13.61 -3.90
N LEU A 85 8.16 12.92 -3.15
CA LEU A 85 7.61 11.83 -2.30
C LEU A 85 6.56 12.40 -1.35
N GLY A 86 6.53 13.69 -1.19
CA GLY A 86 5.51 14.32 -0.29
C GLY A 86 4.12 14.09 -0.85
N VAL A 87 3.95 14.18 -2.14
CA VAL A 87 2.59 13.99 -2.73
C VAL A 87 2.19 12.51 -2.61
N THR A 88 3.12 11.61 -2.78
CA THR A 88 2.78 10.17 -2.67
C THR A 88 2.03 9.95 -1.35
N THR A 89 2.36 10.71 -0.35
CA THR A 89 1.65 10.55 0.95
C THR A 89 0.17 10.81 0.73
N ASN A 90 -0.15 11.87 0.04
CA ASN A 90 -1.59 12.18 -0.23
C ASN A 90 -2.12 11.17 -1.24
N ALA A 91 -1.29 10.73 -2.15
CA ALA A 91 -1.76 9.74 -3.16
C ALA A 91 -1.97 8.38 -2.50
N ILE A 92 -0.94 7.82 -1.92
CA ILE A 92 -1.07 6.49 -1.26
C ILE A 92 -2.07 6.59 -0.10
N ALA A 93 -1.98 7.64 0.67
CA ALA A 93 -2.92 7.80 1.83
C ALA A 93 -4.36 7.90 1.31
N ASP A 94 -4.61 8.79 0.40
CA ASP A 94 -5.99 8.94 -0.14
C ASP A 94 -6.48 7.59 -0.66
N ALA A 95 -5.71 6.95 -1.47
CA ALA A 95 -6.12 5.63 -2.03
C ALA A 95 -6.43 4.67 -0.86
N LEU A 96 -5.58 4.64 0.12
CA LEU A 96 -5.82 3.73 1.29
C LEU A 96 -7.01 4.24 2.10
N THR A 97 -7.18 5.53 2.17
CA THR A 97 -8.31 6.09 2.96
C THR A 97 -9.64 5.77 2.28
N SER A 98 -9.74 6.03 1.00
CA SER A 98 -11.01 5.75 0.27
C SER A 98 -11.30 4.25 0.32
N ALA A 99 -10.30 3.43 0.28
CA ALA A 99 -10.52 1.95 0.31
C ALA A 99 -11.02 1.54 1.69
N PHE A 100 -10.45 2.08 2.73
CA PHE A 100 -10.89 1.72 4.11
C PHE A 100 -12.42 1.78 4.19
N TYR A 101 -12.99 2.88 3.83
CA TYR A 101 -14.48 3.03 3.90
C TYR A 101 -15.15 2.19 2.80
N GLN A 102 -14.51 2.05 1.68
CA GLN A 102 -15.12 1.25 0.58
C GLN A 102 -14.90 -0.25 0.82
N THR A 103 -13.96 -0.59 1.66
CA THR A 103 -13.69 -2.04 1.91
C THR A 103 -14.32 -2.50 3.23
N THR A 104 -13.96 -1.90 4.33
CA THR A 104 -14.54 -2.36 5.63
C THR A 104 -15.15 -1.17 6.39
N GLY A 105 -14.49 -0.04 6.41
CA GLY A 105 -15.07 1.13 7.14
C GLY A 105 -14.28 1.37 8.44
N VAL A 106 -12.97 1.37 8.35
CA VAL A 106 -12.15 1.61 9.56
C VAL A 106 -11.38 2.92 9.41
N VAL A 107 -10.71 3.35 10.44
CA VAL A 107 -9.94 4.63 10.34
C VAL A 107 -8.69 4.40 9.48
N ASN A 108 -8.56 5.12 8.41
CA ASN A 108 -7.36 4.94 7.53
C ASN A 108 -6.13 5.50 8.24
N SER A 109 -6.33 6.41 9.15
CA SER A 109 -5.18 7.01 9.88
C SER A 109 -4.34 5.93 10.55
N ARG A 110 -4.94 4.84 10.94
CA ARG A 110 -4.16 3.77 11.61
C ARG A 110 -3.18 3.12 10.63
N PHE A 111 -3.67 2.65 9.52
CA PHE A 111 -2.77 1.99 8.53
C PHE A 111 -1.96 3.06 7.78
N ILE A 112 -2.63 4.02 7.19
CA ILE A 112 -1.92 5.07 6.43
C ILE A 112 -0.88 5.77 7.31
N SER A 113 -1.12 5.86 8.59
CA SER A 113 -0.15 6.53 9.49
C SER A 113 1.22 5.86 9.38
N GLU A 114 1.26 4.56 9.46
CA GLU A 114 2.57 3.84 9.37
C GLU A 114 3.10 3.90 7.93
N ILE A 115 2.24 3.81 6.96
CA ILE A 115 2.70 3.86 5.55
C ILE A 115 3.48 5.15 5.29
N ARG A 116 2.96 6.26 5.73
CA ARG A 116 3.67 7.55 5.52
C ARG A 116 5.10 7.46 6.05
N SER A 117 5.26 6.99 7.26
CA SER A 117 6.63 6.86 7.83
C SER A 117 7.46 5.95 6.93
N LEU A 118 6.84 4.97 6.33
CA LEU A 118 7.59 4.03 5.45
C LEU A 118 7.94 4.71 4.13
N ILE A 119 7.03 5.48 3.57
CA ILE A 119 7.34 6.16 2.28
C ILE A 119 8.54 7.09 2.47
N GLY A 120 8.67 7.69 3.62
CA GLY A 120 9.82 8.62 3.85
C GLY A 120 11.11 7.81 3.92
N MET A 121 11.04 6.60 4.43
CA MET A 121 12.27 5.76 4.53
C MET A 121 12.78 5.43 3.12
N PHE A 122 11.89 5.10 2.22
CA PHE A 122 12.34 4.77 0.84
C PHE A 122 12.97 6.01 0.20
N ALA A 123 12.56 7.18 0.60
CA ALA A 123 13.14 8.42 0.02
C ALA A 123 14.61 8.54 0.46
N GLN A 124 14.92 8.09 1.64
CA GLN A 124 16.33 8.18 2.13
C GLN A 124 17.21 7.24 1.30
N ALA A 125 16.66 6.15 0.85
CA ALA A 125 17.47 5.20 0.02
C ALA A 125 17.71 5.80 -1.36
N SER A 126 16.84 6.66 -1.80
CA SER A 126 17.01 7.27 -3.16
C SER A 126 18.12 8.33 -3.08
N ALA A 127 18.41 8.82 -1.91
CA ALA A 127 19.48 9.85 -1.77
C ALA A 127 20.82 9.24 -2.18
N ASN A 128 20.97 7.95 -2.06
CA ASN A 128 22.25 7.30 -2.44
C ASN A 128 22.37 7.27 -3.96
N ASP A 129 21.28 7.46 -4.66
CA ASP A 129 21.33 7.43 -6.15
C ASP A 129 21.94 8.75 -6.66
N VAL A 130 21.53 9.85 -6.08
CA VAL A 130 22.07 11.17 -6.52
C VAL A 130 23.57 11.22 -6.22
N TYR A 131 24.01 10.53 -5.21
CA TYR A 131 25.47 10.54 -4.87
C TYR A 131 25.70 9.67 -3.63
N ALA A 132 26.95 9.45 -3.29
CA ALA A 132 27.24 8.61 -2.10
C ALA A 132 27.10 9.45 -0.83
N SER A 133 26.17 9.11 0.02
CA SER A 133 25.98 9.89 1.27
C SER A 133 27.28 9.88 2.09
N ALA A 134 27.47 10.85 2.93
CA ALA A 134 28.72 10.90 3.75
C ALA A 134 28.73 9.72 4.72
N GLY A 135 27.58 9.32 5.22
CA GLY A 135 27.54 8.18 6.17
C GLY A 135 27.79 8.70 7.59
N SER A 136 28.05 7.80 8.51
CA SER A 136 28.31 8.24 9.91
C SER A 136 29.70 7.78 10.34
N GLY A 137 30.35 8.53 11.19
CA GLY A 137 31.71 8.13 11.65
C GLY A 137 31.60 6.99 12.67
N GLY A 1 -19.62 -4.52 9.83
CA GLY A 1 -19.83 -5.07 11.20
C GLY A 1 -19.32 -6.51 11.26
N MET A 2 -19.91 -7.33 12.10
CA MET A 2 -19.46 -8.74 12.20
C MET A 2 -19.55 -9.41 10.83
N GLY A 3 -20.55 -9.07 10.06
CA GLY A 3 -20.69 -9.69 8.71
C GLY A 3 -19.41 -9.46 7.91
N GLN A 4 -18.76 -8.35 8.12
CA GLN A 4 -17.50 -8.06 7.37
C GLN A 4 -16.33 -8.02 8.35
N ALA A 5 -15.14 -8.24 7.87
CA ALA A 5 -13.95 -8.19 8.78
C ALA A 5 -13.74 -6.77 9.28
N ASN A 6 -13.40 -6.62 10.54
CA ASN A 6 -13.19 -5.25 11.10
C ASN A 6 -12.20 -4.48 10.20
N THR A 7 -11.42 -5.18 9.42
CA THR A 7 -10.44 -4.49 8.54
C THR A 7 -10.35 -5.26 7.22
N PRO A 8 -10.00 -4.56 6.12
CA PRO A 8 -9.88 -5.18 4.79
C PRO A 8 -8.75 -6.21 4.71
N TRP A 9 -7.65 -6.00 5.40
CA TRP A 9 -6.55 -7.00 5.34
C TRP A 9 -6.85 -8.16 6.29
N SER A 10 -8.03 -8.18 6.87
CA SER A 10 -8.38 -9.29 7.78
C SER A 10 -9.08 -10.39 6.98
N SER A 11 -9.61 -10.05 5.84
CA SER A 11 -10.30 -11.06 5.00
C SER A 11 -9.88 -10.87 3.54
N LYS A 12 -9.77 -11.93 2.79
CA LYS A 12 -9.36 -11.79 1.36
C LYS A 12 -10.39 -10.93 0.63
N ALA A 13 -11.65 -11.22 0.82
CA ALA A 13 -12.70 -10.44 0.11
C ALA A 13 -12.53 -8.96 0.43
N ASN A 14 -12.42 -8.62 1.68
CA ASN A 14 -12.25 -7.19 2.06
C ASN A 14 -10.84 -6.72 1.67
N ALA A 15 -9.85 -7.55 1.85
CA ALA A 15 -8.46 -7.15 1.52
C ALA A 15 -8.32 -7.02 0.00
N ASP A 16 -8.70 -8.02 -0.72
CA ASP A 16 -8.58 -7.97 -2.21
C ASP A 16 -9.28 -6.72 -2.73
N ALA A 17 -10.51 -6.50 -2.33
CA ALA A 17 -11.23 -5.28 -2.81
C ALA A 17 -10.47 -4.05 -2.34
N PHE A 18 -9.97 -4.08 -1.14
CA PHE A 18 -9.20 -2.92 -0.61
C PHE A 18 -8.00 -2.64 -1.52
N ILE A 19 -7.39 -3.67 -2.04
CA ILE A 19 -6.21 -3.47 -2.92
C ILE A 19 -6.66 -2.88 -4.26
N ASN A 20 -7.78 -3.31 -4.76
CA ASN A 20 -8.26 -2.79 -6.07
C ASN A 20 -8.66 -1.32 -5.95
N SER A 21 -9.46 -0.99 -4.97
CA SER A 21 -9.89 0.43 -4.81
C SER A 21 -8.67 1.33 -4.56
N PHE A 22 -7.65 0.80 -3.94
CA PHE A 22 -6.45 1.64 -3.66
C PHE A 22 -5.77 2.04 -4.97
N ILE A 23 -5.54 1.11 -5.85
CA ILE A 23 -4.87 1.44 -7.14
C ILE A 23 -5.72 2.43 -7.94
N SER A 24 -6.94 2.08 -8.22
CA SER A 24 -7.82 3.00 -9.00
C SER A 24 -7.97 4.33 -8.26
N ALA A 25 -7.96 4.31 -6.96
CA ALA A 25 -8.12 5.58 -6.19
C ALA A 25 -6.80 6.36 -6.19
N ALA A 26 -5.70 5.69 -5.97
CA ALA A 26 -4.39 6.41 -5.94
C ALA A 26 -4.01 6.88 -7.35
N SER A 27 -4.44 6.18 -8.35
CA SER A 27 -4.10 6.60 -9.75
C SER A 27 -4.73 7.96 -10.07
N ASN A 28 -5.84 8.27 -9.46
CA ASN A 28 -6.50 9.57 -9.74
C ASN A 28 -6.28 10.55 -8.57
N THR A 29 -5.47 10.19 -7.61
CA THR A 29 -5.25 11.11 -6.46
C THR A 29 -4.07 12.04 -6.75
N GLY A 30 -2.87 11.56 -6.59
CA GLY A 30 -1.68 12.41 -6.84
C GLY A 30 -1.39 12.48 -8.34
N SER A 31 -0.39 11.76 -8.77
CA SER A 31 -0.04 11.77 -10.23
C SER A 31 0.12 10.34 -10.72
N PHE A 32 1.07 9.62 -10.19
CA PHE A 32 1.28 8.22 -10.63
C PHE A 32 1.19 8.15 -12.16
N SER A 33 2.29 8.35 -12.84
CA SER A 33 2.27 8.31 -14.33
C SER A 33 1.79 6.93 -14.79
N GLN A 34 1.35 6.84 -16.02
CA GLN A 34 0.87 5.52 -16.54
C GLN A 34 1.95 4.46 -16.30
N ASP A 35 3.19 4.83 -16.43
CA ASP A 35 4.29 3.84 -16.22
C ASP A 35 4.28 3.39 -14.75
N GLN A 36 3.98 4.27 -13.84
CA GLN A 36 3.95 3.90 -12.41
C GLN A 36 2.74 3.01 -12.15
N MET A 37 1.65 3.25 -12.83
CA MET A 37 0.43 2.41 -12.63
C MET A 37 0.74 0.96 -13.03
N GLU A 38 1.57 0.78 -14.02
CA GLU A 38 1.91 -0.60 -14.47
C GLU A 38 2.53 -1.36 -13.29
N ASN A 39 3.47 -0.76 -12.61
CA ASN A 39 4.10 -1.45 -11.45
C ASN A 39 3.00 -1.87 -10.46
N MET A 40 2.04 -1.03 -10.25
CA MET A 40 0.94 -1.38 -9.31
C MET A 40 0.21 -2.61 -9.82
N SER A 41 0.14 -2.77 -11.12
CA SER A 41 -0.56 -3.95 -11.69
C SER A 41 0.26 -5.21 -11.41
N LEU A 42 1.54 -5.06 -11.20
CA LEU A 42 2.40 -6.25 -10.93
C LEU A 42 2.46 -6.52 -9.42
N ILE A 43 2.23 -5.51 -8.62
CA ILE A 43 2.28 -5.72 -7.15
C ILE A 43 0.95 -5.27 -6.52
N GLY A 44 0.63 -5.77 -5.36
CA GLY A 44 -0.64 -5.36 -4.70
C GLY A 44 -1.76 -6.31 -5.15
N ASN A 45 -2.35 -6.05 -6.29
CA ASN A 45 -3.44 -6.94 -6.78
C ASN A 45 -2.86 -8.34 -7.02
N THR A 46 -1.63 -8.40 -7.45
CA THR A 46 -1.00 -9.73 -7.71
C THR A 46 -0.98 -10.54 -6.40
N LEU A 47 -0.80 -9.88 -5.30
CA LEU A 47 -0.77 -10.60 -3.99
C LEU A 47 -2.08 -11.36 -3.81
N MET A 48 -3.17 -10.80 -4.26
CA MET A 48 -4.48 -11.50 -4.11
C MET A 48 -4.37 -12.92 -4.68
N ALA A 49 -3.67 -13.07 -5.78
CA ALA A 49 -3.52 -14.43 -6.38
C ALA A 49 -2.80 -15.34 -5.38
N ALA A 50 -1.91 -14.78 -4.61
CA ALA A 50 -1.17 -15.60 -3.62
C ALA A 50 -2.15 -16.16 -2.59
N MET A 51 -3.20 -15.44 -2.31
CA MET A 51 -4.20 -15.94 -1.32
C MET A 51 -4.70 -17.31 -1.76
N ASP A 52 -4.82 -17.53 -3.04
CA ASP A 52 -5.30 -18.86 -3.52
C ASP A 52 -4.40 -19.95 -2.95
N ASN A 53 -3.16 -19.64 -2.69
CA ASN A 53 -2.23 -20.67 -2.13
C ASN A 53 -2.66 -21.03 -0.71
N MET A 54 -3.37 -20.15 -0.05
CA MET A 54 -3.81 -20.45 1.34
C MET A 54 -4.63 -21.73 1.36
N GLY A 55 -5.24 -22.07 0.25
CA GLY A 55 -6.06 -23.32 0.20
C GLY A 55 -7.43 -23.07 0.85
N GLY A 56 -7.71 -21.83 1.18
CA GLY A 56 -9.03 -21.52 1.83
C GLY A 56 -8.81 -21.29 3.32
N ARG A 57 -7.62 -20.96 3.72
CA ARG A 57 -7.36 -20.73 5.17
C ARG A 57 -6.64 -19.38 5.35
N ILE A 58 -7.31 -18.42 5.93
CA ILE A 58 -6.68 -17.09 6.15
C ILE A 58 -6.59 -16.80 7.64
N THR A 59 -5.62 -16.03 8.05
CA THR A 59 -5.48 -15.71 9.50
C THR A 59 -4.94 -14.28 9.65
N PRO A 60 -5.11 -13.69 10.84
CA PRO A 60 -4.63 -12.33 11.13
C PRO A 60 -3.10 -12.26 11.17
N SER A 61 -2.47 -13.22 11.81
CA SER A 61 -0.98 -13.22 11.87
C SER A 61 -0.42 -13.32 10.46
N LYS A 62 -1.05 -14.09 9.61
CA LYS A 62 -0.55 -14.24 8.22
C LYS A 62 -0.96 -13.00 7.40
N LEU A 63 -2.21 -12.66 7.42
CA LEU A 63 -2.67 -11.46 6.66
C LEU A 63 -1.99 -10.21 7.22
N GLN A 64 -1.86 -10.13 8.51
CA GLN A 64 -1.21 -8.94 9.12
C GLN A 64 0.18 -8.76 8.48
N ALA A 65 0.88 -9.84 8.26
CA ALA A 65 2.22 -9.73 7.64
C ALA A 65 2.07 -9.38 6.17
N LEU A 66 1.03 -9.86 5.53
CA LEU A 66 0.81 -9.55 4.09
C LEU A 66 0.32 -8.11 3.96
N ASP A 67 -0.63 -7.71 4.77
CA ASP A 67 -1.14 -6.32 4.69
C ASP A 67 0.03 -5.33 4.67
N MET A 68 0.98 -5.52 5.54
CA MET A 68 2.15 -4.59 5.58
C MET A 68 2.87 -4.61 4.23
N ALA A 69 2.98 -5.76 3.61
CA ALA A 69 3.67 -5.86 2.30
C ALA A 69 3.02 -4.88 1.31
N PHE A 70 1.72 -4.84 1.27
CA PHE A 70 1.03 -3.91 0.33
C PHE A 70 1.53 -2.48 0.57
N ALA A 71 1.80 -2.14 1.80
CA ALA A 71 2.29 -0.76 2.10
C ALA A 71 3.67 -0.54 1.47
N SER A 72 4.50 -1.55 1.47
CA SER A 72 5.86 -1.40 0.88
C SER A 72 5.74 -1.22 -0.64
N SER A 73 4.75 -1.82 -1.24
CA SER A 73 4.59 -1.69 -2.72
C SER A 73 4.19 -0.25 -3.08
N VAL A 74 3.20 0.25 -2.41
CA VAL A 74 2.74 1.64 -2.71
C VAL A 74 3.88 2.63 -2.47
N ALA A 75 4.70 2.39 -1.48
CA ALA A 75 5.82 3.33 -1.20
C ALA A 75 6.91 3.18 -2.27
N GLN A 76 7.29 1.97 -2.57
CA GLN A 76 8.35 1.76 -3.59
C GLN A 76 7.85 2.23 -4.97
N ILE A 77 6.69 1.80 -5.37
CA ILE A 77 6.16 2.22 -6.70
C ILE A 77 6.13 3.75 -6.78
N ALA A 78 5.56 4.40 -5.80
CA ALA A 78 5.49 5.88 -5.83
C ALA A 78 6.86 6.46 -5.49
N ALA A 79 7.45 6.04 -4.42
CA ALA A 79 8.79 6.58 -4.04
C ALA A 79 9.78 6.32 -5.17
N SER A 80 9.59 5.26 -5.90
CA SER A 80 10.52 4.95 -7.03
C SER A 80 10.26 5.93 -8.18
N GLN A 81 9.11 6.54 -8.21
CA GLN A 81 8.80 7.50 -9.29
C GLN A 81 9.96 8.49 -9.45
N GLY A 82 10.51 8.94 -8.36
CA GLY A 82 11.64 9.91 -8.44
C GLY A 82 11.10 11.34 -8.38
N GLY A 83 9.82 11.49 -8.17
CA GLY A 83 9.23 12.85 -8.10
C GLY A 83 9.03 13.25 -6.63
N ASP A 84 8.12 14.15 -6.37
CA ASP A 84 7.89 14.58 -4.96
C ASP A 84 7.33 13.40 -4.17
N LEU A 85 8.13 12.81 -3.33
CA LEU A 85 7.64 11.65 -2.52
C LEU A 85 6.60 12.14 -1.51
N GLY A 86 6.52 13.42 -1.31
CA GLY A 86 5.52 13.95 -0.33
C GLY A 86 4.11 13.80 -0.90
N VAL A 87 3.97 13.88 -2.19
CA VAL A 87 2.61 13.74 -2.80
C VAL A 87 2.15 12.28 -2.68
N THR A 88 3.04 11.35 -2.79
CA THR A 88 2.63 9.93 -2.66
C THR A 88 1.84 9.76 -1.38
N THR A 89 2.15 10.52 -0.37
CA THR A 89 1.40 10.42 0.91
C THR A 89 -0.07 10.71 0.61
N ASN A 90 -0.34 11.74 -0.12
CA ASN A 90 -1.74 12.08 -0.46
C ASN A 90 -2.27 11.04 -1.45
N ALA A 91 -1.46 10.61 -2.36
CA ALA A 91 -1.91 9.60 -3.36
C ALA A 91 -2.16 8.26 -2.67
N ILE A 92 -1.17 7.74 -2.00
CA ILE A 92 -1.34 6.43 -1.32
C ILE A 92 -2.35 6.57 -0.17
N ALA A 93 -2.25 7.61 0.60
CA ALA A 93 -3.22 7.80 1.73
C ALA A 93 -4.63 8.00 1.19
N ASP A 94 -4.81 8.88 0.26
CA ASP A 94 -6.17 9.13 -0.31
C ASP A 94 -6.75 7.81 -0.84
N ALA A 95 -5.96 7.03 -1.52
CA ALA A 95 -6.48 5.74 -2.06
C ALA A 95 -6.79 4.80 -0.91
N LEU A 96 -5.93 4.77 0.08
CA LEU A 96 -6.14 3.87 1.24
C LEU A 96 -7.33 4.38 2.07
N THR A 97 -7.49 5.67 2.15
CA THR A 97 -8.62 6.22 2.96
C THR A 97 -9.96 5.88 2.30
N SER A 98 -10.10 6.15 1.04
CA SER A 98 -11.38 5.84 0.34
C SER A 98 -11.67 4.35 0.41
N ALA A 99 -10.65 3.54 0.35
CA ALA A 99 -10.87 2.06 0.41
C ALA A 99 -11.33 1.66 1.81
N PHE A 100 -10.71 2.21 2.82
CA PHE A 100 -11.11 1.86 4.23
C PHE A 100 -12.62 1.92 4.36
N TYR A 101 -13.22 3.02 4.03
CA TYR A 101 -14.70 3.16 4.16
C TYR A 101 -15.41 2.32 3.10
N GLN A 102 -14.83 2.19 1.94
CA GLN A 102 -15.47 1.39 0.86
C GLN A 102 -15.33 -0.10 1.15
N THR A 103 -14.41 -0.48 2.00
CA THR A 103 -14.24 -1.94 2.28
C THR A 103 -14.82 -2.30 3.65
N THR A 104 -14.34 -1.71 4.72
CA THR A 104 -14.90 -2.08 6.07
C THR A 104 -15.37 -0.83 6.82
N GLY A 105 -14.61 0.23 6.78
CA GLY A 105 -15.04 1.46 7.51
C GLY A 105 -14.15 1.68 8.74
N VAL A 106 -12.85 1.56 8.56
CA VAL A 106 -11.94 1.78 9.72
C VAL A 106 -11.20 3.10 9.53
N VAL A 107 -10.46 3.53 10.52
CA VAL A 107 -9.72 4.82 10.40
C VAL A 107 -8.53 4.63 9.46
N ASN A 108 -8.50 5.39 8.39
CA ASN A 108 -7.36 5.27 7.43
C ASN A 108 -6.09 5.85 8.06
N SER A 109 -6.24 6.74 9.00
CA SER A 109 -5.05 7.36 9.64
C SER A 109 -4.18 6.28 10.30
N ARG A 110 -4.77 5.21 10.78
CA ARG A 110 -3.95 4.16 11.44
C ARG A 110 -3.06 3.45 10.42
N PHE A 111 -3.62 2.94 9.37
CA PHE A 111 -2.78 2.23 8.34
C PHE A 111 -2.03 3.26 7.50
N ILE A 112 -2.72 4.23 6.97
CA ILE A 112 -2.06 5.26 6.12
C ILE A 112 -0.92 5.93 6.89
N SER A 113 -1.09 6.19 8.15
CA SER A 113 0.00 6.84 8.93
C SER A 113 1.26 5.96 8.90
N GLU A 114 1.09 4.67 8.98
CA GLU A 114 2.26 3.76 8.95
C GLU A 114 2.93 3.82 7.58
N ILE A 115 2.13 3.87 6.53
CA ILE A 115 2.72 3.94 5.16
C ILE A 115 3.37 5.30 4.94
N ARG A 116 2.71 6.35 5.36
CA ARG A 116 3.28 7.71 5.18
C ARG A 116 4.70 7.76 5.78
N SER A 117 4.87 7.19 6.93
CA SER A 117 6.22 7.21 7.57
C SER A 117 7.16 6.24 6.83
N LEU A 118 6.63 5.17 6.32
CA LEU A 118 7.49 4.19 5.59
C LEU A 118 7.96 4.80 4.26
N ILE A 119 7.09 5.47 3.56
CA ILE A 119 7.49 6.09 2.27
C ILE A 119 8.66 7.05 2.50
N GLY A 120 8.64 7.79 3.57
CA GLY A 120 9.75 8.74 3.84
C GLY A 120 11.03 7.96 4.17
N MET A 121 10.89 6.77 4.71
CA MET A 121 12.10 5.97 5.05
C MET A 121 12.79 5.51 3.76
N PHE A 122 12.03 5.19 2.75
CA PHE A 122 12.65 4.74 1.47
C PHE A 122 13.47 5.88 0.86
N ALA A 123 13.02 7.09 1.02
CA ALA A 123 13.77 8.25 0.44
C ALA A 123 15.14 8.34 1.13
N GLN A 124 15.22 7.98 2.37
CA GLN A 124 16.52 8.05 3.10
C GLN A 124 17.46 6.97 2.55
N ALA A 125 16.93 5.83 2.21
CA ALA A 125 17.80 4.73 1.68
C ALA A 125 18.37 5.16 0.32
N SER A 126 17.62 5.92 -0.43
CA SER A 126 18.13 6.35 -1.77
C SER A 126 19.42 7.14 -1.59
N ALA A 127 19.55 7.85 -0.50
CA ALA A 127 20.79 8.64 -0.27
C ALA A 127 21.97 7.70 -0.07
N ASN A 128 21.72 6.46 0.25
CA ASN A 128 22.82 5.48 0.46
C ASN A 128 23.46 5.14 -0.90
N ASP A 129 22.70 5.23 -1.96
CA ASP A 129 23.26 4.91 -3.30
C ASP A 129 24.34 5.92 -3.66
N VAL A 130 24.08 7.18 -3.51
CA VAL A 130 25.10 8.22 -3.84
C VAL A 130 26.36 7.97 -3.02
N TYR A 131 26.21 7.45 -1.82
CA TYR A 131 27.40 7.19 -0.98
C TYR A 131 26.95 6.57 0.36
N ALA A 132 27.87 6.34 1.25
CA ALA A 132 27.49 5.74 2.56
C ALA A 132 26.99 6.83 3.50
N SER A 133 25.76 6.73 3.95
CA SER A 133 25.22 7.77 4.87
C SER A 133 26.20 7.99 6.03
N ALA A 134 26.79 6.94 6.51
CA ALA A 134 27.76 7.08 7.64
C ALA A 134 28.84 8.09 7.25
N GLY A 135 29.20 8.14 6.01
CA GLY A 135 30.25 9.12 5.57
C GLY A 135 31.63 8.44 5.65
N SER A 136 31.67 7.17 5.93
CA SER A 136 32.98 6.47 6.01
C SER A 136 33.70 6.56 4.67
N GLY A 137 32.97 6.55 3.59
CA GLY A 137 33.62 6.65 2.25
C GLY A 137 32.69 6.02 1.19
N GLY A 1 -14.04 -7.81 16.19
CA GLY A 1 -15.41 -7.37 16.59
C GLY A 1 -16.43 -8.40 16.12
N MET A 2 -17.70 -8.12 16.30
CA MET A 2 -18.74 -9.09 15.87
C MET A 2 -18.59 -9.36 14.37
N GLY A 3 -18.25 -8.36 13.61
CA GLY A 3 -18.09 -8.56 12.13
C GLY A 3 -17.00 -9.60 11.87
N GLN A 4 -17.14 -10.39 10.85
CA GLN A 4 -16.10 -11.42 10.56
C GLN A 4 -14.77 -10.74 10.30
N ALA A 5 -14.79 -9.59 9.68
CA ALA A 5 -13.51 -8.87 9.40
C ALA A 5 -13.79 -7.39 9.20
N ASN A 6 -13.51 -6.58 10.18
CA ASN A 6 -13.76 -5.12 10.03
C ASN A 6 -12.53 -4.45 9.42
N THR A 7 -11.68 -5.21 8.77
CA THR A 7 -10.47 -4.61 8.15
C THR A 7 -10.32 -5.14 6.72
N PRO A 8 -9.68 -4.34 5.85
CA PRO A 8 -9.45 -4.73 4.44
C PRO A 8 -8.47 -5.88 4.33
N TRP A 9 -7.52 -5.98 5.22
CA TRP A 9 -6.54 -7.09 5.16
C TRP A 9 -6.99 -8.22 6.08
N SER A 10 -7.93 -7.96 6.94
CA SER A 10 -8.40 -9.02 7.87
C SER A 10 -9.21 -10.06 7.08
N SER A 11 -9.46 -9.81 5.82
CA SER A 11 -10.23 -10.78 5.00
C SER A 11 -9.62 -10.87 3.61
N LYS A 12 -9.75 -12.00 2.96
CA LYS A 12 -9.17 -12.15 1.59
C LYS A 12 -9.98 -11.31 0.60
N ALA A 13 -11.28 -11.32 0.74
CA ALA A 13 -12.13 -10.53 -0.20
C ALA A 13 -12.01 -9.03 0.15
N ASN A 14 -11.89 -8.73 1.40
CA ASN A 14 -11.78 -7.30 1.80
C ASN A 14 -10.41 -6.75 1.38
N ALA A 15 -9.42 -7.59 1.32
CA ALA A 15 -8.06 -7.12 0.92
C ALA A 15 -8.06 -6.75 -0.56
N ASP A 16 -8.71 -7.53 -1.37
CA ASP A 16 -8.74 -7.23 -2.83
C ASP A 16 -9.35 -5.84 -3.05
N ALA A 17 -10.54 -5.62 -2.57
CA ALA A 17 -11.18 -4.29 -2.75
C ALA A 17 -10.25 -3.22 -2.18
N PHE A 18 -9.57 -3.50 -1.12
CA PHE A 18 -8.64 -2.50 -0.53
C PHE A 18 -7.46 -2.27 -1.48
N ILE A 19 -6.86 -3.34 -1.95
CA ILE A 19 -5.72 -3.19 -2.89
C ILE A 19 -6.22 -2.59 -4.21
N ASN A 20 -7.32 -3.08 -4.70
CA ASN A 20 -7.87 -2.54 -5.98
C ASN A 20 -8.37 -1.11 -5.75
N SER A 21 -9.16 -0.90 -4.74
CA SER A 21 -9.67 0.47 -4.45
C SER A 21 -8.47 1.39 -4.23
N PHE A 22 -7.40 0.85 -3.73
CA PHE A 22 -6.19 1.68 -3.48
C PHE A 22 -5.52 2.03 -4.82
N ILE A 23 -5.28 1.05 -5.64
CA ILE A 23 -4.64 1.32 -6.95
C ILE A 23 -5.55 2.21 -7.79
N SER A 24 -6.76 1.80 -8.02
CA SER A 24 -7.69 2.64 -8.83
C SER A 24 -7.83 4.03 -8.20
N ALA A 25 -7.79 4.09 -6.90
CA ALA A 25 -7.93 5.42 -6.23
C ALA A 25 -6.59 6.17 -6.29
N ALA A 26 -5.51 5.52 -5.96
CA ALA A 26 -4.18 6.20 -6.01
C ALA A 26 -3.88 6.65 -7.44
N SER A 27 -4.29 5.88 -8.41
CA SER A 27 -4.02 6.25 -9.83
C SER A 27 -4.74 7.56 -10.17
N ASN A 28 -5.83 7.83 -9.50
CA ASN A 28 -6.57 9.09 -9.79
C ASN A 28 -6.36 10.11 -8.67
N THR A 29 -5.49 9.81 -7.74
CA THR A 29 -5.25 10.76 -6.62
C THR A 29 -4.10 11.71 -6.97
N GLY A 30 -2.89 11.25 -6.90
CA GLY A 30 -1.73 12.13 -7.23
C GLY A 30 -1.48 12.10 -8.73
N SER A 31 -0.45 11.40 -9.15
CA SER A 31 -0.14 11.33 -10.61
C SER A 31 0.09 9.88 -11.01
N PHE A 32 1.05 9.23 -10.39
CA PHE A 32 1.33 7.81 -10.74
C PHE A 32 1.31 7.65 -12.26
N SER A 33 2.44 7.85 -12.90
CA SER A 33 2.47 7.72 -14.38
C SER A 33 2.07 6.30 -14.79
N GLN A 34 1.73 6.10 -16.04
CA GLN A 34 1.31 4.75 -16.48
C GLN A 34 2.39 3.74 -16.09
N ASP A 35 3.64 4.11 -16.19
CA ASP A 35 4.73 3.17 -15.82
C ASP A 35 4.59 2.79 -14.35
N GLN A 36 4.21 3.72 -13.51
CA GLN A 36 4.05 3.41 -12.07
C GLN A 36 2.87 2.47 -11.88
N MET A 37 1.84 2.62 -12.67
CA MET A 37 0.66 1.73 -12.54
C MET A 37 1.07 0.30 -12.87
N GLU A 38 1.94 0.13 -13.84
CA GLU A 38 2.39 -1.24 -14.21
C GLU A 38 2.99 -1.92 -12.98
N ASN A 39 3.86 -1.24 -12.28
CA ASN A 39 4.49 -1.84 -11.08
C ASN A 39 3.39 -2.23 -10.08
N MET A 40 2.40 -1.39 -9.92
CA MET A 40 1.30 -1.71 -8.98
C MET A 40 0.54 -2.93 -9.49
N SER A 41 0.47 -3.11 -10.79
CA SER A 41 -0.25 -4.28 -11.34
C SER A 41 0.54 -5.55 -11.05
N LEU A 42 1.82 -5.43 -10.84
CA LEU A 42 2.65 -6.64 -10.57
C LEU A 42 2.81 -6.82 -9.05
N ILE A 43 2.54 -5.78 -8.29
CA ILE A 43 2.68 -5.90 -6.81
C ILE A 43 1.37 -5.47 -6.14
N GLY A 44 1.17 -5.86 -4.91
CA GLY A 44 -0.09 -5.46 -4.20
C GLY A 44 -1.23 -6.34 -4.71
N ASN A 45 -1.78 -6.02 -5.86
CA ASN A 45 -2.90 -6.83 -6.40
C ASN A 45 -2.38 -8.25 -6.69
N THR A 46 -1.17 -8.35 -7.17
CA THR A 46 -0.60 -9.71 -7.47
C THR A 46 -0.56 -10.52 -6.18
N LEU A 47 -0.28 -9.87 -5.08
CA LEU A 47 -0.22 -10.60 -3.78
C LEU A 47 -1.54 -11.33 -3.55
N MET A 48 -2.64 -10.74 -3.95
CA MET A 48 -3.96 -11.40 -3.76
C MET A 48 -3.93 -12.79 -4.41
N ALA A 49 -3.20 -12.93 -5.49
CA ALA A 49 -3.14 -14.25 -6.16
C ALA A 49 -2.54 -15.27 -5.21
N ALA A 50 -1.60 -14.86 -4.40
CA ALA A 50 -0.98 -15.81 -3.43
C ALA A 50 -2.05 -16.29 -2.44
N MET A 51 -2.95 -15.43 -2.08
CA MET A 51 -4.03 -15.83 -1.13
C MET A 51 -4.74 -17.06 -1.68
N ASP A 52 -4.87 -17.17 -2.97
CA ASP A 52 -5.54 -18.35 -3.55
C ASP A 52 -4.80 -19.63 -3.14
N ASN A 53 -3.52 -19.52 -2.90
CA ASN A 53 -2.74 -20.71 -2.47
C ASN A 53 -3.33 -21.26 -1.18
N MET A 54 -3.87 -20.41 -0.35
CA MET A 54 -4.47 -20.88 0.94
C MET A 54 -5.56 -21.91 0.64
N GLY A 55 -6.25 -21.76 -0.45
CA GLY A 55 -7.33 -22.73 -0.79
C GLY A 55 -8.69 -22.12 -0.46
N GLY A 56 -8.73 -20.83 -0.25
CA GLY A 56 -10.02 -20.16 0.07
C GLY A 56 -10.13 -19.96 1.58
N ARG A 57 -9.04 -20.08 2.29
CA ARG A 57 -9.07 -19.88 3.76
C ARG A 57 -7.93 -18.97 4.19
N ILE A 58 -8.23 -17.79 4.65
CA ILE A 58 -7.13 -16.87 5.08
C ILE A 58 -7.23 -16.65 6.60
N THR A 59 -6.11 -16.54 7.25
CA THR A 59 -6.14 -16.32 8.73
C THR A 59 -5.84 -14.86 9.05
N PRO A 60 -6.21 -14.41 10.25
CA PRO A 60 -5.99 -13.03 10.69
C PRO A 60 -4.50 -12.74 10.93
N SER A 61 -3.82 -13.65 11.56
CA SER A 61 -2.36 -13.43 11.82
C SER A 61 -1.60 -13.42 10.49
N LYS A 62 -1.95 -14.30 9.60
CA LYS A 62 -1.24 -14.35 8.29
C LYS A 62 -1.46 -13.03 7.54
N LEU A 63 -2.70 -12.62 7.39
CA LEU A 63 -2.97 -11.34 6.69
C LEU A 63 -2.22 -10.21 7.38
N GLN A 64 -2.02 -10.31 8.67
CA GLN A 64 -1.29 -9.25 9.39
C GLN A 64 0.05 -9.02 8.71
N ALA A 65 0.75 -10.07 8.39
CA ALA A 65 2.06 -9.92 7.70
C ALA A 65 1.81 -9.48 6.25
N LEU A 66 0.69 -9.86 5.69
CA LEU A 66 0.38 -9.46 4.29
C LEU A 66 0.01 -7.97 4.25
N ASP A 67 -0.95 -7.57 5.04
CA ASP A 67 -1.36 -6.14 5.05
C ASP A 67 -0.11 -5.24 5.14
N MET A 68 0.85 -5.65 5.94
CA MET A 68 2.08 -4.82 6.08
C MET A 68 2.86 -4.81 4.77
N ALA A 69 3.06 -5.96 4.17
CA ALA A 69 3.82 -6.01 2.89
C ALA A 69 3.18 -5.08 1.87
N PHE A 70 1.88 -5.10 1.77
CA PHE A 70 1.19 -4.21 0.79
C PHE A 70 1.63 -2.77 1.03
N ALA A 71 1.74 -2.37 2.26
CA ALA A 71 2.16 -0.96 2.56
C ALA A 71 3.54 -0.69 1.96
N SER A 72 4.43 -1.64 2.05
CA SER A 72 5.79 -1.44 1.49
C SER A 72 5.73 -1.42 -0.04
N SER A 73 4.80 -2.12 -0.62
CA SER A 73 4.69 -2.15 -2.10
C SER A 73 4.20 -0.79 -2.62
N VAL A 74 3.15 -0.28 -2.06
CA VAL A 74 2.61 1.02 -2.51
C VAL A 74 3.66 2.12 -2.28
N ALA A 75 4.36 2.06 -1.18
CA ALA A 75 5.39 3.12 -0.90
C ALA A 75 6.61 2.90 -1.81
N GLN A 76 7.10 1.71 -1.89
CA GLN A 76 8.30 1.44 -2.73
C GLN A 76 8.00 1.82 -4.19
N ILE A 77 6.84 1.46 -4.68
CA ILE A 77 6.50 1.79 -6.10
C ILE A 77 6.49 3.30 -6.30
N ALA A 78 5.72 4.01 -5.52
CA ALA A 78 5.65 5.48 -5.66
C ALA A 78 6.91 6.13 -5.08
N ALA A 79 7.31 5.75 -3.90
CA ALA A 79 8.52 6.35 -3.28
C ALA A 79 9.72 6.15 -4.22
N SER A 80 9.67 5.17 -5.06
CA SER A 80 10.81 4.94 -6.00
C SER A 80 10.62 5.85 -7.20
N GLN A 81 9.42 6.31 -7.41
CA GLN A 81 9.13 7.21 -8.55
C GLN A 81 8.22 8.34 -8.07
N GLY A 82 8.76 9.51 -7.89
CA GLY A 82 7.92 10.64 -7.41
C GLY A 82 8.80 11.84 -7.09
N GLY A 83 8.81 12.83 -7.96
CA GLY A 83 9.65 14.03 -7.69
C GLY A 83 9.24 14.65 -6.35
N ASP A 84 7.97 14.73 -6.09
CA ASP A 84 7.50 15.31 -4.81
C ASP A 84 7.00 14.19 -3.89
N LEU A 85 7.89 13.52 -3.21
CA LEU A 85 7.46 12.41 -2.31
C LEU A 85 6.23 12.84 -1.52
N GLY A 86 6.06 14.12 -1.31
CA GLY A 86 4.89 14.60 -0.52
C GLY A 86 3.60 14.23 -1.25
N VAL A 87 3.61 14.21 -2.56
CA VAL A 87 2.37 13.85 -3.31
C VAL A 87 2.05 12.37 -3.10
N THR A 88 3.04 11.52 -3.19
CA THR A 88 2.76 10.06 -2.99
C THR A 88 2.02 9.89 -1.68
N THR A 89 2.33 10.70 -0.71
CA THR A 89 1.63 10.59 0.60
C THR A 89 0.13 10.76 0.35
N ASN A 90 -0.25 11.77 -0.39
CA ASN A 90 -1.68 11.98 -0.70
C ASN A 90 -2.15 10.91 -1.68
N ALA A 91 -1.34 10.59 -2.64
CA ALA A 91 -1.73 9.55 -3.63
C ALA A 91 -1.92 8.20 -2.94
N ILE A 92 -0.93 7.76 -2.21
CA ILE A 92 -1.04 6.45 -1.51
C ILE A 92 -2.01 6.57 -0.33
N ALA A 93 -1.85 7.57 0.49
CA ALA A 93 -2.76 7.72 1.67
C ALA A 93 -4.21 7.87 1.19
N ASP A 94 -4.46 8.71 0.23
CA ASP A 94 -5.85 8.90 -0.26
C ASP A 94 -6.46 7.56 -0.66
N ALA A 95 -5.77 6.79 -1.47
CA ALA A 95 -6.31 5.48 -1.91
C ALA A 95 -6.58 4.60 -0.68
N LEU A 96 -5.69 4.61 0.28
CA LEU A 96 -5.90 3.77 1.49
C LEU A 96 -7.05 4.34 2.32
N THR A 97 -7.15 5.63 2.41
CA THR A 97 -8.25 6.25 3.21
C THR A 97 -9.61 5.86 2.62
N SER A 98 -9.81 6.09 1.35
CA SER A 98 -11.12 5.74 0.74
C SER A 98 -11.36 4.23 0.81
N ALA A 99 -10.32 3.46 0.63
CA ALA A 99 -10.50 1.98 0.69
C ALA A 99 -10.96 1.57 2.09
N PHE A 100 -10.35 2.10 3.11
CA PHE A 100 -10.75 1.75 4.50
C PHE A 100 -12.27 1.83 4.64
N TYR A 101 -12.83 2.96 4.33
CA TYR A 101 -14.31 3.14 4.44
C TYR A 101 -15.01 2.34 3.33
N GLN A 102 -14.39 2.22 2.19
CA GLN A 102 -15.02 1.47 1.08
C GLN A 102 -14.87 -0.03 1.32
N THR A 103 -13.97 -0.44 2.17
CA THR A 103 -13.80 -1.90 2.41
C THR A 103 -14.41 -2.31 3.76
N THR A 104 -13.94 -1.75 4.85
CA THR A 104 -14.50 -2.15 6.17
C THR A 104 -14.95 -0.92 6.96
N GLY A 105 -14.18 0.13 6.97
CA GLY A 105 -14.58 1.35 7.74
C GLY A 105 -13.68 1.50 8.96
N VAL A 106 -12.39 1.38 8.78
CA VAL A 106 -11.46 1.52 9.93
C VAL A 106 -10.73 2.87 9.81
N VAL A 107 -9.98 3.25 10.80
CA VAL A 107 -9.26 4.55 10.73
C VAL A 107 -8.11 4.43 9.72
N ASN A 108 -8.14 5.22 8.70
CA ASN A 108 -7.04 5.17 7.68
C ASN A 108 -5.76 5.76 8.26
N SER A 109 -5.89 6.72 9.13
CA SER A 109 -4.69 7.36 9.72
C SER A 109 -3.81 6.32 10.42
N ARG A 110 -4.39 5.42 11.17
CA ARG A 110 -3.56 4.40 11.87
C ARG A 110 -2.73 3.61 10.85
N PHE A 111 -3.35 3.06 9.86
CA PHE A 111 -2.59 2.27 8.85
C PHE A 111 -1.83 3.22 7.92
N ILE A 112 -2.50 4.16 7.32
CA ILE A 112 -1.81 5.11 6.41
C ILE A 112 -0.66 5.79 7.13
N SER A 113 -0.83 6.13 8.38
CA SER A 113 0.26 6.80 9.13
C SER A 113 1.53 5.95 9.05
N GLU A 114 1.42 4.68 9.34
CA GLU A 114 2.62 3.81 9.27
C GLU A 114 3.25 3.90 7.88
N ILE A 115 2.43 3.88 6.86
CA ILE A 115 2.96 3.98 5.47
C ILE A 115 3.49 5.39 5.23
N ARG A 116 2.85 6.38 5.81
CA ARG A 116 3.31 7.77 5.60
C ARG A 116 4.79 7.88 5.97
N SER A 117 5.19 7.31 7.08
CA SER A 117 6.62 7.38 7.49
C SER A 117 7.44 6.45 6.60
N LEU A 118 6.88 5.35 6.19
CA LEU A 118 7.63 4.39 5.32
C LEU A 118 7.92 5.04 3.97
N ILE A 119 6.97 5.75 3.43
CA ILE A 119 7.19 6.41 2.11
C ILE A 119 8.39 7.35 2.20
N GLY A 120 8.56 8.01 3.32
CA GLY A 120 9.71 8.93 3.46
C GLY A 120 11.01 8.13 3.57
N MET A 121 10.95 6.98 4.20
CA MET A 121 12.18 6.15 4.35
C MET A 121 12.69 5.74 2.96
N PHE A 122 11.79 5.43 2.06
CA PHE A 122 12.22 5.02 0.69
C PHE A 122 12.81 6.23 -0.05
N ALA A 123 12.24 7.38 0.14
CA ALA A 123 12.77 8.59 -0.55
C ALA A 123 14.19 8.89 -0.06
N GLN A 124 14.47 8.58 1.18
CA GLN A 124 15.83 8.83 1.71
C GLN A 124 16.84 7.89 1.05
N ALA A 125 16.43 6.68 0.78
CA ALA A 125 17.35 5.70 0.13
C ALA A 125 17.69 6.19 -1.28
N SER A 126 16.76 6.83 -1.93
CA SER A 126 17.03 7.32 -3.31
C SER A 126 18.23 8.28 -3.29
N ALA A 127 18.36 9.04 -2.24
CA ALA A 127 19.51 9.99 -2.15
C ALA A 127 20.82 9.21 -2.13
N ASN A 128 20.77 7.96 -1.77
CA ASN A 128 22.02 7.14 -1.73
C ASN A 128 22.46 6.82 -3.16
N ASP A 129 21.54 6.74 -4.08
CA ASP A 129 21.91 6.44 -5.48
C ASP A 129 22.74 7.59 -6.06
N VAL A 130 22.35 8.80 -5.79
CA VAL A 130 23.12 9.97 -6.31
C VAL A 130 24.45 10.07 -5.57
N TYR A 131 24.48 9.67 -4.33
CA TYR A 131 25.75 9.74 -3.55
C TYR A 131 25.51 9.23 -2.13
N ALA A 132 26.55 9.02 -1.38
CA ALA A 132 26.37 8.53 0.02
C ALA A 132 25.88 9.67 0.91
N SER A 133 24.72 9.53 1.49
CA SER A 133 24.19 10.61 2.36
C SER A 133 25.11 10.78 3.58
N ALA A 134 24.96 11.87 4.29
CA ALA A 134 25.83 12.09 5.48
C ALA A 134 25.51 11.02 6.54
N GLY A 135 24.30 10.53 6.56
CA GLY A 135 23.93 9.50 7.57
C GLY A 135 23.34 10.19 8.81
N SER A 136 23.03 11.45 8.70
CA SER A 136 22.45 12.16 9.88
C SER A 136 21.19 11.44 10.35
N GLY A 137 20.44 10.87 9.44
CA GLY A 137 19.20 10.15 9.85
C GLY A 137 17.99 11.06 9.67
N GLY A 1 -20.28 -16.53 2.41
CA GLY A 1 -20.21 -15.69 1.19
C GLY A 1 -19.88 -14.24 1.58
N MET A 2 -20.65 -13.67 2.47
CA MET A 2 -20.37 -12.26 2.90
C MET A 2 -20.27 -12.21 4.42
N GLY A 3 -19.61 -11.20 4.94
CA GLY A 3 -19.48 -11.09 6.42
C GLY A 3 -18.84 -9.75 6.78
N GLN A 4 -18.49 -9.55 8.01
CA GLN A 4 -17.87 -8.25 8.43
C GLN A 4 -16.47 -8.51 8.98
N ALA A 5 -15.56 -7.59 8.80
CA ALA A 5 -14.19 -7.79 9.31
C ALA A 5 -13.71 -6.49 9.99
N ASN A 6 -12.68 -6.58 10.79
CA ASN A 6 -12.17 -5.36 11.48
C ASN A 6 -11.32 -4.54 10.51
N THR A 7 -10.91 -5.13 9.42
CA THR A 7 -10.09 -4.38 8.43
C THR A 7 -10.07 -5.15 7.10
N PRO A 8 -9.81 -4.46 5.98
CA PRO A 8 -9.76 -5.09 4.66
C PRO A 8 -8.66 -6.15 4.56
N TRP A 9 -7.57 -5.97 5.26
CA TRP A 9 -6.49 -6.99 5.20
C TRP A 9 -6.79 -8.11 6.19
N SER A 10 -7.96 -8.11 6.75
CA SER A 10 -8.33 -9.18 7.73
C SER A 10 -9.18 -10.24 7.00
N SER A 11 -9.80 -9.86 5.93
CA SER A 11 -10.64 -10.83 5.17
C SER A 11 -10.08 -10.99 3.76
N LYS A 12 -10.37 -12.07 3.11
CA LYS A 12 -9.85 -12.28 1.73
C LYS A 12 -10.61 -11.39 0.75
N ALA A 13 -11.90 -11.28 0.91
CA ALA A 13 -12.69 -10.43 -0.03
C ALA A 13 -12.51 -8.96 0.33
N ASN A 14 -12.40 -8.66 1.59
CA ASN A 14 -12.23 -7.24 2.00
C ASN A 14 -10.82 -6.75 1.63
N ALA A 15 -9.85 -7.63 1.67
CA ALA A 15 -8.47 -7.21 1.33
C ALA A 15 -8.34 -6.98 -0.18
N ASP A 16 -8.84 -7.89 -0.97
CA ASP A 16 -8.73 -7.72 -2.45
C ASP A 16 -9.33 -6.38 -2.86
N ALA A 17 -10.56 -6.13 -2.53
CA ALA A 17 -11.19 -4.83 -2.91
C ALA A 17 -10.31 -3.68 -2.40
N PHE A 18 -9.75 -3.84 -1.24
CA PHE A 18 -8.88 -2.75 -0.68
C PHE A 18 -7.68 -2.55 -1.61
N ILE A 19 -7.11 -3.61 -2.10
CA ILE A 19 -5.94 -3.49 -3.01
C ILE A 19 -6.39 -2.88 -4.34
N ASN A 20 -7.44 -3.41 -4.92
CA ASN A 20 -7.94 -2.87 -6.22
C ASN A 20 -8.37 -1.42 -6.03
N SER A 21 -9.17 -1.16 -5.04
CA SER A 21 -9.64 0.24 -4.80
C SER A 21 -8.46 1.18 -4.59
N PHE A 22 -7.42 0.70 -3.95
CA PHE A 22 -6.24 1.58 -3.71
C PHE A 22 -5.55 1.93 -5.03
N ILE A 23 -5.52 1.02 -5.95
CA ILE A 23 -4.85 1.30 -7.26
C ILE A 23 -5.66 2.32 -8.06
N SER A 24 -6.91 2.03 -8.31
CA SER A 24 -7.75 2.98 -9.11
C SER A 24 -7.88 4.30 -8.37
N ALA A 25 -7.91 4.27 -7.07
CA ALA A 25 -8.04 5.54 -6.29
C ALA A 25 -6.70 6.27 -6.23
N ALA A 26 -5.63 5.56 -5.97
CA ALA A 26 -4.29 6.23 -5.89
C ALA A 26 -3.83 6.67 -7.28
N SER A 27 -4.23 5.96 -8.30
CA SER A 27 -3.79 6.33 -9.68
C SER A 27 -4.27 7.73 -10.05
N ASN A 28 -5.38 8.16 -9.52
CA ASN A 28 -5.89 9.51 -9.86
C ASN A 28 -5.69 10.48 -8.69
N THR A 29 -5.01 10.07 -7.66
CA THR A 29 -4.81 10.99 -6.49
C THR A 29 -3.52 11.79 -6.66
N GLY A 30 -2.39 11.17 -6.49
CA GLY A 30 -1.10 11.91 -6.62
C GLY A 30 -0.79 12.16 -8.09
N SER A 31 0.16 11.45 -8.63
CA SER A 31 0.53 11.64 -10.06
C SER A 31 1.01 10.32 -10.66
N PHE A 32 0.78 9.23 -9.98
CA PHE A 32 1.23 7.90 -10.51
C PHE A 32 1.00 7.85 -12.02
N SER A 33 2.05 7.88 -12.80
CA SER A 33 1.87 7.84 -14.27
C SER A 33 1.44 6.43 -14.70
N GLN A 34 0.94 6.29 -15.90
CA GLN A 34 0.50 4.95 -16.37
C GLN A 34 1.64 3.94 -16.19
N ASP A 35 2.86 4.37 -16.38
CA ASP A 35 4.00 3.44 -16.22
C ASP A 35 4.15 3.06 -14.74
N GLN A 36 4.11 4.02 -13.87
CA GLN A 36 4.24 3.70 -12.41
C GLN A 36 3.06 2.86 -11.97
N MET A 37 1.89 3.08 -12.53
CA MET A 37 0.71 2.29 -12.13
C MET A 37 0.92 0.82 -12.50
N GLU A 38 1.68 0.57 -13.54
CA GLU A 38 1.93 -0.84 -13.95
C GLU A 38 2.56 -1.59 -12.77
N ASN A 39 3.44 -0.96 -12.05
CA ASN A 39 4.08 -1.65 -10.89
C ASN A 39 3.00 -2.07 -9.91
N MET A 40 2.03 -1.23 -9.67
CA MET A 40 0.95 -1.60 -8.72
C MET A 40 0.28 -2.89 -9.21
N SER A 41 0.11 -3.02 -10.49
CA SER A 41 -0.53 -4.25 -11.04
C SER A 41 0.42 -5.43 -10.88
N LEU A 42 1.70 -5.16 -10.78
CA LEU A 42 2.69 -6.27 -10.63
C LEU A 42 2.84 -6.63 -9.15
N ILE A 43 2.36 -5.79 -8.28
CA ILE A 43 2.49 -6.07 -6.83
C ILE A 43 1.14 -5.83 -6.13
N GLY A 44 1.01 -6.25 -4.91
CA GLY A 44 -0.28 -6.04 -4.19
C GLY A 44 -1.37 -6.88 -4.87
N ASN A 45 -1.75 -6.51 -6.06
CA ASN A 45 -2.80 -7.30 -6.78
C ASN A 45 -2.30 -8.73 -6.97
N THR A 46 -1.03 -8.90 -7.26
CA THR A 46 -0.48 -10.27 -7.45
C THR A 46 -0.62 -11.04 -6.14
N LEU A 47 -0.46 -10.37 -5.02
CA LEU A 47 -0.59 -11.07 -3.71
C LEU A 47 -1.93 -11.80 -3.66
N MET A 48 -2.96 -11.21 -4.20
CA MET A 48 -4.29 -11.87 -4.17
C MET A 48 -4.15 -13.29 -4.73
N ALA A 49 -3.38 -13.45 -5.77
CA ALA A 49 -3.20 -14.82 -6.35
C ALA A 49 -2.59 -15.74 -5.30
N ALA A 50 -1.76 -15.21 -4.46
CA ALA A 50 -1.12 -16.04 -3.40
C ALA A 50 -2.21 -16.58 -2.47
N MET A 51 -3.31 -15.89 -2.37
CA MET A 51 -4.41 -16.37 -1.49
C MET A 51 -4.78 -17.79 -1.87
N ASP A 52 -4.61 -18.15 -3.11
CA ASP A 52 -4.96 -19.54 -3.54
C ASP A 52 -4.15 -20.53 -2.71
N ASN A 53 -2.97 -20.15 -2.29
CA ASN A 53 -2.14 -21.07 -1.48
C ASN A 53 -2.84 -21.34 -0.15
N MET A 54 -3.57 -20.39 0.34
CA MET A 54 -4.28 -20.58 1.63
C MET A 54 -5.26 -21.75 1.51
N GLY A 55 -5.76 -22.00 0.33
CA GLY A 55 -6.71 -23.12 0.14
C GLY A 55 -8.13 -22.63 0.42
N GLY A 56 -8.32 -21.35 0.52
CA GLY A 56 -9.68 -20.81 0.80
C GLY A 56 -9.81 -20.48 2.28
N ARG A 57 -8.71 -20.36 2.98
CA ARG A 57 -8.77 -20.05 4.42
C ARG A 57 -7.87 -18.85 4.73
N ILE A 58 -8.46 -17.75 5.11
CA ILE A 58 -7.64 -16.54 5.42
C ILE A 58 -7.82 -16.17 6.89
N THR A 59 -6.83 -15.61 7.51
CA THR A 59 -6.95 -15.22 8.94
C THR A 59 -6.24 -13.89 9.19
N PRO A 60 -6.67 -13.16 10.22
CA PRO A 60 -6.08 -11.86 10.58
C PRO A 60 -4.66 -12.02 11.13
N SER A 61 -4.26 -13.23 11.42
CA SER A 61 -2.89 -13.43 11.96
C SER A 61 -1.89 -13.49 10.80
N LYS A 62 -2.09 -14.39 9.88
CA LYS A 62 -1.16 -14.48 8.72
C LYS A 62 -1.50 -13.40 7.71
N LEU A 63 -2.76 -13.16 7.46
CA LEU A 63 -3.15 -12.11 6.48
C LEU A 63 -2.53 -10.78 6.89
N GLN A 64 -2.43 -10.52 8.17
CA GLN A 64 -1.82 -9.24 8.63
C GLN A 64 -0.42 -9.11 8.02
N ALA A 65 0.23 -10.21 7.78
CA ALA A 65 1.60 -10.15 7.18
C ALA A 65 1.50 -9.58 5.77
N LEU A 66 0.48 -9.94 5.04
CA LEU A 66 0.31 -9.41 3.65
C LEU A 66 -0.02 -7.92 3.73
N ASP A 67 -0.81 -7.53 4.69
CA ASP A 67 -1.18 -6.09 4.81
C ASP A 67 0.09 -5.24 4.79
N MET A 68 1.07 -5.59 5.57
CA MET A 68 2.34 -4.80 5.60
C MET A 68 3.02 -4.86 4.22
N ALA A 69 3.01 -6.00 3.60
CA ALA A 69 3.66 -6.12 2.26
C ALA A 69 3.07 -5.09 1.30
N PHE A 70 1.77 -4.99 1.26
CA PHE A 70 1.13 -3.99 0.34
C PHE A 70 1.67 -2.60 0.63
N ALA A 71 1.95 -2.30 1.88
CA ALA A 71 2.47 -0.95 2.22
C ALA A 71 3.87 -0.77 1.63
N SER A 72 4.66 -1.81 1.62
CA SER A 72 6.04 -1.70 1.06
C SER A 72 5.97 -1.51 -0.46
N SER A 73 5.03 -2.15 -1.10
CA SER A 73 4.90 -2.00 -2.58
C SER A 73 4.43 -0.60 -2.93
N VAL A 74 3.39 -0.14 -2.31
CA VAL A 74 2.87 1.21 -2.62
C VAL A 74 3.97 2.25 -2.36
N ALA A 75 4.78 2.03 -1.37
CA ALA A 75 5.87 3.01 -1.08
C ALA A 75 6.96 2.92 -2.15
N GLN A 76 7.27 1.72 -2.59
CA GLN A 76 8.32 1.58 -3.64
C GLN A 76 7.83 2.18 -4.96
N ILE A 77 6.65 1.82 -5.39
CA ILE A 77 6.13 2.36 -6.67
C ILE A 77 6.14 3.89 -6.63
N ALA A 78 5.54 4.47 -5.63
CA ALA A 78 5.50 5.94 -5.53
C ALA A 78 6.91 6.47 -5.21
N ALA A 79 7.54 5.93 -4.21
CA ALA A 79 8.91 6.41 -3.85
C ALA A 79 9.83 6.24 -5.06
N SER A 80 9.49 5.35 -5.95
CA SER A 80 10.36 5.14 -7.15
C SER A 80 10.04 6.20 -8.19
N GLN A 81 8.88 6.82 -8.09
CA GLN A 81 8.51 7.86 -9.09
C GLN A 81 9.67 8.85 -9.25
N GLY A 82 10.35 9.15 -8.18
CA GLY A 82 11.50 10.10 -8.27
C GLY A 82 10.97 11.53 -8.09
N GLY A 83 9.74 11.69 -7.72
CA GLY A 83 9.18 13.06 -7.53
C GLY A 83 9.02 13.34 -6.03
N ASP A 84 8.46 14.47 -5.69
CA ASP A 84 8.27 14.80 -4.25
C ASP A 84 7.50 13.67 -3.56
N LEU A 85 8.04 13.11 -2.53
CA LEU A 85 7.32 12.00 -1.83
C LEU A 85 6.19 12.59 -0.98
N GLY A 86 6.25 13.85 -0.68
CA GLY A 86 5.18 14.47 0.15
C GLY A 86 3.82 14.24 -0.52
N VAL A 87 3.77 14.31 -1.82
CA VAL A 87 2.47 14.11 -2.52
C VAL A 87 2.06 12.63 -2.44
N THR A 88 3.00 11.73 -2.59
CA THR A 88 2.65 10.29 -2.51
C THR A 88 1.88 10.05 -1.22
N THR A 89 2.19 10.76 -0.18
CA THR A 89 1.45 10.56 1.09
C THR A 89 -0.03 10.84 0.83
N ASN A 90 -0.32 11.90 0.14
CA ASN A 90 -1.75 12.21 -0.18
C ASN A 90 -2.24 11.21 -1.22
N ALA A 91 -1.40 10.85 -2.15
CA ALA A 91 -1.81 9.86 -3.19
C ALA A 91 -2.05 8.50 -2.53
N ILE A 92 -1.04 7.97 -1.89
CA ILE A 92 -1.18 6.65 -1.22
C ILE A 92 -2.26 6.75 -0.13
N ALA A 93 -2.23 7.80 0.65
CA ALA A 93 -3.21 7.95 1.75
C ALA A 93 -4.64 8.11 1.18
N ASP A 94 -4.81 8.92 0.18
CA ASP A 94 -6.18 9.11 -0.39
C ASP A 94 -6.76 7.75 -0.79
N ALA A 95 -6.06 7.00 -1.59
CA ALA A 95 -6.58 5.67 -2.00
C ALA A 95 -6.69 4.77 -0.77
N LEU A 96 -5.78 4.89 0.15
CA LEU A 96 -5.83 4.06 1.38
C LEU A 96 -7.01 4.49 2.25
N THR A 97 -7.24 5.77 2.35
CA THR A 97 -8.37 6.26 3.19
C THR A 97 -9.70 5.89 2.54
N SER A 98 -9.88 6.22 1.29
CA SER A 98 -11.16 5.89 0.60
C SER A 98 -11.36 4.37 0.60
N ALA A 99 -10.30 3.62 0.47
CA ALA A 99 -10.43 2.14 0.47
C ALA A 99 -10.89 1.64 1.84
N PHE A 100 -10.37 2.23 2.88
CA PHE A 100 -10.77 1.81 4.26
C PHE A 100 -12.29 1.83 4.40
N TYR A 101 -12.90 2.94 4.08
CA TYR A 101 -14.37 3.05 4.21
C TYR A 101 -15.07 2.23 3.12
N GLN A 102 -14.47 2.10 1.98
CA GLN A 102 -15.10 1.32 0.88
C GLN A 102 -14.90 -0.17 1.12
N THR A 103 -13.95 -0.54 1.94
CA THR A 103 -13.70 -1.99 2.17
C THR A 103 -14.29 -2.44 3.52
N THR A 104 -13.86 -1.86 4.61
CA THR A 104 -14.40 -2.29 5.93
C THR A 104 -14.95 -1.10 6.71
N GLY A 105 -14.26 0.00 6.71
CA GLY A 105 -14.76 1.19 7.47
C GLY A 105 -13.91 1.39 8.72
N VAL A 106 -12.62 1.34 8.59
CA VAL A 106 -11.73 1.54 9.77
C VAL A 106 -10.97 2.85 9.63
N VAL A 107 -10.26 3.24 10.65
CA VAL A 107 -9.50 4.52 10.57
C VAL A 107 -8.29 4.34 9.65
N ASN A 108 -8.21 5.14 8.62
CA ASN A 108 -7.05 5.01 7.67
C ASN A 108 -5.77 5.48 8.35
N SER A 109 -5.90 6.31 9.35
CA SER A 109 -4.69 6.83 10.05
C SER A 109 -3.80 5.67 10.53
N ARG A 110 -4.37 4.54 10.85
CA ARG A 110 -3.53 3.41 11.34
C ARG A 110 -2.65 2.88 10.21
N PHE A 111 -3.23 2.52 9.09
CA PHE A 111 -2.41 2.00 7.96
C PHE A 111 -1.69 3.15 7.26
N ILE A 112 -2.41 4.18 6.90
CA ILE A 112 -1.79 5.33 6.19
C ILE A 112 -0.63 5.91 7.02
N SER A 113 -0.80 6.03 8.30
CA SER A 113 0.29 6.59 9.14
C SER A 113 1.55 5.73 9.00
N GLU A 114 1.37 4.44 8.88
CA GLU A 114 2.56 3.54 8.74
C GLU A 114 3.19 3.71 7.36
N ILE A 115 2.40 3.70 6.32
CA ILE A 115 2.95 3.86 4.95
C ILE A 115 3.53 5.27 4.79
N ARG A 116 2.86 6.26 5.30
CA ARG A 116 3.38 7.64 5.17
C ARG A 116 4.82 7.72 5.70
N SER A 117 5.06 7.15 6.85
CA SER A 117 6.44 7.17 7.41
C SER A 117 7.36 6.25 6.62
N LEU A 118 6.82 5.16 6.13
CA LEU A 118 7.66 4.21 5.35
C LEU A 118 8.05 4.85 4.01
N ILE A 119 7.12 5.52 3.37
CA ILE A 119 7.44 6.16 2.07
C ILE A 119 8.57 7.18 2.25
N GLY A 120 8.53 7.95 3.29
CA GLY A 120 9.60 8.96 3.53
C GLY A 120 10.94 8.26 3.66
N MET A 121 10.97 7.11 4.29
CA MET A 121 12.27 6.38 4.44
C MET A 121 12.91 6.17 3.08
N PHE A 122 12.14 5.77 2.10
CA PHE A 122 12.70 5.55 0.74
C PHE A 122 13.33 6.86 0.23
N ALA A 123 12.71 7.97 0.49
CA ALA A 123 13.27 9.26 0.02
C ALA A 123 14.69 9.43 0.56
N GLN A 124 14.95 8.93 1.74
CA GLN A 124 16.31 9.06 2.33
C GLN A 124 17.29 8.16 1.55
N ALA A 125 16.81 7.06 1.05
CA ALA A 125 17.70 6.14 0.29
C ALA A 125 18.07 6.77 -1.05
N SER A 126 17.18 7.57 -1.60
CA SER A 126 17.48 8.21 -2.91
C SER A 126 18.49 9.35 -2.71
N ALA A 127 18.61 9.83 -1.50
CA ALA A 127 19.59 10.93 -1.24
C ALA A 127 21.01 10.44 -1.49
N ASN A 128 21.24 9.17 -1.32
CA ASN A 128 22.61 8.63 -1.55
C ASN A 128 22.93 8.64 -3.04
N ASP A 129 21.96 8.96 -3.86
CA ASP A 129 22.20 8.99 -5.33
C ASP A 129 22.93 10.28 -5.70
N VAL A 130 22.56 11.37 -5.09
CA VAL A 130 23.22 12.67 -5.41
C VAL A 130 24.71 12.59 -5.03
N TYR A 131 25.05 11.81 -4.04
CA TYR A 131 26.47 11.69 -3.62
C TYR A 131 26.57 10.76 -2.42
N ALA A 132 27.74 10.21 -2.17
CA ALA A 132 27.90 9.31 -1.00
C ALA A 132 27.78 10.11 0.30
N SER A 133 26.80 9.80 1.10
CA SER A 133 26.64 10.56 2.38
C SER A 133 27.80 10.25 3.31
N ALA A 134 28.38 9.08 3.20
CA ALA A 134 29.53 8.72 4.07
C ALA A 134 30.81 9.36 3.52
N GLY A 135 31.77 9.63 4.37
CA GLY A 135 33.04 10.24 3.89
C GLY A 135 32.86 11.75 3.77
N SER A 136 31.83 12.29 4.36
CA SER A 136 31.61 13.76 4.28
C SER A 136 31.73 14.37 5.68
N GLY A 137 32.10 15.62 5.76
CA GLY A 137 32.23 16.27 7.10
C GLY A 137 33.12 17.51 6.98
N GLY A 1 -25.72 -3.74 13.49
CA GLY A 1 -25.20 -4.82 12.61
C GLY A 1 -23.69 -4.68 12.46
N MET A 2 -22.99 -5.76 12.24
CA MET A 2 -21.51 -5.68 12.10
C MET A 2 -21.10 -6.25 10.73
N GLY A 3 -19.97 -5.84 10.22
CA GLY A 3 -19.52 -6.34 8.90
C GLY A 3 -18.83 -7.70 9.08
N GLN A 4 -18.38 -8.29 8.01
CA GLN A 4 -17.69 -9.61 8.12
C GLN A 4 -16.39 -9.44 8.91
N ALA A 5 -15.78 -8.29 8.83
CA ALA A 5 -14.51 -8.08 9.57
C ALA A 5 -14.34 -6.58 9.87
N ASN A 6 -13.61 -6.25 10.90
CA ASN A 6 -13.41 -4.81 11.25
C ASN A 6 -12.16 -4.30 10.52
N THR A 7 -11.61 -5.07 9.63
CA THR A 7 -10.40 -4.62 8.90
C THR A 7 -10.41 -5.20 7.48
N PRO A 8 -9.90 -4.43 6.51
CA PRO A 8 -9.85 -4.87 5.10
C PRO A 8 -8.83 -5.98 4.90
N TRP A 9 -7.73 -5.96 5.60
CA TRP A 9 -6.72 -7.03 5.42
C TRP A 9 -7.08 -8.21 6.32
N SER A 10 -7.77 -7.95 7.41
CA SER A 10 -8.16 -9.07 8.32
C SER A 10 -9.07 -10.04 7.59
N SER A 11 -9.56 -9.67 6.43
CA SER A 11 -10.45 -10.58 5.67
C SER A 11 -9.96 -10.70 4.24
N LYS A 12 -10.18 -11.82 3.61
CA LYS A 12 -9.72 -12.00 2.20
C LYS A 12 -10.62 -11.20 1.25
N ALA A 13 -11.89 -11.15 1.51
CA ALA A 13 -12.80 -10.39 0.62
C ALA A 13 -12.47 -8.90 0.72
N ASN A 14 -12.40 -8.38 1.91
CA ASN A 14 -12.08 -6.94 2.08
C ASN A 14 -10.61 -6.70 1.76
N ALA A 15 -9.76 -7.68 1.95
CA ALA A 15 -8.31 -7.49 1.66
C ALA A 15 -8.11 -7.25 0.17
N ASP A 16 -8.77 -8.00 -0.66
CA ASP A 16 -8.61 -7.80 -2.13
C ASP A 16 -9.23 -6.47 -2.54
N ALA A 17 -10.46 -6.22 -2.15
CA ALA A 17 -11.11 -4.94 -2.53
C ALA A 17 -10.24 -3.76 -2.05
N PHE A 18 -9.71 -3.85 -0.86
CA PHE A 18 -8.86 -2.74 -0.34
C PHE A 18 -7.67 -2.53 -1.29
N ILE A 19 -7.15 -3.59 -1.82
CA ILE A 19 -5.99 -3.46 -2.75
C ILE A 19 -6.46 -2.94 -4.10
N ASN A 20 -7.61 -3.35 -4.55
CA ASN A 20 -8.12 -2.88 -5.87
C ASN A 20 -8.47 -1.38 -5.78
N SER A 21 -9.23 -1.01 -4.79
CA SER A 21 -9.61 0.42 -4.65
C SER A 21 -8.35 1.25 -4.47
N PHE A 22 -7.33 0.68 -3.89
CA PHE A 22 -6.06 1.43 -3.66
C PHE A 22 -5.41 1.76 -5.01
N ILE A 23 -5.25 0.80 -5.86
CA ILE A 23 -4.60 1.06 -7.18
C ILE A 23 -5.49 2.01 -8.00
N SER A 24 -6.72 1.64 -8.21
CA SER A 24 -7.63 2.51 -9.02
C SER A 24 -7.78 3.87 -8.35
N ALA A 25 -7.76 3.91 -7.05
CA ALA A 25 -7.92 5.23 -6.34
C ALA A 25 -6.60 6.01 -6.40
N ALA A 26 -5.50 5.35 -6.14
CA ALA A 26 -4.19 6.07 -6.16
C ALA A 26 -3.87 6.53 -7.59
N SER A 27 -4.29 5.78 -8.58
CA SER A 27 -4.00 6.18 -9.98
C SER A 27 -4.68 7.52 -10.31
N ASN A 28 -5.78 7.80 -9.67
CA ASN A 28 -6.49 9.08 -9.96
C ASN A 28 -6.29 10.08 -8.81
N THR A 29 -5.45 9.77 -7.86
CA THR A 29 -5.22 10.71 -6.73
C THR A 29 -4.06 11.65 -7.05
N GLY A 30 -2.85 11.17 -6.95
CA GLY A 30 -1.68 12.05 -7.23
C GLY A 30 -1.41 12.06 -8.73
N SER A 31 -0.39 11.37 -9.17
CA SER A 31 -0.07 11.34 -10.63
C SER A 31 0.19 9.89 -11.05
N PHE A 32 1.15 9.25 -10.44
CA PHE A 32 1.46 7.84 -10.81
C PHE A 32 1.46 7.71 -12.34
N SER A 33 2.60 7.90 -12.96
CA SER A 33 2.66 7.78 -14.44
C SER A 33 2.24 6.38 -14.87
N GLN A 34 1.80 6.22 -16.09
CA GLN A 34 1.37 4.88 -16.57
C GLN A 34 2.48 3.87 -16.28
N ASP A 35 3.71 4.29 -16.30
CA ASP A 35 4.83 3.35 -16.03
C ASP A 35 4.84 2.98 -14.54
N GLN A 36 4.50 3.91 -13.69
CA GLN A 36 4.48 3.60 -12.23
C GLN A 36 3.28 2.71 -11.92
N MET A 37 2.20 2.87 -12.64
CA MET A 37 1.00 2.04 -12.39
C MET A 37 1.33 0.58 -12.69
N GLU A 38 2.23 0.34 -13.61
CA GLU A 38 2.60 -1.06 -13.94
C GLU A 38 3.10 -1.77 -12.68
N ASN A 39 3.92 -1.12 -11.91
CA ASN A 39 4.44 -1.75 -10.67
C ASN A 39 3.27 -2.19 -9.81
N MET A 40 2.26 -1.36 -9.70
CA MET A 40 1.07 -1.73 -8.88
C MET A 40 0.46 -3.01 -9.45
N SER A 41 0.55 -3.21 -10.73
CA SER A 41 -0.02 -4.44 -11.34
C SER A 41 0.81 -5.66 -10.93
N LEU A 42 2.05 -5.44 -10.57
CA LEU A 42 2.91 -6.59 -10.17
C LEU A 42 2.83 -6.80 -8.66
N ILE A 43 2.40 -5.80 -7.94
CA ILE A 43 2.30 -5.94 -6.46
C ILE A 43 0.90 -5.51 -6.00
N GLY A 44 0.43 -6.06 -4.91
CA GLY A 44 -0.92 -5.68 -4.41
C GLY A 44 -1.97 -6.55 -5.11
N ASN A 45 -2.39 -6.16 -6.28
CA ASN A 45 -3.39 -6.98 -7.01
C ASN A 45 -2.80 -8.37 -7.25
N THR A 46 -1.52 -8.44 -7.45
CA THR A 46 -0.87 -9.76 -7.69
C THR A 46 -1.04 -10.62 -6.43
N LEU A 47 -1.01 -10.01 -5.29
CA LEU A 47 -1.18 -10.78 -4.02
C LEU A 47 -2.51 -11.54 -4.08
N MET A 48 -3.51 -10.96 -4.68
CA MET A 48 -4.83 -11.64 -4.78
C MET A 48 -4.63 -13.04 -5.35
N ALA A 49 -3.77 -13.16 -6.34
CA ALA A 49 -3.53 -14.50 -6.95
C ALA A 49 -2.96 -15.42 -5.88
N ALA A 50 -2.19 -14.89 -4.97
CA ALA A 50 -1.61 -15.74 -3.90
C ALA A 50 -2.73 -16.29 -3.02
N MET A 51 -3.76 -15.51 -2.82
CA MET A 51 -4.90 -15.99 -1.97
C MET A 51 -5.42 -17.31 -2.53
N ASP A 52 -5.39 -17.46 -3.83
CA ASP A 52 -5.89 -18.73 -4.43
C ASP A 52 -5.04 -19.90 -3.91
N ASN A 53 -3.83 -19.63 -3.51
CA ASN A 53 -2.96 -20.71 -2.99
C ASN A 53 -3.48 -21.16 -1.62
N MET A 54 -4.10 -20.27 -0.90
CA MET A 54 -4.63 -20.65 0.45
C MET A 54 -5.71 -21.72 0.28
N GLY A 55 -6.41 -21.71 -0.81
CA GLY A 55 -7.47 -22.73 -1.03
C GLY A 55 -8.79 -22.21 -0.46
N GLY A 56 -8.88 -20.93 -0.18
CA GLY A 56 -10.14 -20.36 0.38
C GLY A 56 -10.02 -20.29 1.91
N ARG A 57 -8.84 -20.42 2.44
CA ARG A 57 -8.67 -20.36 3.92
C ARG A 57 -7.63 -19.30 4.26
N ILE A 58 -8.04 -18.23 4.88
CA ILE A 58 -7.06 -17.16 5.24
C ILE A 58 -7.01 -17.00 6.76
N THR A 59 -5.92 -16.53 7.27
CA THR A 59 -5.80 -16.35 8.75
C THR A 59 -5.39 -14.91 9.07
N PRO A 60 -5.63 -14.48 10.31
CA PRO A 60 -5.29 -13.12 10.75
C PRO A 60 -3.77 -12.93 10.89
N SER A 61 -3.07 -13.96 11.25
CA SER A 61 -1.59 -13.83 11.40
C SER A 61 -0.95 -13.68 10.01
N LYS A 62 -1.35 -14.49 9.07
CA LYS A 62 -0.77 -14.38 7.70
C LYS A 62 -1.11 -13.01 7.11
N LEU A 63 -2.36 -12.63 7.14
CA LEU A 63 -2.75 -11.30 6.58
C LEU A 63 -2.05 -10.19 7.36
N GLN A 64 -1.93 -10.36 8.65
CA GLN A 64 -1.25 -9.30 9.46
C GLN A 64 0.13 -9.03 8.86
N ALA A 65 0.87 -10.07 8.55
CA ALA A 65 2.21 -9.88 7.94
C ALA A 65 2.05 -9.41 6.50
N LEU A 66 1.11 -9.97 5.78
CA LEU A 66 0.90 -9.56 4.37
C LEU A 66 0.40 -8.11 4.32
N ASP A 67 -0.64 -7.81 5.06
CA ASP A 67 -1.18 -6.42 5.06
C ASP A 67 -0.02 -5.42 5.23
N MET A 68 0.98 -5.79 5.97
CA MET A 68 2.14 -4.87 6.18
C MET A 68 2.95 -4.77 4.88
N ALA A 69 3.08 -5.85 4.17
CA ALA A 69 3.87 -5.82 2.90
C ALA A 69 3.13 -4.94 1.87
N PHE A 70 1.84 -5.07 1.77
CA PHE A 70 1.08 -4.25 0.79
C PHE A 70 1.38 -2.76 1.02
N ALA A 71 1.52 -2.36 2.25
CA ALA A 71 1.81 -0.93 2.53
C ALA A 71 3.24 -0.59 2.10
N SER A 72 4.17 -1.46 2.38
CA SER A 72 5.58 -1.17 2.00
C SER A 72 5.73 -1.21 0.47
N SER A 73 4.94 -2.00 -0.19
CA SER A 73 5.05 -2.08 -1.68
C SER A 73 4.55 -0.77 -2.30
N VAL A 74 3.39 -0.34 -1.89
CA VAL A 74 2.84 0.93 -2.46
C VAL A 74 3.81 2.08 -2.19
N ALA A 75 4.49 2.05 -1.08
CA ALA A 75 5.46 3.15 -0.76
C ALA A 75 6.65 3.06 -1.72
N GLN A 76 7.10 1.87 -2.03
CA GLN A 76 8.27 1.72 -2.95
C GLN A 76 7.84 2.08 -4.38
N ILE A 77 6.70 1.60 -4.81
CA ILE A 77 6.24 1.91 -6.19
C ILE A 77 6.23 3.43 -6.41
N ALA A 78 5.57 4.14 -5.54
CA ALA A 78 5.52 5.63 -5.69
C ALA A 78 6.86 6.24 -5.27
N ALA A 79 7.36 5.86 -4.13
CA ALA A 79 8.67 6.43 -3.67
C ALA A 79 9.75 6.14 -4.71
N SER A 80 9.54 5.17 -5.55
CA SER A 80 10.56 4.85 -6.58
C SER A 80 10.38 5.79 -7.77
N GLN A 81 9.23 6.39 -7.90
CA GLN A 81 9.01 7.33 -9.03
C GLN A 81 10.12 8.36 -9.08
N GLY A 82 10.64 8.74 -7.94
CA GLY A 82 11.75 9.74 -7.92
C GLY A 82 11.16 11.15 -7.82
N GLY A 83 9.87 11.26 -7.62
CA GLY A 83 9.25 12.60 -7.51
C GLY A 83 9.07 12.96 -6.04
N ASP A 84 8.45 14.07 -5.76
CA ASP A 84 8.24 14.48 -4.34
C ASP A 84 7.36 13.45 -3.64
N LEU A 85 7.84 12.87 -2.58
CA LEU A 85 7.01 11.85 -1.85
C LEU A 85 5.87 12.56 -1.13
N GLY A 86 5.95 13.85 -0.97
CA GLY A 86 4.87 14.60 -0.27
C GLY A 86 3.53 14.30 -0.96
N VAL A 87 3.50 14.39 -2.26
CA VAL A 87 2.23 14.11 -2.99
C VAL A 87 1.92 12.62 -2.91
N THR A 88 2.89 11.78 -3.17
CA THR A 88 2.63 10.32 -3.10
C THR A 88 1.96 10.01 -1.75
N THR A 89 2.36 10.70 -0.72
CA THR A 89 1.73 10.46 0.61
C THR A 89 0.23 10.63 0.46
N ASN A 90 -0.19 11.68 -0.19
CA ASN A 90 -1.65 11.90 -0.39
C ASN A 90 -2.18 10.87 -1.40
N ALA A 91 -1.42 10.62 -2.45
CA ALA A 91 -1.87 9.64 -3.46
C ALA A 91 -2.00 8.25 -2.82
N ILE A 92 -0.93 7.75 -2.27
CA ILE A 92 -0.98 6.40 -1.62
C ILE A 92 -1.94 6.45 -0.42
N ALA A 93 -1.88 7.50 0.36
CA ALA A 93 -2.77 7.59 1.55
C ALA A 93 -4.23 7.70 1.10
N ASP A 94 -4.51 8.52 0.11
CA ASP A 94 -5.91 8.68 -0.36
C ASP A 94 -6.47 7.30 -0.74
N ALA A 95 -5.77 6.56 -1.54
CA ALA A 95 -6.27 5.22 -1.94
C ALA A 95 -6.57 4.40 -0.69
N LEU A 96 -5.69 4.43 0.28
CA LEU A 96 -5.93 3.67 1.53
C LEU A 96 -7.08 4.32 2.31
N THR A 97 -7.13 5.62 2.32
CA THR A 97 -8.22 6.32 3.05
C THR A 97 -9.58 5.94 2.45
N SER A 98 -9.69 5.97 1.15
CA SER A 98 -11.00 5.62 0.52
C SER A 98 -11.25 4.12 0.66
N ALA A 99 -10.28 3.31 0.33
CA ALA A 99 -10.46 1.84 0.44
C ALA A 99 -10.93 1.48 1.86
N PHE A 100 -10.31 2.06 2.85
CA PHE A 100 -10.72 1.76 4.26
C PHE A 100 -12.24 1.84 4.37
N TYR A 101 -12.80 2.96 3.98
CA TYR A 101 -14.28 3.12 4.05
C TYR A 101 -14.95 2.27 2.97
N GLN A 102 -14.29 2.10 1.86
CA GLN A 102 -14.88 1.27 0.77
C GLN A 102 -14.76 -0.21 1.12
N THR A 103 -13.90 -0.56 2.03
CA THR A 103 -13.74 -2.01 2.37
C THR A 103 -14.38 -2.34 3.72
N THR A 104 -13.94 -1.72 4.80
CA THR A 104 -14.53 -2.04 6.13
C THR A 104 -15.01 -0.76 6.83
N GLY A 105 -14.24 0.29 6.78
CA GLY A 105 -14.66 1.55 7.46
C GLY A 105 -13.79 1.77 8.70
N VAL A 106 -12.50 1.60 8.56
CA VAL A 106 -11.59 1.80 9.73
C VAL A 106 -10.85 3.13 9.56
N VAL A 107 -10.12 3.54 10.55
CA VAL A 107 -9.38 4.83 10.44
C VAL A 107 -8.17 4.62 9.51
N ASN A 108 -8.10 5.37 8.44
CA ASN A 108 -6.96 5.22 7.50
C ASN A 108 -5.69 5.79 8.14
N SER A 109 -5.82 6.74 9.02
CA SER A 109 -4.63 7.35 9.67
C SER A 109 -3.79 6.27 10.37
N ARG A 110 -4.42 5.38 11.09
CA ARG A 110 -3.64 4.32 11.80
C ARG A 110 -2.79 3.54 10.80
N PHE A 111 -3.40 3.00 9.78
CA PHE A 111 -2.62 2.23 8.78
C PHE A 111 -1.82 3.18 7.88
N ILE A 112 -2.49 4.15 7.31
CA ILE A 112 -1.79 5.12 6.41
C ILE A 112 -0.64 5.80 7.15
N SER A 113 -0.80 6.06 8.42
CA SER A 113 0.30 6.72 9.18
C SER A 113 1.56 5.85 9.12
N GLU A 114 1.39 4.56 9.02
CA GLU A 114 2.59 3.67 8.96
C GLU A 114 3.26 3.80 7.59
N ILE A 115 2.48 3.86 6.55
CA ILE A 115 3.07 3.99 5.18
C ILE A 115 3.63 5.40 5.00
N ARG A 116 2.94 6.39 5.49
CA ARG A 116 3.43 7.79 5.34
C ARG A 116 4.86 7.89 5.88
N SER A 117 5.11 7.28 7.01
CA SER A 117 6.47 7.33 7.60
C SER A 117 7.43 6.46 6.77
N LEU A 118 6.93 5.38 6.24
CA LEU A 118 7.81 4.48 5.42
C LEU A 118 8.20 5.19 4.12
N ILE A 119 7.25 5.82 3.46
CA ILE A 119 7.58 6.52 2.19
C ILE A 119 8.65 7.57 2.44
N GLY A 120 8.52 8.33 3.50
CA GLY A 120 9.53 9.38 3.81
C GLY A 120 10.91 8.73 3.93
N MET A 121 10.97 7.53 4.44
CA MET A 121 12.28 6.84 4.59
C MET A 121 12.85 6.53 3.21
N PHE A 122 12.03 6.07 2.30
CA PHE A 122 12.54 5.75 0.94
C PHE A 122 13.02 7.03 0.26
N ALA A 123 12.40 8.15 0.56
CA ALA A 123 12.83 9.43 -0.08
C ALA A 123 14.27 9.75 0.34
N GLN A 124 14.64 9.39 1.54
CA GLN A 124 16.02 9.67 2.00
C GLN A 124 17.00 8.77 1.25
N ALA A 125 16.61 7.57 0.95
CA ALA A 125 17.52 6.65 0.21
C ALA A 125 17.77 7.20 -1.19
N SER A 126 16.78 7.80 -1.78
CA SER A 126 16.95 8.35 -3.16
C SER A 126 18.02 9.45 -3.13
N ALA A 127 18.25 10.04 -1.99
CA ALA A 127 19.28 11.11 -1.89
C ALA A 127 20.66 10.52 -2.16
N ASN A 128 20.83 9.24 -1.94
CA ASN A 128 22.15 8.62 -2.17
C ASN A 128 22.47 8.65 -3.68
N ASP A 129 21.49 8.94 -4.49
CA ASP A 129 21.74 9.00 -5.96
C ASP A 129 22.51 10.28 -6.29
N VAL A 130 22.08 11.39 -5.76
CA VAL A 130 22.79 12.68 -6.04
C VAL A 130 24.23 12.57 -5.56
N TYR A 131 24.47 11.80 -4.53
CA TYR A 131 25.85 11.66 -4.00
C TYR A 131 25.84 10.74 -2.79
N ALA A 132 26.98 10.49 -2.20
CA ALA A 132 27.01 9.60 -1.01
C ALA A 132 26.45 10.35 0.21
N SER A 133 25.38 9.87 0.76
CA SER A 133 24.78 10.56 1.94
C SER A 133 25.19 9.83 3.21
N ALA A 134 25.40 10.55 4.28
CA ALA A 134 25.80 9.91 5.56
C ALA A 134 25.29 10.74 6.74
N GLY A 135 25.07 10.12 7.87
CA GLY A 135 24.57 10.88 9.05
C GLY A 135 23.05 11.02 8.94
N SER A 136 22.45 11.78 9.82
CA SER A 136 20.98 11.97 9.76
C SER A 136 20.58 12.53 8.40
N GLY A 137 21.41 13.37 7.83
CA GLY A 137 21.08 13.95 6.51
C GLY A 137 21.52 15.43 6.47
N GLY A 1 -21.92 -5.19 10.70
CA GLY A 1 -21.57 -5.96 11.93
C GLY A 1 -20.72 -7.17 11.55
N MET A 2 -21.07 -8.33 12.05
CA MET A 2 -20.27 -9.55 11.71
C MET A 2 -20.26 -9.75 10.19
N GLY A 3 -21.34 -9.40 9.53
CA GLY A 3 -21.37 -9.56 8.05
C GLY A 3 -20.16 -8.90 7.41
N GLN A 4 -19.68 -7.83 8.00
CA GLN A 4 -18.49 -7.14 7.43
C GLN A 4 -17.28 -7.41 8.32
N ALA A 5 -16.11 -7.51 7.73
CA ALA A 5 -14.88 -7.77 8.54
C ALA A 5 -14.47 -6.48 9.25
N ASN A 6 -13.95 -6.59 10.45
CA ASN A 6 -13.52 -5.37 11.19
C ASN A 6 -12.39 -4.68 10.41
N THR A 7 -11.67 -5.42 9.61
CA THR A 7 -10.56 -4.80 8.84
C THR A 7 -10.68 -5.20 7.37
N PRO A 8 -9.99 -4.47 6.48
CA PRO A 8 -10.02 -4.76 5.05
C PRO A 8 -9.03 -5.86 4.67
N TRP A 9 -7.90 -5.93 5.33
CA TRP A 9 -6.92 -6.99 4.99
C TRP A 9 -7.19 -8.23 5.84
N SER A 10 -7.83 -8.06 6.97
CA SER A 10 -8.14 -9.24 7.83
C SER A 10 -9.01 -10.24 7.07
N SER A 11 -9.56 -9.83 5.94
CA SER A 11 -10.43 -10.77 5.16
C SER A 11 -10.01 -10.74 3.69
N LYS A 12 -10.26 -11.80 2.97
CA LYS A 12 -9.87 -11.84 1.53
C LYS A 12 -10.83 -10.96 0.72
N ALA A 13 -12.09 -10.99 1.05
CA ALA A 13 -13.07 -10.17 0.29
C ALA A 13 -12.79 -8.68 0.50
N ASN A 14 -12.66 -8.27 1.73
CA ASN A 14 -12.38 -6.84 2.01
C ASN A 14 -10.94 -6.51 1.62
N ALA A 15 -10.07 -7.47 1.67
CA ALA A 15 -8.64 -7.23 1.32
C ALA A 15 -8.52 -7.02 -0.19
N ASP A 16 -8.97 -7.97 -0.95
CA ASP A 16 -8.87 -7.85 -2.43
C ASP A 16 -9.50 -6.54 -2.90
N ALA A 17 -10.67 -6.23 -2.43
CA ALA A 17 -11.33 -4.97 -2.85
C ALA A 17 -10.48 -3.78 -2.41
N PHE A 18 -9.92 -3.85 -1.23
CA PHE A 18 -9.05 -2.74 -0.74
C PHE A 18 -7.87 -2.55 -1.69
N ILE A 19 -7.35 -3.62 -2.22
CA ILE A 19 -6.18 -3.51 -3.15
C ILE A 19 -6.65 -2.90 -4.49
N ASN A 20 -7.77 -3.36 -4.99
CA ASN A 20 -8.26 -2.83 -6.30
C ASN A 20 -8.64 -1.35 -6.15
N SER A 21 -9.34 -1.00 -5.11
CA SER A 21 -9.74 0.42 -4.92
C SER A 21 -8.53 1.30 -4.68
N PHE A 22 -7.49 0.76 -4.07
CA PHE A 22 -6.28 1.58 -3.79
C PHE A 22 -5.60 1.98 -5.10
N ILE A 23 -5.42 1.04 -5.99
CA ILE A 23 -4.74 1.36 -7.28
C ILE A 23 -5.59 2.34 -8.11
N SER A 24 -6.81 2.01 -8.39
CA SER A 24 -7.67 2.92 -9.20
C SER A 24 -7.83 4.26 -8.47
N ALA A 25 -7.83 4.24 -7.17
CA ALA A 25 -8.00 5.51 -6.41
C ALA A 25 -6.69 6.30 -6.40
N ALA A 26 -5.59 5.63 -6.14
CA ALA A 26 -4.28 6.35 -6.10
C ALA A 26 -3.90 6.85 -7.49
N SER A 27 -4.25 6.12 -8.51
CA SER A 27 -3.90 6.55 -9.90
C SER A 27 -4.47 7.94 -10.18
N ASN A 28 -5.61 8.26 -9.63
CA ASN A 28 -6.20 9.60 -9.90
C ASN A 28 -6.06 10.51 -8.67
N THR A 29 -5.34 10.08 -7.66
CA THR A 29 -5.19 10.95 -6.46
C THR A 29 -4.04 11.94 -6.65
N GLY A 30 -2.82 11.51 -6.44
CA GLY A 30 -1.67 12.42 -6.60
C GLY A 30 -1.33 12.59 -8.08
N SER A 31 -0.32 11.90 -8.53
CA SER A 31 0.07 12.00 -9.97
C SER A 31 0.28 10.60 -10.53
N PHE A 32 1.22 9.87 -10.00
CA PHE A 32 1.46 8.48 -10.51
C PHE A 32 1.45 8.50 -12.03
N SER A 33 2.58 8.67 -12.64
CA SER A 33 2.62 8.71 -14.13
C SER A 33 2.11 7.38 -14.68
N GLN A 34 1.73 7.35 -15.93
CA GLN A 34 1.21 6.09 -16.54
C GLN A 34 2.21 4.97 -16.29
N ASP A 35 3.48 5.24 -16.43
CA ASP A 35 4.51 4.19 -16.21
C ASP A 35 4.39 3.67 -14.78
N GLN A 36 4.08 4.53 -13.85
CA GLN A 36 3.94 4.07 -12.43
C GLN A 36 2.65 3.27 -12.27
N MET A 37 1.64 3.61 -13.02
CA MET A 37 0.36 2.86 -12.92
C MET A 37 0.59 1.42 -13.34
N GLU A 38 1.46 1.20 -14.28
CA GLU A 38 1.74 -0.19 -14.73
C GLU A 38 2.38 -0.97 -13.58
N ASN A 39 3.31 -0.36 -12.89
CA ASN A 39 3.96 -1.06 -11.75
C ASN A 39 2.90 -1.44 -10.71
N MET A 40 1.99 -0.55 -10.44
CA MET A 40 0.91 -0.86 -9.45
C MET A 40 0.02 -1.96 -10.02
N SER A 41 -0.16 -1.99 -11.31
CA SER A 41 -1.02 -3.05 -11.92
C SER A 41 -0.31 -4.39 -11.82
N LEU A 42 0.99 -4.40 -11.71
CA LEU A 42 1.73 -5.69 -11.61
C LEU A 42 1.81 -6.10 -10.14
N ILE A 43 1.69 -5.16 -9.24
CA ILE A 43 1.76 -5.49 -7.80
C ILE A 43 0.41 -5.18 -7.15
N GLY A 44 0.17 -5.71 -5.99
CA GLY A 44 -1.13 -5.45 -5.31
C GLY A 44 -2.13 -6.53 -5.72
N ASN A 45 -2.72 -6.40 -6.87
CA ASN A 45 -3.69 -7.42 -7.33
C ASN A 45 -2.98 -8.78 -7.39
N THR A 46 -1.75 -8.78 -7.81
CA THR A 46 -0.98 -10.06 -7.88
C THR A 46 -0.91 -10.66 -6.48
N LEU A 47 -0.80 -9.84 -5.49
CA LEU A 47 -0.72 -10.35 -4.09
C LEU A 47 -1.99 -11.15 -3.78
N MET A 48 -3.10 -10.75 -4.33
CA MET A 48 -4.37 -11.49 -4.07
C MET A 48 -4.19 -12.96 -4.47
N ALA A 49 -3.33 -13.22 -5.41
CA ALA A 49 -3.11 -14.64 -5.84
C ALA A 49 -2.59 -15.44 -4.65
N ALA A 50 -1.75 -14.86 -3.85
CA ALA A 50 -1.21 -15.60 -2.67
C ALA A 50 -2.37 -16.04 -1.80
N MET A 51 -3.50 -15.38 -1.91
CA MET A 51 -4.67 -15.75 -1.09
C MET A 51 -4.98 -17.24 -1.30
N ASP A 52 -4.89 -17.70 -2.52
CA ASP A 52 -5.16 -19.13 -2.79
C ASP A 52 -4.13 -20.01 -2.08
N ASN A 53 -2.96 -19.46 -1.85
CA ASN A 53 -1.91 -20.26 -1.16
C ASN A 53 -2.37 -20.60 0.26
N MET A 54 -3.25 -19.81 0.82
CA MET A 54 -3.73 -20.09 2.19
C MET A 54 -4.26 -21.52 2.25
N GLY A 55 -4.85 -22.00 1.19
CA GLY A 55 -5.41 -23.38 1.19
C GLY A 55 -6.78 -23.38 1.85
N GLY A 56 -7.35 -22.22 2.05
CA GLY A 56 -8.70 -22.15 2.68
C GLY A 56 -8.54 -21.79 4.16
N ARG A 57 -7.50 -21.08 4.50
CA ARG A 57 -7.30 -20.69 5.93
C ARG A 57 -6.83 -19.25 6.01
N ILE A 58 -7.64 -18.37 6.54
CA ILE A 58 -7.24 -16.94 6.64
C ILE A 58 -7.11 -16.56 8.12
N THR A 59 -6.11 -15.78 8.46
CA THR A 59 -5.94 -15.38 9.88
C THR A 59 -5.33 -13.98 9.94
N PRO A 60 -5.65 -13.21 10.98
CA PRO A 60 -5.14 -11.85 11.16
C PRO A 60 -3.63 -11.84 11.42
N SER A 61 -3.12 -12.82 12.10
CA SER A 61 -1.65 -12.87 12.37
C SER A 61 -0.90 -13.04 11.06
N LYS A 62 -1.27 -14.00 10.26
CA LYS A 62 -0.57 -14.23 8.97
C LYS A 62 -1.10 -13.26 7.91
N LEU A 63 -2.40 -13.11 7.80
CA LEU A 63 -2.96 -12.19 6.78
C LEU A 63 -2.43 -10.77 7.01
N GLN A 64 -2.48 -10.29 8.23
CA GLN A 64 -1.97 -8.92 8.49
C GLN A 64 -0.53 -8.82 7.99
N ALA A 65 0.22 -9.89 8.09
CA ALA A 65 1.62 -9.87 7.60
C ALA A 65 1.60 -9.60 6.10
N LEU A 66 0.71 -10.22 5.40
CA LEU A 66 0.63 -9.99 3.93
C LEU A 66 0.14 -8.57 3.68
N ASP A 67 -0.85 -8.14 4.41
CA ASP A 67 -1.38 -6.75 4.23
C ASP A 67 -0.22 -5.76 4.21
N MET A 68 0.81 -6.00 4.97
CA MET A 68 1.97 -5.06 5.01
C MET A 68 2.72 -5.12 3.69
N ALA A 69 2.84 -6.29 3.10
CA ALA A 69 3.57 -6.40 1.81
C ALA A 69 2.98 -5.44 0.78
N PHE A 70 1.69 -5.26 0.82
CA PHE A 70 1.04 -4.34 -0.17
C PHE A 70 1.49 -2.90 0.10
N ALA A 71 1.66 -2.55 1.35
CA ALA A 71 2.08 -1.16 1.69
C ALA A 71 3.54 -0.94 1.26
N SER A 72 4.34 -1.98 1.29
CA SER A 72 5.76 -1.83 0.88
C SER A 72 5.86 -1.58 -0.62
N SER A 73 5.08 -2.27 -1.40
CA SER A 73 5.14 -2.08 -2.88
C SER A 73 4.57 -0.72 -3.26
N VAL A 74 3.44 -0.38 -2.72
CA VAL A 74 2.81 0.93 -3.08
C VAL A 74 3.78 2.07 -2.74
N ALA A 75 4.52 1.94 -1.67
CA ALA A 75 5.48 3.02 -1.30
C ALA A 75 6.68 2.99 -2.24
N GLN A 76 7.13 1.82 -2.61
CA GLN A 76 8.31 1.73 -3.51
C GLN A 76 7.92 2.20 -4.91
N ILE A 77 6.81 1.75 -5.42
CA ILE A 77 6.39 2.17 -6.78
C ILE A 77 6.31 3.69 -6.86
N ALA A 78 5.73 4.31 -5.87
CA ALA A 78 5.61 5.80 -5.89
C ALA A 78 6.95 6.43 -5.50
N ALA A 79 7.52 6.00 -4.40
CA ALA A 79 8.83 6.58 -3.97
C ALA A 79 9.86 6.40 -5.08
N SER A 80 9.65 5.46 -5.96
CA SER A 80 10.63 5.24 -7.06
C SER A 80 10.45 6.33 -8.12
N GLN A 81 9.31 6.96 -8.14
CA GLN A 81 9.06 8.04 -9.15
C GLN A 81 10.16 9.10 -9.06
N GLY A 82 10.67 9.33 -7.88
CA GLY A 82 11.74 10.36 -7.72
C GLY A 82 11.11 11.75 -7.78
N GLY A 83 9.84 11.84 -7.50
CA GLY A 83 9.17 13.17 -7.55
C GLY A 83 8.92 13.66 -6.12
N ASP A 84 7.88 14.43 -5.92
CA ASP A 84 7.59 14.95 -4.54
C ASP A 84 7.09 13.79 -3.66
N LEU A 85 7.78 13.52 -2.59
CA LEU A 85 7.35 12.42 -1.69
C LEU A 85 6.03 12.81 -1.01
N GLY A 86 5.70 14.08 -1.01
CA GLY A 86 4.44 14.53 -0.36
C GLY A 86 3.25 14.07 -1.22
N VAL A 87 3.45 13.94 -2.50
CA VAL A 87 2.33 13.50 -3.38
C VAL A 87 1.98 12.04 -3.08
N THR A 88 2.96 11.18 -3.06
CA THR A 88 2.67 9.75 -2.77
C THR A 88 1.86 9.64 -1.49
N THR A 89 2.30 10.28 -0.44
CA THR A 89 1.54 10.23 0.83
C THR A 89 0.08 10.59 0.56
N ASN A 90 -0.15 11.67 -0.13
CA ASN A 90 -1.55 12.07 -0.45
C ASN A 90 -2.15 11.09 -1.46
N ALA A 91 -1.35 10.55 -2.33
CA ALA A 91 -1.88 9.60 -3.34
C ALA A 91 -2.09 8.23 -2.70
N ILE A 92 -1.06 7.64 -2.17
CA ILE A 92 -1.20 6.31 -1.53
C ILE A 92 -2.18 6.38 -0.36
N ALA A 93 -2.05 7.38 0.47
CA ALA A 93 -2.96 7.51 1.64
C ALA A 93 -4.41 7.65 1.16
N ASP A 94 -4.64 8.51 0.21
CA ASP A 94 -6.04 8.70 -0.29
C ASP A 94 -6.62 7.35 -0.72
N ALA A 95 -5.94 6.65 -1.58
CA ALA A 95 -6.46 5.33 -2.04
C ALA A 95 -6.77 4.45 -0.82
N LEU A 96 -5.89 4.44 0.14
CA LEU A 96 -6.12 3.60 1.35
C LEU A 96 -7.28 4.19 2.16
N THR A 97 -7.34 5.49 2.27
CA THR A 97 -8.45 6.12 3.05
C THR A 97 -9.79 5.81 2.39
N SER A 98 -9.90 6.06 1.12
CA SER A 98 -11.19 5.78 0.42
C SER A 98 -11.49 4.28 0.48
N ALA A 99 -10.47 3.46 0.37
CA ALA A 99 -10.69 1.99 0.41
C ALA A 99 -11.11 1.56 1.82
N PHE A 100 -10.47 2.09 2.83
CA PHE A 100 -10.84 1.73 4.22
C PHE A 100 -12.35 1.78 4.39
N TYR A 101 -12.93 2.91 4.10
CA TYR A 101 -14.41 3.06 4.24
C TYR A 101 -15.13 2.25 3.16
N GLN A 102 -14.54 2.13 2.01
CA GLN A 102 -15.19 1.35 0.92
C GLN A 102 -15.00 -0.14 1.16
N THR A 103 -14.06 -0.52 1.98
CA THR A 103 -13.83 -1.98 2.23
C THR A 103 -14.42 -2.40 3.56
N THR A 104 -13.99 -1.83 4.66
CA THR A 104 -14.55 -2.26 5.98
C THR A 104 -15.06 -1.06 6.77
N GLY A 105 -14.33 0.03 6.77
CA GLY A 105 -14.78 1.22 7.54
C GLY A 105 -13.90 1.40 8.77
N VAL A 106 -12.61 1.34 8.60
CA VAL A 106 -11.69 1.51 9.75
C VAL A 106 -10.90 2.80 9.59
N VAL A 107 -10.21 3.23 10.60
CA VAL A 107 -9.42 4.49 10.51
C VAL A 107 -8.26 4.30 9.51
N ASN A 108 -8.22 5.09 8.48
CA ASN A 108 -7.12 4.97 7.49
C ASN A 108 -5.80 5.45 8.10
N SER A 109 -5.88 6.28 9.09
CA SER A 109 -4.64 6.81 9.73
C SER A 109 -3.78 5.68 10.28
N ARG A 110 -4.38 4.62 10.76
CA ARG A 110 -3.56 3.50 11.33
C ARG A 110 -2.69 2.87 10.23
N PHE A 111 -3.29 2.43 9.16
CA PHE A 111 -2.49 1.81 8.07
C PHE A 111 -1.77 2.88 7.26
N ILE A 112 -2.48 3.89 6.84
CA ILE A 112 -1.85 4.97 6.04
C ILE A 112 -0.68 5.58 6.81
N SER A 113 -0.79 5.70 8.10
CA SER A 113 0.34 6.29 8.88
C SER A 113 1.57 5.40 8.76
N GLU A 114 1.38 4.11 8.69
CA GLU A 114 2.54 3.19 8.58
C GLU A 114 3.18 3.33 7.19
N ILE A 115 2.36 3.48 6.17
CA ILE A 115 2.92 3.62 4.80
C ILE A 115 3.55 5.01 4.64
N ARG A 116 2.89 6.02 5.16
CA ARG A 116 3.44 7.40 5.05
C ARG A 116 4.87 7.43 5.61
N SER A 117 5.09 6.78 6.72
CA SER A 117 6.46 6.76 7.32
C SER A 117 7.39 5.90 6.46
N LEU A 118 6.88 4.85 5.89
CA LEU A 118 7.72 3.96 5.05
C LEU A 118 8.16 4.70 3.78
N ILE A 119 7.26 5.42 3.16
CA ILE A 119 7.62 6.16 1.92
C ILE A 119 8.77 7.13 2.22
N GLY A 120 8.72 7.80 3.34
CA GLY A 120 9.82 8.75 3.68
C GLY A 120 11.12 7.98 3.92
N MET A 121 11.02 6.77 4.39
CA MET A 121 12.26 5.98 4.65
C MET A 121 12.94 5.65 3.30
N PHE A 122 12.17 5.33 2.30
CA PHE A 122 12.78 5.01 0.98
C PHE A 122 13.58 6.20 0.46
N ALA A 123 12.97 7.36 0.42
CA ALA A 123 13.69 8.56 -0.06
C ALA A 123 14.96 8.78 0.77
N GLN A 124 14.88 8.52 2.04
CA GLN A 124 16.07 8.71 2.92
C GLN A 124 17.11 7.63 2.60
N ALA A 125 16.68 6.48 2.18
CA ALA A 125 17.65 5.39 1.85
C ALA A 125 18.54 5.84 0.68
N SER A 126 17.99 6.57 -0.25
CA SER A 126 18.80 7.03 -1.40
C SER A 126 20.03 7.80 -0.89
N ALA A 127 19.88 8.52 0.18
CA ALA A 127 21.04 9.29 0.72
C ALA A 127 22.04 8.34 1.36
N ASN A 128 21.62 7.12 1.63
CA ASN A 128 22.56 6.14 2.25
C ASN A 128 23.70 5.83 1.28
N ASP A 129 23.45 5.94 0.00
CA ASP A 129 24.52 5.65 -1.00
C ASP A 129 25.63 6.69 -0.87
N VAL A 130 25.26 7.94 -0.79
CA VAL A 130 26.28 9.02 -0.66
C VAL A 130 26.95 8.93 0.72
N TYR A 131 26.23 8.47 1.71
CA TYR A 131 26.83 8.35 3.06
C TYR A 131 25.76 7.83 4.03
N ALA A 132 26.17 7.40 5.20
CA ALA A 132 25.18 6.87 6.18
C ALA A 132 24.35 8.04 6.74
N SER A 133 23.06 8.01 6.55
CA SER A 133 22.20 9.11 7.07
C SER A 133 22.34 9.19 8.59
N ALA A 134 21.99 10.30 9.17
CA ALA A 134 22.11 10.44 10.64
C ALA A 134 21.11 11.49 11.14
N GLY A 135 20.68 11.40 12.37
CA GLY A 135 19.72 12.39 12.91
C GLY A 135 20.48 13.63 13.39
N SER A 136 19.76 14.62 13.85
CA SER A 136 20.45 15.85 14.34
C SER A 136 20.04 16.14 15.79
N GLY A 137 20.86 16.82 16.53
CA GLY A 137 20.51 17.12 17.95
C GLY A 137 19.57 18.31 18.00
N GLY A 1 -18.62 -4.57 19.37
CA GLY A 1 -18.59 -5.30 18.08
C GLY A 1 -17.50 -6.37 18.11
N MET A 2 -17.86 -7.60 18.30
CA MET A 2 -16.85 -8.69 18.34
C MET A 2 -17.22 -9.77 17.32
N GLY A 3 -16.24 -10.45 16.79
CA GLY A 3 -16.53 -11.52 15.79
C GLY A 3 -16.47 -10.93 14.37
N GLN A 4 -16.02 -9.71 14.25
CA GLN A 4 -15.93 -9.08 12.90
C GLN A 4 -14.47 -8.69 12.61
N ALA A 5 -14.03 -8.91 11.40
CA ALA A 5 -12.62 -8.55 11.07
C ALA A 5 -12.41 -7.05 11.28
N ASN A 6 -13.36 -6.25 10.91
CA ASN A 6 -13.22 -4.78 11.10
C ASN A 6 -11.91 -4.31 10.45
N THR A 7 -11.54 -4.90 9.35
CA THR A 7 -10.29 -4.49 8.67
C THR A 7 -10.27 -5.06 7.25
N PRO A 8 -9.69 -4.30 6.30
CA PRO A 8 -9.60 -4.73 4.90
C PRO A 8 -8.62 -5.89 4.72
N TRP A 9 -7.55 -5.92 5.47
CA TRP A 9 -6.59 -7.05 5.33
C TRP A 9 -7.05 -8.21 6.21
N SER A 10 -7.71 -7.92 7.31
CA SER A 10 -8.19 -9.02 8.20
C SER A 10 -9.12 -9.94 7.41
N SER A 11 -9.60 -9.51 6.28
CA SER A 11 -10.51 -10.36 5.47
C SER A 11 -9.97 -10.48 4.05
N LYS A 12 -10.12 -11.62 3.44
CA LYS A 12 -9.62 -11.80 2.05
C LYS A 12 -10.49 -11.02 1.08
N ALA A 13 -11.77 -10.97 1.32
CA ALA A 13 -12.67 -10.21 0.40
C ALA A 13 -12.37 -8.72 0.54
N ASN A 14 -12.30 -8.23 1.75
CA ASN A 14 -12.01 -6.79 1.97
C ASN A 14 -10.54 -6.51 1.61
N ALA A 15 -9.69 -7.48 1.77
CA ALA A 15 -8.25 -7.26 1.45
C ALA A 15 -8.09 -6.95 -0.04
N ASP A 16 -8.79 -7.65 -0.88
CA ASP A 16 -8.68 -7.39 -2.35
C ASP A 16 -9.27 -6.02 -2.67
N ALA A 17 -10.47 -5.76 -2.21
CA ALA A 17 -11.10 -4.44 -2.49
C ALA A 17 -10.19 -3.32 -2.00
N PHE A 18 -9.54 -3.52 -0.88
CA PHE A 18 -8.63 -2.46 -0.36
C PHE A 18 -7.46 -2.28 -1.32
N ILE A 19 -6.84 -3.36 -1.71
CA ILE A 19 -5.69 -3.26 -2.65
C ILE A 19 -6.20 -2.70 -3.98
N ASN A 20 -7.28 -3.22 -4.49
CA ASN A 20 -7.83 -2.71 -5.77
C ASN A 20 -8.35 -1.28 -5.57
N SER A 21 -9.13 -1.07 -4.56
CA SER A 21 -9.65 0.29 -4.30
C SER A 21 -8.47 1.24 -4.15
N PHE A 22 -7.36 0.74 -3.67
CA PHE A 22 -6.16 1.60 -3.50
C PHE A 22 -5.57 1.95 -4.87
N ILE A 23 -5.33 0.97 -5.69
CA ILE A 23 -4.75 1.24 -7.03
C ILE A 23 -5.72 2.09 -7.85
N SER A 24 -6.93 1.63 -8.01
CA SER A 24 -7.92 2.41 -8.80
C SER A 24 -8.03 3.83 -8.25
N ALA A 25 -8.00 4.00 -6.96
CA ALA A 25 -8.10 5.36 -6.37
C ALA A 25 -6.76 6.08 -6.48
N ALA A 26 -5.68 5.42 -6.14
CA ALA A 26 -4.34 6.07 -6.22
C ALA A 26 -4.05 6.50 -7.65
N SER A 27 -4.56 5.79 -8.62
CA SER A 27 -4.29 6.15 -10.03
C SER A 27 -4.92 7.52 -10.35
N ASN A 28 -6.00 7.84 -9.72
CA ASN A 28 -6.67 9.15 -9.99
C ASN A 28 -6.43 10.12 -8.82
N THR A 29 -5.60 9.76 -7.89
CA THR A 29 -5.35 10.67 -6.73
C THR A 29 -4.19 11.62 -7.06
N GLY A 30 -2.98 11.13 -7.02
CA GLY A 30 -1.81 12.00 -7.32
C GLY A 30 -1.54 12.00 -8.82
N SER A 31 -0.55 11.28 -9.25
CA SER A 31 -0.23 11.23 -10.71
C SER A 31 0.10 9.79 -11.11
N PHE A 32 1.05 9.18 -10.45
CA PHE A 32 1.41 7.78 -10.80
C PHE A 32 1.49 7.65 -12.33
N SER A 33 2.62 7.94 -12.90
CA SER A 33 2.75 7.83 -14.39
C SER A 33 2.46 6.40 -14.83
N GLN A 34 2.16 6.20 -16.09
CA GLN A 34 1.86 4.83 -16.58
C GLN A 34 3.01 3.91 -16.18
N ASP A 35 4.21 4.42 -16.12
CA ASP A 35 5.37 3.57 -15.73
C ASP A 35 5.26 3.22 -14.25
N GLN A 36 4.80 4.15 -13.45
CA GLN A 36 4.66 3.87 -11.99
C GLN A 36 3.43 2.98 -11.75
N MET A 37 2.41 3.18 -12.54
CA MET A 37 1.18 2.34 -12.37
C MET A 37 1.51 0.88 -12.66
N GLU A 38 2.37 0.63 -13.61
CA GLU A 38 2.73 -0.78 -13.92
C GLU A 38 3.28 -1.45 -12.67
N ASN A 39 4.10 -0.77 -11.93
CA ASN A 39 4.66 -1.36 -10.68
C ASN A 39 3.52 -1.74 -9.75
N MET A 40 2.49 -0.93 -9.71
CA MET A 40 1.33 -1.23 -8.82
C MET A 40 0.65 -2.51 -9.30
N SER A 41 0.65 -2.76 -10.59
CA SER A 41 0.01 -3.99 -11.12
C SER A 41 0.85 -5.20 -10.72
N LEU A 42 2.12 -4.99 -10.47
CA LEU A 42 2.99 -6.14 -10.08
C LEU A 42 2.97 -6.31 -8.56
N ILE A 43 2.59 -5.29 -7.84
CA ILE A 43 2.54 -5.39 -6.36
C ILE A 43 1.12 -5.13 -5.88
N GLY A 44 0.79 -5.55 -4.68
CA GLY A 44 -0.58 -5.34 -4.16
C GLY A 44 -1.53 -6.34 -4.82
N ASN A 45 -2.08 -5.99 -5.96
CA ASN A 45 -3.01 -6.94 -6.64
C ASN A 45 -2.31 -8.28 -6.84
N THR A 46 -1.04 -8.25 -7.12
CA THR A 46 -0.29 -9.52 -7.33
C THR A 46 -0.41 -10.36 -6.05
N LEU A 47 -0.44 -9.72 -4.91
CA LEU A 47 -0.56 -10.47 -3.64
C LEU A 47 -1.89 -11.23 -3.62
N MET A 48 -2.92 -10.66 -4.18
CA MET A 48 -4.24 -11.35 -4.20
C MET A 48 -4.06 -12.76 -4.77
N ALA A 49 -3.22 -12.90 -5.76
CA ALA A 49 -3.00 -14.24 -6.36
C ALA A 49 -2.44 -15.19 -5.30
N ALA A 50 -1.69 -14.66 -4.37
CA ALA A 50 -1.12 -15.52 -3.29
C ALA A 50 -2.25 -16.02 -2.39
N MET A 51 -3.18 -15.18 -2.07
CA MET A 51 -4.32 -15.61 -1.20
C MET A 51 -5.08 -16.74 -1.89
N ASP A 52 -5.10 -16.74 -3.20
CA ASP A 52 -5.82 -17.83 -3.93
C ASP A 52 -5.21 -19.17 -3.57
N ASN A 53 -3.94 -19.20 -3.26
CA ASN A 53 -3.28 -20.48 -2.90
C ASN A 53 -3.88 -20.99 -1.59
N MET A 54 -4.41 -20.12 -0.79
CA MET A 54 -5.01 -20.54 0.51
C MET A 54 -6.21 -21.46 0.24
N GLY A 55 -6.92 -21.23 -0.82
CA GLY A 55 -8.09 -22.09 -1.14
C GLY A 55 -9.38 -21.40 -0.65
N GLY A 56 -9.29 -20.16 -0.26
CA GLY A 56 -10.49 -19.44 0.23
C GLY A 56 -10.44 -19.34 1.75
N ARG A 57 -9.33 -19.66 2.34
CA ARG A 57 -9.22 -19.57 3.82
C ARG A 57 -8.03 -18.69 4.19
N ILE A 58 -8.28 -17.54 4.76
CA ILE A 58 -7.16 -16.64 5.15
C ILE A 58 -7.14 -16.47 6.67
N THR A 59 -5.98 -16.53 7.26
CA THR A 59 -5.88 -16.38 8.74
C THR A 59 -5.43 -14.95 9.08
N PRO A 60 -5.64 -14.54 10.33
CA PRO A 60 -5.26 -13.20 10.81
C PRO A 60 -3.74 -13.04 10.89
N SER A 61 -3.03 -14.10 11.21
CA SER A 61 -1.55 -14.01 11.30
C SER A 61 -0.96 -13.88 9.90
N LYS A 62 -1.55 -14.52 8.93
CA LYS A 62 -1.03 -14.44 7.54
C LYS A 62 -1.28 -13.04 6.98
N LEU A 63 -2.46 -12.52 7.18
CA LEU A 63 -2.76 -11.16 6.66
C LEU A 63 -2.01 -10.12 7.48
N GLN A 64 -1.79 -10.37 8.73
CA GLN A 64 -1.04 -9.39 9.56
C GLN A 64 0.30 -9.10 8.90
N ALA A 65 1.02 -10.13 8.53
CA ALA A 65 2.33 -9.92 7.85
C ALA A 65 2.09 -9.43 6.42
N LEU A 66 1.19 -10.07 5.71
CA LEU A 66 0.91 -9.62 4.31
C LEU A 66 0.42 -8.17 4.33
N ASP A 67 -0.59 -7.89 5.11
CA ASP A 67 -1.11 -6.49 5.17
C ASP A 67 0.06 -5.53 5.35
N MET A 68 1.07 -5.92 6.08
CA MET A 68 2.25 -5.03 6.29
C MET A 68 3.06 -4.95 5.00
N ALA A 69 3.23 -6.05 4.32
CA ALA A 69 4.01 -6.03 3.06
C ALA A 69 3.34 -5.11 2.04
N PHE A 70 2.04 -5.13 1.98
CA PHE A 70 1.32 -4.26 1.01
C PHE A 70 1.76 -2.80 1.21
N ALA A 71 1.88 -2.38 2.44
CA ALA A 71 2.29 -0.98 2.71
C ALA A 71 3.76 -0.79 2.34
N SER A 72 4.58 -1.78 2.61
CA SER A 72 6.02 -1.66 2.29
C SER A 72 6.23 -1.67 0.77
N SER A 73 5.60 -2.58 0.09
CA SER A 73 5.77 -2.65 -1.39
C SER A 73 5.08 -1.44 -2.05
N VAL A 74 3.89 -1.14 -1.63
CA VAL A 74 3.16 0.01 -2.23
C VAL A 74 3.99 1.29 -2.06
N ALA A 75 4.68 1.42 -0.97
CA ALA A 75 5.50 2.64 -0.74
C ALA A 75 6.65 2.68 -1.74
N GLN A 76 7.22 1.56 -2.05
CA GLN A 76 8.37 1.54 -3.01
C GLN A 76 7.86 1.89 -4.41
N ILE A 77 6.70 1.43 -4.78
CA ILE A 77 6.18 1.73 -6.14
C ILE A 77 6.10 3.25 -6.34
N ALA A 78 5.43 3.94 -5.47
CA ALA A 78 5.32 5.41 -5.60
C ALA A 78 6.61 6.09 -5.12
N ALA A 79 7.08 5.72 -3.96
CA ALA A 79 8.33 6.34 -3.44
C ALA A 79 9.46 6.14 -4.44
N SER A 80 9.35 5.15 -5.28
CA SER A 80 10.43 4.89 -6.28
C SER A 80 10.25 5.84 -7.47
N GLN A 81 9.07 6.36 -7.65
CA GLN A 81 8.84 7.29 -8.79
C GLN A 81 9.99 8.29 -8.88
N GLY A 82 10.46 8.77 -7.77
CA GLY A 82 11.58 9.75 -7.78
C GLY A 82 11.03 11.17 -7.96
N GLY A 83 9.77 11.37 -7.65
CA GLY A 83 9.18 12.73 -7.80
C GLY A 83 8.81 13.27 -6.42
N ASP A 84 7.91 14.22 -6.36
CA ASP A 84 7.52 14.78 -5.05
C ASP A 84 7.07 13.65 -4.12
N LEU A 85 7.63 13.58 -2.94
CA LEU A 85 7.24 12.51 -1.99
C LEU A 85 5.99 12.92 -1.22
N GLY A 86 5.72 14.20 -1.16
CA GLY A 86 4.52 14.67 -0.42
C GLY A 86 3.25 14.29 -1.19
N VAL A 87 3.31 14.33 -2.49
CA VAL A 87 2.10 13.98 -3.29
C VAL A 87 1.82 12.48 -3.16
N THR A 88 2.81 11.65 -3.31
CA THR A 88 2.58 10.19 -3.17
C THR A 88 1.87 9.95 -1.84
N THR A 89 2.22 10.69 -0.83
CA THR A 89 1.55 10.51 0.49
C THR A 89 0.05 10.68 0.27
N ASN A 90 -0.35 11.76 -0.35
CA ASN A 90 -1.79 11.99 -0.61
C ASN A 90 -2.26 11.00 -1.68
N ALA A 91 -1.46 10.76 -2.67
CA ALA A 91 -1.85 9.81 -3.75
C ALA A 91 -2.10 8.42 -3.14
N ILE A 92 -1.13 7.89 -2.44
CA ILE A 92 -1.30 6.56 -1.82
C ILE A 92 -2.26 6.64 -0.63
N ALA A 93 -2.04 7.57 0.25
CA ALA A 93 -2.93 7.69 1.44
C ALA A 93 -4.39 7.89 1.01
N ASP A 94 -4.64 8.76 0.07
CA ASP A 94 -6.05 8.99 -0.38
C ASP A 94 -6.69 7.67 -0.80
N ALA A 95 -6.06 6.95 -1.68
CA ALA A 95 -6.64 5.64 -2.13
C ALA A 95 -6.85 4.74 -0.92
N LEU A 96 -5.92 4.72 0.00
CA LEU A 96 -6.06 3.85 1.20
C LEU A 96 -7.20 4.37 2.07
N THR A 97 -7.29 5.66 2.22
CA THR A 97 -8.37 6.24 3.07
C THR A 97 -9.73 5.81 2.53
N SER A 98 -9.99 6.06 1.27
CA SER A 98 -11.30 5.69 0.69
C SER A 98 -11.47 4.17 0.72
N ALA A 99 -10.46 3.44 0.35
CA ALA A 99 -10.56 1.95 0.36
C ALA A 99 -11.02 1.49 1.74
N PHE A 100 -10.43 2.01 2.78
CA PHE A 100 -10.85 1.61 4.15
C PHE A 100 -12.37 1.63 4.24
N TYR A 101 -12.95 2.75 3.91
CA TYR A 101 -14.44 2.86 3.97
C TYR A 101 -15.06 2.04 2.85
N GLN A 102 -14.39 1.94 1.73
CA GLN A 102 -14.94 1.15 0.59
C GLN A 102 -14.76 -0.35 0.87
N THR A 103 -13.90 -0.71 1.78
CA THR A 103 -13.70 -2.16 2.05
C THR A 103 -14.35 -2.57 3.38
N THR A 104 -13.95 -1.99 4.48
CA THR A 104 -14.56 -2.40 5.78
C THR A 104 -15.10 -1.18 6.54
N GLY A 105 -14.39 -0.09 6.55
CA GLY A 105 -14.88 1.12 7.28
C GLY A 105 -14.07 1.29 8.56
N VAL A 106 -12.77 1.23 8.46
CA VAL A 106 -11.92 1.40 9.66
C VAL A 106 -11.12 2.69 9.53
N VAL A 107 -10.51 3.14 10.58
CA VAL A 107 -9.71 4.39 10.49
C VAL A 107 -8.50 4.16 9.59
N ASN A 108 -8.40 4.92 8.53
CA ASN A 108 -7.25 4.75 7.59
C ASN A 108 -5.96 5.25 8.27
N SER A 109 -6.08 6.10 9.24
CA SER A 109 -4.88 6.64 9.93
C SER A 109 -3.99 5.50 10.45
N ARG A 110 -4.56 4.39 10.80
CA ARG A 110 -3.71 3.27 11.34
C ARG A 110 -2.82 2.72 10.23
N PHE A 111 -3.40 2.29 9.13
CA PHE A 111 -2.56 1.73 8.02
C PHE A 111 -1.87 2.86 7.25
N ILE A 112 -2.60 3.84 6.85
CA ILE A 112 -1.99 4.97 6.08
C ILE A 112 -0.84 5.59 6.87
N SER A 113 -1.03 5.85 8.13
CA SER A 113 0.07 6.45 8.94
C SER A 113 1.32 5.58 8.85
N GLU A 114 1.15 4.28 8.86
CA GLU A 114 2.33 3.37 8.76
C GLU A 114 3.04 3.60 7.43
N ILE A 115 2.32 3.59 6.34
CA ILE A 115 2.95 3.81 5.01
C ILE A 115 3.47 5.26 4.93
N ARG A 116 2.77 6.18 5.52
CA ARG A 116 3.21 7.60 5.48
C ARG A 116 4.66 7.69 5.96
N SER A 117 4.99 7.04 7.04
CA SER A 117 6.38 7.09 7.55
C SER A 117 7.28 6.24 6.65
N LEU A 118 6.76 5.18 6.12
CA LEU A 118 7.59 4.30 5.24
C LEU A 118 7.92 5.05 3.93
N ILE A 119 6.95 5.69 3.35
CA ILE A 119 7.21 6.43 2.08
C ILE A 119 8.31 7.46 2.31
N GLY A 120 8.35 8.04 3.48
CA GLY A 120 9.40 9.07 3.76
C GLY A 120 10.77 8.39 3.82
N MET A 121 10.83 7.19 4.35
CA MET A 121 12.13 6.48 4.43
C MET A 121 12.63 6.17 3.03
N PHE A 122 11.75 5.83 2.12
CA PHE A 122 12.18 5.51 0.73
C PHE A 122 12.72 6.79 0.07
N ALA A 123 12.21 7.92 0.44
CA ALA A 123 12.70 9.19 -0.17
C ALA A 123 14.20 9.36 0.13
N GLN A 124 14.63 8.94 1.29
CA GLN A 124 16.06 9.08 1.64
C GLN A 124 16.88 8.10 0.81
N ALA A 125 16.35 6.93 0.54
CA ALA A 125 17.10 5.94 -0.26
C ALA A 125 17.36 6.50 -1.66
N SER A 126 16.50 7.36 -2.13
CA SER A 126 16.70 7.95 -3.49
C SER A 126 17.98 8.78 -3.51
N ALA A 127 18.34 9.34 -2.38
CA ALA A 127 19.58 10.17 -2.33
C ALA A 127 20.80 9.28 -2.55
N ASN A 128 20.65 7.99 -2.40
CA ASN A 128 21.80 7.07 -2.59
C ASN A 128 22.28 7.14 -4.05
N ASP A 129 21.39 7.39 -4.95
CA ASP A 129 21.79 7.47 -6.39
C ASP A 129 22.60 8.74 -6.61
N VAL A 130 22.56 9.66 -5.68
CA VAL A 130 23.33 10.92 -5.86
C VAL A 130 24.82 10.59 -6.03
N TYR A 131 25.24 9.47 -5.53
CA TYR A 131 26.67 9.08 -5.66
C TYR A 131 26.90 7.75 -4.92
N ALA A 132 28.13 7.33 -4.80
CA ALA A 132 28.42 6.05 -4.10
C ALA A 132 28.80 6.34 -2.65
N SER A 133 28.13 5.73 -1.71
CA SER A 133 28.45 5.97 -0.28
C SER A 133 29.96 5.91 -0.08
N ALA A 134 30.63 5.02 -0.77
CA ALA A 134 32.10 4.91 -0.62
C ALA A 134 32.76 6.25 -1.00
N GLY A 135 32.20 6.94 -1.95
CA GLY A 135 32.77 8.24 -2.37
C GLY A 135 33.95 8.00 -3.33
N SER A 136 34.75 9.00 -3.57
CA SER A 136 35.90 8.82 -4.49
C SER A 136 36.83 7.73 -3.95
N GLY A 137 36.85 7.54 -2.66
CA GLY A 137 37.73 6.49 -2.08
C GLY A 137 38.53 7.09 -0.92
N GLY A 1 -19.26 -4.30 15.11
CA GLY A 1 -18.58 -5.03 14.00
C GLY A 1 -19.37 -4.83 12.71
N MET A 2 -18.84 -4.05 11.80
CA MET A 2 -19.56 -3.82 10.51
C MET A 2 -18.66 -4.23 9.35
N GLY A 3 -19.24 -4.61 8.24
CA GLY A 3 -18.41 -5.03 7.07
C GLY A 3 -18.12 -6.52 7.16
N GLN A 4 -17.43 -7.06 6.19
CA GLN A 4 -17.11 -8.51 6.23
C GLN A 4 -16.17 -8.80 7.39
N ALA A 5 -15.48 -7.80 7.87
CA ALA A 5 -14.54 -8.03 9.01
C ALA A 5 -14.19 -6.67 9.64
N ASN A 6 -13.49 -6.69 10.75
CA ASN A 6 -13.12 -5.42 11.41
C ASN A 6 -12.18 -4.63 10.51
N THR A 7 -11.61 -5.26 9.53
CA THR A 7 -10.67 -4.55 8.61
C THR A 7 -10.64 -5.26 7.26
N PRO A 8 -10.25 -4.55 6.18
CA PRO A 8 -10.20 -5.13 4.83
C PRO A 8 -9.08 -6.16 4.69
N TRP A 9 -7.97 -5.98 5.35
CA TRP A 9 -6.86 -6.97 5.21
C TRP A 9 -7.09 -8.15 6.16
N SER A 10 -8.19 -8.15 6.88
CA SER A 10 -8.46 -9.29 7.81
C SER A 10 -9.28 -10.34 7.05
N SER A 11 -10.04 -9.92 6.09
CA SER A 11 -10.86 -10.90 5.31
C SER A 11 -10.20 -11.13 3.95
N LYS A 12 -10.44 -12.26 3.35
CA LYS A 12 -9.82 -12.54 2.02
C LYS A 12 -10.52 -11.72 0.94
N ALA A 13 -11.82 -11.55 1.04
CA ALA A 13 -12.55 -10.77 0.02
C ALA A 13 -12.45 -9.27 0.35
N ASN A 14 -12.45 -8.94 1.61
CA ASN A 14 -12.36 -7.50 2.00
C ASN A 14 -10.95 -6.97 1.70
N ALA A 15 -9.96 -7.83 1.76
CA ALA A 15 -8.57 -7.38 1.48
C ALA A 15 -8.39 -7.10 -0.01
N ASP A 16 -8.87 -7.98 -0.85
CA ASP A 16 -8.72 -7.78 -2.31
C ASP A 16 -9.33 -6.43 -2.71
N ALA A 17 -10.57 -6.19 -2.37
CA ALA A 17 -11.21 -4.90 -2.74
C ALA A 17 -10.32 -3.73 -2.30
N PHE A 18 -9.79 -3.80 -1.11
CA PHE A 18 -8.92 -2.68 -0.63
C PHE A 18 -7.75 -2.49 -1.60
N ILE A 19 -7.22 -3.56 -2.13
CA ILE A 19 -6.08 -3.43 -3.08
C ILE A 19 -6.56 -2.82 -4.39
N ASN A 20 -7.69 -3.25 -4.87
CA ASN A 20 -8.21 -2.70 -6.16
C ASN A 20 -8.56 -1.21 -6.00
N SER A 21 -9.28 -0.86 -4.96
CA SER A 21 -9.65 0.56 -4.75
C SER A 21 -8.38 1.40 -4.55
N PHE A 22 -7.35 0.83 -3.98
CA PHE A 22 -6.10 1.62 -3.75
C PHE A 22 -5.49 2.04 -5.08
N ILE A 23 -5.29 1.10 -5.98
CA ILE A 23 -4.68 1.45 -7.29
C ILE A 23 -5.54 2.49 -8.01
N SER A 24 -6.79 2.19 -8.22
CA SER A 24 -7.67 3.17 -8.94
C SER A 24 -7.83 4.44 -8.10
N ALA A 25 -7.74 4.34 -6.80
CA ALA A 25 -7.88 5.54 -5.94
C ALA A 25 -6.58 6.36 -5.95
N ALA A 26 -5.46 5.72 -5.86
CA ALA A 26 -4.17 6.47 -5.86
C ALA A 26 -3.85 6.99 -7.26
N SER A 27 -4.28 6.29 -8.28
CA SER A 27 -3.99 6.74 -9.66
C SER A 27 -4.64 8.10 -9.94
N ASN A 28 -5.72 8.39 -9.26
CA ASN A 28 -6.42 9.70 -9.50
C ASN A 28 -6.18 10.66 -8.34
N THR A 29 -5.32 10.30 -7.41
CA THR A 29 -5.07 11.21 -6.25
C THR A 29 -3.89 12.13 -6.55
N GLY A 30 -2.69 11.64 -6.44
CA GLY A 30 -1.51 12.49 -6.71
C GLY A 30 -1.24 12.58 -8.22
N SER A 31 -0.25 11.88 -8.70
CA SER A 31 0.05 11.91 -10.15
C SER A 31 0.21 10.49 -10.67
N PHE A 32 1.17 9.76 -10.17
CA PHE A 32 1.37 8.36 -10.65
C PHE A 32 1.25 8.32 -12.17
N SER A 33 2.32 8.56 -12.88
CA SER A 33 2.24 8.54 -14.37
C SER A 33 1.79 7.16 -14.83
N GLN A 34 1.30 7.06 -16.04
CA GLN A 34 0.83 5.75 -16.56
C GLN A 34 1.95 4.72 -16.37
N ASP A 35 3.18 5.13 -16.53
CA ASP A 35 4.30 4.18 -16.36
C ASP A 35 4.37 3.70 -14.91
N GLN A 36 4.06 4.57 -13.98
CA GLN A 36 4.08 4.17 -12.55
C GLN A 36 2.88 3.28 -12.26
N MET A 37 1.79 3.49 -12.93
CA MET A 37 0.59 2.65 -12.71
C MET A 37 0.90 1.20 -13.10
N GLU A 38 1.77 1.03 -14.07
CA GLU A 38 2.12 -0.36 -14.49
C GLU A 38 2.66 -1.12 -13.28
N ASN A 39 3.52 -0.51 -12.52
CA ASN A 39 4.08 -1.21 -11.33
C ASN A 39 2.93 -1.67 -10.42
N MET A 40 1.94 -0.85 -10.26
CA MET A 40 0.78 -1.24 -9.41
C MET A 40 0.09 -2.46 -10.02
N SER A 41 0.11 -2.56 -11.32
CA SER A 41 -0.54 -3.73 -11.99
C SER A 41 0.28 -4.99 -11.70
N LEU A 42 1.54 -4.83 -11.39
CA LEU A 42 2.40 -6.02 -11.11
C LEU A 42 2.32 -6.35 -9.62
N ILE A 43 2.04 -5.39 -8.79
CA ILE A 43 1.96 -5.65 -7.32
C ILE A 43 0.61 -5.21 -6.79
N GLY A 44 0.11 -5.86 -5.78
CA GLY A 44 -1.22 -5.47 -5.23
C GLY A 44 -2.25 -6.50 -5.67
N ASN A 45 -2.75 -6.37 -6.88
CA ASN A 45 -3.74 -7.37 -7.38
C ASN A 45 -3.08 -8.75 -7.41
N THR A 46 -1.78 -8.78 -7.61
CA THR A 46 -1.07 -10.09 -7.65
C THR A 46 -1.18 -10.75 -6.27
N LEU A 47 -1.16 -9.97 -5.23
CA LEU A 47 -1.26 -10.55 -3.87
C LEU A 47 -2.52 -11.43 -3.79
N MET A 48 -3.57 -11.03 -4.45
CA MET A 48 -4.82 -11.84 -4.41
C MET A 48 -4.49 -13.29 -4.79
N ALA A 49 -3.64 -13.47 -5.76
CA ALA A 49 -3.26 -14.86 -6.15
C ALA A 49 -2.62 -15.56 -4.96
N ALA A 50 -1.85 -14.83 -4.19
CA ALA A 50 -1.20 -15.44 -3.00
C ALA A 50 -2.28 -15.92 -2.04
N MET A 51 -3.46 -15.34 -2.12
CA MET A 51 -4.56 -15.77 -1.22
C MET A 51 -4.78 -17.27 -1.35
N ASP A 52 -4.51 -17.83 -2.50
CA ASP A 52 -4.70 -19.29 -2.67
C ASP A 52 -3.56 -20.05 -1.98
N ASN A 53 -2.56 -19.36 -1.53
CA ASN A 53 -1.41 -20.03 -0.86
C ASN A 53 -1.84 -20.53 0.52
N MET A 54 -2.67 -19.79 1.21
CA MET A 54 -3.11 -20.22 2.57
C MET A 54 -3.76 -21.60 2.48
N GLY A 55 -4.17 -22.01 1.31
CA GLY A 55 -4.83 -23.35 1.17
C GLY A 55 -6.34 -23.19 1.42
N GLY A 56 -6.79 -21.98 1.62
CA GLY A 56 -8.25 -21.76 1.86
C GLY A 56 -8.47 -21.27 3.29
N ARG A 57 -7.43 -21.15 4.07
CA ARG A 57 -7.60 -20.67 5.47
C ARG A 57 -6.89 -19.32 5.65
N ILE A 58 -7.63 -18.26 5.84
CA ILE A 58 -6.99 -16.93 6.03
C ILE A 58 -6.98 -16.58 7.52
N THR A 59 -5.94 -15.93 7.98
CA THR A 59 -5.89 -15.55 9.42
C THR A 59 -5.28 -14.15 9.54
N PRO A 60 -5.48 -13.50 10.69
CA PRO A 60 -4.96 -12.15 10.95
C PRO A 60 -3.43 -12.15 11.05
N SER A 61 -2.85 -13.22 11.50
CA SER A 61 -1.36 -13.27 11.61
C SER A 61 -0.75 -13.37 10.22
N LYS A 62 -1.40 -14.06 9.33
CA LYS A 62 -0.85 -14.19 7.95
C LYS A 62 -1.19 -12.93 7.13
N LEU A 63 -2.41 -12.49 7.20
CA LEU A 63 -2.81 -11.28 6.43
C LEU A 63 -2.11 -10.04 7.03
N GLN A 64 -1.99 -9.99 8.32
CA GLN A 64 -1.32 -8.82 8.95
C GLN A 64 0.07 -8.64 8.32
N ALA A 65 0.76 -9.73 8.07
CA ALA A 65 2.10 -9.62 7.45
C ALA A 65 1.95 -9.21 5.99
N LEU A 66 0.93 -9.70 5.32
CA LEU A 66 0.71 -9.33 3.89
C LEU A 66 0.19 -7.90 3.80
N ASP A 67 -0.81 -7.58 4.59
CA ASP A 67 -1.37 -6.19 4.54
C ASP A 67 -0.23 -5.18 4.61
N MET A 68 0.78 -5.45 5.38
CA MET A 68 1.92 -4.49 5.49
C MET A 68 2.74 -4.52 4.20
N ALA A 69 2.82 -5.66 3.56
CA ALA A 69 3.61 -5.75 2.30
C ALA A 69 2.98 -4.85 1.23
N PHE A 70 1.69 -4.91 1.08
CA PHE A 70 1.02 -4.06 0.06
C PHE A 70 1.43 -2.59 0.25
N ALA A 71 1.59 -2.17 1.47
CA ALA A 71 2.00 -0.76 1.73
C ALA A 71 3.44 -0.55 1.28
N SER A 72 4.28 -1.53 1.45
CA SER A 72 5.71 -1.38 1.04
C SER A 72 5.80 -1.32 -0.49
N SER A 73 4.96 -2.04 -1.18
CA SER A 73 5.01 -2.02 -2.66
C SER A 73 4.52 -0.67 -3.18
N VAL A 74 3.40 -0.22 -2.70
CA VAL A 74 2.86 1.09 -3.16
C VAL A 74 3.87 2.19 -2.86
N ALA A 75 4.59 2.08 -1.77
CA ALA A 75 5.59 3.12 -1.43
C ALA A 75 6.74 3.08 -2.45
N GLN A 76 7.19 1.90 -2.79
CA GLN A 76 8.31 1.81 -3.78
C GLN A 76 7.83 2.31 -5.14
N ILE A 77 6.67 1.90 -5.57
CA ILE A 77 6.15 2.36 -6.88
C ILE A 77 6.15 3.89 -6.94
N ALA A 78 5.57 4.51 -5.95
CA ALA A 78 5.52 6.00 -5.94
C ALA A 78 6.87 6.56 -5.50
N ALA A 79 7.41 6.06 -4.42
CA ALA A 79 8.72 6.56 -3.93
C ALA A 79 9.77 6.38 -5.03
N SER A 80 9.56 5.45 -5.92
CA SER A 80 10.53 5.22 -7.02
C SER A 80 10.32 6.26 -8.12
N GLN A 81 9.16 6.87 -8.16
CA GLN A 81 8.89 7.88 -9.21
C GLN A 81 10.00 8.94 -9.21
N GLY A 82 10.58 9.19 -8.07
CA GLY A 82 11.67 10.21 -7.99
C GLY A 82 11.06 11.60 -7.94
N GLY A 83 9.80 11.70 -7.59
CA GLY A 83 9.14 13.03 -7.52
C GLY A 83 9.01 13.45 -6.05
N ASP A 84 8.20 14.44 -5.78
CA ASP A 84 8.02 14.89 -4.36
C ASP A 84 7.50 13.72 -3.52
N LEU A 85 8.06 13.53 -2.36
CA LEU A 85 7.60 12.42 -1.49
C LEU A 85 6.37 12.85 -0.68
N GLY A 86 6.15 14.14 -0.56
CA GLY A 86 4.98 14.62 0.21
C GLY A 86 3.69 14.33 -0.56
N VAL A 87 3.73 14.40 -1.86
CA VAL A 87 2.50 14.13 -2.66
C VAL A 87 2.15 12.64 -2.56
N THR A 88 3.11 11.77 -2.73
CA THR A 88 2.81 10.32 -2.64
C THR A 88 2.07 10.06 -1.34
N THR A 89 2.41 10.77 -0.30
CA THR A 89 1.70 10.56 0.99
C THR A 89 0.22 10.77 0.76
N ASN A 90 -0.13 11.83 0.06
CA ASN A 90 -1.57 12.08 -0.22
C ASN A 90 -2.06 11.05 -1.24
N ALA A 91 -1.25 10.74 -2.22
CA ALA A 91 -1.65 9.74 -3.25
C ALA A 91 -1.83 8.38 -2.59
N ILE A 92 -0.79 7.87 -1.98
CA ILE A 92 -0.90 6.54 -1.32
C ILE A 92 -1.92 6.61 -0.18
N ALA A 93 -1.82 7.58 0.67
CA ALA A 93 -2.78 7.71 1.81
C ALA A 93 -4.20 7.86 1.27
N ASP A 94 -4.41 8.76 0.36
CA ASP A 94 -5.78 8.96 -0.19
C ASP A 94 -6.32 7.64 -0.73
N ALA A 95 -5.51 6.90 -1.45
CA ALA A 95 -5.98 5.60 -2.00
C ALA A 95 -6.37 4.67 -0.86
N LEU A 96 -5.57 4.62 0.17
CA LEU A 96 -5.89 3.73 1.32
C LEU A 96 -7.10 4.29 2.07
N THR A 97 -7.18 5.59 2.21
CA THR A 97 -8.32 6.19 2.94
C THR A 97 -9.64 5.85 2.24
N SER A 98 -9.72 6.08 0.96
CA SER A 98 -10.98 5.77 0.22
C SER A 98 -11.29 4.27 0.34
N ALA A 99 -10.31 3.43 0.10
CA ALA A 99 -10.55 1.97 0.17
C ALA A 99 -11.03 1.59 1.58
N PHE A 100 -10.45 2.16 2.60
CA PHE A 100 -10.88 1.81 3.98
C PHE A 100 -12.41 1.86 4.05
N TYR A 101 -12.99 2.94 3.65
CA TYR A 101 -14.47 3.07 3.69
C TYR A 101 -15.10 2.18 2.60
N GLN A 102 -14.43 2.02 1.50
CA GLN A 102 -14.98 1.19 0.40
C GLN A 102 -14.80 -0.30 0.73
N THR A 103 -13.91 -0.62 1.64
CA THR A 103 -13.68 -2.06 1.95
C THR A 103 -14.30 -2.44 3.31
N THR A 104 -13.91 -1.79 4.37
CA THR A 104 -14.48 -2.16 5.70
C THR A 104 -15.06 -0.94 6.40
N GLY A 105 -14.38 0.17 6.36
CA GLY A 105 -14.91 1.39 7.04
C GLY A 105 -14.12 1.64 8.32
N VAL A 106 -12.82 1.61 8.23
CA VAL A 106 -12.00 1.84 9.45
C VAL A 106 -11.26 3.18 9.29
N VAL A 107 -10.60 3.61 10.33
CA VAL A 107 -9.86 4.90 10.24
C VAL A 107 -8.61 4.71 9.38
N ASN A 108 -8.49 5.45 8.32
CA ASN A 108 -7.30 5.32 7.44
C ASN A 108 -6.06 5.90 8.14
N SER A 109 -6.26 6.86 8.99
CA SER A 109 -5.11 7.49 9.69
C SER A 109 -4.32 6.44 10.48
N ARG A 110 -4.97 5.41 10.96
CA ARG A 110 -4.23 4.37 11.75
C ARG A 110 -3.32 3.56 10.82
N PHE A 111 -3.86 2.99 9.79
CA PHE A 111 -3.03 2.19 8.85
C PHE A 111 -2.19 3.13 7.97
N ILE A 112 -2.81 4.12 7.39
CA ILE A 112 -2.06 5.06 6.50
C ILE A 112 -0.90 5.69 7.28
N SER A 113 -1.09 5.98 8.54
CA SER A 113 0.01 6.59 9.34
C SER A 113 1.25 5.68 9.26
N GLU A 114 1.06 4.40 9.33
CA GLU A 114 2.22 3.47 9.26
C GLU A 114 2.78 3.45 7.84
N ILE A 115 1.93 3.48 6.86
CA ILE A 115 2.42 3.46 5.45
C ILE A 115 3.08 4.80 5.12
N ARG A 116 2.48 5.89 5.53
CA ARG A 116 3.07 7.22 5.26
C ARG A 116 4.51 7.26 5.78
N SER A 117 4.75 6.65 6.90
CA SER A 117 6.14 6.65 7.46
C SER A 117 7.04 5.74 6.63
N LEU A 118 6.50 4.67 6.10
CA LEU A 118 7.33 3.74 5.29
C LEU A 118 7.74 4.41 3.97
N ILE A 119 6.86 5.16 3.39
CA ILE A 119 7.20 5.83 2.09
C ILE A 119 8.43 6.72 2.29
N GLY A 120 8.55 7.34 3.44
CA GLY A 120 9.73 8.22 3.68
C GLY A 120 10.99 7.37 3.82
N MET A 121 10.86 6.19 4.39
CA MET A 121 12.06 5.32 4.55
C MET A 121 12.59 4.91 3.18
N PHE A 122 11.71 4.64 2.25
CA PHE A 122 12.17 4.24 0.89
C PHE A 122 12.93 5.39 0.24
N ALA A 123 12.44 6.59 0.38
CA ALA A 123 13.14 7.76 -0.24
C ALA A 123 14.53 7.91 0.40
N GLN A 124 14.67 7.52 1.64
CA GLN A 124 16.00 7.63 2.31
C GLN A 124 16.97 6.61 1.71
N ALA A 125 16.46 5.49 1.28
CA ALA A 125 17.34 4.45 0.69
C ALA A 125 18.06 5.03 -0.55
N SER A 126 17.38 5.83 -1.31
CA SER A 126 18.02 6.42 -2.52
C SER A 126 19.21 7.29 -2.09
N ALA A 127 19.17 7.81 -0.90
CA ALA A 127 20.31 8.67 -0.42
C ALA A 127 21.55 7.80 -0.22
N ASN A 128 21.37 6.54 0.05
CA ASN A 128 22.53 5.63 0.26
C ASN A 128 23.43 5.67 -0.99
N ASP A 129 22.91 6.12 -2.09
CA ASP A 129 23.73 6.18 -3.34
C ASP A 129 24.81 7.25 -3.18
N VAL A 130 24.44 8.42 -2.77
CA VAL A 130 25.44 9.51 -2.59
C VAL A 130 26.47 9.09 -1.54
N TYR A 131 26.05 8.30 -0.59
CA TYR A 131 27.00 7.84 0.48
C TYR A 131 26.24 6.97 1.48
N ALA A 132 26.92 6.45 2.47
CA ALA A 132 26.23 5.59 3.47
C ALA A 132 25.37 6.45 4.39
N SER A 133 24.09 6.20 4.42
CA SER A 133 23.19 7.00 5.30
C SER A 133 23.02 6.29 6.65
N ALA A 134 22.66 7.01 7.67
CA ALA A 134 22.48 6.38 9.01
C ALA A 134 21.25 5.47 8.97
N GLY A 135 20.20 5.90 8.32
CA GLY A 135 18.98 5.06 8.25
C GLY A 135 18.15 5.25 9.53
N SER A 136 17.32 4.30 9.86
CA SER A 136 16.49 4.42 11.08
C SER A 136 16.83 3.29 12.05
N GLY A 137 16.74 3.53 13.33
CA GLY A 137 17.07 2.46 14.31
C GLY A 137 16.26 2.68 15.60
N GLY A 1 -24.85 -4.84 16.98
CA GLY A 1 -23.98 -5.98 16.60
C GLY A 1 -22.79 -5.48 15.80
N MET A 2 -21.95 -6.38 15.34
CA MET A 2 -20.77 -5.94 14.55
C MET A 2 -20.78 -6.63 13.18
N GLY A 3 -20.04 -6.11 12.24
CA GLY A 3 -20.03 -6.74 10.89
C GLY A 3 -18.88 -7.75 10.80
N GLN A 4 -18.66 -8.31 9.64
CA GLN A 4 -17.56 -9.31 9.49
C GLN A 4 -16.31 -8.63 8.95
N ALA A 5 -15.17 -9.19 9.20
CA ALA A 5 -13.90 -8.58 8.69
C ALA A 5 -13.94 -7.06 8.90
N ASN A 6 -13.63 -6.61 10.08
CA ASN A 6 -13.66 -5.14 10.35
C ASN A 6 -12.61 -4.45 9.48
N THR A 7 -11.70 -5.21 8.91
CA THR A 7 -10.65 -4.59 8.05
C THR A 7 -10.47 -5.44 6.78
N PRO A 8 -10.07 -4.81 5.67
CA PRO A 8 -9.88 -5.51 4.40
C PRO A 8 -8.71 -6.51 4.44
N TRP A 9 -7.70 -6.25 5.23
CA TRP A 9 -6.55 -7.21 5.27
C TRP A 9 -6.88 -8.38 6.20
N SER A 10 -8.04 -8.37 6.81
CA SER A 10 -8.41 -9.51 7.71
C SER A 10 -9.11 -10.59 6.87
N SER A 11 -9.54 -10.24 5.69
CA SER A 11 -10.22 -11.24 4.82
C SER A 11 -9.77 -11.04 3.37
N LYS A 12 -9.73 -12.10 2.60
CA LYS A 12 -9.29 -11.96 1.18
C LYS A 12 -10.35 -11.19 0.39
N ALA A 13 -11.60 -11.44 0.66
CA ALA A 13 -12.67 -10.72 -0.08
C ALA A 13 -12.57 -9.22 0.16
N ASN A 14 -12.48 -8.82 1.40
CA ASN A 14 -12.38 -7.37 1.70
C ASN A 14 -10.99 -6.84 1.32
N ALA A 15 -9.98 -7.67 1.44
CA ALA A 15 -8.60 -7.22 1.10
C ALA A 15 -8.50 -6.96 -0.40
N ASP A 16 -8.94 -7.89 -1.20
CA ASP A 16 -8.87 -7.72 -2.68
C ASP A 16 -9.55 -6.41 -3.09
N ALA A 17 -10.79 -6.23 -2.73
CA ALA A 17 -11.49 -4.97 -3.11
C ALA A 17 -10.75 -3.79 -2.52
N PHE A 18 -10.17 -3.94 -1.37
CA PHE A 18 -9.41 -2.83 -0.74
C PHE A 18 -8.17 -2.52 -1.58
N ILE A 19 -7.55 -3.53 -2.12
CA ILE A 19 -6.33 -3.31 -2.93
C ILE A 19 -6.72 -2.72 -4.29
N ASN A 20 -7.81 -3.18 -4.86
CA ASN A 20 -8.23 -2.66 -6.19
C ASN A 20 -8.67 -1.20 -6.06
N SER A 21 -9.53 -0.92 -5.12
CA SER A 21 -10.01 0.48 -4.94
C SER A 21 -8.82 1.40 -4.64
N PHE A 22 -7.84 0.91 -3.96
CA PHE A 22 -6.66 1.76 -3.62
C PHE A 22 -5.93 2.16 -4.92
N ILE A 23 -5.88 1.29 -5.88
CA ILE A 23 -5.18 1.61 -7.15
C ILE A 23 -5.98 2.65 -7.95
N SER A 24 -7.21 2.36 -8.25
CA SER A 24 -8.03 3.32 -9.04
C SER A 24 -8.14 4.65 -8.28
N ALA A 25 -8.10 4.62 -6.98
CA ALA A 25 -8.21 5.89 -6.21
C ALA A 25 -6.87 6.63 -6.21
N ALA A 26 -5.79 5.92 -6.02
CA ALA A 26 -4.46 6.60 -5.99
C ALA A 26 -4.09 7.08 -7.40
N SER A 27 -4.45 6.36 -8.42
CA SER A 27 -4.10 6.78 -9.79
C SER A 27 -4.74 8.14 -10.11
N ASN A 28 -5.83 8.47 -9.48
CA ASN A 28 -6.49 9.77 -9.76
C ASN A 28 -6.25 10.75 -8.60
N THR A 29 -5.43 10.39 -7.66
CA THR A 29 -5.19 11.32 -6.51
C THR A 29 -3.97 12.22 -6.81
N GLY A 30 -2.79 11.70 -6.67
CA GLY A 30 -1.58 12.52 -6.93
C GLY A 30 -1.28 12.55 -8.43
N SER A 31 -0.29 11.82 -8.85
CA SER A 31 0.05 11.79 -10.30
C SER A 31 0.18 10.35 -10.77
N PHE A 32 1.10 9.61 -10.21
CA PHE A 32 1.27 8.19 -10.63
C PHE A 32 1.21 8.12 -12.15
N SER A 33 2.31 8.37 -12.81
CA SER A 33 2.32 8.32 -14.30
C SER A 33 1.93 6.91 -14.77
N GLN A 34 1.64 6.75 -16.02
CA GLN A 34 1.25 5.40 -16.54
C GLN A 34 2.32 4.39 -16.14
N ASP A 35 3.56 4.73 -16.27
CA ASP A 35 4.65 3.78 -15.88
C ASP A 35 4.46 3.37 -14.43
N GLN A 36 4.02 4.27 -13.59
CA GLN A 36 3.80 3.93 -12.16
C GLN A 36 2.51 3.12 -12.03
N MET A 37 1.52 3.42 -12.82
CA MET A 37 0.25 2.67 -12.74
C MET A 37 0.49 1.21 -13.12
N GLU A 38 1.32 0.97 -14.10
CA GLU A 38 1.61 -0.43 -14.50
C GLU A 38 2.16 -1.19 -13.29
N ASN A 39 3.04 -0.59 -12.54
CA ASN A 39 3.60 -1.27 -11.34
C ASN A 39 2.46 -1.68 -10.42
N MET A 40 1.48 -0.83 -10.27
CA MET A 40 0.33 -1.16 -9.38
C MET A 40 -0.31 -2.46 -9.88
N SER A 41 -0.28 -2.69 -11.16
CA SER A 41 -0.89 -3.93 -11.71
C SER A 41 -0.04 -5.13 -11.31
N LEU A 42 1.22 -4.91 -11.03
CA LEU A 42 2.10 -6.04 -10.63
C LEU A 42 2.09 -6.17 -9.10
N ILE A 43 1.65 -5.15 -8.42
CA ILE A 43 1.60 -5.20 -6.94
C ILE A 43 0.15 -5.03 -6.48
N GLY A 44 -0.13 -5.31 -5.23
CA GLY A 44 -1.52 -5.17 -4.73
C GLY A 44 -2.40 -6.22 -5.39
N ASN A 45 -2.85 -5.96 -6.59
CA ASN A 45 -3.71 -6.95 -7.29
C ASN A 45 -2.99 -8.31 -7.32
N THR A 46 -1.70 -8.29 -7.56
CA THR A 46 -0.93 -9.56 -7.60
C THR A 46 -1.06 -10.26 -6.25
N LEU A 47 -1.10 -9.49 -5.19
CA LEU A 47 -1.23 -10.10 -3.83
C LEU A 47 -2.47 -11.01 -3.80
N MET A 48 -3.51 -10.62 -4.47
CA MET A 48 -4.74 -11.46 -4.48
C MET A 48 -4.38 -12.88 -4.90
N ALA A 49 -3.56 -13.02 -5.90
CA ALA A 49 -3.16 -14.39 -6.34
C ALA A 49 -2.46 -15.10 -5.18
N ALA A 50 -1.71 -14.35 -4.41
CA ALA A 50 -1.00 -14.97 -3.25
C ALA A 50 -2.05 -15.52 -2.28
N MET A 51 -3.25 -14.99 -2.32
CA MET A 51 -4.31 -15.48 -1.41
C MET A 51 -4.45 -17.00 -1.56
N ASP A 52 -4.23 -17.50 -2.75
CA ASP A 52 -4.34 -18.97 -2.96
C ASP A 52 -3.12 -19.66 -2.36
N ASN A 53 -2.15 -18.90 -1.93
CA ASN A 53 -0.92 -19.51 -1.33
C ASN A 53 -1.26 -20.12 0.03
N MET A 54 -2.20 -19.54 0.74
CA MET A 54 -2.56 -20.11 2.07
C MET A 54 -3.11 -21.52 1.90
N GLY A 55 -3.46 -21.89 0.68
CA GLY A 55 -4.00 -23.25 0.46
C GLY A 55 -5.52 -23.25 0.75
N GLY A 56 -6.01 -22.20 1.35
CA GLY A 56 -7.46 -22.14 1.66
C GLY A 56 -7.66 -21.76 3.13
N ARG A 57 -6.59 -21.54 3.85
CA ARG A 57 -6.73 -21.16 5.28
C ARG A 57 -6.15 -19.75 5.51
N ILE A 58 -6.99 -18.81 5.83
CA ILE A 58 -6.50 -17.43 6.09
C ILE A 58 -6.49 -17.16 7.59
N THR A 59 -5.56 -16.37 8.05
CA THR A 59 -5.51 -16.06 9.50
C THR A 59 -5.00 -14.63 9.73
N PRO A 60 -5.18 -14.12 10.95
CA PRO A 60 -4.75 -12.77 11.31
C PRO A 60 -3.22 -12.64 11.38
N SER A 61 -2.57 -13.66 11.86
CA SER A 61 -1.08 -13.61 11.96
C SER A 61 -0.46 -13.66 10.56
N LYS A 62 -1.06 -14.39 9.65
CA LYS A 62 -0.50 -14.48 8.28
C LYS A 62 -0.92 -13.24 7.47
N LEU A 63 -2.17 -12.89 7.50
CA LEU A 63 -2.64 -11.71 6.73
C LEU A 63 -2.04 -10.43 7.33
N GLN A 64 -2.00 -10.33 8.64
CA GLN A 64 -1.43 -9.12 9.26
C GLN A 64 -0.02 -8.88 8.72
N ALA A 65 0.72 -9.94 8.51
CA ALA A 65 2.09 -9.78 7.96
C ALA A 65 1.99 -9.39 6.49
N LEU A 66 1.00 -9.89 5.80
CA LEU A 66 0.82 -9.55 4.36
C LEU A 66 0.28 -8.12 4.25
N ASP A 67 -0.68 -7.78 5.07
CA ASP A 67 -1.25 -6.41 5.01
C ASP A 67 -0.12 -5.38 4.98
N MET A 68 0.92 -5.60 5.76
CA MET A 68 2.05 -4.64 5.78
C MET A 68 2.78 -4.66 4.43
N ALA A 69 2.79 -5.79 3.77
CA ALA A 69 3.49 -5.87 2.45
C ALA A 69 2.76 -4.97 1.44
N PHE A 70 1.46 -5.03 1.41
CA PHE A 70 0.69 -4.20 0.45
C PHE A 70 1.09 -2.73 0.62
N ALA A 71 1.18 -2.26 1.84
CA ALA A 71 1.55 -0.84 2.07
C ALA A 71 3.02 -0.62 1.71
N SER A 72 3.87 -1.57 2.01
CA SER A 72 5.32 -1.41 1.69
C SER A 72 5.53 -1.47 0.17
N SER A 73 4.78 -2.30 -0.51
CA SER A 73 4.95 -2.40 -1.98
C SER A 73 4.43 -1.13 -2.66
N VAL A 74 3.29 -0.65 -2.26
CA VAL A 74 2.74 0.59 -2.88
C VAL A 74 3.67 1.76 -2.60
N ALA A 75 4.28 1.79 -1.45
CA ALA A 75 5.20 2.92 -1.12
C ALA A 75 6.40 2.90 -2.05
N GLN A 76 6.91 1.75 -2.37
CA GLN A 76 8.08 1.67 -3.29
C GLN A 76 7.67 2.10 -4.70
N ILE A 77 6.56 1.62 -5.17
CA ILE A 77 6.11 2.00 -6.54
C ILE A 77 6.07 3.53 -6.66
N ALA A 78 5.48 4.18 -5.71
CA ALA A 78 5.39 5.67 -5.76
C ALA A 78 6.73 6.29 -5.33
N ALA A 79 7.27 5.86 -4.23
CA ALA A 79 8.57 6.43 -3.76
C ALA A 79 9.63 6.22 -4.84
N SER A 80 9.47 5.22 -5.67
CA SER A 80 10.46 4.97 -6.75
C SER A 80 10.21 5.94 -7.90
N GLN A 81 9.03 6.48 -7.98
CA GLN A 81 8.72 7.44 -9.09
C GLN A 81 9.87 8.42 -9.25
N GLY A 82 10.45 8.86 -8.16
CA GLY A 82 11.58 9.82 -8.27
C GLY A 82 11.06 11.26 -8.20
N GLY A 83 9.79 11.41 -7.93
CA GLY A 83 9.20 12.79 -7.86
C GLY A 83 9.04 13.19 -6.41
N ASP A 84 8.21 14.16 -6.13
CA ASP A 84 8.00 14.60 -4.72
C ASP A 84 7.39 13.46 -3.91
N LEU A 85 8.18 12.72 -3.20
CA LEU A 85 7.65 11.58 -2.39
C LEU A 85 6.61 12.12 -1.39
N GLY A 86 6.60 13.41 -1.17
CA GLY A 86 5.61 13.98 -0.22
C GLY A 86 4.20 13.85 -0.78
N VAL A 87 4.05 13.97 -2.07
CA VAL A 87 2.70 13.86 -2.69
C VAL A 87 2.23 12.41 -2.60
N THR A 88 3.12 11.47 -2.75
CA THR A 88 2.69 10.04 -2.67
C THR A 88 1.89 9.85 -1.40
N THR A 89 2.22 10.57 -0.36
CA THR A 89 1.46 10.44 0.91
C THR A 89 -0.01 10.75 0.61
N ASN A 90 -0.26 11.82 -0.09
CA ASN A 90 -1.66 12.17 -0.43
C ASN A 90 -2.20 11.18 -1.46
N ALA A 91 -1.37 10.78 -2.40
CA ALA A 91 -1.82 9.82 -3.45
C ALA A 91 -2.12 8.46 -2.79
N ILE A 92 -1.18 7.93 -2.08
CA ILE A 92 -1.38 6.60 -1.43
C ILE A 92 -2.40 6.75 -0.28
N ALA A 93 -2.25 7.76 0.53
CA ALA A 93 -3.20 7.95 1.67
C ALA A 93 -4.61 8.21 1.13
N ASP A 94 -4.75 9.08 0.17
CA ASP A 94 -6.10 9.38 -0.37
C ASP A 94 -6.76 8.09 -0.84
N ALA A 95 -6.07 7.30 -1.62
CA ALA A 95 -6.66 6.02 -2.10
C ALA A 95 -6.83 5.08 -0.91
N LEU A 96 -5.93 5.14 0.03
CA LEU A 96 -6.03 4.26 1.23
C LEU A 96 -7.21 4.69 2.09
N THR A 97 -7.39 5.97 2.27
CA THR A 97 -8.52 6.46 3.11
C THR A 97 -9.85 6.11 2.44
N SER A 98 -10.03 6.49 1.21
CA SER A 98 -11.31 6.17 0.51
C SER A 98 -11.53 4.65 0.51
N ALA A 99 -10.50 3.90 0.25
CA ALA A 99 -10.65 2.41 0.25
C ALA A 99 -11.15 1.94 1.61
N PHE A 100 -10.57 2.43 2.67
CA PHE A 100 -11.02 2.00 4.03
C PHE A 100 -12.55 2.06 4.10
N TYR A 101 -13.11 3.20 3.83
CA TYR A 101 -14.59 3.33 3.88
C TYR A 101 -15.23 2.52 2.74
N GLN A 102 -14.54 2.41 1.63
CA GLN A 102 -15.10 1.63 0.50
C GLN A 102 -15.12 0.14 0.83
N THR A 103 -14.35 -0.28 1.81
CA THR A 103 -14.33 -1.74 2.14
C THR A 103 -14.93 -2.00 3.53
N THR A 104 -14.37 -1.42 4.57
CA THR A 104 -14.94 -1.69 5.93
C THR A 104 -15.27 -0.38 6.64
N GLY A 105 -14.41 0.60 6.54
CA GLY A 105 -14.71 1.90 7.21
C GLY A 105 -13.81 2.05 8.44
N VAL A 106 -12.53 1.81 8.29
CA VAL A 106 -11.61 1.97 9.45
C VAL A 106 -10.87 3.30 9.32
N VAL A 107 -10.36 3.81 10.39
CA VAL A 107 -9.64 5.11 10.33
C VAL A 107 -8.46 4.99 9.35
N ASN A 108 -8.44 5.82 8.34
CA ASN A 108 -7.34 5.77 7.36
C ASN A 108 -6.04 6.28 7.99
N SER A 109 -6.15 7.12 8.98
CA SER A 109 -4.94 7.68 9.64
C SER A 109 -4.14 6.57 10.33
N ARG A 110 -4.79 5.55 10.82
CA ARG A 110 -4.03 4.47 11.53
C ARG A 110 -3.13 3.73 10.53
N PHE A 111 -3.68 3.22 9.48
CA PHE A 111 -2.85 2.47 8.49
C PHE A 111 -2.05 3.46 7.64
N ILE A 112 -2.70 4.44 7.08
CA ILE A 112 -1.99 5.44 6.23
C ILE A 112 -0.85 6.08 7.01
N SER A 113 -1.06 6.39 8.27
CA SER A 113 0.03 7.02 9.07
C SER A 113 1.26 6.11 9.02
N GLU A 114 1.07 4.82 9.08
CA GLU A 114 2.23 3.89 9.04
C GLU A 114 2.91 4.00 7.68
N ILE A 115 2.15 3.90 6.62
CA ILE A 115 2.74 4.01 5.26
C ILE A 115 3.45 5.36 5.11
N ARG A 116 2.92 6.37 5.73
CA ARG A 116 3.55 7.72 5.63
C ARG A 116 5.02 7.63 6.04
N SER A 117 5.30 6.98 7.15
CA SER A 117 6.70 6.85 7.60
C SER A 117 7.44 5.84 6.71
N LEU A 118 6.75 4.84 6.25
CA LEU A 118 7.39 3.82 5.37
C LEU A 118 7.80 4.47 4.04
N ILE A 119 6.91 5.24 3.46
CA ILE A 119 7.26 5.89 2.16
C ILE A 119 8.51 6.75 2.34
N GLY A 120 8.62 7.43 3.45
CA GLY A 120 9.82 8.29 3.67
C GLY A 120 11.05 7.40 3.91
N MET A 121 10.87 6.29 4.57
CA MET A 121 12.02 5.39 4.84
C MET A 121 12.66 4.97 3.51
N PHE A 122 11.86 4.68 2.52
CA PHE A 122 12.42 4.26 1.20
C PHE A 122 13.22 5.42 0.60
N ALA A 123 12.87 6.63 0.93
CA ALA A 123 13.61 7.79 0.37
C ALA A 123 15.06 7.78 0.89
N GLN A 124 15.24 7.35 2.11
CA GLN A 124 16.61 7.31 2.68
C GLN A 124 17.43 6.22 1.99
N ALA A 125 16.79 5.14 1.62
CA ALA A 125 17.54 4.03 0.94
C ALA A 125 18.06 4.53 -0.41
N SER A 126 17.40 5.48 -1.00
CA SER A 126 17.86 6.01 -2.32
C SER A 126 19.20 6.72 -2.14
N ALA A 127 19.44 7.26 -0.98
CA ALA A 127 20.74 7.96 -0.74
C ALA A 127 21.89 6.97 -0.86
N ASN A 128 21.62 5.70 -0.68
CA ASN A 128 22.69 4.68 -0.78
C ASN A 128 23.17 4.59 -2.22
N ASP A 129 22.34 4.96 -3.16
CA ASP A 129 22.75 4.90 -4.60
C ASP A 129 23.85 5.91 -4.85
N VAL A 130 23.66 7.13 -4.44
CA VAL A 130 24.71 8.17 -4.65
C VAL A 130 25.98 7.76 -3.92
N TYR A 131 25.85 7.08 -2.82
CA TYR A 131 27.06 6.66 -2.05
C TYR A 131 26.62 5.89 -0.80
N ALA A 132 27.55 5.29 -0.11
CA ALA A 132 27.18 4.51 1.11
C ALA A 132 26.92 5.48 2.26
N SER A 133 25.76 5.42 2.85
CA SER A 133 25.44 6.34 3.98
C SER A 133 26.53 6.23 5.05
N ALA A 134 27.15 5.08 5.16
CA ALA A 134 28.21 4.90 6.19
C ALA A 134 29.34 5.91 5.93
N GLY A 135 30.03 6.31 6.95
CA GLY A 135 31.14 7.29 6.76
C GLY A 135 32.39 6.55 6.31
N SER A 136 33.50 7.24 6.20
CA SER A 136 34.76 6.57 5.77
C SER A 136 35.07 5.40 6.71
N GLY A 137 34.77 5.55 7.97
CA GLY A 137 35.05 4.45 8.93
C GLY A 137 34.78 4.94 10.36
N GLY A 1 -18.71 -7.61 13.09
CA GLY A 1 -18.37 -6.53 12.13
C GLY A 1 -19.49 -6.42 11.08
N MET A 2 -19.94 -5.23 10.81
CA MET A 2 -21.02 -5.05 9.80
C MET A 2 -20.54 -5.54 8.44
N GLY A 3 -19.27 -5.41 8.17
CA GLY A 3 -18.73 -5.88 6.86
C GLY A 3 -18.27 -7.33 6.98
N GLN A 4 -17.67 -7.86 5.95
CA GLN A 4 -17.20 -9.27 6.02
C GLN A 4 -16.03 -9.38 7.00
N ALA A 5 -15.34 -8.30 7.22
CA ALA A 5 -14.18 -8.34 8.17
C ALA A 5 -13.95 -6.94 8.75
N ASN A 6 -13.72 -6.86 10.04
CA ASN A 6 -13.48 -5.52 10.67
C ASN A 6 -12.45 -4.75 9.85
N THR A 7 -11.52 -5.43 9.25
CA THR A 7 -10.48 -4.73 8.44
C THR A 7 -10.36 -5.41 7.07
N PRO A 8 -9.96 -4.66 6.04
CA PRO A 8 -9.82 -5.20 4.67
C PRO A 8 -8.69 -6.23 4.56
N TRP A 9 -7.63 -6.04 5.29
CA TRP A 9 -6.51 -7.03 5.20
C TRP A 9 -6.78 -8.22 6.12
N SER A 10 -8.00 -8.38 6.56
CA SER A 10 -8.32 -9.54 7.44
C SER A 10 -8.87 -10.67 6.56
N SER A 11 -9.60 -10.32 5.54
CA SER A 11 -10.17 -11.35 4.63
C SER A 11 -9.68 -11.08 3.20
N LYS A 12 -9.76 -12.05 2.34
CA LYS A 12 -9.30 -11.83 0.94
C LYS A 12 -10.33 -10.97 0.19
N ALA A 13 -11.59 -11.22 0.40
CA ALA A 13 -12.63 -10.42 -0.29
C ALA A 13 -12.53 -8.96 0.16
N ASN A 14 -12.38 -8.73 1.43
CA ASN A 14 -12.28 -7.33 1.94
C ASN A 14 -10.93 -6.73 1.55
N ALA A 15 -9.88 -7.50 1.63
CA ALA A 15 -8.54 -6.96 1.27
C ALA A 15 -8.47 -6.71 -0.23
N ASP A 16 -9.04 -7.57 -1.02
CA ASP A 16 -9.01 -7.38 -2.50
C ASP A 16 -9.56 -6.00 -2.86
N ALA A 17 -10.76 -5.70 -2.45
CA ALA A 17 -11.34 -4.37 -2.77
C ALA A 17 -10.38 -3.28 -2.27
N PHE A 18 -9.77 -3.50 -1.13
CA PHE A 18 -8.82 -2.49 -0.59
C PHE A 18 -7.66 -2.32 -1.58
N ILE A 19 -7.10 -3.40 -2.06
CA ILE A 19 -5.97 -3.29 -3.01
C ILE A 19 -6.46 -2.60 -4.29
N ASN A 20 -7.59 -3.01 -4.80
CA ASN A 20 -8.13 -2.39 -6.04
C ASN A 20 -8.54 -0.95 -5.74
N SER A 21 -9.31 -0.74 -4.72
CA SER A 21 -9.73 0.65 -4.38
C SER A 21 -8.48 1.52 -4.22
N PHE A 22 -7.40 0.94 -3.80
CA PHE A 22 -6.15 1.72 -3.61
C PHE A 22 -5.56 2.10 -4.98
N ILE A 23 -5.39 1.15 -5.85
CA ILE A 23 -4.81 1.46 -7.19
C ILE A 23 -5.74 2.43 -7.95
N SER A 24 -6.99 2.06 -8.11
CA SER A 24 -7.93 2.95 -8.84
C SER A 24 -8.01 4.31 -8.13
N ALA A 25 -7.95 4.32 -6.82
CA ALA A 25 -8.04 5.61 -6.08
C ALA A 25 -6.69 6.34 -6.15
N ALA A 26 -5.62 5.65 -5.91
CA ALA A 26 -4.28 6.30 -5.94
C ALA A 26 -3.98 6.81 -7.35
N SER A 27 -4.45 6.13 -8.37
CA SER A 27 -4.18 6.58 -9.76
C SER A 27 -4.85 7.94 -10.01
N ASN A 28 -5.91 8.22 -9.32
CA ASN A 28 -6.62 9.52 -9.53
C ASN A 28 -6.35 10.47 -8.36
N THR A 29 -5.49 10.10 -7.46
CA THR A 29 -5.21 10.99 -6.29
C THR A 29 -4.03 11.91 -6.59
N GLY A 30 -2.83 11.40 -6.54
CA GLY A 30 -1.64 12.25 -6.82
C GLY A 30 -1.39 12.31 -8.32
N SER A 31 -0.40 11.61 -8.79
CA SER A 31 -0.10 11.64 -10.25
C SER A 31 0.11 10.21 -10.75
N PHE A 32 1.06 9.51 -10.21
CA PHE A 32 1.31 8.11 -10.65
C PHE A 32 1.27 8.06 -12.18
N SER A 33 2.39 8.25 -12.81
CA SER A 33 2.42 8.22 -14.31
C SER A 33 1.95 6.84 -14.79
N GLN A 34 1.56 6.74 -16.03
CA GLN A 34 1.10 5.43 -16.56
C GLN A 34 2.17 4.37 -16.29
N ASP A 35 3.41 4.70 -16.46
CA ASP A 35 4.49 3.72 -16.19
C ASP A 35 4.41 3.25 -14.73
N GLN A 36 4.05 4.12 -13.84
CA GLN A 36 3.94 3.74 -12.41
C GLN A 36 2.71 2.84 -12.22
N MET A 37 1.68 3.07 -12.99
CA MET A 37 0.45 2.23 -12.85
C MET A 37 0.80 0.78 -13.21
N GLU A 38 1.70 0.59 -14.15
CA GLU A 38 2.08 -0.80 -14.53
C GLU A 38 2.61 -1.53 -13.30
N ASN A 39 3.45 -0.89 -12.54
CA ASN A 39 4.01 -1.55 -11.32
C ASN A 39 2.85 -1.99 -10.41
N MET A 40 1.87 -1.13 -10.25
CA MET A 40 0.72 -1.50 -9.38
C MET A 40 0.05 -2.75 -9.94
N SER A 41 0.07 -2.93 -11.23
CA SER A 41 -0.55 -4.13 -11.83
C SER A 41 0.28 -5.37 -11.48
N LEU A 42 1.54 -5.17 -11.17
CA LEU A 42 2.41 -6.34 -10.83
C LEU A 42 2.35 -6.59 -9.32
N ILE A 43 2.05 -5.58 -8.54
CA ILE A 43 1.98 -5.77 -7.07
C ILE A 43 0.62 -5.31 -6.56
N GLY A 44 0.14 -5.91 -5.50
CA GLY A 44 -1.19 -5.51 -4.97
C GLY A 44 -2.25 -6.46 -5.54
N ASN A 45 -2.67 -6.22 -6.76
CA ASN A 45 -3.67 -7.12 -7.38
C ASN A 45 -3.09 -8.52 -7.45
N THR A 46 -1.80 -8.62 -7.59
CA THR A 46 -1.15 -9.96 -7.66
C THR A 46 -1.28 -10.65 -6.30
N LEU A 47 -1.23 -9.88 -5.24
CA LEU A 47 -1.35 -10.46 -3.88
C LEU A 47 -2.62 -11.33 -3.82
N MET A 48 -3.64 -10.94 -4.54
CA MET A 48 -4.90 -11.74 -4.53
C MET A 48 -4.58 -13.18 -4.96
N ALA A 49 -3.85 -13.33 -6.03
CA ALA A 49 -3.49 -14.69 -6.50
C ALA A 49 -2.64 -15.37 -5.43
N ALA A 50 -1.92 -14.61 -4.65
CA ALA A 50 -1.07 -15.20 -3.58
C ALA A 50 -1.97 -15.81 -2.50
N MET A 51 -3.06 -15.17 -2.20
CA MET A 51 -3.98 -15.72 -1.17
C MET A 51 -4.35 -17.15 -1.54
N ASP A 52 -4.37 -17.44 -2.82
CA ASP A 52 -4.72 -18.83 -3.24
C ASP A 52 -3.73 -19.82 -2.61
N ASN A 53 -2.54 -19.37 -2.32
CA ASN A 53 -1.53 -20.27 -1.70
C ASN A 53 -1.97 -20.60 -0.27
N MET A 54 -2.73 -19.74 0.34
CA MET A 54 -3.19 -20.00 1.74
C MET A 54 -3.83 -21.40 1.80
N GLY A 55 -4.28 -21.91 0.69
CA GLY A 55 -4.91 -23.26 0.70
C GLY A 55 -6.36 -23.15 1.19
N GLY A 56 -6.85 -21.95 1.34
CA GLY A 56 -8.25 -21.78 1.81
C GLY A 56 -8.25 -21.43 3.30
N ARG A 57 -7.20 -20.82 3.78
CA ARG A 57 -7.13 -20.47 5.23
C ARG A 57 -6.59 -19.05 5.39
N ILE A 58 -7.42 -18.13 5.82
CA ILE A 58 -6.95 -16.73 6.00
C ILE A 58 -7.06 -16.34 7.47
N THR A 59 -6.10 -15.62 7.98
CA THR A 59 -6.14 -15.21 9.41
C THR A 59 -5.46 -13.85 9.58
N PRO A 60 -5.79 -13.12 10.65
CA PRO A 60 -5.22 -11.80 10.93
C PRO A 60 -3.72 -11.87 11.20
N SER A 61 -3.30 -12.70 12.12
CA SER A 61 -1.85 -12.79 12.43
C SER A 61 -1.07 -13.05 11.13
N LYS A 62 -1.52 -13.95 10.32
CA LYS A 62 -0.80 -14.25 9.05
C LYS A 62 -1.18 -13.21 7.98
N LEU A 63 -2.45 -13.01 7.75
CA LEU A 63 -2.88 -12.03 6.72
C LEU A 63 -2.34 -10.64 7.09
N GLN A 64 -2.30 -10.32 8.36
CA GLN A 64 -1.79 -8.99 8.77
C GLN A 64 -0.38 -8.80 8.20
N ALA A 65 0.34 -9.86 8.02
CA ALA A 65 1.72 -9.74 7.47
C ALA A 65 1.65 -9.24 6.03
N LEU A 66 0.71 -9.71 5.27
CA LEU A 66 0.59 -9.24 3.85
C LEU A 66 0.18 -7.77 3.84
N ASP A 67 -0.73 -7.39 4.69
CA ASP A 67 -1.17 -5.97 4.73
C ASP A 67 0.06 -5.06 4.75
N MET A 68 1.00 -5.34 5.61
CA MET A 68 2.22 -4.50 5.69
C MET A 68 2.97 -4.56 4.35
N ALA A 69 3.03 -5.72 3.74
CA ALA A 69 3.75 -5.84 2.44
C ALA A 69 3.12 -4.90 1.42
N PHE A 70 1.82 -4.83 1.38
CA PHE A 70 1.16 -3.92 0.39
C PHE A 70 1.62 -2.48 0.62
N ALA A 71 1.73 -2.06 1.84
CA ALA A 71 2.18 -0.67 2.13
C ALA A 71 3.61 -0.48 1.61
N SER A 72 4.42 -1.50 1.71
CA SER A 72 5.83 -1.37 1.23
C SER A 72 5.84 -1.27 -0.30
N SER A 73 5.00 -2.02 -0.96
CA SER A 73 4.97 -1.97 -2.45
C SER A 73 4.42 -0.61 -2.91
N VAL A 74 3.30 -0.22 -2.35
CA VAL A 74 2.70 1.08 -2.76
C VAL A 74 3.72 2.21 -2.53
N ALA A 75 4.52 2.09 -1.52
CA ALA A 75 5.53 3.15 -1.24
C ALA A 75 6.66 3.05 -2.28
N GLN A 76 7.09 1.86 -2.59
CA GLN A 76 8.18 1.70 -3.59
C GLN A 76 7.70 2.18 -4.95
N ILE A 77 6.57 1.72 -5.39
CA ILE A 77 6.05 2.15 -6.73
C ILE A 77 6.01 3.68 -6.79
N ALA A 78 5.44 4.29 -5.79
CA ALA A 78 5.36 5.78 -5.80
C ALA A 78 6.72 6.38 -5.39
N ALA A 79 7.26 5.95 -4.29
CA ALA A 79 8.57 6.49 -3.83
C ALA A 79 9.62 6.26 -4.92
N SER A 80 9.41 5.30 -5.77
CA SER A 80 10.40 5.03 -6.85
C SER A 80 10.16 6.00 -8.02
N GLN A 81 9.00 6.57 -8.09
CA GLN A 81 8.70 7.53 -9.20
C GLN A 81 9.84 8.55 -9.29
N GLY A 82 10.39 8.93 -8.17
CA GLY A 82 11.51 9.93 -8.19
C GLY A 82 10.93 11.35 -8.20
N GLY A 83 9.64 11.47 -7.99
CA GLY A 83 9.02 12.82 -7.98
C GLY A 83 8.91 13.32 -6.55
N ASP A 84 7.92 14.13 -6.26
CA ASP A 84 7.77 14.65 -4.87
C ASP A 84 7.29 13.51 -3.96
N LEU A 85 7.97 13.29 -2.87
CA LEU A 85 7.56 12.21 -1.94
C LEU A 85 6.39 12.68 -1.07
N GLY A 86 6.19 13.96 -0.98
CA GLY A 86 5.07 14.49 -0.14
C GLY A 86 3.73 14.19 -0.83
N VAL A 87 3.66 14.33 -2.12
CA VAL A 87 2.38 14.05 -2.84
C VAL A 87 2.05 12.56 -2.75
N THR A 88 3.02 11.71 -2.96
CA THR A 88 2.72 10.25 -2.87
C THR A 88 2.02 9.98 -1.56
N THR A 89 2.39 10.68 -0.53
CA THR A 89 1.73 10.49 0.79
C THR A 89 0.23 10.65 0.58
N ASN A 90 -0.16 11.70 -0.09
CA ASN A 90 -1.61 11.92 -0.35
C ASN A 90 -2.10 10.90 -1.38
N ALA A 91 -1.29 10.61 -2.37
CA ALA A 91 -1.69 9.63 -3.41
C ALA A 91 -1.89 8.25 -2.77
N ILE A 92 -0.91 7.77 -2.07
CA ILE A 92 -1.04 6.43 -1.41
C ILE A 92 -2.00 6.53 -0.23
N ALA A 93 -1.82 7.50 0.62
CA ALA A 93 -2.71 7.65 1.80
C ALA A 93 -4.17 7.81 1.34
N ASP A 94 -4.41 8.73 0.44
CA ASP A 94 -5.81 8.94 -0.04
C ASP A 94 -6.37 7.62 -0.57
N ALA A 95 -5.62 6.92 -1.37
CA ALA A 95 -6.12 5.62 -1.92
C ALA A 95 -6.46 4.69 -0.76
N LEU A 96 -5.62 4.62 0.24
CA LEU A 96 -5.89 3.73 1.39
C LEU A 96 -7.07 4.28 2.20
N THR A 97 -7.21 5.58 2.26
CA THR A 97 -8.32 6.18 3.04
C THR A 97 -9.65 5.85 2.35
N SER A 98 -9.78 6.15 1.08
CA SER A 98 -11.06 5.86 0.38
C SER A 98 -11.35 4.37 0.45
N ALA A 99 -10.35 3.55 0.39
CA ALA A 99 -10.58 2.07 0.45
C ALA A 99 -11.05 1.67 1.85
N PHE A 100 -10.42 2.21 2.86
CA PHE A 100 -10.83 1.87 4.26
C PHE A 100 -12.35 1.96 4.38
N TYR A 101 -12.91 3.09 4.05
CA TYR A 101 -14.38 3.26 4.15
C TYR A 101 -15.06 2.47 3.04
N GLN A 102 -14.43 2.35 1.91
CA GLN A 102 -15.04 1.59 0.78
C GLN A 102 -15.02 0.09 1.08
N THR A 103 -14.19 -0.34 2.00
CA THR A 103 -14.13 -1.80 2.29
C THR A 103 -14.86 -2.14 3.59
N THR A 104 -14.44 -1.60 4.70
CA THR A 104 -15.13 -1.94 5.98
C THR A 104 -15.57 -0.66 6.72
N GLY A 105 -14.72 0.34 6.78
CA GLY A 105 -15.11 1.58 7.50
C GLY A 105 -14.22 1.77 8.72
N VAL A 106 -12.94 1.57 8.58
CA VAL A 106 -12.02 1.74 9.73
C VAL A 106 -11.23 3.04 9.57
N VAL A 107 -10.48 3.43 10.57
CA VAL A 107 -9.71 4.70 10.47
C VAL A 107 -8.50 4.47 9.56
N ASN A 108 -8.40 5.20 8.49
CA ASN A 108 -7.24 5.03 7.56
C ASN A 108 -5.97 5.59 8.21
N SER A 109 -6.14 6.51 9.14
CA SER A 109 -4.95 7.12 9.80
C SER A 109 -4.11 6.05 10.50
N ARG A 110 -4.73 5.13 11.18
CA ARG A 110 -3.94 4.08 11.89
C ARG A 110 -3.04 3.33 10.89
N PHE A 111 -3.61 2.81 9.84
CA PHE A 111 -2.79 2.08 8.84
C PHE A 111 -1.99 3.07 7.99
N ILE A 112 -2.65 4.05 7.43
CA ILE A 112 -1.93 5.04 6.58
C ILE A 112 -0.83 5.74 7.38
N SER A 113 -1.06 5.99 8.64
CA SER A 113 -0.01 6.67 9.45
C SER A 113 1.30 5.88 9.40
N GLU A 114 1.22 4.59 9.51
CA GLU A 114 2.46 3.76 9.47
C GLU A 114 3.02 3.74 8.03
N ILE A 115 2.16 3.70 7.05
CA ILE A 115 2.64 3.66 5.65
C ILE A 115 3.42 4.94 5.33
N ARG A 116 2.92 6.08 5.75
CA ARG A 116 3.62 7.35 5.47
C ARG A 116 5.07 7.26 5.97
N SER A 117 5.26 6.83 7.17
CA SER A 117 6.65 6.71 7.70
C SER A 117 7.44 5.78 6.78
N LEU A 118 6.78 4.80 6.21
CA LEU A 118 7.49 3.85 5.30
C LEU A 118 7.79 4.54 3.97
N ILE A 119 6.89 5.33 3.45
CA ILE A 119 7.16 6.01 2.15
C ILE A 119 8.39 6.90 2.30
N GLY A 120 8.54 7.52 3.45
CA GLY A 120 9.73 8.42 3.65
C GLY A 120 10.99 7.57 3.77
N MET A 121 10.88 6.39 4.33
CA MET A 121 12.09 5.52 4.47
C MET A 121 12.62 5.17 3.09
N PHE A 122 11.76 4.82 2.18
CA PHE A 122 12.22 4.46 0.81
C PHE A 122 12.95 5.65 0.19
N ALA A 123 12.43 6.83 0.37
CA ALA A 123 13.10 8.03 -0.21
C ALA A 123 14.48 8.19 0.43
N GLN A 124 14.63 7.78 1.66
CA GLN A 124 15.95 7.92 2.34
C GLN A 124 16.96 6.96 1.69
N ALA A 125 16.49 5.85 1.20
CA ALA A 125 17.42 4.88 0.55
C ALA A 125 18.17 5.57 -0.58
N SER A 126 17.56 6.54 -1.20
CA SER A 126 18.25 7.27 -2.31
C SER A 126 19.51 7.95 -1.78
N ALA A 127 19.50 8.35 -0.53
CA ALA A 127 20.69 9.01 0.06
C ALA A 127 21.86 8.03 0.07
N ASN A 128 21.58 6.76 0.11
CA ASN A 128 22.68 5.76 0.13
C ASN A 128 23.55 5.93 -1.12
N ASP A 129 22.99 6.47 -2.17
CA ASP A 129 23.80 6.66 -3.41
C ASP A 129 24.96 7.61 -3.12
N VAL A 130 24.83 8.44 -2.12
CA VAL A 130 25.94 9.38 -1.78
C VAL A 130 27.15 8.60 -1.30
N TYR A 131 26.93 7.43 -0.75
CA TYR A 131 28.06 6.61 -0.24
C TYR A 131 27.49 5.35 0.41
N ALA A 132 28.33 4.45 0.84
CA ALA A 132 27.83 3.20 1.48
C ALA A 132 27.58 3.47 2.96
N SER A 133 26.40 3.13 3.43
CA SER A 133 26.09 3.35 4.88
C SER A 133 27.17 2.72 5.74
N ALA A 134 27.75 1.64 5.28
CA ALA A 134 28.81 0.96 6.08
C ALA A 134 29.92 1.97 6.41
N GLY A 135 30.20 2.87 5.51
CA GLY A 135 31.27 3.87 5.76
C GLY A 135 32.64 3.25 5.46
N SER A 136 33.69 3.90 5.89
CA SER A 136 35.06 3.34 5.63
C SER A 136 35.16 1.95 6.23
N GLY A 137 34.52 1.71 7.34
CA GLY A 137 34.58 0.37 7.97
C GLY A 137 33.17 -0.16 8.21
N GLY A 1 -25.92 -11.76 6.82
CA GLY A 1 -24.88 -10.72 6.73
C GLY A 1 -23.49 -11.37 6.74
N MET A 2 -22.96 -11.69 5.59
CA MET A 2 -21.62 -12.33 5.55
C MET A 2 -20.71 -11.56 4.58
N GLY A 3 -19.43 -11.74 4.69
CA GLY A 3 -18.49 -11.01 3.79
C GLY A 3 -18.00 -9.73 4.48
N GLN A 4 -18.25 -9.61 5.76
CA GLN A 4 -17.80 -8.40 6.50
C GLN A 4 -16.63 -8.76 7.41
N ALA A 5 -15.85 -7.79 7.79
CA ALA A 5 -14.69 -8.09 8.69
C ALA A 5 -14.34 -6.84 9.49
N ASN A 6 -13.58 -6.98 10.54
CA ASN A 6 -13.20 -5.80 11.37
C ASN A 6 -12.09 -5.02 10.64
N THR A 7 -11.56 -5.57 9.58
CA THR A 7 -10.48 -4.87 8.83
C THR A 7 -10.48 -5.35 7.38
N PRO A 8 -10.07 -4.48 6.45
CA PRO A 8 -10.02 -4.82 5.02
C PRO A 8 -8.95 -5.88 4.73
N TRP A 9 -7.85 -5.86 5.42
CA TRP A 9 -6.80 -6.88 5.17
C TRP A 9 -7.06 -8.09 6.06
N SER A 10 -7.95 -7.96 7.01
CA SER A 10 -8.23 -9.10 7.92
C SER A 10 -8.99 -10.19 7.15
N SER A 11 -9.40 -9.89 5.94
CA SER A 11 -10.14 -10.90 5.14
C SER A 11 -9.74 -10.78 3.66
N LYS A 12 -9.95 -11.83 2.90
CA LYS A 12 -9.58 -11.76 1.45
C LYS A 12 -10.60 -10.92 0.70
N ALA A 13 -11.86 -11.05 1.01
CA ALA A 13 -12.89 -10.25 0.29
C ALA A 13 -12.67 -8.77 0.56
N ASN A 14 -12.54 -8.39 1.81
CA ASN A 14 -12.32 -6.97 2.14
C ASN A 14 -10.90 -6.57 1.73
N ALA A 15 -9.98 -7.50 1.75
CA ALA A 15 -8.57 -7.18 1.39
C ALA A 15 -8.47 -6.92 -0.11
N ASP A 16 -8.93 -7.84 -0.92
CA ASP A 16 -8.84 -7.65 -2.39
C ASP A 16 -9.51 -6.33 -2.77
N ALA A 17 -10.75 -6.14 -2.42
CA ALA A 17 -11.43 -4.87 -2.77
C ALA A 17 -10.60 -3.68 -2.26
N PHE A 18 -10.01 -3.82 -1.11
CA PHE A 18 -9.18 -2.72 -0.54
C PHE A 18 -8.00 -2.45 -1.47
N ILE A 19 -7.42 -3.49 -2.02
CA ILE A 19 -6.25 -3.30 -2.93
C ILE A 19 -6.73 -2.78 -4.29
N ASN A 20 -7.84 -3.25 -4.77
CA ASN A 20 -8.35 -2.78 -6.09
C ASN A 20 -8.77 -1.31 -6.01
N SER A 21 -9.59 -0.97 -5.05
CA SER A 21 -10.04 0.44 -4.92
C SER A 21 -8.84 1.35 -4.63
N PHE A 22 -7.84 0.84 -3.96
CA PHE A 22 -6.65 1.66 -3.64
C PHE A 22 -5.92 2.07 -4.92
N ILE A 23 -5.70 1.14 -5.81
CA ILE A 23 -4.97 1.46 -7.07
C ILE A 23 -5.81 2.42 -7.92
N SER A 24 -7.01 2.05 -8.25
CA SER A 24 -7.87 2.93 -9.09
C SER A 24 -7.97 4.32 -8.45
N ALA A 25 -7.96 4.39 -7.16
CA ALA A 25 -8.06 5.71 -6.48
C ALA A 25 -6.71 6.43 -6.52
N ALA A 26 -5.65 5.73 -6.19
CA ALA A 26 -4.30 6.39 -6.19
C ALA A 26 -3.94 6.84 -7.60
N SER A 27 -4.34 6.09 -8.60
CA SER A 27 -4.00 6.48 -10.00
C SER A 27 -4.61 7.84 -10.34
N ASN A 28 -5.73 8.17 -9.74
CA ASN A 28 -6.39 9.48 -10.04
C ASN A 28 -6.19 10.46 -8.89
N THR A 29 -5.40 10.10 -7.91
CA THR A 29 -5.21 11.03 -6.76
C THR A 29 -4.02 11.95 -7.01
N GLY A 30 -2.82 11.47 -6.83
CA GLY A 30 -1.62 12.32 -7.04
C GLY A 30 -1.29 12.37 -8.54
N SER A 31 -0.28 11.66 -8.94
CA SER A 31 0.10 11.67 -10.38
C SER A 31 0.28 10.23 -10.87
N PHE A 32 1.21 9.51 -10.29
CA PHE A 32 1.44 8.11 -10.73
C PHE A 32 1.44 8.05 -12.26
N SER A 33 2.57 8.27 -12.87
CA SER A 33 2.63 8.23 -14.36
C SER A 33 2.19 6.86 -14.86
N GLN A 34 1.84 6.76 -16.12
CA GLN A 34 1.40 5.45 -16.67
C GLN A 34 2.45 4.40 -16.35
N ASP A 35 3.71 4.75 -16.45
CA ASP A 35 4.79 3.77 -16.15
C ASP A 35 4.64 3.30 -14.69
N GLN A 36 4.24 4.18 -13.82
CA GLN A 36 4.08 3.79 -12.39
C GLN A 36 2.82 2.94 -12.25
N MET A 37 1.83 3.20 -13.05
CA MET A 37 0.57 2.40 -12.96
C MET A 37 0.89 0.95 -13.32
N GLU A 38 1.78 0.74 -14.25
CA GLU A 38 2.12 -0.65 -14.66
C GLU A 38 2.60 -1.41 -13.43
N ASN A 39 3.51 -0.84 -12.68
CA ASN A 39 4.01 -1.55 -11.47
C ASN A 39 2.83 -1.90 -10.57
N MET A 40 1.86 -1.03 -10.49
CA MET A 40 0.67 -1.31 -9.63
C MET A 40 0.03 -2.63 -10.09
N SER A 41 0.12 -2.92 -11.36
CA SER A 41 -0.48 -4.20 -11.86
C SER A 41 0.34 -5.38 -11.35
N LEU A 42 1.58 -5.16 -11.01
CA LEU A 42 2.43 -6.28 -10.50
C LEU A 42 2.32 -6.33 -8.99
N ILE A 43 1.91 -5.25 -8.38
CA ILE A 43 1.77 -5.23 -6.90
C ILE A 43 0.30 -5.03 -6.52
N GLY A 44 -0.04 -5.23 -5.29
CA GLY A 44 -1.46 -5.05 -4.87
C GLY A 44 -2.31 -6.15 -5.48
N ASN A 45 -2.87 -5.91 -6.64
CA ASN A 45 -3.71 -6.95 -7.29
C ASN A 45 -2.92 -8.25 -7.39
N THR A 46 -1.65 -8.16 -7.71
CA THR A 46 -0.82 -9.39 -7.82
C THR A 46 -0.85 -10.13 -6.49
N LEU A 47 -0.83 -9.41 -5.40
CA LEU A 47 -0.86 -10.07 -4.07
C LEU A 47 -2.09 -10.97 -3.99
N MET A 48 -3.16 -10.60 -4.63
CA MET A 48 -4.39 -11.43 -4.59
C MET A 48 -4.06 -12.84 -5.06
N ALA A 49 -3.11 -12.98 -5.94
CA ALA A 49 -2.73 -14.34 -6.42
C ALA A 49 -2.23 -15.15 -5.22
N ALA A 50 -1.48 -14.54 -4.35
CA ALA A 50 -0.97 -15.26 -3.16
C ALA A 50 -2.16 -15.73 -2.32
N MET A 51 -3.27 -15.05 -2.41
CA MET A 51 -4.46 -15.45 -1.64
C MET A 51 -4.80 -16.91 -1.93
N ASP A 52 -4.54 -17.36 -3.13
CA ASP A 52 -4.83 -18.77 -3.48
C ASP A 52 -3.78 -19.69 -2.83
N ASN A 53 -2.60 -19.17 -2.59
CA ASN A 53 -1.54 -20.00 -1.96
C ASN A 53 -2.02 -20.48 -0.58
N MET A 54 -2.97 -19.80 0.00
CA MET A 54 -3.48 -20.21 1.34
C MET A 54 -4.13 -21.59 1.22
N GLY A 55 -4.92 -21.81 0.21
CA GLY A 55 -5.59 -23.12 0.05
C GLY A 55 -6.93 -23.11 0.80
N GLY A 56 -7.36 -21.96 1.24
CA GLY A 56 -8.65 -21.87 1.99
C GLY A 56 -8.36 -21.63 3.47
N ARG A 57 -7.17 -21.21 3.79
CA ARG A 57 -6.84 -20.96 5.23
C ARG A 57 -6.28 -19.55 5.39
N ILE A 58 -7.00 -18.69 6.04
CA ILE A 58 -6.51 -17.30 6.23
C ILE A 58 -6.30 -17.02 7.72
N THR A 59 -5.35 -16.18 8.05
CA THR A 59 -5.10 -15.88 9.49
C THR A 59 -4.60 -14.43 9.61
N PRO A 60 -4.60 -13.90 10.84
CA PRO A 60 -4.15 -12.53 11.12
C PRO A 60 -2.64 -12.38 10.93
N SER A 61 -1.89 -13.40 11.29
CA SER A 61 -0.41 -13.33 11.13
C SER A 61 -0.06 -13.32 9.63
N LYS A 62 -0.82 -14.02 8.84
CA LYS A 62 -0.54 -14.06 7.37
C LYS A 62 -1.05 -12.77 6.73
N LEU A 63 -2.28 -12.42 6.98
CA LEU A 63 -2.84 -11.18 6.38
C LEU A 63 -2.12 -9.96 6.98
N GLN A 64 -1.97 -9.93 8.26
CA GLN A 64 -1.28 -8.77 8.89
C GLN A 64 0.08 -8.59 8.21
N ALA A 65 0.70 -9.68 7.84
CA ALA A 65 2.01 -9.57 7.14
C ALA A 65 1.77 -9.06 5.73
N LEU A 66 0.68 -9.46 5.12
CA LEU A 66 0.38 -8.99 3.74
C LEU A 66 -0.09 -7.54 3.81
N ASP A 67 -1.05 -7.25 4.65
CA ASP A 67 -1.53 -5.84 4.74
C ASP A 67 -0.32 -4.91 4.82
N MET A 68 0.68 -5.31 5.56
CA MET A 68 1.90 -4.47 5.67
C MET A 68 2.67 -4.51 4.35
N ALA A 69 2.84 -5.69 3.80
CA ALA A 69 3.57 -5.81 2.51
C ALA A 69 2.84 -4.98 1.46
N PHE A 70 1.54 -5.10 1.39
CA PHE A 70 0.77 -4.31 0.38
C PHE A 70 1.16 -2.84 0.50
N ALA A 71 1.27 -2.33 1.70
CA ALA A 71 1.64 -0.91 1.89
C ALA A 71 3.11 -0.71 1.52
N SER A 72 3.95 -1.66 1.87
CA SER A 72 5.40 -1.52 1.54
C SER A 72 5.61 -1.65 0.04
N SER A 73 4.85 -2.50 -0.61
CA SER A 73 5.02 -2.67 -2.08
C SER A 73 4.52 -1.42 -2.80
N VAL A 74 3.40 -0.90 -2.40
CA VAL A 74 2.85 0.33 -3.06
C VAL A 74 3.76 1.51 -2.76
N ALA A 75 4.30 1.57 -1.57
CA ALA A 75 5.18 2.71 -1.20
C ALA A 75 6.41 2.72 -2.12
N GLN A 76 6.93 1.57 -2.45
CA GLN A 76 8.13 1.52 -3.34
C GLN A 76 7.73 1.95 -4.76
N ILE A 77 6.58 1.52 -5.20
CA ILE A 77 6.14 1.89 -6.58
C ILE A 77 6.09 3.41 -6.72
N ALA A 78 5.46 4.07 -5.78
CA ALA A 78 5.37 5.55 -5.85
C ALA A 78 6.70 6.17 -5.40
N ALA A 79 7.22 5.74 -4.29
CA ALA A 79 8.51 6.30 -3.80
C ALA A 79 9.59 6.10 -4.87
N SER A 80 9.42 5.12 -5.71
CA SER A 80 10.44 4.87 -6.77
C SER A 80 10.25 5.88 -7.90
N GLN A 81 9.09 6.48 -8.01
CA GLN A 81 8.85 7.46 -9.10
C GLN A 81 9.99 8.48 -9.12
N GLY A 82 10.62 8.71 -8.00
CA GLY A 82 11.74 9.71 -7.96
C GLY A 82 11.17 11.12 -8.04
N GLY A 83 9.87 11.26 -7.96
CA GLY A 83 9.26 12.62 -8.04
C GLY A 83 9.00 13.14 -6.63
N ASP A 84 7.98 13.92 -6.45
CA ASP A 84 7.68 14.46 -5.09
C ASP A 84 7.25 13.31 -4.18
N LEU A 85 7.92 13.13 -3.07
CA LEU A 85 7.55 12.03 -2.14
C LEU A 85 6.36 12.47 -1.29
N GLY A 86 6.16 13.75 -1.16
CA GLY A 86 5.02 14.24 -0.33
C GLY A 86 3.70 13.96 -1.06
N VAL A 87 3.69 14.03 -2.36
CA VAL A 87 2.43 13.77 -3.11
C VAL A 87 2.03 12.30 -2.96
N THR A 88 2.97 11.39 -3.06
CA THR A 88 2.61 9.96 -2.91
C THR A 88 1.82 9.80 -1.63
N THR A 89 2.15 10.56 -0.63
CA THR A 89 1.40 10.46 0.66
C THR A 89 -0.08 10.71 0.36
N ASN A 90 -0.39 11.76 -0.34
CA ASN A 90 -1.80 12.05 -0.68
C ASN A 90 -2.30 11.03 -1.70
N ALA A 91 -1.46 10.66 -2.62
CA ALA A 91 -1.87 9.66 -3.65
C ALA A 91 -2.14 8.30 -2.98
N ILE A 92 -1.21 7.82 -2.22
CA ILE A 92 -1.40 6.50 -1.53
C ILE A 92 -2.40 6.67 -0.39
N ALA A 93 -2.26 7.69 0.40
CA ALA A 93 -3.20 7.90 1.54
C ALA A 93 -4.62 8.13 1.03
N ASP A 94 -4.78 8.95 0.02
CA ASP A 94 -6.14 9.22 -0.51
C ASP A 94 -6.83 7.91 -0.89
N ALA A 95 -6.15 7.06 -1.62
CA ALA A 95 -6.78 5.78 -2.03
C ALA A 95 -6.88 4.87 -0.80
N LEU A 96 -5.93 4.96 0.09
CA LEU A 96 -5.96 4.10 1.31
C LEU A 96 -7.10 4.55 2.23
N THR A 97 -7.38 5.83 2.27
CA THR A 97 -8.46 6.34 3.15
C THR A 97 -9.83 5.86 2.64
N SER A 98 -10.14 6.13 1.40
CA SER A 98 -11.46 5.70 0.86
C SER A 98 -11.58 4.17 0.90
N ALA A 99 -10.49 3.48 0.71
CA ALA A 99 -10.54 1.99 0.73
C ALA A 99 -10.96 1.50 2.12
N PHE A 100 -10.57 2.21 3.15
CA PHE A 100 -10.94 1.79 4.53
C PHE A 100 -12.47 1.80 4.67
N TYR A 101 -13.08 2.92 4.40
CA TYR A 101 -14.56 3.02 4.52
C TYR A 101 -15.22 2.24 3.39
N GLN A 102 -14.59 2.19 2.25
CA GLN A 102 -15.19 1.45 1.10
C GLN A 102 -15.12 -0.05 1.38
N THR A 103 -14.29 -0.48 2.29
CA THR A 103 -14.18 -1.94 2.55
C THR A 103 -14.74 -2.30 3.94
N THR A 104 -14.21 -1.74 5.00
CA THR A 104 -14.74 -2.09 6.34
C THR A 104 -15.13 -0.84 7.13
N GLY A 105 -14.34 0.19 7.09
CA GLY A 105 -14.68 1.42 7.84
C GLY A 105 -13.76 1.59 9.05
N VAL A 106 -12.48 1.41 8.85
CA VAL A 106 -11.53 1.58 9.99
C VAL A 106 -10.84 2.93 9.86
N VAL A 107 -10.09 3.34 10.84
CA VAL A 107 -9.42 4.66 10.76
C VAL A 107 -8.27 4.60 9.74
N ASN A 108 -8.34 5.42 8.73
CA ASN A 108 -7.26 5.42 7.69
C ASN A 108 -5.99 6.05 8.27
N SER A 109 -6.13 7.00 9.15
CA SER A 109 -4.93 7.67 9.74
C SER A 109 -4.02 6.65 10.43
N ARG A 110 -4.57 5.63 11.02
CA ARG A 110 -3.71 4.63 11.71
C ARG A 110 -2.87 3.86 10.70
N PHE A 111 -3.49 3.26 9.71
CA PHE A 111 -2.71 2.51 8.69
C PHE A 111 -2.02 3.48 7.75
N ILE A 112 -2.73 4.45 7.25
CA ILE A 112 -2.12 5.44 6.32
C ILE A 112 -0.89 6.07 6.97
N SER A 113 -1.00 6.50 8.20
CA SER A 113 0.18 7.13 8.86
C SER A 113 1.36 6.16 8.81
N GLU A 114 1.11 4.89 9.03
CA GLU A 114 2.22 3.90 8.98
C GLU A 114 2.87 3.94 7.61
N ILE A 115 2.08 3.97 6.57
CA ILE A 115 2.66 4.02 5.18
C ILE A 115 3.35 5.36 4.99
N ARG A 116 2.84 6.41 5.57
CA ARG A 116 3.47 7.74 5.41
C ARG A 116 4.95 7.66 5.80
N SER A 117 5.25 7.08 6.92
CA SER A 117 6.67 6.97 7.36
C SER A 117 7.40 5.97 6.46
N LEU A 118 6.72 4.95 6.01
CA LEU A 118 7.36 3.93 5.13
C LEU A 118 7.73 4.58 3.79
N ILE A 119 6.83 5.33 3.21
CA ILE A 119 7.13 5.97 1.91
C ILE A 119 8.38 6.84 2.05
N GLY A 120 8.49 7.59 3.12
CA GLY A 120 9.68 8.45 3.30
C GLY A 120 10.90 7.59 3.61
N MET A 121 10.72 6.53 4.34
CA MET A 121 11.88 5.64 4.69
C MET A 121 12.54 5.15 3.40
N PHE A 122 11.76 4.82 2.40
CA PHE A 122 12.34 4.33 1.13
C PHE A 122 13.21 5.43 0.50
N ALA A 123 12.67 6.62 0.38
CA ALA A 123 13.47 7.73 -0.21
C ALA A 123 14.70 8.01 0.66
N GLN A 124 14.57 7.83 1.95
CA GLN A 124 15.73 8.08 2.85
C GLN A 124 16.79 7.00 2.63
N ALA A 125 16.38 5.80 2.32
CA ALA A 125 17.37 4.71 2.10
C ALA A 125 18.34 5.12 1.00
N SER A 126 17.86 5.76 -0.03
CA SER A 126 18.77 6.18 -1.13
C SER A 126 19.85 7.10 -0.58
N ALA A 127 19.55 7.87 0.42
CA ALA A 127 20.56 8.79 1.01
C ALA A 127 21.57 7.97 1.82
N ASN A 128 21.24 6.75 2.14
CA ASN A 128 22.19 5.91 2.92
C ASN A 128 23.43 5.61 2.09
N ASP A 129 23.27 5.47 0.79
CA ASP A 129 24.46 5.20 -0.07
C ASP A 129 25.40 6.39 -0.06
N VAL A 130 24.89 7.57 -0.30
CA VAL A 130 25.76 8.78 -0.29
C VAL A 130 26.33 8.99 1.11
N TYR A 131 25.58 8.66 2.13
CA TYR A 131 26.07 8.83 3.52
C TYR A 131 25.02 8.30 4.50
N ALA A 132 25.38 8.16 5.75
CA ALA A 132 24.40 7.63 6.75
C ALA A 132 23.39 8.73 7.08
N SER A 133 22.15 8.52 6.76
CA SER A 133 21.10 9.53 7.06
C SER A 133 20.98 9.71 8.57
N ALA A 134 20.56 10.86 9.02
CA ALA A 134 20.42 11.09 10.47
C ALA A 134 18.94 11.17 10.84
N GLY A 135 18.58 10.73 12.02
CA GLY A 135 17.16 10.78 12.43
C GLY A 135 16.71 12.24 12.58
N SER A 136 15.47 12.52 12.34
CA SER A 136 14.98 13.92 12.47
C SER A 136 13.84 13.98 13.49
N GLY A 137 13.71 15.07 14.19
CA GLY A 137 12.62 15.18 15.20
C GLY A 137 13.17 14.82 16.58
N GLY A 1 -22.07 -2.59 6.99
CA GLY A 1 -20.94 -3.54 6.92
C GLY A 1 -21.28 -4.81 7.69
N MET A 2 -20.37 -5.73 7.80
CA MET A 2 -20.66 -7.00 8.53
C MET A 2 -19.65 -7.15 9.68
N GLY A 3 -20.01 -7.87 10.71
CA GLY A 3 -19.09 -8.06 11.86
C GLY A 3 -18.14 -9.22 11.55
N GLN A 4 -18.23 -9.79 10.38
CA GLN A 4 -17.33 -10.93 10.04
C GLN A 4 -15.87 -10.45 10.04
N ALA A 5 -15.65 -9.20 9.75
CA ALA A 5 -14.25 -8.68 9.75
C ALA A 5 -14.27 -7.16 9.92
N ASN A 6 -13.27 -6.62 10.56
CA ASN A 6 -13.23 -5.14 10.76
C ASN A 6 -11.96 -4.57 10.11
N THR A 7 -11.45 -5.26 9.13
CA THR A 7 -10.22 -4.77 8.45
C THR A 7 -10.26 -5.16 6.97
N PRO A 8 -9.64 -4.36 6.10
CA PRO A 8 -9.61 -4.63 4.65
C PRO A 8 -8.69 -5.81 4.33
N TRP A 9 -7.61 -5.96 5.05
CA TRP A 9 -6.68 -7.09 4.79
C TRP A 9 -7.14 -8.30 5.60
N SER A 10 -7.74 -8.07 6.73
CA SER A 10 -8.20 -9.21 7.57
C SER A 10 -9.13 -10.11 6.77
N SER A 11 -9.77 -9.57 5.76
CA SER A 11 -10.69 -10.40 4.94
C SER A 11 -10.14 -10.53 3.52
N LYS A 12 -10.17 -11.71 2.96
CA LYS A 12 -9.65 -11.90 1.58
C LYS A 12 -10.51 -11.10 0.59
N ALA A 13 -11.80 -11.07 0.82
CA ALA A 13 -12.68 -10.30 -0.09
C ALA A 13 -12.42 -8.80 0.11
N ASN A 14 -12.31 -8.38 1.34
CA ASN A 14 -12.05 -6.93 1.61
C ASN A 14 -10.61 -6.60 1.21
N ALA A 15 -9.72 -7.55 1.29
CA ALA A 15 -8.30 -7.27 0.93
C ALA A 15 -8.19 -6.92 -0.56
N ASP A 16 -8.86 -7.65 -1.40
CA ASP A 16 -8.79 -7.36 -2.86
C ASP A 16 -9.39 -5.98 -3.13
N ALA A 17 -10.58 -5.72 -2.65
CA ALA A 17 -11.19 -4.40 -2.88
C ALA A 17 -10.33 -3.32 -2.23
N PHE A 18 -9.68 -3.64 -1.14
CA PHE A 18 -8.81 -2.65 -0.46
C PHE A 18 -7.56 -2.41 -1.32
N ILE A 19 -6.99 -3.47 -1.84
CA ILE A 19 -5.78 -3.31 -2.70
C ILE A 19 -6.20 -2.72 -4.05
N ASN A 20 -7.26 -3.23 -4.62
CA ASN A 20 -7.73 -2.71 -5.93
C ASN A 20 -8.24 -1.27 -5.75
N SER A 21 -9.11 -1.06 -4.81
CA SER A 21 -9.63 0.31 -4.58
C SER A 21 -8.45 1.24 -4.30
N PHE A 22 -7.41 0.73 -3.73
CA PHE A 22 -6.22 1.57 -3.43
C PHE A 22 -5.49 1.92 -4.73
N ILE A 23 -5.21 0.93 -5.55
CA ILE A 23 -4.50 1.21 -6.83
C ILE A 23 -5.39 2.07 -7.73
N SER A 24 -6.58 1.61 -8.01
CA SER A 24 -7.49 2.40 -8.90
C SER A 24 -7.64 3.82 -8.35
N ALA A 25 -7.73 3.97 -7.06
CA ALA A 25 -7.89 5.34 -6.48
C ALA A 25 -6.53 6.06 -6.48
N ALA A 26 -5.50 5.40 -6.04
CA ALA A 26 -4.16 6.05 -6.01
C ALA A 26 -3.76 6.49 -7.41
N SER A 27 -4.12 5.73 -8.41
CA SER A 27 -3.75 6.09 -9.81
C SER A 27 -4.44 7.41 -10.19
N ASN A 28 -5.58 7.69 -9.61
CA ASN A 28 -6.30 8.95 -9.96
C ASN A 28 -6.16 9.96 -8.82
N THR A 29 -5.36 9.67 -7.83
CA THR A 29 -5.21 10.63 -6.70
C THR A 29 -4.03 11.57 -6.98
N GLY A 30 -2.83 11.11 -6.80
CA GLY A 30 -1.65 11.99 -7.05
C GLY A 30 -1.33 12.01 -8.54
N SER A 31 -0.30 11.32 -8.94
CA SER A 31 0.08 11.29 -10.38
C SER A 31 0.31 9.85 -10.83
N PHE A 32 1.26 9.18 -10.22
CA PHE A 32 1.54 7.78 -10.60
C PHE A 32 1.52 7.64 -12.13
N SER A 33 2.65 7.86 -12.76
CA SER A 33 2.69 7.75 -14.25
C SER A 33 2.27 6.36 -14.68
N GLN A 34 1.92 6.19 -15.93
CA GLN A 34 1.50 4.84 -16.42
C GLN A 34 2.58 3.81 -16.05
N ASP A 35 3.83 4.19 -16.16
CA ASP A 35 4.91 3.23 -15.82
C ASP A 35 4.81 2.86 -14.34
N GLN A 36 4.44 3.80 -13.52
CA GLN A 36 4.32 3.51 -12.06
C GLN A 36 3.08 2.65 -11.82
N MET A 37 2.05 2.83 -12.60
CA MET A 37 0.82 2.03 -12.42
C MET A 37 1.14 0.56 -12.69
N GLU A 38 2.00 0.29 -13.63
CA GLU A 38 2.36 -1.12 -13.92
C GLU A 38 2.93 -1.77 -12.67
N ASN A 39 3.84 -1.11 -12.01
CA ASN A 39 4.43 -1.68 -10.77
C ASN A 39 3.31 -2.00 -9.79
N MET A 40 2.39 -1.09 -9.62
CA MET A 40 1.27 -1.34 -8.68
C MET A 40 0.54 -2.62 -9.10
N SER A 41 0.48 -2.87 -10.37
CA SER A 41 -0.20 -4.10 -10.86
C SER A 41 0.64 -5.32 -10.49
N LEU A 42 1.91 -5.16 -10.28
CA LEU A 42 2.77 -6.31 -9.92
C LEU A 42 2.76 -6.50 -8.40
N ILE A 43 2.42 -5.47 -7.67
CA ILE A 43 2.37 -5.59 -6.19
C ILE A 43 0.96 -5.26 -5.70
N GLY A 44 0.51 -5.94 -4.68
CA GLY A 44 -0.86 -5.67 -4.17
C GLY A 44 -1.81 -6.72 -4.73
N ASN A 45 -2.37 -6.46 -5.89
CA ASN A 45 -3.28 -7.47 -6.49
C ASN A 45 -2.50 -8.76 -6.69
N THR A 46 -1.24 -8.65 -6.96
CA THR A 46 -0.41 -9.88 -7.17
C THR A 46 -0.46 -10.72 -5.90
N LEU A 47 -0.53 -10.07 -4.77
CA LEU A 47 -0.59 -10.82 -3.47
C LEU A 47 -1.90 -11.60 -3.40
N MET A 48 -2.98 -11.01 -3.84
CA MET A 48 -4.29 -11.72 -3.79
C MET A 48 -4.14 -13.08 -4.46
N ALA A 49 -3.35 -13.17 -5.49
CA ALA A 49 -3.17 -14.47 -6.18
C ALA A 49 -2.59 -15.49 -5.19
N ALA A 50 -1.78 -15.03 -4.28
CA ALA A 50 -1.18 -15.97 -3.29
C ALA A 50 -2.27 -16.49 -2.36
N MET A 51 -3.23 -15.68 -2.03
CA MET A 51 -4.32 -16.13 -1.14
C MET A 51 -5.05 -17.30 -1.79
N ASP A 52 -5.08 -17.35 -3.10
CA ASP A 52 -5.77 -18.47 -3.79
C ASP A 52 -5.15 -19.80 -3.36
N ASN A 53 -3.88 -19.79 -3.06
CA ASN A 53 -3.21 -21.05 -2.62
C ASN A 53 -3.83 -21.53 -1.31
N MET A 54 -4.34 -20.61 -0.53
CA MET A 54 -4.96 -21.02 0.77
C MET A 54 -6.06 -22.04 0.51
N GLY A 55 -6.74 -21.93 -0.60
CA GLY A 55 -7.83 -22.90 -0.90
C GLY A 55 -9.19 -22.30 -0.52
N GLY A 56 -9.21 -21.05 -0.16
CA GLY A 56 -10.50 -20.41 0.23
C GLY A 56 -10.53 -20.18 1.74
N ARG A 57 -9.41 -20.35 2.39
CA ARG A 57 -9.38 -20.14 3.87
C ARG A 57 -8.28 -19.15 4.22
N ILE A 58 -8.65 -17.99 4.72
CA ILE A 58 -7.62 -16.98 5.08
C ILE A 58 -7.67 -16.72 6.59
N THR A 59 -6.55 -16.42 7.18
CA THR A 59 -6.52 -16.16 8.64
C THR A 59 -6.03 -14.73 8.90
N PRO A 60 -6.33 -14.19 10.09
CA PRO A 60 -5.92 -12.82 10.47
C PRO A 60 -4.41 -12.73 10.71
N SER A 61 -3.79 -13.82 11.08
CA SER A 61 -2.33 -13.79 11.33
C SER A 61 -1.58 -13.74 9.98
N LYS A 62 -1.95 -14.58 9.06
CA LYS A 62 -1.27 -14.59 7.73
C LYS A 62 -1.44 -13.21 7.08
N LEU A 63 -2.65 -12.72 7.01
CA LEU A 63 -2.88 -11.39 6.39
C LEU A 63 -2.13 -10.32 7.18
N GLN A 64 -2.15 -10.42 8.48
CA GLN A 64 -1.44 -9.41 9.31
C GLN A 64 0.01 -9.32 8.86
N ALA A 65 0.59 -10.43 8.48
CA ALA A 65 2.00 -10.42 8.02
C ALA A 65 2.08 -9.78 6.62
N LEU A 66 1.29 -10.26 5.70
CA LEU A 66 1.34 -9.69 4.32
C LEU A 66 0.67 -8.32 4.26
N ASP A 67 -0.49 -8.16 4.84
CA ASP A 67 -1.17 -6.84 4.78
C ASP A 67 -0.18 -5.74 5.15
N MET A 68 0.78 -6.04 5.99
CA MET A 68 1.78 -5.00 6.38
C MET A 68 2.72 -4.71 5.21
N ALA A 69 3.06 -5.72 4.45
CA ALA A 69 3.98 -5.51 3.30
C ALA A 69 3.29 -4.68 2.22
N PHE A 70 2.00 -4.86 2.05
CA PHE A 70 1.27 -4.07 1.01
C PHE A 70 1.57 -2.58 1.19
N ALA A 71 1.67 -2.12 2.40
CA ALA A 71 1.94 -0.67 2.64
C ALA A 71 3.39 -0.35 2.22
N SER A 72 4.33 -1.13 2.64
CA SER A 72 5.75 -0.87 2.28
C SER A 72 5.97 -1.12 0.78
N SER A 73 5.23 -2.04 0.20
CA SER A 73 5.41 -2.32 -1.25
C SER A 73 4.90 -1.14 -2.07
N VAL A 74 3.74 -0.64 -1.75
CA VAL A 74 3.19 0.50 -2.52
C VAL A 74 4.02 1.75 -2.25
N ALA A 75 4.49 1.92 -1.04
CA ALA A 75 5.31 3.11 -0.72
C ALA A 75 6.55 3.16 -1.62
N GLN A 76 7.17 2.03 -1.84
CA GLN A 76 8.39 2.01 -2.69
C GLN A 76 7.99 2.26 -4.15
N ILE A 77 6.85 1.78 -4.56
CA ILE A 77 6.42 1.99 -5.98
C ILE A 77 6.34 3.49 -6.26
N ALA A 78 5.65 4.22 -5.43
CA ALA A 78 5.53 5.69 -5.66
C ALA A 78 6.84 6.39 -5.27
N ALA A 79 7.44 5.98 -4.19
CA ALA A 79 8.71 6.63 -3.76
C ALA A 79 9.75 6.48 -4.88
N SER A 80 9.62 5.47 -5.70
CA SER A 80 10.60 5.28 -6.80
C SER A 80 10.31 6.28 -7.92
N GLN A 81 9.13 6.82 -7.96
CA GLN A 81 8.78 7.80 -9.03
C GLN A 81 9.86 8.88 -9.09
N GLY A 82 10.38 9.28 -7.96
CA GLY A 82 11.44 10.33 -7.96
C GLY A 82 10.79 11.71 -8.06
N GLY A 83 9.49 11.78 -7.88
CA GLY A 83 8.81 13.10 -7.96
C GLY A 83 8.58 13.64 -6.55
N ASP A 84 7.53 14.39 -6.35
CA ASP A 84 7.27 14.94 -4.99
C ASP A 84 6.92 13.79 -4.04
N LEU A 85 7.70 13.61 -3.00
CA LEU A 85 7.41 12.51 -2.05
C LEU A 85 6.21 12.87 -1.18
N GLY A 86 5.94 14.15 -1.03
CA GLY A 86 4.78 14.58 -0.20
C GLY A 86 3.47 14.24 -0.92
N VAL A 87 3.46 14.30 -2.23
CA VAL A 87 2.21 13.99 -2.98
C VAL A 87 1.89 12.50 -2.86
N THR A 88 2.88 11.65 -2.88
CA THR A 88 2.59 10.19 -2.75
C THR A 88 1.79 9.98 -1.48
N THR A 89 2.05 10.77 -0.47
CA THR A 89 1.29 10.62 0.80
C THR A 89 -0.19 10.80 0.49
N ASN A 90 -0.54 11.84 -0.21
CA ASN A 90 -1.97 12.06 -0.56
C ASN A 90 -2.40 11.01 -1.59
N ALA A 91 -1.57 10.71 -2.55
CA ALA A 91 -1.93 9.70 -3.58
C ALA A 91 -2.10 8.33 -2.92
N ILE A 92 -1.11 7.90 -2.17
CA ILE A 92 -1.20 6.57 -1.52
C ILE A 92 -2.20 6.62 -0.35
N ALA A 93 -2.23 7.70 0.37
CA ALA A 93 -3.18 7.79 1.52
C ALA A 93 -4.61 7.96 1.02
N ASP A 94 -4.84 8.79 0.04
CA ASP A 94 -6.23 8.99 -0.47
C ASP A 94 -6.83 7.64 -0.85
N ALA A 95 -6.09 6.83 -1.57
CA ALA A 95 -6.64 5.49 -1.96
C ALA A 95 -6.71 4.60 -0.74
N LEU A 96 -5.77 4.73 0.16
CA LEU A 96 -5.78 3.88 1.38
C LEU A 96 -6.93 4.32 2.29
N THR A 97 -7.17 5.59 2.40
CA THR A 97 -8.27 6.07 3.28
C THR A 97 -9.62 5.66 2.69
N SER A 98 -9.87 5.99 1.45
CA SER A 98 -11.17 5.62 0.84
C SER A 98 -11.33 4.09 0.86
N ALA A 99 -10.29 3.39 0.52
CA ALA A 99 -10.36 1.90 0.52
C ALA A 99 -10.81 1.41 1.90
N PHE A 100 -10.20 1.93 2.94
CA PHE A 100 -10.57 1.50 4.31
C PHE A 100 -12.10 1.49 4.46
N TYR A 101 -12.73 2.61 4.21
CA TYR A 101 -14.21 2.67 4.32
C TYR A 101 -14.87 1.90 3.18
N GLN A 102 -14.24 1.88 2.04
CA GLN A 102 -14.81 1.14 0.88
C GLN A 102 -14.85 -0.36 1.18
N THR A 103 -14.09 -0.81 2.15
CA THR A 103 -14.07 -2.27 2.45
C THR A 103 -14.63 -2.55 3.86
N THR A 104 -14.04 -2.01 4.89
CA THR A 104 -14.55 -2.29 6.26
C THR A 104 -14.85 -0.99 7.02
N GLY A 105 -13.98 -0.02 6.93
CA GLY A 105 -14.25 1.25 7.66
C GLY A 105 -13.28 1.40 8.84
N VAL A 106 -12.02 1.14 8.65
CA VAL A 106 -11.05 1.30 9.77
C VAL A 106 -10.36 2.64 9.63
N VAL A 107 -9.72 3.10 10.67
CA VAL A 107 -9.03 4.42 10.60
C VAL A 107 -7.89 4.35 9.58
N ASN A 108 -7.93 5.19 8.59
CA ASN A 108 -6.85 5.19 7.56
C ASN A 108 -5.55 5.74 8.16
N SER A 109 -5.66 6.67 9.06
CA SER A 109 -4.44 7.27 9.67
C SER A 109 -3.56 6.20 10.32
N ARG A 110 -4.16 5.28 11.05
CA ARG A 110 -3.33 4.22 11.71
C ARG A 110 -2.49 3.47 10.68
N PHE A 111 -3.13 2.94 9.67
CA PHE A 111 -2.36 2.19 8.64
C PHE A 111 -1.63 3.18 7.72
N ILE A 112 -2.32 4.20 7.28
CA ILE A 112 -1.68 5.19 6.37
C ILE A 112 -0.53 5.89 7.08
N SER A 113 -0.66 6.14 8.36
CA SER A 113 0.44 6.83 9.10
C SER A 113 1.73 6.01 8.98
N GLU A 114 1.62 4.71 8.91
CA GLU A 114 2.83 3.87 8.79
C GLU A 114 3.41 4.02 7.38
N ILE A 115 2.58 4.07 6.38
CA ILE A 115 3.09 4.22 4.99
C ILE A 115 3.68 5.62 4.82
N ARG A 116 3.05 6.61 5.35
CA ARG A 116 3.56 8.00 5.21
C ARG A 116 5.02 8.04 5.71
N SER A 117 5.29 7.43 6.83
CA SER A 117 6.68 7.43 7.36
C SER A 117 7.56 6.51 6.51
N LEU A 118 7.00 5.45 6.01
CA LEU A 118 7.80 4.50 5.18
C LEU A 118 8.18 5.17 3.86
N ILE A 119 7.27 5.88 3.25
CA ILE A 119 7.58 6.56 1.96
C ILE A 119 8.76 7.52 2.17
N GLY A 120 8.80 8.19 3.28
CA GLY A 120 9.93 9.14 3.53
C GLY A 120 11.24 8.35 3.61
N MET A 121 11.20 7.15 4.13
CA MET A 121 12.44 6.34 4.23
C MET A 121 12.94 5.99 2.83
N PHE A 122 12.04 5.70 1.93
CA PHE A 122 12.46 5.36 0.54
C PHE A 122 13.06 6.59 -0.14
N ALA A 123 12.49 7.75 0.10
CA ALA A 123 13.05 8.98 -0.53
C ALA A 123 14.46 9.23 -0.01
N GLN A 124 14.74 8.84 1.20
CA GLN A 124 16.11 9.05 1.75
C GLN A 124 17.11 8.21 0.96
N ALA A 125 16.72 7.05 0.54
CA ALA A 125 17.66 6.19 -0.25
C ALA A 125 17.95 6.86 -1.58
N SER A 126 16.94 7.33 -2.27
CA SER A 126 17.16 7.99 -3.58
C SER A 126 17.77 9.38 -3.34
N ALA A 127 17.55 9.95 -2.19
CA ALA A 127 18.12 11.30 -1.90
C ALA A 127 19.64 11.20 -1.77
N ASN A 128 20.15 10.01 -1.56
CA ASN A 128 21.62 9.85 -1.41
C ASN A 128 22.28 9.94 -2.78
N ASP A 129 21.58 9.56 -3.82
CA ASP A 129 22.17 9.63 -5.19
C ASP A 129 22.39 11.09 -5.57
N VAL A 130 21.43 11.93 -5.31
CA VAL A 130 21.57 13.37 -5.67
C VAL A 130 22.66 13.99 -4.80
N TYR A 131 22.85 13.49 -3.60
CA TYR A 131 23.90 14.05 -2.72
C TYR A 131 23.89 13.29 -1.38
N ALA A 132 24.80 13.60 -0.51
CA ALA A 132 24.83 12.91 0.82
C ALA A 132 23.83 13.58 1.76
N SER A 133 22.87 12.83 2.24
CA SER A 133 21.86 13.42 3.16
C SER A 133 22.56 14.29 4.20
N ALA A 134 21.83 15.14 4.87
CA ALA A 134 22.46 16.02 5.89
C ALA A 134 22.83 15.18 7.13
N GLY A 135 22.03 14.19 7.43
CA GLY A 135 22.32 13.34 8.63
C GLY A 135 23.32 12.25 8.23
N SER A 136 23.68 11.41 9.17
CA SER A 136 24.65 10.32 8.84
C SER A 136 23.98 8.97 9.03
N GLY A 137 24.30 8.01 8.21
CA GLY A 137 23.68 6.67 8.33
C GLY A 137 24.67 5.70 8.97
N GLY A 1 -20.92 -3.25 11.02
CA GLY A 1 -22.11 -4.12 10.96
C GLY A 1 -21.71 -5.57 11.26
N MET A 2 -22.55 -6.51 10.94
CA MET A 2 -22.21 -7.94 11.20
C MET A 2 -21.94 -8.64 9.88
N GLY A 3 -20.97 -9.51 9.84
CA GLY A 3 -20.67 -10.24 8.58
C GLY A 3 -19.53 -9.52 7.82
N GLN A 4 -19.04 -8.44 8.37
CA GLN A 4 -17.95 -7.69 7.69
C GLN A 4 -16.68 -7.76 8.55
N ALA A 5 -15.54 -7.76 7.92
CA ALA A 5 -14.27 -7.82 8.69
C ALA A 5 -13.93 -6.43 9.22
N ASN A 6 -13.51 -6.33 10.46
CA ASN A 6 -13.16 -5.01 11.03
C ASN A 6 -12.13 -4.32 10.13
N THR A 7 -11.35 -5.08 9.42
CA THR A 7 -10.34 -4.47 8.51
C THR A 7 -10.27 -5.27 7.21
N PRO A 8 -9.90 -4.61 6.10
CA PRO A 8 -9.81 -5.26 4.78
C PRO A 8 -8.67 -6.29 4.71
N TRP A 9 -7.56 -6.04 5.36
CA TRP A 9 -6.44 -7.02 5.31
C TRP A 9 -6.69 -8.14 6.32
N SER A 10 -7.86 -8.17 6.91
CA SER A 10 -8.17 -9.24 7.90
C SER A 10 -8.91 -10.37 7.18
N SER A 11 -9.64 -10.03 6.15
CA SER A 11 -10.38 -11.08 5.39
C SER A 11 -9.91 -11.06 3.93
N LYS A 12 -10.04 -12.17 3.25
CA LYS A 12 -9.59 -12.23 1.82
C LYS A 12 -10.54 -11.42 0.95
N ALA A 13 -11.81 -11.51 1.19
CA ALA A 13 -12.78 -10.74 0.36
C ALA A 13 -12.57 -9.24 0.59
N ASN A 14 -12.51 -8.82 1.82
CA ASN A 14 -12.31 -7.37 2.10
C ASN A 14 -10.87 -6.96 1.76
N ALA A 15 -9.93 -7.87 1.84
CA ALA A 15 -8.52 -7.52 1.54
C ALA A 15 -8.37 -7.24 0.03
N ASP A 16 -8.86 -8.11 -0.80
CA ASP A 16 -8.73 -7.90 -2.27
C ASP A 16 -9.37 -6.58 -2.68
N ALA A 17 -10.62 -6.38 -2.37
CA ALA A 17 -11.29 -5.12 -2.75
C ALA A 17 -10.47 -3.92 -2.26
N PHE A 18 -9.96 -4.00 -1.06
CA PHE A 18 -9.15 -2.88 -0.51
C PHE A 18 -7.96 -2.62 -1.43
N ILE A 19 -7.39 -3.65 -1.99
CA ILE A 19 -6.22 -3.47 -2.89
C ILE A 19 -6.70 -2.83 -4.21
N ASN A 20 -7.71 -3.38 -4.80
CA ASN A 20 -8.23 -2.82 -6.09
C ASN A 20 -8.68 -1.38 -5.87
N SER A 21 -9.48 -1.14 -4.88
CA SER A 21 -9.98 0.24 -4.61
C SER A 21 -8.79 1.19 -4.38
N PHE A 22 -7.74 0.71 -3.79
CA PHE A 22 -6.56 1.59 -3.54
C PHE A 22 -5.86 1.93 -4.85
N ILE A 23 -5.82 1.02 -5.77
CA ILE A 23 -5.13 1.29 -7.07
C ILE A 23 -5.93 2.30 -7.90
N SER A 24 -7.17 2.01 -8.17
CA SER A 24 -7.99 2.95 -8.98
C SER A 24 -8.08 4.30 -8.29
N ALA A 25 -8.12 4.32 -7.00
CA ALA A 25 -8.21 5.62 -6.27
C ALA A 25 -6.85 6.31 -6.23
N ALA A 26 -5.80 5.59 -5.94
CA ALA A 26 -4.45 6.22 -5.87
C ALA A 26 -3.96 6.60 -7.26
N SER A 27 -4.30 5.83 -8.25
CA SER A 27 -3.83 6.14 -9.64
C SER A 27 -4.34 7.51 -10.08
N ASN A 28 -5.46 7.95 -9.57
CA ASN A 28 -6.00 9.27 -10.00
C ASN A 28 -5.82 10.32 -8.89
N THR A 29 -5.11 9.99 -7.84
CA THR A 29 -4.94 10.98 -6.73
C THR A 29 -3.66 11.78 -6.91
N GLY A 30 -2.52 11.20 -6.63
CA GLY A 30 -1.25 11.94 -6.76
C GLY A 30 -0.89 12.14 -8.23
N SER A 31 0.05 11.38 -8.72
CA SER A 31 0.46 11.53 -10.14
C SER A 31 0.92 10.18 -10.69
N PHE A 32 0.63 9.11 -9.99
CA PHE A 32 1.05 7.75 -10.47
C PHE A 32 0.89 7.68 -11.99
N SER A 33 1.94 7.94 -12.72
CA SER A 33 1.84 7.88 -14.21
C SER A 33 1.59 6.45 -14.66
N GLN A 34 1.25 6.27 -15.91
CA GLN A 34 0.99 4.90 -16.42
C GLN A 34 2.17 4.00 -16.08
N ASP A 35 3.37 4.47 -16.30
CA ASP A 35 4.57 3.64 -15.99
C ASP A 35 4.54 3.24 -14.51
N GLN A 36 4.17 4.15 -13.64
CA GLN A 36 4.11 3.81 -12.20
C GLN A 36 2.89 2.94 -11.93
N MET A 37 1.82 3.16 -12.67
CA MET A 37 0.60 2.34 -12.46
C MET A 37 0.90 0.89 -12.84
N GLU A 38 1.75 0.68 -13.81
CA GLU A 38 2.08 -0.70 -14.24
C GLU A 38 2.64 -1.47 -13.03
N ASN A 39 3.45 -0.83 -12.23
CA ASN A 39 4.02 -1.52 -11.04
C ASN A 39 2.87 -2.07 -10.19
N MET A 40 1.80 -1.32 -10.08
CA MET A 40 0.64 -1.78 -9.26
C MET A 40 0.08 -3.06 -9.90
N SER A 41 0.18 -3.18 -11.19
CA SER A 41 -0.33 -4.39 -11.87
C SER A 41 0.55 -5.58 -11.49
N LEU A 42 1.77 -5.33 -11.11
CA LEU A 42 2.69 -6.44 -10.74
C LEU A 42 2.60 -6.69 -9.23
N ILE A 43 2.20 -5.71 -8.47
CA ILE A 43 2.10 -5.92 -7.00
C ILE A 43 0.74 -5.40 -6.50
N GLY A 44 0.23 -5.98 -5.46
CA GLY A 44 -1.10 -5.55 -4.93
C GLY A 44 -2.18 -6.46 -5.50
N ASN A 45 -2.50 -6.30 -6.76
CA ASN A 45 -3.54 -7.19 -7.37
C ASN A 45 -2.93 -8.58 -7.54
N THR A 46 -1.66 -8.64 -7.84
CA THR A 46 -0.99 -9.95 -8.00
C THR A 46 -0.94 -10.64 -6.64
N LEU A 47 -0.76 -9.87 -5.59
CA LEU A 47 -0.70 -10.47 -4.23
C LEU A 47 -1.92 -11.36 -4.01
N MET A 48 -3.07 -10.94 -4.47
CA MET A 48 -4.29 -11.77 -4.28
C MET A 48 -4.00 -13.19 -4.78
N ALA A 49 -3.20 -13.31 -5.80
CA ALA A 49 -2.87 -14.67 -6.33
C ALA A 49 -2.17 -15.48 -5.25
N ALA A 50 -1.42 -14.84 -4.40
CA ALA A 50 -0.71 -15.58 -3.32
C ALA A 50 -1.74 -16.19 -2.37
N MET A 51 -2.84 -15.50 -2.14
CA MET A 51 -3.87 -16.05 -1.22
C MET A 51 -4.31 -17.44 -1.72
N ASP A 52 -4.28 -17.64 -3.01
CA ASP A 52 -4.69 -18.97 -3.55
C ASP A 52 -3.87 -20.07 -2.87
N ASN A 53 -2.64 -19.77 -2.53
CA ASN A 53 -1.79 -20.79 -1.86
C ASN A 53 -2.42 -21.16 -0.51
N MET A 54 -3.11 -20.24 0.09
CA MET A 54 -3.76 -20.54 1.40
C MET A 54 -4.70 -21.72 1.25
N GLY A 55 -5.22 -21.93 0.07
CA GLY A 55 -6.16 -23.07 -0.15
C GLY A 55 -7.58 -22.62 0.16
N GLY A 56 -7.79 -21.35 0.37
CA GLY A 56 -9.15 -20.85 0.68
C GLY A 56 -9.28 -20.58 2.19
N ARG A 57 -8.17 -20.47 2.86
CA ARG A 57 -8.22 -20.21 4.33
C ARG A 57 -7.35 -19.00 4.67
N ILE A 58 -7.95 -17.92 5.08
CA ILE A 58 -7.16 -16.70 5.42
C ILE A 58 -7.34 -16.37 6.90
N THR A 59 -6.32 -15.88 7.54
CA THR A 59 -6.45 -15.53 8.98
C THR A 59 -5.83 -14.15 9.24
N PRO A 60 -6.37 -13.41 10.21
CA PRO A 60 -5.87 -12.07 10.56
C PRO A 60 -4.45 -12.12 11.14
N SER A 61 -4.09 -13.22 11.74
CA SER A 61 -2.72 -13.33 12.31
C SER A 61 -1.69 -13.32 11.17
N LYS A 62 -1.84 -14.20 10.23
CA LYS A 62 -0.88 -14.25 9.09
C LYS A 62 -1.25 -13.18 8.06
N LEU A 63 -2.50 -13.10 7.69
CA LEU A 63 -2.92 -12.07 6.69
C LEU A 63 -2.35 -10.72 7.09
N GLN A 64 -2.36 -10.41 8.36
CA GLN A 64 -1.82 -9.10 8.81
C GLN A 64 -0.35 -8.99 8.37
N ALA A 65 0.34 -10.10 8.29
CA ALA A 65 1.76 -10.06 7.86
C ALA A 65 1.83 -9.73 6.37
N LEU A 66 0.88 -10.19 5.60
CA LEU A 66 0.88 -9.90 4.14
C LEU A 66 0.49 -8.44 3.92
N ASP A 67 -0.47 -7.95 4.68
CA ASP A 67 -0.89 -6.54 4.51
C ASP A 67 0.34 -5.63 4.51
N MET A 68 1.24 -5.83 5.43
CA MET A 68 2.46 -4.98 5.49
C MET A 68 3.18 -5.01 4.13
N ALA A 69 3.21 -6.15 3.50
CA ALA A 69 3.91 -6.24 2.18
C ALA A 69 3.29 -5.22 1.21
N PHE A 70 2.00 -5.05 1.25
CA PHE A 70 1.36 -4.07 0.34
C PHE A 70 1.91 -2.67 0.59
N ALA A 71 2.22 -2.35 1.82
CA ALA A 71 2.76 -1.00 2.13
C ALA A 71 4.17 -0.87 1.55
N SER A 72 4.90 -1.94 1.48
CA SER A 72 6.29 -1.88 0.94
C SER A 72 6.25 -1.59 -0.56
N SER A 73 5.42 -2.27 -1.30
CA SER A 73 5.35 -2.04 -2.77
C SER A 73 4.77 -0.65 -3.05
N VAL A 74 3.67 -0.34 -2.41
CA VAL A 74 3.04 1.00 -2.65
C VAL A 74 4.05 2.10 -2.35
N ALA A 75 4.84 1.94 -1.33
CA ALA A 75 5.84 2.99 -0.99
C ALA A 75 6.93 3.02 -2.06
N GLN A 76 7.28 1.88 -2.60
CA GLN A 76 8.34 1.85 -3.64
C GLN A 76 7.78 2.35 -4.97
N ILE A 77 6.63 1.87 -5.37
CA ILE A 77 6.03 2.32 -6.66
C ILE A 77 5.96 3.85 -6.68
N ALA A 78 5.51 4.43 -5.61
CA ALA A 78 5.41 5.92 -5.56
C ALA A 78 6.79 6.53 -5.33
N ALA A 79 7.49 6.07 -4.33
CA ALA A 79 8.84 6.63 -4.04
C ALA A 79 9.72 6.46 -5.29
N SER A 80 9.39 5.54 -6.14
CA SER A 80 10.20 5.35 -7.37
C SER A 80 9.80 6.38 -8.44
N GLN A 81 8.62 6.93 -8.32
CA GLN A 81 8.18 7.94 -9.32
C GLN A 81 9.26 9.01 -9.49
N GLY A 82 9.97 9.31 -8.44
CA GLY A 82 11.05 10.35 -8.53
C GLY A 82 10.42 11.74 -8.48
N GLY A 83 9.17 11.82 -8.14
CA GLY A 83 8.51 13.16 -8.06
C GLY A 83 8.48 13.62 -6.61
N ASP A 84 7.51 14.42 -6.25
CA ASP A 84 7.43 14.91 -4.84
C ASP A 84 7.07 13.74 -3.93
N LEU A 85 7.97 13.36 -3.05
CA LEU A 85 7.68 12.23 -2.13
C LEU A 85 6.50 12.59 -1.23
N GLY A 86 6.27 13.85 -1.02
CA GLY A 86 5.13 14.26 -0.15
C GLY A 86 3.80 14.00 -0.85
N VAL A 87 3.79 14.02 -2.16
CA VAL A 87 2.52 13.78 -2.90
C VAL A 87 2.07 12.33 -2.70
N THR A 88 3.00 11.40 -2.66
CA THR A 88 2.60 9.98 -2.47
C THR A 88 1.74 9.89 -1.21
N THR A 89 2.02 10.72 -0.24
CA THR A 89 1.22 10.69 1.01
C THR A 89 -0.24 10.99 0.65
N ASN A 90 -0.46 12.04 -0.08
CA ASN A 90 -1.86 12.38 -0.47
C ASN A 90 -2.34 11.37 -1.51
N ALA A 91 -1.46 10.92 -2.36
CA ALA A 91 -1.85 9.92 -3.40
C ALA A 91 -2.18 8.58 -2.73
N ILE A 92 -1.26 8.05 -1.97
CA ILE A 92 -1.50 6.74 -1.30
C ILE A 92 -2.55 6.92 -0.19
N ALA A 93 -2.37 7.89 0.67
CA ALA A 93 -3.36 8.10 1.76
C ALA A 93 -4.75 8.32 1.18
N ASP A 94 -4.87 9.06 0.12
CA ASP A 94 -6.21 9.30 -0.48
C ASP A 94 -6.86 7.96 -0.84
N ALA A 95 -6.18 7.16 -1.61
CA ALA A 95 -6.77 5.84 -1.98
C ALA A 95 -6.84 4.95 -0.74
N LEU A 96 -5.91 5.11 0.16
CA LEU A 96 -5.92 4.29 1.40
C LEU A 96 -7.08 4.72 2.30
N THR A 97 -7.32 6.01 2.40
CA THR A 97 -8.42 6.49 3.27
C THR A 97 -9.78 6.09 2.67
N SER A 98 -10.02 6.42 1.45
CA SER A 98 -11.32 6.06 0.82
C SER A 98 -11.47 4.54 0.84
N ALA A 99 -10.42 3.83 0.51
CA ALA A 99 -10.50 2.34 0.51
C ALA A 99 -10.96 1.84 1.89
N PHE A 100 -10.38 2.36 2.94
CA PHE A 100 -10.77 1.92 4.31
C PHE A 100 -12.30 1.91 4.41
N TYR A 101 -12.92 3.01 4.10
CA TYR A 101 -14.41 3.08 4.19
C TYR A 101 -15.01 2.25 3.05
N GLN A 102 -14.34 2.17 1.93
CA GLN A 102 -14.89 1.39 0.80
C GLN A 102 -14.81 -0.11 1.12
N THR A 103 -14.02 -0.49 2.08
CA THR A 103 -13.90 -1.95 2.40
C THR A 103 -14.54 -2.26 3.76
N THR A 104 -14.04 -1.67 4.82
CA THR A 104 -14.63 -1.97 6.16
C THR A 104 -15.05 -0.68 6.89
N GLY A 105 -14.23 0.33 6.84
CA GLY A 105 -14.58 1.60 7.54
C GLY A 105 -13.70 1.78 8.77
N VAL A 106 -12.43 1.54 8.65
CA VAL A 106 -11.52 1.72 9.81
C VAL A 106 -10.82 3.07 9.67
N VAL A 107 -10.14 3.50 10.69
CA VAL A 107 -9.44 4.80 10.60
C VAL A 107 -8.26 4.69 9.64
N ASN A 108 -8.23 5.49 8.61
CA ASN A 108 -7.12 5.42 7.64
C ASN A 108 -5.84 5.96 8.28
N SER A 109 -5.99 6.79 9.28
CA SER A 109 -4.79 7.38 9.95
C SER A 109 -3.92 6.28 10.57
N ARG A 110 -4.52 5.18 10.98
CA ARG A 110 -3.70 4.10 11.60
C ARG A 110 -2.80 3.44 10.56
N PHE A 111 -3.35 2.95 9.48
CA PHE A 111 -2.52 2.30 8.44
C PHE A 111 -1.76 3.36 7.62
N ILE A 112 -2.46 4.35 7.14
CA ILE A 112 -1.80 5.40 6.32
C ILE A 112 -0.67 6.05 7.12
N SER A 113 -0.84 6.21 8.40
CA SER A 113 0.25 6.83 9.21
C SER A 113 1.53 6.02 9.03
N GLU A 114 1.41 4.72 8.99
CA GLU A 114 2.63 3.87 8.81
C GLU A 114 3.13 4.01 7.37
N ILE A 115 2.23 4.01 6.41
CA ILE A 115 2.67 4.15 5.00
C ILE A 115 3.35 5.49 4.80
N ARG A 116 2.73 6.55 5.25
CA ARG A 116 3.34 7.91 5.10
C ARG A 116 4.76 7.88 5.68
N SER A 117 4.93 7.26 6.81
CA SER A 117 6.28 7.21 7.44
C SER A 117 7.16 6.24 6.65
N LEU A 118 6.58 5.21 6.11
CA LEU A 118 7.38 4.22 5.34
C LEU A 118 7.89 4.85 4.04
N ILE A 119 7.04 5.59 3.36
CA ILE A 119 7.47 6.22 2.09
C ILE A 119 8.66 7.14 2.35
N GLY A 120 8.62 7.89 3.41
CA GLY A 120 9.77 8.80 3.73
C GLY A 120 11.04 7.98 3.92
N MET A 121 10.91 6.80 4.48
CA MET A 121 12.11 5.95 4.70
C MET A 121 12.75 5.60 3.36
N PHE A 122 11.94 5.24 2.39
CA PHE A 122 12.50 4.88 1.05
C PHE A 122 13.27 6.07 0.49
N ALA A 123 12.69 7.24 0.53
CA ALA A 123 13.40 8.43 -0.02
C ALA A 123 14.74 8.59 0.69
N GLN A 124 14.82 8.19 1.92
CA GLN A 124 16.12 8.31 2.67
C GLN A 124 17.13 7.33 2.10
N ALA A 125 16.68 6.19 1.64
CA ALA A 125 17.63 5.19 1.07
C ALA A 125 18.40 5.82 -0.09
N SER A 126 17.76 6.66 -0.86
CA SER A 126 18.46 7.30 -2.01
C SER A 126 19.71 8.02 -1.50
N ALA A 127 19.68 8.51 -0.29
CA ALA A 127 20.86 9.22 0.26
C ALA A 127 22.02 8.23 0.41
N ASN A 128 21.73 6.97 0.44
CA ASN A 128 22.82 5.96 0.59
C ASN A 128 23.75 6.03 -0.63
N ASP A 129 23.26 6.54 -1.72
CA ASP A 129 24.11 6.63 -2.94
C ASP A 129 25.14 7.74 -2.75
N VAL A 130 24.71 8.89 -2.30
CA VAL A 130 25.67 10.02 -2.08
C VAL A 130 26.63 9.66 -0.94
N TYR A 131 26.18 8.86 -0.01
CA TYR A 131 27.06 8.47 1.12
C TYR A 131 26.29 7.56 2.09
N ALA A 132 26.95 7.03 3.08
CA ALA A 132 26.25 6.14 4.05
C ALA A 132 25.48 6.99 5.06
N SER A 133 24.18 6.88 5.07
CA SER A 133 23.37 7.68 6.02
C SER A 133 23.60 7.16 7.45
N ALA A 134 23.20 7.91 8.43
CA ALA A 134 23.40 7.47 9.84
C ALA A 134 22.43 6.32 10.15
N GLY A 135 22.84 5.39 10.97
CA GLY A 135 21.95 4.25 11.31
C GLY A 135 21.99 3.21 10.18
N SER A 136 23.13 3.04 9.58
CA SER A 136 23.23 2.04 8.47
C SER A 136 22.79 0.67 8.97
N GLY A 137 23.07 0.35 10.21
CA GLY A 137 22.68 -0.97 10.76
C GLY A 137 23.85 -1.59 11.51
N GLY A 1 -21.55 -17.46 8.84
CA GLY A 1 -20.42 -18.25 9.42
C GLY A 1 -19.22 -17.33 9.62
N MET A 2 -18.44 -17.12 8.60
CA MET A 2 -17.25 -16.23 8.73
C MET A 2 -17.71 -14.83 9.18
N GLY A 3 -18.84 -14.39 8.72
CA GLY A 3 -19.34 -13.04 9.12
C GLY A 3 -18.66 -11.98 8.26
N GLN A 4 -18.60 -10.77 8.73
CA GLN A 4 -17.95 -9.68 7.94
C GLN A 4 -16.50 -9.52 8.39
N ALA A 5 -15.65 -9.02 7.54
CA ALA A 5 -14.23 -8.83 7.94
C ALA A 5 -14.09 -7.50 8.67
N ASN A 6 -13.58 -7.52 9.87
CA ASN A 6 -13.41 -6.25 10.63
C ASN A 6 -12.32 -5.39 9.98
N THR A 7 -11.64 -5.93 9.00
CA THR A 7 -10.57 -5.15 8.33
C THR A 7 -10.32 -5.70 6.93
N PRO A 8 -9.80 -4.87 6.03
CA PRO A 8 -9.49 -5.27 4.65
C PRO A 8 -8.33 -6.26 4.60
N TRP A 9 -7.37 -6.10 5.47
CA TRP A 9 -6.20 -7.04 5.48
C TRP A 9 -6.51 -8.19 6.43
N SER A 10 -7.37 -7.97 7.38
CA SER A 10 -7.70 -9.08 8.33
C SER A 10 -8.36 -10.22 7.55
N SER A 11 -8.77 -9.95 6.34
CA SER A 11 -9.42 -11.01 5.52
C SER A 11 -8.95 -10.87 4.06
N LYS A 12 -8.36 -11.90 3.53
CA LYS A 12 -7.87 -11.84 2.12
C LYS A 12 -8.99 -11.36 1.19
N ALA A 13 -10.17 -11.88 1.35
CA ALA A 13 -11.29 -11.45 0.47
C ALA A 13 -11.57 -9.96 0.68
N ASN A 14 -11.45 -9.49 1.90
CA ASN A 14 -11.71 -8.04 2.16
C ASN A 14 -10.55 -7.21 1.60
N ALA A 15 -9.36 -7.71 1.66
CA ALA A 15 -8.19 -6.94 1.14
C ALA A 15 -8.30 -6.77 -0.37
N ASP A 16 -8.94 -7.69 -1.05
CA ASP A 16 -9.05 -7.56 -2.53
C ASP A 16 -9.65 -6.19 -2.88
N ALA A 17 -10.81 -5.90 -2.38
CA ALA A 17 -11.42 -4.57 -2.69
C ALA A 17 -10.49 -3.49 -2.16
N PHE A 18 -9.70 -3.83 -1.18
CA PHE A 18 -8.73 -2.84 -0.60
C PHE A 18 -7.62 -2.59 -1.61
N ILE A 19 -7.18 -3.62 -2.28
CA ILE A 19 -6.10 -3.46 -3.29
C ILE A 19 -6.64 -2.80 -4.55
N ASN A 20 -7.75 -3.27 -5.05
CA ASN A 20 -8.33 -2.68 -6.29
C ASN A 20 -8.71 -1.22 -6.05
N SER A 21 -9.43 -0.93 -5.00
CA SER A 21 -9.84 0.47 -4.72
C SER A 21 -8.60 1.35 -4.50
N PHE A 22 -7.55 0.78 -3.98
CA PHE A 22 -6.32 1.58 -3.72
C PHE A 22 -5.62 1.95 -5.04
N ILE A 23 -5.37 0.99 -5.88
CA ILE A 23 -4.68 1.28 -7.17
C ILE A 23 -5.52 2.24 -8.02
N SER A 24 -6.75 1.89 -8.30
CA SER A 24 -7.61 2.77 -9.14
C SER A 24 -7.72 4.16 -8.49
N ALA A 25 -7.81 4.22 -7.19
CA ALA A 25 -7.94 5.54 -6.52
C ALA A 25 -6.57 6.23 -6.45
N ALA A 26 -5.55 5.53 -6.07
CA ALA A 26 -4.20 6.15 -5.97
C ALA A 26 -3.70 6.59 -7.35
N SER A 27 -3.99 5.83 -8.37
CA SER A 27 -3.52 6.21 -9.73
C SER A 27 -4.08 7.58 -10.13
N ASN A 28 -5.23 7.94 -9.63
CA ASN A 28 -5.81 9.26 -10.02
C ASN A 28 -5.69 10.26 -8.87
N THR A 29 -5.00 9.92 -7.81
CA THR A 29 -4.87 10.88 -6.68
C THR A 29 -3.60 11.72 -6.80
N GLY A 30 -2.46 11.14 -6.52
CA GLY A 30 -1.20 11.92 -6.60
C GLY A 30 -0.81 12.18 -8.06
N SER A 31 0.16 11.46 -8.55
CA SER A 31 0.60 11.67 -9.96
C SER A 31 1.10 10.35 -10.54
N PHE A 32 0.83 9.25 -9.88
CA PHE A 32 1.28 7.93 -10.38
C PHE A 32 1.15 7.89 -11.91
N SER A 33 2.22 8.19 -12.61
CA SER A 33 2.17 8.19 -14.10
C SER A 33 1.79 6.78 -14.60
N GLN A 34 1.35 6.68 -15.82
CA GLN A 34 0.97 5.35 -16.36
C GLN A 34 2.13 4.36 -16.16
N ASP A 35 3.33 4.79 -16.44
CA ASP A 35 4.50 3.88 -16.26
C ASP A 35 4.53 3.38 -14.81
N GLN A 36 4.27 4.25 -13.87
CA GLN A 36 4.27 3.82 -12.44
C GLN A 36 3.04 2.96 -12.18
N MET A 37 1.96 3.21 -12.87
CA MET A 37 0.73 2.39 -12.66
C MET A 37 1.01 0.95 -13.04
N GLU A 38 1.87 0.73 -14.01
CA GLU A 38 2.18 -0.66 -14.42
C GLU A 38 2.70 -1.44 -13.21
N ASN A 39 3.65 -0.89 -12.51
CA ASN A 39 4.20 -1.58 -11.31
C ASN A 39 3.06 -1.83 -10.32
N MET A 40 2.24 -0.84 -10.11
CA MET A 40 1.09 -1.01 -9.17
C MET A 40 0.22 -2.16 -9.62
N SER A 41 0.05 -2.31 -10.92
CA SER A 41 -0.79 -3.41 -11.44
C SER A 41 -0.06 -4.74 -11.23
N LEU A 42 1.25 -4.69 -11.11
CA LEU A 42 2.02 -5.95 -10.90
C LEU A 42 2.01 -6.31 -9.42
N ILE A 43 1.76 -5.35 -8.57
CA ILE A 43 1.74 -5.62 -7.11
C ILE A 43 0.36 -5.28 -6.55
N GLY A 44 -0.06 -5.98 -5.53
CA GLY A 44 -1.41 -5.70 -4.96
C GLY A 44 -2.39 -6.75 -5.48
N ASN A 45 -2.86 -6.58 -6.68
CA ASN A 45 -3.80 -7.59 -7.24
C ASN A 45 -3.04 -8.90 -7.42
N THR A 46 -1.78 -8.81 -7.78
CA THR A 46 -0.97 -10.05 -7.95
C THR A 46 -0.89 -10.77 -6.61
N LEU A 47 -0.84 -10.03 -5.54
CA LEU A 47 -0.78 -10.64 -4.19
C LEU A 47 -2.03 -11.49 -3.96
N MET A 48 -3.15 -11.06 -4.49
CA MET A 48 -4.40 -11.85 -4.30
C MET A 48 -4.15 -13.29 -4.73
N ALA A 49 -3.40 -13.48 -5.78
CA ALA A 49 -3.12 -14.88 -6.24
C ALA A 49 -2.39 -15.62 -5.13
N ALA A 50 -1.61 -14.94 -4.34
CA ALA A 50 -0.88 -15.61 -3.23
C ALA A 50 -1.88 -16.04 -2.17
N MET A 51 -2.73 -15.14 -1.75
CA MET A 51 -3.75 -15.49 -0.72
C MET A 51 -4.64 -16.61 -1.25
N ASP A 52 -4.83 -16.67 -2.54
CA ASP A 52 -5.69 -17.74 -3.11
C ASP A 52 -5.07 -19.10 -2.80
N ASN A 53 -3.78 -19.15 -2.64
CA ASN A 53 -3.11 -20.45 -2.33
C ASN A 53 -3.62 -20.97 -0.98
N MET A 54 -3.94 -20.09 -0.08
CA MET A 54 -4.44 -20.53 1.25
C MET A 54 -5.57 -21.55 1.05
N GLY A 55 -6.52 -21.23 0.20
CA GLY A 55 -7.65 -22.18 -0.03
C GLY A 55 -8.90 -21.66 0.68
N GLY A 56 -8.90 -20.42 1.09
CA GLY A 56 -10.08 -19.86 1.79
C GLY A 56 -9.79 -19.74 3.28
N ARG A 57 -8.58 -20.05 3.69
CA ARG A 57 -8.24 -19.96 5.13
C ARG A 57 -7.09 -18.96 5.32
N ILE A 58 -7.35 -17.85 5.95
CA ILE A 58 -6.27 -16.84 6.15
C ILE A 58 -6.01 -16.68 7.65
N THR A 59 -4.87 -16.16 8.00
CA THR A 59 -4.56 -15.98 9.45
C THR A 59 -4.33 -14.49 9.75
N PRO A 60 -4.52 -14.10 11.02
CA PRO A 60 -4.34 -12.71 11.46
C PRO A 60 -2.86 -12.29 11.43
N SER A 61 -1.98 -13.16 11.83
CA SER A 61 -0.54 -12.80 11.82
C SER A 61 -0.02 -12.80 10.39
N LYS A 62 -0.52 -13.68 9.56
CA LYS A 62 -0.05 -13.72 8.15
C LYS A 62 -0.51 -12.44 7.43
N LEU A 63 -1.77 -12.10 7.53
CA LEU A 63 -2.27 -10.88 6.85
C LEU A 63 -1.56 -9.66 7.43
N GLN A 64 -1.18 -9.70 8.67
CA GLN A 64 -0.48 -8.54 9.28
C GLN A 64 0.72 -8.20 8.39
N ALA A 65 1.46 -9.20 7.99
CA ALA A 65 2.63 -8.93 7.11
C ALA A 65 2.10 -8.57 5.71
N LEU A 66 0.96 -9.08 5.36
CA LEU A 66 0.37 -8.78 4.02
C LEU A 66 -0.09 -7.32 4.01
N ASP A 67 -0.90 -6.94 4.96
CA ASP A 67 -1.39 -5.53 4.98
C ASP A 67 -0.19 -4.58 4.81
N MET A 68 0.87 -4.80 5.53
CA MET A 68 2.06 -3.92 5.41
C MET A 68 2.77 -4.17 4.08
N ALA A 69 2.82 -5.40 3.64
CA ALA A 69 3.50 -5.70 2.34
C ALA A 69 2.87 -4.86 1.24
N PHE A 70 1.58 -4.86 1.15
CA PHE A 70 0.90 -4.06 0.10
C PHE A 70 1.30 -2.59 0.23
N ALA A 71 1.41 -2.12 1.44
CA ALA A 71 1.80 -0.69 1.65
C ALA A 71 3.25 -0.49 1.25
N SER A 72 4.09 -1.47 1.50
CA SER A 72 5.53 -1.33 1.14
C SER A 72 5.69 -1.32 -0.37
N SER A 73 4.89 -2.07 -1.08
CA SER A 73 5.00 -2.09 -2.56
C SER A 73 4.52 -0.76 -3.14
N VAL A 74 3.43 -0.26 -2.64
CA VAL A 74 2.89 1.04 -3.14
C VAL A 74 3.83 2.17 -2.75
N ALA A 75 4.43 2.09 -1.59
CA ALA A 75 5.36 3.17 -1.15
C ALA A 75 6.57 3.20 -2.08
N GLN A 76 7.07 2.06 -2.46
CA GLN A 76 8.26 2.02 -3.36
C GLN A 76 7.86 2.53 -4.76
N ILE A 77 6.74 2.07 -5.26
CA ILE A 77 6.31 2.52 -6.61
C ILE A 77 6.20 4.05 -6.63
N ALA A 78 5.59 4.62 -5.62
CA ALA A 78 5.44 6.10 -5.58
C ALA A 78 6.82 6.74 -5.38
N ALA A 79 7.55 6.31 -4.39
CA ALA A 79 8.90 6.90 -4.16
C ALA A 79 9.76 6.73 -5.41
N SER A 80 9.46 5.75 -6.22
CA SER A 80 10.25 5.54 -7.47
C SER A 80 9.86 6.59 -8.50
N GLN A 81 8.71 7.18 -8.36
CA GLN A 81 8.27 8.22 -9.34
C GLN A 81 9.37 9.26 -9.51
N GLY A 82 10.13 9.52 -8.48
CA GLY A 82 11.22 10.52 -8.57
C GLY A 82 10.63 11.93 -8.36
N GLY A 83 9.40 12.01 -7.94
CA GLY A 83 8.79 13.35 -7.71
C GLY A 83 8.76 13.66 -6.22
N ASP A 84 7.94 14.58 -5.80
CA ASP A 84 7.88 14.91 -4.35
C ASP A 84 7.26 13.75 -3.57
N LEU A 85 8.06 12.97 -2.92
CA LEU A 85 7.51 11.81 -2.15
C LEU A 85 6.42 12.30 -1.20
N GLY A 86 6.41 13.57 -0.89
CA GLY A 86 5.37 14.11 0.03
C GLY A 86 3.99 13.91 -0.59
N VAL A 87 3.88 14.00 -1.88
CA VAL A 87 2.56 13.82 -2.56
C VAL A 87 2.12 12.36 -2.43
N THR A 88 3.03 11.44 -2.50
CA THR A 88 2.65 10.01 -2.38
C THR A 88 1.79 9.84 -1.13
N THR A 89 2.05 10.62 -0.12
CA THR A 89 1.25 10.51 1.13
C THR A 89 -0.22 10.76 0.76
N ASN A 90 -0.47 11.78 -0.02
CA ASN A 90 -1.87 12.09 -0.42
C ASN A 90 -2.35 11.01 -1.39
N ALA A 91 -1.49 10.56 -2.27
CA ALA A 91 -1.89 9.51 -3.25
C ALA A 91 -2.12 8.18 -2.52
N ILE A 92 -1.11 7.69 -1.85
CA ILE A 92 -1.28 6.40 -1.12
C ILE A 92 -2.36 6.54 -0.05
N ALA A 93 -2.34 7.62 0.69
CA ALA A 93 -3.38 7.81 1.75
C ALA A 93 -4.77 7.97 1.12
N ASP A 94 -4.88 8.83 0.14
CA ASP A 94 -6.22 9.05 -0.49
C ASP A 94 -6.79 7.72 -1.00
N ALA A 95 -5.98 6.92 -1.66
CA ALA A 95 -6.50 5.62 -2.17
C ALA A 95 -6.78 4.69 -0.99
N LEU A 96 -5.94 4.73 0.01
CA LEU A 96 -6.14 3.85 1.19
C LEU A 96 -7.37 4.34 1.99
N THR A 97 -7.48 5.62 2.17
CA THR A 97 -8.65 6.16 2.94
C THR A 97 -9.95 5.78 2.24
N SER A 98 -10.06 6.03 0.96
CA SER A 98 -11.31 5.68 0.23
C SER A 98 -11.54 4.16 0.31
N ALA A 99 -10.48 3.40 0.32
CA ALA A 99 -10.64 1.92 0.39
C ALA A 99 -11.13 1.51 1.78
N PHE A 100 -10.57 2.07 2.81
CA PHE A 100 -11.01 1.72 4.20
C PHE A 100 -12.53 1.74 4.27
N TYR A 101 -13.13 2.85 3.94
CA TYR A 101 -14.60 2.96 4.00
C TYR A 101 -15.24 2.09 2.91
N GLN A 102 -14.58 1.94 1.80
CA GLN A 102 -15.14 1.12 0.70
C GLN A 102 -14.91 -0.37 0.98
N THR A 103 -14.00 -0.69 1.86
CA THR A 103 -13.73 -2.13 2.14
C THR A 103 -14.29 -2.55 3.50
N THR A 104 -13.86 -1.92 4.56
CA THR A 104 -14.37 -2.33 5.91
C THR A 104 -14.97 -1.12 6.66
N GLY A 105 -14.32 0.00 6.61
CA GLY A 105 -14.87 1.20 7.33
C GLY A 105 -14.05 1.46 8.59
N VAL A 106 -12.74 1.45 8.48
CA VAL A 106 -11.89 1.71 9.68
C VAL A 106 -11.22 3.06 9.52
N VAL A 107 -10.55 3.53 10.54
CA VAL A 107 -9.86 4.85 10.44
C VAL A 107 -8.70 4.75 9.46
N ASN A 108 -8.71 5.54 8.42
CA ASN A 108 -7.61 5.50 7.42
C ASN A 108 -6.33 6.09 8.03
N SER A 109 -6.47 6.94 9.02
CA SER A 109 -5.27 7.57 9.63
C SER A 109 -4.41 6.53 10.36
N ARG A 110 -5.00 5.49 10.88
CA ARG A 110 -4.19 4.47 11.60
C ARG A 110 -3.25 3.73 10.64
N PHE A 111 -3.79 3.15 9.60
CA PHE A 111 -2.92 2.41 8.64
C PHE A 111 -2.16 3.40 7.75
N ILE A 112 -2.86 4.35 7.17
CA ILE A 112 -2.19 5.33 6.28
C ILE A 112 -1.04 6.03 7.03
N SER A 113 -1.22 6.30 8.29
CA SER A 113 -0.14 6.97 9.07
C SER A 113 1.10 6.08 9.07
N GLU A 114 0.93 4.80 9.22
CA GLU A 114 2.11 3.90 9.22
C GLU A 114 2.72 3.84 7.81
N ILE A 115 1.88 3.83 6.81
CA ILE A 115 2.39 3.79 5.41
C ILE A 115 3.08 5.10 5.08
N ARG A 116 2.49 6.20 5.45
CA ARG A 116 3.09 7.53 5.16
C ARG A 116 4.53 7.55 5.70
N SER A 117 4.76 6.97 6.85
CA SER A 117 6.14 6.96 7.42
C SER A 117 7.01 5.98 6.63
N LEU A 118 6.45 4.89 6.19
CA LEU A 118 7.25 3.88 5.43
C LEU A 118 7.71 4.50 4.11
N ILE A 119 6.87 5.26 3.47
CA ILE A 119 7.25 5.87 2.17
C ILE A 119 8.46 6.79 2.38
N GLY A 120 8.45 7.57 3.42
CA GLY A 120 9.60 8.50 3.67
C GLY A 120 10.86 7.69 3.98
N MET A 121 10.72 6.61 4.70
CA MET A 121 11.91 5.79 5.04
C MET A 121 12.48 5.14 3.77
N PHE A 122 11.62 4.76 2.86
CA PHE A 122 12.11 4.12 1.61
C PHE A 122 12.93 5.14 0.81
N ALA A 123 12.56 6.39 0.86
CA ALA A 123 13.32 7.42 0.10
C ALA A 123 14.70 7.60 0.73
N GLN A 124 14.81 7.40 2.01
CA GLN A 124 16.13 7.57 2.69
C GLN A 124 17.05 6.42 2.28
N ALA A 125 16.51 5.26 2.05
CA ALA A 125 17.37 4.11 1.64
C ALA A 125 17.89 4.33 0.23
N SER A 126 17.15 5.03 -0.59
CA SER A 126 17.61 5.28 -1.98
C SER A 126 18.88 6.14 -1.94
N ALA A 127 18.99 7.01 -0.99
CA ALA A 127 20.21 7.88 -0.89
C ALA A 127 21.42 7.00 -0.54
N ASN A 128 21.19 5.80 -0.08
CA ASN A 128 22.33 4.92 0.27
C ASN A 128 22.89 4.27 -1.00
N ASP A 129 22.10 4.22 -2.04
CA ASP A 129 22.60 3.61 -3.31
C ASP A 129 23.73 4.46 -3.88
N VAL A 130 23.57 5.75 -3.85
CA VAL A 130 24.63 6.64 -4.40
C VAL A 130 25.90 6.50 -3.58
N TYR A 131 25.76 6.23 -2.30
CA TYR A 131 26.97 6.07 -1.44
C TYR A 131 26.53 5.76 0.00
N ALA A 132 27.46 5.48 0.86
CA ALA A 132 27.09 5.17 2.27
C ALA A 132 26.83 6.47 3.03
N SER A 133 25.66 6.62 3.59
CA SER A 133 25.36 7.87 4.35
C SER A 133 26.45 8.12 5.39
N ALA A 134 26.94 7.09 6.01
CA ALA A 134 28.01 7.27 7.03
C ALA A 134 29.21 7.95 6.39
N GLY A 135 29.51 7.63 5.16
CA GLY A 135 30.67 8.27 4.48
C GLY A 135 30.80 7.71 3.06
N SER A 136 31.81 8.11 2.35
CA SER A 136 31.99 7.60 0.96
C SER A 136 33.36 6.92 0.84
N GLY A 137 33.44 5.85 0.10
CA GLY A 137 34.74 5.15 -0.06
C GLY A 137 34.49 3.71 -0.53
N GLY A 1 -16.32 -3.62 12.55
CA GLY A 1 -16.76 -5.05 12.46
C GLY A 1 -18.13 -5.13 11.79
N MET A 2 -18.75 -4.01 11.55
CA MET A 2 -20.09 -4.02 10.89
C MET A 2 -19.98 -4.69 9.52
N GLY A 3 -18.80 -4.71 8.94
CA GLY A 3 -18.63 -5.34 7.61
C GLY A 3 -18.29 -6.82 7.79
N GLN A 4 -17.82 -7.46 6.76
CA GLN A 4 -17.48 -8.91 6.87
C GLN A 4 -16.20 -9.06 7.70
N ALA A 5 -15.60 -7.97 8.10
CA ALA A 5 -14.36 -8.06 8.91
C ALA A 5 -14.04 -6.69 9.50
N ASN A 6 -13.33 -6.64 10.59
CA ASN A 6 -13.00 -5.33 11.22
C ASN A 6 -11.94 -4.62 10.37
N THR A 7 -11.31 -5.32 9.46
CA THR A 7 -10.27 -4.69 8.61
C THR A 7 -10.17 -5.46 7.28
N PRO A 8 -9.79 -4.76 6.20
CA PRO A 8 -9.66 -5.38 4.87
C PRO A 8 -8.55 -6.44 4.83
N TRP A 9 -7.52 -6.27 5.62
CA TRP A 9 -6.43 -7.29 5.61
C TRP A 9 -6.77 -8.39 6.61
N SER A 10 -8.01 -8.49 7.00
CA SER A 10 -8.41 -9.55 7.95
C SER A 10 -9.16 -10.63 7.19
N SER A 11 -9.87 -10.23 6.15
CA SER A 11 -10.62 -11.21 5.33
C SER A 11 -10.16 -11.11 3.88
N LYS A 12 -10.10 -12.22 3.19
CA LYS A 12 -9.64 -12.19 1.77
C LYS A 12 -10.59 -11.32 0.94
N ALA A 13 -11.87 -11.48 1.14
CA ALA A 13 -12.85 -10.68 0.35
C ALA A 13 -12.58 -9.19 0.57
N ASN A 14 -12.49 -8.78 1.81
CA ASN A 14 -12.23 -7.34 2.10
C ASN A 14 -10.80 -6.97 1.73
N ALA A 15 -9.89 -7.90 1.82
CA ALA A 15 -8.46 -7.59 1.50
C ALA A 15 -8.32 -7.23 0.02
N ASP A 16 -9.05 -7.88 -0.84
CA ASP A 16 -8.92 -7.58 -2.30
C ASP A 16 -9.43 -6.16 -2.58
N ALA A 17 -10.65 -5.86 -2.21
CA ALA A 17 -11.18 -4.50 -2.47
C ALA A 17 -10.20 -3.45 -1.95
N PHE A 18 -9.46 -3.78 -0.92
CA PHE A 18 -8.48 -2.78 -0.38
C PHE A 18 -7.34 -2.60 -1.38
N ILE A 19 -6.85 -3.68 -1.93
CA ILE A 19 -5.74 -3.57 -2.91
C ILE A 19 -6.26 -2.90 -4.19
N ASN A 20 -7.41 -3.33 -4.66
CA ASN A 20 -7.98 -2.73 -5.89
C ASN A 20 -8.39 -1.28 -5.62
N SER A 21 -9.13 -1.05 -4.58
CA SER A 21 -9.56 0.34 -4.26
C SER A 21 -8.32 1.21 -4.07
N PHE A 22 -7.24 0.62 -3.62
CA PHE A 22 -6.00 1.40 -3.39
C PHE A 22 -5.37 1.78 -4.73
N ILE A 23 -5.16 0.83 -5.60
CA ILE A 23 -4.54 1.14 -6.92
C ILE A 23 -5.48 2.02 -7.75
N SER A 24 -6.68 1.57 -7.97
CA SER A 24 -7.64 2.38 -8.78
C SER A 24 -7.82 3.76 -8.14
N ALA A 25 -7.82 3.84 -6.85
CA ALA A 25 -8.01 5.16 -6.17
C ALA A 25 -6.70 5.96 -6.21
N ALA A 26 -5.59 5.32 -5.91
CA ALA A 26 -4.29 6.06 -5.91
C ALA A 26 -3.95 6.51 -7.34
N SER A 27 -4.42 5.81 -8.33
CA SER A 27 -4.10 6.21 -9.73
C SER A 27 -4.72 7.56 -10.07
N ASN A 28 -5.84 7.88 -9.47
CA ASN A 28 -6.50 9.19 -9.77
C ASN A 28 -6.31 10.15 -8.61
N THR A 29 -5.52 9.80 -7.63
CA THR A 29 -5.31 10.72 -6.47
C THR A 29 -4.15 11.68 -6.74
N GLY A 30 -2.93 11.22 -6.62
CA GLY A 30 -1.77 12.11 -6.87
C GLY A 30 -1.47 12.16 -8.37
N SER A 31 -0.45 11.47 -8.80
CA SER A 31 -0.11 11.47 -10.24
C SER A 31 0.12 10.04 -10.72
N PHE A 32 1.09 9.37 -10.17
CA PHE A 32 1.36 7.97 -10.59
C PHE A 32 1.32 7.89 -12.12
N SER A 33 2.46 8.01 -12.76
CA SER A 33 2.49 7.94 -14.25
C SER A 33 1.93 6.59 -14.71
N GLN A 34 1.48 6.51 -15.93
CA GLN A 34 0.93 5.22 -16.43
C GLN A 34 1.95 4.10 -16.19
N ASP A 35 3.21 4.39 -16.38
CA ASP A 35 4.25 3.34 -16.16
C ASP A 35 4.21 2.91 -14.69
N GLN A 36 3.95 3.84 -13.80
CA GLN A 36 3.91 3.48 -12.35
C GLN A 36 2.70 2.59 -12.10
N MET A 37 1.64 2.77 -12.84
CA MET A 37 0.44 1.92 -12.64
C MET A 37 0.79 0.47 -12.96
N GLU A 38 1.62 0.24 -13.94
CA GLU A 38 2.02 -1.14 -14.28
C GLU A 38 2.66 -1.80 -13.06
N ASN A 39 3.59 -1.14 -12.45
CA ASN A 39 4.26 -1.72 -11.24
C ASN A 39 3.20 -1.97 -10.17
N MET A 40 2.35 -1.01 -9.93
CA MET A 40 1.29 -1.18 -8.90
C MET A 40 0.39 -2.35 -9.32
N SER A 41 0.16 -2.50 -10.59
CA SER A 41 -0.70 -3.62 -11.06
C SER A 41 0.05 -4.94 -10.88
N LEU A 42 1.35 -4.89 -10.82
CA LEU A 42 2.14 -6.14 -10.65
C LEU A 42 2.23 -6.47 -9.15
N ILE A 43 2.04 -5.48 -8.31
CA ILE A 43 2.12 -5.74 -6.84
C ILE A 43 0.76 -5.41 -6.21
N GLY A 44 0.41 -6.09 -5.15
CA GLY A 44 -0.90 -5.82 -4.50
C GLY A 44 -1.95 -6.73 -5.14
N ASN A 45 -2.40 -6.39 -6.32
CA ASN A 45 -3.40 -7.26 -6.99
C ASN A 45 -2.73 -8.60 -7.33
N THR A 46 -1.49 -8.55 -7.74
CA THR A 46 -0.76 -9.81 -8.06
C THR A 46 -0.65 -10.65 -6.78
N LEU A 47 -0.50 -9.99 -5.67
CA LEU A 47 -0.38 -10.72 -4.38
C LEU A 47 -1.63 -11.58 -4.17
N MET A 48 -2.77 -11.09 -4.57
CA MET A 48 -4.02 -11.89 -4.40
C MET A 48 -3.82 -13.28 -4.99
N ALA A 49 -2.99 -13.39 -5.99
CA ALA A 49 -2.75 -14.72 -6.61
C ALA A 49 -2.15 -15.67 -5.56
N ALA A 50 -1.35 -15.15 -4.68
CA ALA A 50 -0.74 -16.01 -3.63
C ALA A 50 -1.84 -16.50 -2.69
N MET A 51 -2.80 -15.67 -2.40
CA MET A 51 -3.90 -16.09 -1.49
C MET A 51 -4.53 -17.37 -2.05
N ASP A 52 -4.51 -17.54 -3.35
CA ASP A 52 -5.10 -18.77 -3.95
C ASP A 52 -4.47 -19.99 -3.30
N ASN A 53 -3.22 -19.91 -2.93
CA ASN A 53 -2.56 -21.06 -2.29
C ASN A 53 -3.26 -21.39 -0.97
N MET A 54 -3.80 -20.40 -0.32
CA MET A 54 -4.50 -20.64 0.97
C MET A 54 -5.63 -21.65 0.73
N GLY A 55 -6.17 -21.68 -0.45
CA GLY A 55 -7.28 -22.64 -0.73
C GLY A 55 -8.62 -21.96 -0.44
N GLY A 56 -8.62 -20.66 -0.29
CA GLY A 56 -9.89 -19.95 0.00
C GLY A 56 -10.04 -19.76 1.52
N ARG A 57 -8.94 -19.80 2.23
CA ARG A 57 -9.00 -19.62 3.71
C ARG A 57 -7.90 -18.67 4.15
N ILE A 58 -8.25 -17.51 4.61
CA ILE A 58 -7.20 -16.55 5.07
C ILE A 58 -7.30 -16.33 6.57
N THR A 59 -6.24 -15.87 7.18
CA THR A 59 -6.28 -15.64 8.66
C THR A 59 -5.82 -14.21 8.95
N PRO A 60 -6.16 -13.70 10.15
CA PRO A 60 -5.80 -12.35 10.57
C PRO A 60 -4.30 -12.23 10.88
N SER A 61 -3.79 -13.11 11.69
CA SER A 61 -2.34 -13.04 12.03
C SER A 61 -1.49 -13.18 10.76
N LYS A 62 -1.95 -13.97 9.82
CA LYS A 62 -1.17 -14.14 8.56
C LYS A 62 -1.29 -12.88 7.71
N LEU A 63 -2.49 -12.42 7.46
CA LEU A 63 -2.65 -11.18 6.65
C LEU A 63 -1.99 -10.02 7.38
N GLN A 64 -1.90 -10.09 8.68
CA GLN A 64 -1.26 -8.98 9.44
C GLN A 64 0.14 -8.74 8.89
N ALA A 65 0.88 -9.79 8.66
CA ALA A 65 2.25 -9.63 8.11
C ALA A 65 2.16 -9.20 6.65
N LEU A 66 1.16 -9.66 5.95
CA LEU A 66 1.02 -9.29 4.52
C LEU A 66 0.51 -7.85 4.41
N ASP A 67 -0.46 -7.49 5.21
CA ASP A 67 -1.01 -6.10 5.14
C ASP A 67 0.13 -5.08 5.15
N MET A 68 1.11 -5.28 5.99
CA MET A 68 2.26 -4.32 6.03
C MET A 68 3.07 -4.42 4.75
N ALA A 69 3.17 -5.59 4.18
CA ALA A 69 3.96 -5.75 2.92
C ALA A 69 3.35 -4.89 1.81
N PHE A 70 2.05 -4.77 1.79
CA PHE A 70 1.39 -3.95 0.72
C PHE A 70 1.85 -2.50 0.85
N ALA A 71 2.03 -2.03 2.05
CA ALA A 71 2.46 -0.61 2.24
C ALA A 71 3.91 -0.45 1.79
N SER A 72 4.70 -1.49 1.89
CA SER A 72 6.13 -1.38 1.47
C SER A 72 6.23 -1.24 -0.05
N SER A 73 5.52 -2.04 -0.79
CA SER A 73 5.58 -1.95 -2.28
C SER A 73 4.92 -0.66 -2.75
N VAL A 74 3.76 -0.36 -2.24
CA VAL A 74 3.06 0.88 -2.68
C VAL A 74 3.95 2.10 -2.42
N ALA A 75 4.71 2.07 -1.36
CA ALA A 75 5.60 3.23 -1.06
C ALA A 75 6.79 3.23 -2.02
N GLN A 76 7.35 2.07 -2.31
CA GLN A 76 8.51 2.01 -3.24
C GLN A 76 8.07 2.38 -4.65
N ILE A 77 6.94 1.87 -5.08
CA ILE A 77 6.47 2.18 -6.46
C ILE A 77 6.34 3.69 -6.63
N ALA A 78 5.65 4.34 -5.74
CA ALA A 78 5.49 5.82 -5.84
C ALA A 78 6.80 6.52 -5.47
N ALA A 79 7.37 6.17 -4.35
CA ALA A 79 8.65 6.82 -3.94
C ALA A 79 9.70 6.60 -5.02
N SER A 80 9.53 5.60 -5.83
CA SER A 80 10.52 5.33 -6.91
C SER A 80 10.23 6.25 -8.11
N GLN A 81 9.04 6.76 -8.20
CA GLN A 81 8.71 7.66 -9.33
C GLN A 81 9.79 8.73 -9.49
N GLY A 82 10.31 9.20 -8.40
CA GLY A 82 11.38 10.24 -8.46
C GLY A 82 10.73 11.63 -8.50
N GLY A 83 9.53 11.75 -8.02
CA GLY A 83 8.84 13.06 -8.02
C GLY A 83 8.67 13.55 -6.57
N ASP A 84 7.73 14.42 -6.34
CA ASP A 84 7.53 14.92 -4.95
C ASP A 84 7.12 13.77 -4.04
N LEU A 85 7.71 13.68 -2.88
CA LEU A 85 7.35 12.58 -1.94
C LEU A 85 6.12 12.98 -1.13
N GLY A 86 5.84 14.25 -1.07
CA GLY A 86 4.66 14.71 -0.28
C GLY A 86 3.37 14.31 -1.00
N VAL A 87 3.39 14.31 -2.31
CA VAL A 87 2.16 13.93 -3.07
C VAL A 87 1.87 12.45 -2.89
N THR A 88 2.87 11.61 -3.00
CA THR A 88 2.63 10.15 -2.83
C THR A 88 1.89 9.94 -1.51
N THR A 89 2.19 10.74 -0.53
CA THR A 89 1.48 10.60 0.77
C THR A 89 -0.02 10.72 0.52
N ASN A 90 -0.42 11.73 -0.20
CA ASN A 90 -1.87 11.90 -0.51
C ASN A 90 -2.31 10.81 -1.48
N ALA A 91 -1.48 10.48 -2.44
CA ALA A 91 -1.85 9.43 -3.42
C ALA A 91 -1.97 8.08 -2.71
N ILE A 92 -0.93 7.64 -2.06
CA ILE A 92 -0.98 6.33 -1.35
C ILE A 92 -1.99 6.41 -0.19
N ALA A 93 -1.93 7.45 0.58
CA ALA A 93 -2.86 7.58 1.74
C ALA A 93 -4.31 7.68 1.23
N ASP A 94 -4.55 8.53 0.28
CA ASP A 94 -5.94 8.68 -0.23
C ASP A 94 -6.45 7.30 -0.69
N ALA A 95 -5.63 6.55 -1.35
CA ALA A 95 -6.06 5.20 -1.82
C ALA A 95 -6.39 4.34 -0.60
N LEU A 96 -5.56 4.37 0.40
CA LEU A 96 -5.84 3.56 1.62
C LEU A 96 -7.03 4.15 2.38
N THR A 97 -7.15 5.45 2.38
CA THR A 97 -8.28 6.09 3.11
C THR A 97 -9.61 5.71 2.45
N SER A 98 -9.74 5.91 1.17
CA SER A 98 -11.01 5.55 0.50
C SER A 98 -11.24 4.04 0.62
N ALA A 99 -10.25 3.26 0.31
CA ALA A 99 -10.41 1.79 0.40
C ALA A 99 -10.89 1.40 1.79
N PHE A 100 -10.32 1.98 2.82
CA PHE A 100 -10.76 1.64 4.20
C PHE A 100 -12.28 1.68 4.27
N TYR A 101 -12.88 2.77 3.91
CA TYR A 101 -14.36 2.87 3.95
C TYR A 101 -14.97 2.03 2.83
N GLN A 102 -14.29 1.90 1.73
CA GLN A 102 -14.83 1.08 0.61
C GLN A 102 -14.72 -0.40 0.96
N THR A 103 -13.90 -0.75 1.92
CA THR A 103 -13.76 -2.20 2.28
C THR A 103 -14.43 -2.51 3.62
N THR A 104 -14.01 -1.89 4.68
CA THR A 104 -14.63 -2.19 6.00
C THR A 104 -15.12 -0.91 6.70
N GLY A 105 -14.33 0.13 6.66
CA GLY A 105 -14.74 1.40 7.33
C GLY A 105 -13.89 1.62 8.58
N VAL A 106 -12.60 1.46 8.47
CA VAL A 106 -11.72 1.67 9.65
C VAL A 106 -11.03 3.03 9.51
N VAL A 107 -10.41 3.49 10.56
CA VAL A 107 -9.72 4.82 10.49
C VAL A 107 -8.54 4.73 9.52
N ASN A 108 -8.55 5.55 8.51
CA ASN A 108 -7.42 5.54 7.52
C ASN A 108 -6.16 6.11 8.17
N SER A 109 -6.31 6.92 9.18
CA SER A 109 -5.13 7.54 9.84
C SER A 109 -4.30 6.48 10.58
N ARG A 110 -4.93 5.50 11.16
CA ARG A 110 -4.16 4.47 11.91
C ARG A 110 -3.19 3.73 10.98
N PHE A 111 -3.69 3.17 9.91
CA PHE A 111 -2.80 2.44 8.97
C PHE A 111 -2.00 3.42 8.12
N ILE A 112 -2.66 4.34 7.48
CA ILE A 112 -1.94 5.32 6.62
C ILE A 112 -0.88 6.07 7.45
N SER A 113 -1.09 6.21 8.72
CA SER A 113 -0.10 6.92 9.58
C SER A 113 1.25 6.22 9.49
N GLU A 114 1.26 4.92 9.52
CA GLU A 114 2.54 4.17 9.44
C GLU A 114 3.10 4.21 8.02
N ILE A 115 2.24 4.17 7.03
CA ILE A 115 2.72 4.19 5.62
C ILE A 115 3.35 5.55 5.29
N ARG A 116 2.75 6.63 5.72
CA ARG A 116 3.32 7.96 5.40
C ARG A 116 4.80 8.01 5.83
N SER A 117 5.11 7.50 6.99
CA SER A 117 6.52 7.51 7.46
C SER A 117 7.34 6.52 6.63
N LEU A 118 6.75 5.43 6.24
CA LEU A 118 7.51 4.42 5.43
C LEU A 118 7.88 5.01 4.07
N ILE A 119 7.00 5.78 3.49
CA ILE A 119 7.31 6.37 2.16
C ILE A 119 8.54 7.28 2.27
N GLY A 120 8.68 7.96 3.38
CA GLY A 120 9.85 8.85 3.56
C GLY A 120 11.12 8.02 3.66
N MET A 121 11.03 6.86 4.25
CA MET A 121 12.24 5.99 4.38
C MET A 121 12.76 5.64 2.99
N PHE A 122 11.89 5.30 2.08
CA PHE A 122 12.35 4.95 0.70
C PHE A 122 13.10 6.13 0.09
N ALA A 123 12.52 7.30 0.15
CA ALA A 123 13.21 8.50 -0.43
C ALA A 123 14.60 8.63 0.19
N GLN A 124 14.76 8.22 1.41
CA GLN A 124 16.11 8.33 2.06
C GLN A 124 17.06 7.31 1.43
N ALA A 125 16.56 6.19 1.01
CA ALA A 125 17.44 5.16 0.39
C ALA A 125 18.15 5.76 -0.82
N SER A 126 17.53 6.67 -1.50
CA SER A 126 18.16 7.30 -2.70
C SER A 126 19.50 7.92 -2.29
N ALA A 127 19.58 8.47 -1.11
CA ALA A 127 20.85 9.10 -0.65
C ALA A 127 21.96 8.04 -0.65
N ASN A 128 21.62 6.80 -0.46
CA ASN A 128 22.66 5.73 -0.44
C ASN A 128 23.49 5.81 -1.72
N ASP A 129 22.98 6.46 -2.74
CA ASP A 129 23.75 6.57 -4.01
C ASP A 129 25.04 7.36 -3.79
N VAL A 130 25.00 8.34 -2.92
CA VAL A 130 26.22 9.14 -2.66
C VAL A 130 27.29 8.26 -2.02
N TYR A 131 26.89 7.27 -1.27
CA TYR A 131 27.87 6.36 -0.62
C TYR A 131 27.13 5.33 0.23
N ALA A 132 27.77 4.25 0.56
CA ALA A 132 27.10 3.20 1.38
C ALA A 132 26.92 3.71 2.81
N SER A 133 25.69 3.86 3.24
CA SER A 133 25.45 4.35 4.62
C SER A 133 26.09 3.40 5.63
N ALA A 134 26.36 3.87 6.82
CA ALA A 134 26.99 3.00 7.84
C ALA A 134 28.15 2.22 7.21
N GLY A 135 28.66 1.23 7.89
CA GLY A 135 29.78 0.44 7.32
C GLY A 135 31.11 1.13 7.64
N SER A 136 32.19 0.64 7.10
CA SER A 136 33.51 1.28 7.37
C SER A 136 34.17 1.68 6.05
N GLY A 137 34.82 2.81 6.03
CA GLY A 137 35.48 3.24 4.77
C GLY A 137 36.40 2.14 4.25
N GLY A 1 -15.32 -18.26 7.64
CA GLY A 1 -16.38 -17.90 6.65
C GLY A 1 -17.48 -17.10 7.35
N MET A 2 -17.12 -16.29 8.32
CA MET A 2 -18.14 -15.49 9.04
C MET A 2 -18.88 -14.59 8.04
N GLY A 3 -18.19 -14.06 7.08
CA GLY A 3 -18.85 -13.17 6.08
C GLY A 3 -18.65 -11.71 6.48
N GLN A 4 -17.94 -11.47 7.55
CA GLN A 4 -17.71 -10.05 7.98
C GLN A 4 -16.21 -9.78 8.03
N ALA A 5 -15.82 -8.55 7.87
CA ALA A 5 -14.37 -8.21 7.90
C ALA A 5 -14.16 -6.82 8.50
N ASN A 6 -13.95 -6.75 9.79
CA ASN A 6 -13.74 -5.43 10.44
C ASN A 6 -12.55 -4.72 9.78
N THR A 7 -11.74 -5.46 9.07
CA THR A 7 -10.56 -4.84 8.41
C THR A 7 -10.43 -5.38 6.99
N PRO A 8 -9.86 -4.58 6.07
CA PRO A 8 -9.68 -4.99 4.67
C PRO A 8 -8.65 -6.10 4.54
N TRP A 9 -7.62 -6.09 5.34
CA TRP A 9 -6.60 -7.18 5.26
C TRP A 9 -6.98 -8.31 6.20
N SER A 10 -7.93 -8.08 7.07
CA SER A 10 -8.35 -9.14 8.02
C SER A 10 -9.12 -10.23 7.26
N SER A 11 -9.37 -10.01 5.99
CA SER A 11 -10.12 -11.04 5.20
C SER A 11 -9.51 -11.12 3.79
N LYS A 12 -9.64 -12.25 3.16
CA LYS A 12 -9.08 -12.41 1.79
C LYS A 12 -9.93 -11.64 0.78
N ALA A 13 -11.23 -11.67 0.95
CA ALA A 13 -12.10 -10.93 0.00
C ALA A 13 -12.12 -9.45 0.36
N ASN A 14 -12.01 -9.15 1.63
CA ASN A 14 -12.02 -7.72 2.07
C ASN A 14 -10.70 -7.06 1.65
N ALA A 15 -9.65 -7.81 1.57
CA ALA A 15 -8.33 -7.23 1.19
C ALA A 15 -8.35 -6.83 -0.28
N ASP A 16 -8.89 -7.67 -1.13
CA ASP A 16 -8.93 -7.34 -2.58
C ASP A 16 -9.59 -5.98 -2.79
N ALA A 17 -10.79 -5.80 -2.31
CA ALA A 17 -11.47 -4.49 -2.48
C ALA A 17 -10.54 -3.37 -2.00
N PHE A 18 -9.79 -3.63 -0.97
CA PHE A 18 -8.86 -2.58 -0.44
C PHE A 18 -7.74 -2.34 -1.46
N ILE A 19 -7.07 -3.37 -1.88
CA ILE A 19 -5.97 -3.20 -2.87
C ILE A 19 -6.55 -2.57 -4.14
N ASN A 20 -7.68 -3.06 -4.59
CA ASN A 20 -8.30 -2.50 -5.83
C ASN A 20 -8.76 -1.06 -5.56
N SER A 21 -9.49 -0.86 -4.51
CA SER A 21 -9.97 0.51 -4.20
C SER A 21 -8.75 1.43 -4.04
N PHE A 22 -7.65 0.88 -3.61
CA PHE A 22 -6.42 1.70 -3.44
C PHE A 22 -5.83 2.06 -4.80
N ILE A 23 -5.63 1.09 -5.64
CA ILE A 23 -5.05 1.39 -6.98
C ILE A 23 -6.00 2.30 -7.76
N SER A 24 -7.23 1.88 -7.93
CA SER A 24 -8.21 2.73 -8.67
C SER A 24 -8.25 4.12 -8.06
N ALA A 25 -8.15 4.22 -6.77
CA ALA A 25 -8.19 5.56 -6.12
C ALA A 25 -6.84 6.26 -6.27
N ALA A 26 -5.77 5.60 -5.92
CA ALA A 26 -4.43 6.23 -6.04
C ALA A 26 -4.16 6.62 -7.49
N SER A 27 -4.78 5.97 -8.42
CA SER A 27 -4.55 6.30 -9.86
C SER A 27 -5.13 7.68 -10.18
N ASN A 28 -6.21 8.04 -9.55
CA ASN A 28 -6.83 9.37 -9.83
C ASN A 28 -6.55 10.34 -8.68
N THR A 29 -5.74 9.96 -7.74
CA THR A 29 -5.45 10.86 -6.59
C THR A 29 -4.29 11.80 -6.94
N GLY A 30 -3.08 11.31 -6.89
CA GLY A 30 -1.92 12.18 -7.21
C GLY A 30 -1.69 12.21 -8.72
N SER A 31 -0.74 11.47 -9.20
CA SER A 31 -0.46 11.46 -10.66
C SER A 31 -0.12 10.03 -11.10
N PHE A 32 0.84 9.43 -10.47
CA PHE A 32 1.22 8.04 -10.86
C PHE A 32 1.28 7.94 -12.39
N SER A 33 2.44 8.16 -12.95
CA SER A 33 2.56 8.09 -14.43
C SER A 33 2.17 6.69 -14.92
N GLN A 34 1.84 6.55 -16.17
CA GLN A 34 1.45 5.22 -16.69
C GLN A 34 2.52 4.19 -16.34
N ASP A 35 3.77 4.59 -16.41
CA ASP A 35 4.87 3.63 -16.07
C ASP A 35 4.75 3.24 -14.60
N GLN A 36 4.38 4.16 -13.75
CA GLN A 36 4.25 3.85 -12.31
C GLN A 36 2.96 3.07 -12.08
N MET A 37 1.93 3.39 -12.81
CA MET A 37 0.64 2.65 -12.65
C MET A 37 0.84 1.19 -13.04
N GLU A 38 1.63 0.95 -14.05
CA GLU A 38 1.87 -0.47 -14.48
C GLU A 38 2.42 -1.26 -13.30
N ASN A 39 3.31 -0.68 -12.54
CA ASN A 39 3.86 -1.40 -11.37
C ASN A 39 2.72 -1.85 -10.46
N MET A 40 1.69 -1.05 -10.37
CA MET A 40 0.53 -1.42 -9.51
C MET A 40 0.00 -2.78 -9.97
N SER A 41 0.10 -3.07 -11.24
CA SER A 41 -0.41 -4.38 -11.75
C SER A 41 0.46 -5.51 -11.19
N LEU A 42 1.67 -5.21 -10.83
CA LEU A 42 2.57 -6.26 -10.29
C LEU A 42 2.45 -6.30 -8.76
N ILE A 43 2.14 -5.20 -8.14
CA ILE A 43 2.00 -5.19 -6.65
C ILE A 43 0.56 -4.86 -6.28
N GLY A 44 0.13 -5.26 -5.12
CA GLY A 44 -1.26 -4.97 -4.69
C GLY A 44 -2.19 -6.05 -5.25
N ASN A 45 -2.71 -5.85 -6.44
CA ASN A 45 -3.60 -6.87 -7.04
C ASN A 45 -2.83 -8.18 -7.16
N THR A 46 -1.55 -8.10 -7.40
CA THR A 46 -0.74 -9.34 -7.53
C THR A 46 -0.71 -10.06 -6.18
N LEU A 47 -0.70 -9.33 -5.11
CA LEU A 47 -0.69 -9.95 -3.76
C LEU A 47 -1.87 -10.91 -3.65
N MET A 48 -3.00 -10.55 -4.19
CA MET A 48 -4.18 -11.45 -4.11
C MET A 48 -3.81 -12.83 -4.62
N ALA A 49 -2.97 -12.90 -5.63
CA ALA A 49 -2.56 -14.22 -6.17
C ALA A 49 -1.86 -15.02 -5.08
N ALA A 50 -1.16 -14.35 -4.19
CA ALA A 50 -0.46 -15.06 -3.10
C ALA A 50 -1.50 -15.68 -2.16
N MET A 51 -2.48 -14.93 -1.77
CA MET A 51 -3.52 -15.47 -0.86
C MET A 51 -4.19 -16.68 -1.52
N ASP A 52 -4.25 -16.70 -2.82
CA ASP A 52 -4.89 -17.85 -3.53
C ASP A 52 -4.14 -19.13 -3.17
N ASN A 53 -2.86 -19.03 -2.93
CA ASN A 53 -2.07 -20.25 -2.58
C ASN A 53 -2.63 -20.85 -1.28
N MET A 54 -3.19 -20.04 -0.44
CA MET A 54 -3.75 -20.56 0.83
C MET A 54 -4.82 -21.61 0.53
N GLY A 55 -5.53 -21.44 -0.56
CA GLY A 55 -6.58 -22.42 -0.92
C GLY A 55 -7.96 -21.86 -0.54
N GLY A 56 -8.02 -20.59 -0.23
CA GLY A 56 -9.32 -19.97 0.15
C GLY A 56 -9.39 -19.83 1.67
N ARG A 57 -8.29 -20.06 2.34
CA ARG A 57 -8.31 -19.94 3.83
C ARG A 57 -7.21 -18.96 4.27
N ILE A 58 -7.58 -17.82 4.79
CA ILE A 58 -6.55 -16.85 5.23
C ILE A 58 -6.66 -16.65 6.75
N THR A 59 -5.55 -16.50 7.41
CA THR A 59 -5.59 -16.32 8.89
C THR A 59 -5.47 -14.83 9.22
N PRO A 60 -5.95 -14.44 10.41
CA PRO A 60 -5.91 -13.05 10.87
C PRO A 60 -4.48 -12.60 11.19
N SER A 61 -3.72 -13.44 11.83
CA SER A 61 -2.32 -13.06 12.18
C SER A 61 -1.47 -13.06 10.91
N LYS A 62 -1.74 -13.97 10.00
CA LYS A 62 -0.95 -14.01 8.74
C LYS A 62 -1.19 -12.73 7.94
N LEU A 63 -2.43 -12.37 7.76
CA LEU A 63 -2.73 -11.12 6.98
C LEU A 63 -2.04 -9.94 7.64
N GLN A 64 -1.89 -9.97 8.94
CA GLN A 64 -1.21 -8.84 9.62
C GLN A 64 0.17 -8.64 9.00
N ALA A 65 0.91 -9.71 8.84
CA ALA A 65 2.25 -9.58 8.21
C ALA A 65 2.10 -9.30 6.72
N LEU A 66 1.24 -10.04 6.06
CA LEU A 66 1.04 -9.81 4.59
C LEU A 66 0.52 -8.40 4.36
N ASP A 67 -0.50 -8.01 5.07
CA ASP A 67 -1.07 -6.64 4.89
C ASP A 67 0.08 -5.62 4.92
N MET A 68 1.05 -5.84 5.75
CA MET A 68 2.19 -4.88 5.83
C MET A 68 2.97 -4.88 4.51
N ALA A 69 3.03 -6.00 3.85
CA ALA A 69 3.77 -6.07 2.56
C ALA A 69 3.16 -5.06 1.57
N PHE A 70 1.86 -5.02 1.48
CA PHE A 70 1.21 -4.07 0.53
C PHE A 70 1.73 -2.65 0.79
N ALA A 71 1.93 -2.29 2.03
CA ALA A 71 2.43 -0.92 2.34
C ALA A 71 3.88 -0.79 1.87
N SER A 72 4.67 -1.80 2.06
CA SER A 72 6.10 -1.73 1.63
C SER A 72 6.18 -1.72 0.10
N SER A 73 5.44 -2.58 -0.55
CA SER A 73 5.48 -2.63 -2.03
C SER A 73 4.81 -1.39 -2.61
N VAL A 74 3.66 -1.05 -2.12
CA VAL A 74 2.95 0.15 -2.64
C VAL A 74 3.83 1.38 -2.46
N ALA A 75 4.45 1.53 -1.33
CA ALA A 75 5.32 2.72 -1.09
C ALA A 75 6.48 2.71 -2.08
N GLN A 76 7.01 1.55 -2.38
CA GLN A 76 8.16 1.48 -3.34
C GLN A 76 7.68 1.85 -4.75
N ILE A 77 6.54 1.36 -5.15
CA ILE A 77 6.03 1.69 -6.51
C ILE A 77 5.99 3.21 -6.69
N ALA A 78 5.37 3.90 -5.78
CA ALA A 78 5.28 5.38 -5.89
C ALA A 78 6.59 6.01 -5.44
N ALA A 79 7.08 5.65 -4.29
CA ALA A 79 8.37 6.24 -3.81
C ALA A 79 9.46 5.97 -4.85
N SER A 80 9.29 4.98 -5.66
CA SER A 80 10.32 4.67 -6.70
C SER A 80 10.11 5.59 -7.90
N GLN A 81 8.94 6.14 -8.05
CA GLN A 81 8.68 7.05 -9.20
C GLN A 81 9.83 8.04 -9.36
N GLY A 82 10.42 8.45 -8.26
CA GLY A 82 11.55 9.41 -8.34
C GLY A 82 11.02 10.85 -8.34
N GLY A 83 9.74 11.02 -8.20
CA GLY A 83 9.16 12.39 -8.19
C GLY A 83 8.98 12.86 -6.74
N ASP A 84 8.20 13.88 -6.53
CA ASP A 84 7.98 14.38 -5.14
C ASP A 84 7.13 13.38 -4.35
N LEU A 85 7.67 12.82 -3.31
CA LEU A 85 6.89 11.84 -2.51
C LEU A 85 5.65 12.53 -1.92
N GLY A 86 5.63 13.84 -1.92
CA GLY A 86 4.47 14.56 -1.36
C GLY A 86 3.19 14.09 -2.07
N VAL A 87 3.23 13.99 -3.36
CA VAL A 87 2.02 13.52 -4.10
C VAL A 87 1.73 12.07 -3.75
N THR A 88 2.72 11.23 -3.77
CA THR A 88 2.49 9.80 -3.43
C THR A 88 1.82 9.71 -2.07
N THR A 89 2.33 10.40 -1.10
CA THR A 89 1.70 10.37 0.25
C THR A 89 0.20 10.65 0.10
N ASN A 90 -0.13 11.67 -0.64
CA ASN A 90 -1.56 12.01 -0.85
C ASN A 90 -2.18 10.95 -1.76
N ALA A 91 -1.44 10.45 -2.70
CA ALA A 91 -1.97 9.42 -3.63
C ALA A 91 -2.18 8.11 -2.88
N ILE A 92 -1.14 7.57 -2.31
CA ILE A 92 -1.28 6.29 -1.55
C ILE A 92 -2.19 6.49 -0.34
N ALA A 93 -1.95 7.50 0.43
CA ALA A 93 -2.79 7.74 1.64
C ALA A 93 -4.26 7.93 1.24
N ASP A 94 -4.52 8.83 0.32
CA ASP A 94 -5.93 9.06 -0.10
C ASP A 94 -6.56 7.74 -0.57
N ALA A 95 -5.85 6.96 -1.32
CA ALA A 95 -6.41 5.67 -1.80
C ALA A 95 -6.70 4.76 -0.61
N LEU A 96 -5.83 4.75 0.37
CA LEU A 96 -6.06 3.88 1.56
C LEU A 96 -7.23 4.42 2.38
N THR A 97 -7.38 5.71 2.45
CA THR A 97 -8.50 6.28 3.25
C THR A 97 -9.84 5.91 2.61
N SER A 98 -10.00 6.19 1.35
CA SER A 98 -11.29 5.85 0.68
C SER A 98 -11.53 4.34 0.74
N ALA A 99 -10.49 3.55 0.68
CA ALA A 99 -10.67 2.08 0.73
C ALA A 99 -11.12 1.65 2.13
N PHE A 100 -10.48 2.17 3.15
CA PHE A 100 -10.88 1.78 4.53
C PHE A 100 -12.39 1.87 4.68
N TYR A 101 -12.96 3.00 4.40
CA TYR A 101 -14.44 3.17 4.52
C TYR A 101 -15.14 2.38 3.42
N GLN A 102 -14.53 2.26 2.28
CA GLN A 102 -15.15 1.52 1.16
C GLN A 102 -15.12 0.01 1.44
N THR A 103 -14.28 -0.44 2.33
CA THR A 103 -14.21 -1.91 2.60
C THR A 103 -14.83 -2.25 3.96
N THR A 104 -14.31 -1.71 5.03
CA THR A 104 -14.89 -2.05 6.36
C THR A 104 -15.26 -0.79 7.14
N GLY A 105 -14.42 0.21 7.12
CA GLY A 105 -14.75 1.46 7.88
C GLY A 105 -13.79 1.62 9.06
N VAL A 106 -12.52 1.41 8.85
CA VAL A 106 -11.55 1.57 9.96
C VAL A 106 -10.82 2.89 9.81
N VAL A 107 -10.03 3.26 10.78
CA VAL A 107 -9.30 4.55 10.68
C VAL A 107 -8.14 4.42 9.68
N ASN A 108 -8.15 5.22 8.65
CA ASN A 108 -7.04 5.16 7.64
C ASN A 108 -5.77 5.75 8.24
N SER A 109 -5.90 6.67 9.15
CA SER A 109 -4.71 7.32 9.76
C SER A 109 -3.82 6.25 10.42
N ARG A 110 -4.38 5.34 11.16
CA ARG A 110 -3.54 4.30 11.81
C ARG A 110 -2.73 3.54 10.77
N PHE A 111 -3.38 3.02 9.77
CA PHE A 111 -2.64 2.27 8.72
C PHE A 111 -1.90 3.24 7.80
N ILE A 112 -2.60 4.23 7.31
CA ILE A 112 -1.94 5.22 6.41
C ILE A 112 -0.77 5.89 7.11
N SER A 113 -0.93 6.25 8.36
CA SER A 113 0.19 6.91 9.10
C SER A 113 1.42 6.02 9.04
N GLU A 114 1.24 4.73 9.14
CA GLU A 114 2.41 3.80 9.10
C GLU A 114 3.03 3.82 7.71
N ILE A 115 2.21 3.85 6.69
CA ILE A 115 2.76 3.86 5.29
C ILE A 115 3.36 5.24 5.00
N ARG A 116 2.69 6.29 5.38
CA ARG A 116 3.22 7.66 5.12
C ARG A 116 4.64 7.76 5.68
N SER A 117 4.88 7.20 6.83
CA SER A 117 6.24 7.27 7.44
C SER A 117 7.19 6.35 6.66
N LEU A 118 6.70 5.25 6.18
CA LEU A 118 7.57 4.30 5.43
C LEU A 118 7.93 4.91 4.07
N ILE A 119 6.99 5.54 3.43
CA ILE A 119 7.28 6.16 2.09
C ILE A 119 8.42 7.17 2.23
N GLY A 120 8.42 7.92 3.31
CA GLY A 120 9.51 8.93 3.50
C GLY A 120 10.83 8.21 3.81
N MET A 121 10.75 7.04 4.39
CA MET A 121 11.99 6.30 4.72
C MET A 121 12.70 5.88 3.42
N PHE A 122 11.95 5.48 2.43
CA PHE A 122 12.58 5.06 1.15
C PHE A 122 13.38 6.23 0.56
N ALA A 123 12.88 7.43 0.69
CA ALA A 123 13.62 8.60 0.14
C ALA A 123 14.97 8.73 0.84
N GLN A 124 15.04 8.34 2.08
CA GLN A 124 16.34 8.44 2.82
C GLN A 124 17.31 7.40 2.29
N ALA A 125 16.82 6.28 1.85
CA ALA A 125 17.72 5.22 1.31
C ALA A 125 18.45 5.75 0.07
N SER A 126 17.85 6.65 -0.64
CA SER A 126 18.51 7.21 -1.85
C SER A 126 19.82 7.90 -1.46
N ALA A 127 19.89 8.41 -0.26
CA ALA A 127 21.14 9.10 0.19
C ALA A 127 22.28 8.07 0.27
N ASN A 128 21.96 6.84 0.53
CA ASN A 128 23.02 5.80 0.64
C ASN A 128 24.02 5.96 -0.50
N ASP A 129 23.61 6.55 -1.60
CA ASP A 129 24.56 6.71 -2.73
C ASP A 129 25.22 8.10 -2.67
N VAL A 130 24.45 9.14 -2.85
CA VAL A 130 25.05 10.51 -2.82
C VAL A 130 24.85 11.18 -1.46
N TYR A 131 23.99 10.69 -0.63
CA TYR A 131 23.76 11.32 0.72
C TYR A 131 23.70 12.84 0.56
N ALA A 132 24.81 13.53 0.63
CA ALA A 132 24.80 15.00 0.49
C ALA A 132 26.13 15.46 -0.12
N SER A 133 26.22 15.46 -1.42
CA SER A 133 27.49 15.88 -2.07
C SER A 133 28.03 17.14 -1.38
N ALA A 134 29.27 17.48 -1.64
CA ALA A 134 29.86 18.68 -1.00
C ALA A 134 29.15 19.94 -1.50
N GLY A 135 28.70 19.92 -2.72
CA GLY A 135 27.99 21.11 -3.28
C GLY A 135 28.97 21.95 -4.10
N SER A 136 30.15 21.43 -4.35
CA SER A 136 31.15 22.20 -5.14
C SER A 136 30.56 22.55 -6.51
N GLY A 137 29.75 21.68 -7.05
CA GLY A 137 29.15 21.95 -8.39
C GLY A 137 28.06 20.92 -8.69
N GLY A 1 -18.24 -11.50 16.32
CA GLY A 1 -18.96 -11.91 15.08
C GLY A 1 -19.67 -10.69 14.48
N MET A 2 -19.01 -9.99 13.59
CA MET A 2 -19.64 -8.80 12.98
C MET A 2 -19.98 -9.10 11.51
N GLY A 3 -21.09 -8.61 11.03
CA GLY A 3 -21.47 -8.86 9.62
C GLY A 3 -20.30 -8.49 8.71
N GLN A 4 -19.59 -7.45 9.04
CA GLN A 4 -18.43 -7.03 8.19
C GLN A 4 -17.14 -7.26 8.95
N ALA A 5 -16.05 -7.46 8.26
CA ALA A 5 -14.75 -7.67 8.96
C ALA A 5 -14.34 -6.40 9.69
N ASN A 6 -13.50 -6.52 10.69
CA ASN A 6 -13.05 -5.31 11.43
C ASN A 6 -12.00 -4.57 10.61
N THR A 7 -11.52 -5.18 9.57
CA THR A 7 -10.49 -4.51 8.73
C THR A 7 -10.42 -5.23 7.36
N PRO A 8 -10.04 -4.50 6.31
CA PRO A 8 -9.94 -5.05 4.95
C PRO A 8 -8.82 -6.09 4.82
N TRP A 9 -7.79 -6.00 5.62
CA TRP A 9 -6.70 -7.00 5.51
C TRP A 9 -6.95 -8.17 6.47
N SER A 10 -8.14 -8.30 6.97
CA SER A 10 -8.44 -9.42 7.89
C SER A 10 -9.27 -10.48 7.16
N SER A 11 -9.95 -10.07 6.12
CA SER A 11 -10.78 -11.04 5.34
C SER A 11 -10.14 -11.28 3.98
N LYS A 12 -10.49 -12.34 3.32
CA LYS A 12 -9.89 -12.63 1.99
C LYS A 12 -10.51 -11.71 0.93
N ALA A 13 -11.79 -11.49 0.99
CA ALA A 13 -12.45 -10.61 -0.02
C ALA A 13 -12.29 -9.15 0.39
N ASN A 14 -12.24 -8.88 1.67
CA ASN A 14 -12.09 -7.46 2.12
C ASN A 14 -10.67 -6.98 1.81
N ALA A 15 -9.71 -7.86 1.81
CA ALA A 15 -8.31 -7.44 1.52
C ALA A 15 -8.16 -7.10 0.03
N ASP A 16 -8.63 -7.95 -0.83
CA ASP A 16 -8.48 -7.69 -2.29
C ASP A 16 -9.12 -6.34 -2.65
N ALA A 17 -10.33 -6.10 -2.21
CA ALA A 17 -10.99 -4.80 -2.53
C ALA A 17 -10.10 -3.65 -2.08
N PHE A 18 -9.50 -3.77 -0.92
CA PHE A 18 -8.61 -2.68 -0.43
C PHE A 18 -7.45 -2.48 -1.41
N ILE A 19 -6.80 -3.54 -1.81
CA ILE A 19 -5.68 -3.39 -2.77
C ILE A 19 -6.18 -2.77 -4.07
N ASN A 20 -7.31 -3.24 -4.56
CA ASN A 20 -7.86 -2.69 -5.82
C ASN A 20 -8.33 -1.25 -5.58
N SER A 21 -9.11 -1.03 -4.57
CA SER A 21 -9.60 0.34 -4.29
C SER A 21 -8.39 1.27 -4.13
N PHE A 22 -7.29 0.74 -3.68
CA PHE A 22 -6.08 1.58 -3.49
C PHE A 22 -5.47 1.93 -4.85
N ILE A 23 -5.24 0.93 -5.69
CA ILE A 23 -4.64 1.21 -7.02
C ILE A 23 -5.55 2.13 -7.83
N SER A 24 -6.78 1.76 -8.02
CA SER A 24 -7.71 2.62 -8.81
C SER A 24 -7.85 3.98 -8.13
N ALA A 25 -7.82 4.02 -6.83
CA ALA A 25 -7.96 5.34 -6.13
C ALA A 25 -6.63 6.10 -6.17
N ALA A 26 -5.54 5.45 -5.91
CA ALA A 26 -4.23 6.15 -5.92
C ALA A 26 -3.89 6.63 -7.34
N SER A 27 -4.16 5.82 -8.33
CA SER A 27 -3.84 6.22 -9.73
C SER A 27 -4.54 7.54 -10.07
N ASN A 28 -5.65 7.83 -9.44
CA ASN A 28 -6.37 9.10 -9.75
C ASN A 28 -6.18 10.11 -8.62
N THR A 29 -5.35 9.83 -7.65
CA THR A 29 -5.16 10.80 -6.54
C THR A 29 -3.98 11.72 -6.84
N GLY A 30 -2.78 11.25 -6.66
CA GLY A 30 -1.59 12.11 -6.92
C GLY A 30 -1.29 12.11 -8.43
N SER A 31 -0.26 11.41 -8.82
CA SER A 31 0.09 11.37 -10.27
C SER A 31 0.30 9.91 -10.69
N PHE A 32 1.25 9.25 -10.10
CA PHE A 32 1.50 7.82 -10.48
C PHE A 32 1.46 7.69 -12.00
N SER A 33 2.57 7.83 -12.66
CA SER A 33 2.59 7.71 -14.15
C SER A 33 2.08 6.33 -14.56
N GLN A 34 1.70 6.17 -15.79
CA GLN A 34 1.19 4.85 -16.25
C GLN A 34 2.20 3.76 -15.90
N ASP A 35 3.47 4.02 -16.11
CA ASP A 35 4.51 3.02 -15.78
C ASP A 35 4.44 2.69 -14.29
N GLN A 36 4.16 3.67 -13.47
CA GLN A 36 4.09 3.42 -12.00
C GLN A 36 2.83 2.60 -11.69
N MET A 37 1.77 2.85 -12.41
CA MET A 37 0.51 2.09 -12.16
C MET A 37 0.75 0.60 -12.45
N GLU A 38 1.57 0.31 -13.42
CA GLU A 38 1.85 -1.12 -13.75
C GLU A 38 2.53 -1.79 -12.56
N ASN A 39 3.39 -1.09 -11.88
CA ASN A 39 4.07 -1.70 -10.70
C ASN A 39 3.03 -2.19 -9.71
N MET A 40 1.97 -1.45 -9.54
CA MET A 40 0.90 -1.88 -8.59
C MET A 40 0.23 -3.14 -9.13
N SER A 41 0.16 -3.27 -10.43
CA SER A 41 -0.47 -4.48 -11.03
C SER A 41 0.41 -5.69 -10.79
N LEU A 42 1.69 -5.48 -10.59
CA LEU A 42 2.61 -6.63 -10.36
C LEU A 42 2.83 -6.81 -8.86
N ILE A 43 2.47 -5.84 -8.07
CA ILE A 43 2.66 -5.98 -6.59
C ILE A 43 1.36 -5.62 -5.87
N GLY A 44 1.27 -5.94 -4.61
CA GLY A 44 0.03 -5.61 -3.84
C GLY A 44 -1.14 -6.41 -4.43
N ASN A 45 -1.57 -6.08 -5.62
CA ASN A 45 -2.71 -6.83 -6.22
C ASN A 45 -2.22 -8.20 -6.69
N THR A 46 -1.05 -8.25 -7.27
CA THR A 46 -0.52 -9.57 -7.74
C THR A 46 -0.44 -10.52 -6.54
N LEU A 47 -0.12 -9.99 -5.39
CA LEU A 47 -0.04 -10.86 -4.19
C LEU A 47 -1.39 -11.52 -3.95
N MET A 48 -2.45 -10.84 -4.31
CA MET A 48 -3.81 -11.42 -4.11
C MET A 48 -3.89 -12.77 -4.82
N ALA A 49 -3.16 -12.94 -5.89
CA ALA A 49 -3.19 -14.24 -6.61
C ALA A 49 -2.73 -15.33 -5.66
N ALA A 50 -1.70 -15.06 -4.91
CA ALA A 50 -1.20 -16.06 -3.94
C ALA A 50 -2.29 -16.34 -2.92
N MET A 51 -3.20 -15.41 -2.75
CA MET A 51 -4.31 -15.60 -1.78
C MET A 51 -5.10 -16.86 -2.13
N ASP A 52 -5.17 -17.19 -3.40
CA ASP A 52 -5.93 -18.41 -3.79
C ASP A 52 -5.13 -19.65 -3.41
N ASN A 53 -3.88 -19.48 -3.08
CA ASN A 53 -3.05 -20.65 -2.69
C ASN A 53 -3.50 -21.15 -1.33
N MET A 54 -4.04 -20.29 -0.51
CA MET A 54 -4.50 -20.73 0.84
C MET A 54 -5.46 -21.91 0.70
N GLY A 55 -6.24 -21.92 -0.35
CA GLY A 55 -7.19 -23.05 -0.55
C GLY A 55 -8.56 -22.65 0.00
N GLY A 56 -8.71 -21.43 0.43
CA GLY A 56 -10.03 -20.99 0.96
C GLY A 56 -9.91 -20.75 2.47
N ARG A 57 -8.71 -20.75 2.99
CA ARG A 57 -8.53 -20.52 4.45
C ARG A 57 -7.60 -19.32 4.68
N ILE A 58 -8.12 -18.28 5.26
CA ILE A 58 -7.27 -17.07 5.51
C ILE A 58 -7.16 -16.84 7.02
N THR A 59 -6.12 -16.18 7.45
CA THR A 59 -5.96 -15.92 8.90
C THR A 59 -5.35 -14.53 9.11
N PRO A 60 -5.40 -14.03 10.36
CA PRO A 60 -4.86 -12.71 10.70
C PRO A 60 -3.33 -12.69 10.67
N SER A 61 -2.71 -13.73 11.16
CA SER A 61 -1.22 -13.77 11.16
C SER A 61 -0.71 -13.83 9.71
N LYS A 62 -1.43 -14.47 8.84
CA LYS A 62 -0.99 -14.57 7.43
C LYS A 62 -1.24 -13.23 6.72
N LEU A 63 -2.43 -12.70 6.84
CA LEU A 63 -2.74 -11.40 6.19
C LEU A 63 -2.00 -10.27 6.90
N GLN A 64 -1.82 -10.39 8.18
CA GLN A 64 -1.11 -9.32 8.94
C GLN A 64 0.23 -9.07 8.27
N ALA A 65 0.93 -10.10 7.88
CA ALA A 65 2.25 -9.90 7.21
C ALA A 65 2.01 -9.36 5.80
N LEU A 66 0.91 -9.73 5.20
CA LEU A 66 0.60 -9.24 3.82
C LEU A 66 0.15 -7.78 3.89
N ASP A 67 -0.79 -7.47 4.74
CA ASP A 67 -1.26 -6.07 4.85
C ASP A 67 -0.07 -5.12 4.95
N MET A 68 0.93 -5.50 5.68
CA MET A 68 2.13 -4.63 5.83
C MET A 68 2.92 -4.61 4.52
N ALA A 69 3.02 -5.74 3.86
CA ALA A 69 3.78 -5.78 2.57
C ALA A 69 3.15 -4.81 1.57
N PHE A 70 1.86 -4.83 1.44
CA PHE A 70 1.19 -3.92 0.47
C PHE A 70 1.62 -2.48 0.73
N ALA A 71 1.81 -2.11 1.97
CA ALA A 71 2.24 -0.72 2.28
C ALA A 71 3.63 -0.47 1.71
N SER A 72 4.51 -1.43 1.80
CA SER A 72 5.88 -1.25 1.26
C SER A 72 5.85 -1.18 -0.27
N SER A 73 4.91 -1.86 -0.88
CA SER A 73 4.82 -1.85 -2.37
C SER A 73 4.37 -0.46 -2.85
N VAL A 74 3.38 0.10 -2.21
CA VAL A 74 2.89 1.44 -2.64
C VAL A 74 3.95 2.50 -2.32
N ALA A 75 4.67 2.33 -1.24
CA ALA A 75 5.71 3.32 -0.89
C ALA A 75 6.87 3.24 -1.88
N GLN A 76 7.25 2.06 -2.27
CA GLN A 76 8.38 1.92 -3.24
C GLN A 76 7.92 2.38 -4.62
N ILE A 77 6.80 1.92 -5.08
CA ILE A 77 6.31 2.33 -6.43
C ILE A 77 6.27 3.86 -6.50
N ALA A 78 5.72 4.49 -5.51
CA ALA A 78 5.63 5.98 -5.53
C ALA A 78 6.98 6.58 -5.15
N ALA A 79 7.53 6.18 -4.04
CA ALA A 79 8.84 6.75 -3.62
C ALA A 79 9.89 6.47 -4.70
N SER A 80 9.65 5.47 -5.52
CA SER A 80 10.63 5.15 -6.59
C SER A 80 10.43 6.12 -7.76
N GLN A 81 9.28 6.72 -7.84
CA GLN A 81 9.02 7.67 -8.95
C GLN A 81 10.09 8.78 -8.95
N GLY A 82 10.53 9.16 -7.78
CA GLY A 82 11.57 10.23 -7.70
C GLY A 82 10.90 11.60 -7.84
N GLY A 83 9.61 11.65 -7.64
CA GLY A 83 8.89 12.95 -7.76
C GLY A 83 8.72 13.58 -6.38
N ASP A 84 7.63 14.26 -6.15
CA ASP A 84 7.42 14.88 -4.81
C ASP A 84 6.99 13.80 -3.81
N LEU A 85 7.89 13.42 -2.93
CA LEU A 85 7.54 12.38 -1.93
C LEU A 85 6.36 12.84 -1.08
N GLY A 86 6.14 14.12 -0.99
CA GLY A 86 5.00 14.62 -0.18
C GLY A 86 3.67 14.28 -0.85
N VAL A 87 3.60 14.38 -2.16
CA VAL A 87 2.33 14.06 -2.86
C VAL A 87 2.03 12.57 -2.75
N THR A 88 3.02 11.73 -2.85
CA THR A 88 2.76 10.26 -2.73
C THR A 88 1.97 10.02 -1.45
N THR A 89 2.23 10.79 -0.44
CA THR A 89 1.48 10.62 0.83
C THR A 89 -0.01 10.79 0.54
N ASN A 90 -0.37 11.86 -0.12
CA ASN A 90 -1.81 12.07 -0.45
C ASN A 90 -2.24 11.06 -1.51
N ALA A 91 -1.39 10.79 -2.47
CA ALA A 91 -1.74 9.81 -3.53
C ALA A 91 -1.94 8.43 -2.89
N ILE A 92 -0.97 7.97 -2.15
CA ILE A 92 -1.10 6.64 -1.50
C ILE A 92 -2.10 6.71 -0.33
N ALA A 93 -1.95 7.66 0.54
CA ALA A 93 -2.88 7.77 1.69
C ALA A 93 -4.32 7.90 1.19
N ASP A 94 -4.55 8.79 0.25
CA ASP A 94 -5.93 8.97 -0.27
C ASP A 94 -6.45 7.61 -0.77
N ALA A 95 -5.67 6.92 -1.54
CA ALA A 95 -6.12 5.59 -2.04
C ALA A 95 -6.48 4.69 -0.85
N LEU A 96 -5.64 4.67 0.15
CA LEU A 96 -5.93 3.82 1.33
C LEU A 96 -7.08 4.44 2.13
N THR A 97 -7.23 5.74 2.07
CA THR A 97 -8.32 6.40 2.84
C THR A 97 -9.68 5.94 2.31
N SER A 98 -9.93 6.05 1.04
CA SER A 98 -11.23 5.63 0.49
C SER A 98 -11.37 4.11 0.62
N ALA A 99 -10.33 3.39 0.29
CA ALA A 99 -10.40 1.90 0.38
C ALA A 99 -10.86 1.51 1.79
N PHE A 100 -10.35 2.15 2.80
CA PHE A 100 -10.77 1.79 4.19
C PHE A 100 -12.29 1.78 4.26
N TYR A 101 -12.92 2.87 3.90
CA TYR A 101 -14.40 2.94 3.94
C TYR A 101 -14.99 2.09 2.82
N GLN A 102 -14.29 2.01 1.71
CA GLN A 102 -14.80 1.19 0.58
C GLN A 102 -14.60 -0.29 0.88
N THR A 103 -13.75 -0.62 1.82
CA THR A 103 -13.51 -2.06 2.13
C THR A 103 -14.11 -2.45 3.49
N THR A 104 -13.70 -1.81 4.55
CA THR A 104 -14.24 -2.20 5.89
C THR A 104 -14.84 -0.99 6.61
N GLY A 105 -14.18 0.14 6.59
CA GLY A 105 -14.73 1.33 7.29
C GLY A 105 -13.93 1.59 8.56
N VAL A 106 -12.63 1.58 8.48
CA VAL A 106 -11.78 1.83 9.68
C VAL A 106 -11.09 3.18 9.52
N VAL A 107 -10.42 3.63 10.55
CA VAL A 107 -9.73 4.94 10.45
C VAL A 107 -8.50 4.80 9.53
N ASN A 108 -8.45 5.56 8.48
CA ASN A 108 -7.28 5.48 7.56
C ASN A 108 -6.05 6.09 8.21
N SER A 109 -6.25 7.05 9.08
CA SER A 109 -5.09 7.71 9.74
C SER A 109 -4.21 6.68 10.46
N ARG A 110 -4.78 5.60 10.92
CA ARG A 110 -3.95 4.59 11.64
C ARG A 110 -3.04 3.84 10.65
N PHE A 111 -3.59 3.26 9.64
CA PHE A 111 -2.75 2.52 8.64
C PHE A 111 -2.03 3.53 7.74
N ILE A 112 -2.74 4.49 7.24
CA ILE A 112 -2.11 5.50 6.34
C ILE A 112 -0.93 6.16 7.05
N SER A 113 -1.11 6.58 8.28
CA SER A 113 0.02 7.23 9.00
C SER A 113 1.23 6.30 9.01
N GLU A 114 1.02 5.04 9.25
CA GLU A 114 2.16 4.08 9.28
C GLU A 114 2.89 4.13 7.93
N ILE A 115 2.15 4.06 6.86
CA ILE A 115 2.78 4.11 5.50
C ILE A 115 3.42 5.48 5.30
N ARG A 116 2.82 6.51 5.84
CA ARG A 116 3.38 7.89 5.66
C ARG A 116 4.85 7.90 6.09
N SER A 117 5.15 7.36 7.24
CA SER A 117 6.57 7.34 7.71
C SER A 117 7.38 6.38 6.84
N LEU A 118 6.77 5.31 6.39
CA LEU A 118 7.51 4.33 5.55
C LEU A 118 7.87 4.96 4.20
N ILE A 119 6.92 5.63 3.59
CA ILE A 119 7.21 6.27 2.27
C ILE A 119 8.39 7.24 2.42
N GLY A 120 8.49 7.89 3.53
CA GLY A 120 9.61 8.86 3.73
C GLY A 120 10.94 8.09 3.82
N MET A 121 10.90 6.91 4.35
CA MET A 121 12.16 6.11 4.47
C MET A 121 12.62 5.64 3.09
N PHE A 122 11.69 5.25 2.25
CA PHE A 122 12.07 4.78 0.89
C PHE A 122 12.68 5.94 0.09
N ALA A 123 12.20 7.13 0.31
CA ALA A 123 12.76 8.30 -0.43
C ALA A 123 14.19 8.56 0.02
N GLN A 124 14.50 8.21 1.23
CA GLN A 124 15.89 8.45 1.74
C GLN A 124 16.85 7.49 1.04
N ALA A 125 16.40 6.30 0.73
CA ALA A 125 17.29 5.32 0.05
C ALA A 125 17.60 5.83 -1.37
N SER A 126 16.68 6.51 -1.98
CA SER A 126 16.93 7.03 -3.35
C SER A 126 18.10 8.02 -3.31
N ALA A 127 18.26 8.71 -2.22
CA ALA A 127 19.38 9.69 -2.12
C ALA A 127 20.71 8.94 -2.08
N ASN A 128 20.67 7.65 -1.89
CA ASN A 128 21.93 6.86 -1.83
C ASN A 128 22.37 6.51 -3.25
N ASP A 129 21.49 6.60 -4.21
CA ASP A 129 21.87 6.28 -5.61
C ASP A 129 22.65 7.46 -6.20
N VAL A 130 22.20 8.66 -5.97
CA VAL A 130 22.91 9.85 -6.51
C VAL A 130 24.33 9.88 -5.95
N TYR A 131 24.53 9.28 -4.81
CA TYR A 131 25.89 9.26 -4.20
C TYR A 131 25.84 8.54 -2.85
N ALA A 132 26.96 8.37 -2.21
CA ALA A 132 26.95 7.66 -0.90
C ALA A 132 26.62 8.66 0.22
N SER A 133 25.53 8.45 0.90
CA SER A 133 25.15 9.38 2.00
C SER A 133 26.32 9.51 2.98
N ALA A 134 27.03 8.44 3.22
CA ALA A 134 28.18 8.50 4.15
C ALA A 134 29.12 9.63 3.72
N GLY A 135 29.32 9.79 2.44
CA GLY A 135 30.22 10.88 1.96
C GLY A 135 31.66 10.35 1.90
N SER A 136 32.62 11.24 1.85
CA SER A 136 34.04 10.78 1.78
C SER A 136 34.40 10.04 3.08
N GLY A 137 33.75 10.38 4.16
CA GLY A 137 34.04 9.69 5.45
C GLY A 137 33.16 8.45 5.58
N GLY A 1 -11.77 -14.47 13.90
CA GLY A 1 -12.78 -13.43 14.20
C GLY A 1 -14.18 -13.97 13.89
N MET A 2 -15.21 -13.26 14.27
CA MET A 2 -16.59 -13.75 13.98
C MET A 2 -17.38 -12.64 13.27
N GLY A 3 -18.45 -12.99 12.62
CA GLY A 3 -19.25 -11.96 11.91
C GLY A 3 -18.45 -11.41 10.74
N GLN A 4 -18.29 -10.11 10.68
CA GLN A 4 -17.51 -9.50 9.56
C GLN A 4 -16.20 -8.93 10.11
N ALA A 5 -15.17 -8.88 9.30
CA ALA A 5 -13.88 -8.33 9.77
C ALA A 5 -14.01 -6.82 9.96
N ASN A 6 -13.42 -6.28 10.99
CA ASN A 6 -13.50 -4.82 11.24
C ASN A 6 -12.41 -4.10 10.44
N THR A 7 -11.80 -4.79 9.51
CA THR A 7 -10.72 -4.15 8.70
C THR A 7 -10.57 -4.91 7.38
N PRO A 8 -10.13 -4.22 6.32
CA PRO A 8 -9.95 -4.82 4.99
C PRO A 8 -8.83 -5.86 4.94
N TRP A 9 -7.75 -5.66 5.66
CA TRP A 9 -6.64 -6.65 5.61
C TRP A 9 -6.95 -7.84 6.51
N SER A 10 -7.99 -7.78 7.28
CA SER A 10 -8.32 -8.93 8.17
C SER A 10 -9.20 -9.93 7.42
N SER A 11 -9.20 -9.87 6.12
CA SER A 11 -10.06 -10.82 5.36
C SER A 11 -9.49 -11.00 3.95
N LYS A 12 -9.69 -12.16 3.37
CA LYS A 12 -9.17 -12.43 2.00
C LYS A 12 -10.00 -11.67 0.97
N ALA A 13 -11.30 -11.60 1.17
CA ALA A 13 -12.17 -10.88 0.20
C ALA A 13 -12.21 -9.40 0.56
N ASN A 14 -12.12 -9.08 1.81
CA ASN A 14 -12.15 -7.64 2.23
C ASN A 14 -10.83 -6.98 1.85
N ALA A 15 -9.76 -7.74 1.81
CA ALA A 15 -8.44 -7.13 1.47
C ALA A 15 -8.37 -6.81 -0.02
N ASP A 16 -8.82 -7.69 -0.86
CA ASP A 16 -8.74 -7.42 -2.34
C ASP A 16 -9.43 -6.09 -2.66
N ALA A 17 -10.54 -5.81 -2.02
CA ALA A 17 -11.24 -4.53 -2.29
C ALA A 17 -10.33 -3.37 -1.88
N PHE A 18 -9.71 -3.47 -0.73
CA PHE A 18 -8.81 -2.39 -0.26
C PHE A 18 -7.66 -2.21 -1.26
N ILE A 19 -7.08 -3.29 -1.71
CA ILE A 19 -5.97 -3.19 -2.69
C ILE A 19 -6.50 -2.61 -4.01
N ASN A 20 -7.64 -3.09 -4.45
CA ASN A 20 -8.22 -2.58 -5.73
C ASN A 20 -8.64 -1.12 -5.54
N SER A 21 -9.40 -0.84 -4.52
CA SER A 21 -9.85 0.56 -4.28
C SER A 21 -8.61 1.44 -4.12
N PHE A 22 -7.54 0.88 -3.63
CA PHE A 22 -6.29 1.68 -3.44
C PHE A 22 -5.67 2.00 -4.80
N ILE A 23 -5.46 1.00 -5.61
CA ILE A 23 -4.85 1.24 -6.96
C ILE A 23 -5.76 2.13 -7.80
N SER A 24 -6.99 1.72 -7.99
CA SER A 24 -7.93 2.53 -8.81
C SER A 24 -8.02 3.94 -8.24
N ALA A 25 -7.99 4.07 -6.93
CA ALA A 25 -8.09 5.42 -6.31
C ALA A 25 -6.73 6.13 -6.41
N ALA A 26 -5.68 5.47 -6.03
CA ALA A 26 -4.34 6.11 -6.08
C ALA A 26 -4.00 6.50 -7.53
N SER A 27 -4.59 5.85 -8.48
CA SER A 27 -4.29 6.19 -9.90
C SER A 27 -4.82 7.59 -10.23
N ASN A 28 -5.91 7.98 -9.66
CA ASN A 28 -6.48 9.33 -9.95
C ASN A 28 -6.23 10.27 -8.75
N THR A 29 -5.50 9.84 -7.78
CA THR A 29 -5.25 10.71 -6.60
C THR A 29 -4.08 11.67 -6.88
N GLY A 30 -2.87 11.18 -6.84
CA GLY A 30 -1.71 12.06 -7.10
C GLY A 30 -1.44 12.12 -8.60
N SER A 31 -0.47 11.37 -9.06
CA SER A 31 -0.15 11.38 -10.51
C SER A 31 0.20 9.97 -10.97
N PHE A 32 1.16 9.35 -10.32
CA PHE A 32 1.55 7.97 -10.71
C PHE A 32 1.65 7.88 -12.23
N SER A 33 2.80 8.11 -12.78
CA SER A 33 2.95 8.05 -14.26
C SER A 33 2.57 6.66 -14.76
N GLN A 34 2.25 6.53 -16.03
CA GLN A 34 1.88 5.20 -16.57
C GLN A 34 2.97 4.19 -16.23
N ASP A 35 4.20 4.61 -16.17
CA ASP A 35 5.30 3.66 -15.83
C ASP A 35 5.20 3.27 -14.36
N GLN A 36 4.85 4.20 -13.52
CA GLN A 36 4.73 3.88 -12.06
C GLN A 36 3.43 3.12 -11.82
N MET A 37 2.40 3.42 -12.57
CA MET A 37 1.10 2.71 -12.38
C MET A 37 1.28 1.23 -12.76
N GLU A 38 2.12 0.96 -13.74
CA GLU A 38 2.33 -0.45 -14.15
C GLU A 38 2.80 -1.27 -12.95
N ASN A 39 3.72 -0.72 -12.18
CA ASN A 39 4.22 -1.45 -10.98
C ASN A 39 3.03 -1.81 -10.08
N MET A 40 2.03 -0.98 -10.05
CA MET A 40 0.85 -1.28 -9.19
C MET A 40 0.20 -2.57 -9.66
N SER A 41 0.25 -2.84 -10.94
CA SER A 41 -0.37 -4.10 -11.46
C SER A 41 0.44 -5.30 -10.99
N LEU A 42 1.71 -5.09 -10.69
CA LEU A 42 2.55 -6.24 -10.22
C LEU A 42 2.45 -6.35 -8.70
N ILE A 43 2.09 -5.28 -8.04
CA ILE A 43 1.97 -5.33 -6.56
C ILE A 43 0.52 -5.10 -6.16
N GLY A 44 0.17 -5.42 -4.94
CA GLY A 44 -1.25 -5.22 -4.50
C GLY A 44 -2.13 -6.28 -5.14
N ASN A 45 -2.73 -5.98 -6.26
CA ASN A 45 -3.62 -6.98 -6.92
C ASN A 45 -2.84 -8.29 -7.09
N THR A 46 -1.57 -8.21 -7.37
CA THR A 46 -0.76 -9.44 -7.54
C THR A 46 -0.83 -10.26 -6.25
N LEU A 47 -0.88 -9.62 -5.11
CA LEU A 47 -0.96 -10.35 -3.83
C LEU A 47 -2.18 -11.27 -3.85
N MET A 48 -3.25 -10.84 -4.45
CA MET A 48 -4.47 -11.69 -4.50
C MET A 48 -4.10 -13.07 -5.07
N ALA A 49 -3.27 -13.10 -6.07
CA ALA A 49 -2.87 -14.41 -6.66
C ALA A 49 -2.18 -15.24 -5.59
N ALA A 50 -1.49 -14.60 -4.67
CA ALA A 50 -0.79 -15.36 -3.60
C ALA A 50 -1.84 -16.02 -2.69
N MET A 51 -2.96 -15.36 -2.48
CA MET A 51 -4.01 -15.94 -1.61
C MET A 51 -4.44 -17.30 -2.20
N ASP A 52 -4.38 -17.43 -3.49
CA ASP A 52 -4.78 -18.73 -4.12
C ASP A 52 -3.90 -19.85 -3.56
N ASN A 53 -2.72 -19.52 -3.12
CA ASN A 53 -1.82 -20.57 -2.55
C ASN A 53 -2.43 -21.11 -1.26
N MET A 54 -3.15 -20.29 -0.55
CA MET A 54 -3.77 -20.76 0.72
C MET A 54 -4.77 -21.87 0.43
N GLY A 55 -5.47 -21.78 -0.67
CA GLY A 55 -6.46 -22.82 -1.01
C GLY A 55 -7.86 -22.36 -0.58
N GLY A 56 -8.00 -21.11 -0.24
CA GLY A 56 -9.34 -20.60 0.18
C GLY A 56 -9.38 -20.52 1.71
N ARG A 57 -8.24 -20.45 2.34
CA ARG A 57 -8.21 -20.37 3.83
C ARG A 57 -7.15 -19.36 4.26
N ILE A 58 -7.57 -18.27 4.87
CA ILE A 58 -6.58 -17.26 5.30
C ILE A 58 -6.53 -17.22 6.84
N THR A 59 -5.36 -17.31 7.40
CA THR A 59 -5.24 -17.29 8.89
C THR A 59 -5.07 -15.85 9.36
N PRO A 60 -5.24 -15.62 10.67
CA PRO A 60 -5.11 -14.28 11.26
C PRO A 60 -3.66 -13.78 11.23
N SER A 61 -2.71 -14.68 11.11
CA SER A 61 -1.28 -14.26 11.06
C SER A 61 -0.98 -13.65 9.69
N LYS A 62 -1.44 -14.29 8.64
CA LYS A 62 -1.18 -13.74 7.28
C LYS A 62 -2.07 -12.53 7.05
N LEU A 63 -3.23 -12.52 7.67
CA LEU A 63 -4.16 -11.37 7.51
C LEU A 63 -3.39 -10.07 7.74
N GLN A 64 -2.70 -9.97 8.85
CA GLN A 64 -1.93 -8.74 9.14
C GLN A 64 -0.64 -8.74 8.32
N ALA A 65 0.05 -9.85 8.29
CA ALA A 65 1.32 -9.92 7.50
C ALA A 65 1.06 -9.42 6.08
N LEU A 66 0.05 -9.93 5.43
CA LEU A 66 -0.25 -9.47 4.05
C LEU A 66 -0.42 -7.94 4.05
N ASP A 67 -1.23 -7.44 4.95
CA ASP A 67 -1.45 -5.97 5.02
C ASP A 67 -0.09 -5.25 4.99
N MET A 68 0.83 -5.67 5.82
CA MET A 68 2.16 -5.02 5.85
C MET A 68 2.83 -5.10 4.47
N ALA A 69 2.76 -6.25 3.84
CA ALA A 69 3.41 -6.39 2.50
C ALA A 69 2.84 -5.32 1.55
N PHE A 70 1.55 -5.13 1.54
CA PHE A 70 0.96 -4.11 0.63
C PHE A 70 1.58 -2.75 0.91
N ALA A 71 1.71 -2.39 2.16
CA ALA A 71 2.30 -1.07 2.50
C ALA A 71 3.77 -1.04 2.09
N SER A 72 4.47 -2.14 2.25
CA SER A 72 5.91 -2.17 1.88
C SER A 72 6.05 -2.09 0.35
N SER A 73 5.37 -2.94 -0.37
CA SER A 73 5.48 -2.93 -1.86
C SER A 73 4.82 -1.67 -2.42
N VAL A 74 3.74 -1.23 -1.83
CA VAL A 74 3.05 -0.01 -2.35
C VAL A 74 3.93 1.21 -2.15
N ALA A 75 4.54 1.34 -1.01
CA ALA A 75 5.42 2.51 -0.75
C ALA A 75 6.60 2.51 -1.73
N GLN A 76 7.07 1.36 -2.10
CA GLN A 76 8.23 1.28 -3.03
C GLN A 76 7.79 1.71 -4.44
N ILE A 77 6.65 1.25 -4.89
CA ILE A 77 6.18 1.62 -6.25
C ILE A 77 6.15 3.15 -6.39
N ALA A 78 5.50 3.81 -5.50
CA ALA A 78 5.42 5.30 -5.57
C ALA A 78 6.72 5.93 -5.08
N ALA A 79 7.19 5.53 -3.92
CA ALA A 79 8.45 6.12 -3.40
C ALA A 79 9.58 5.89 -4.40
N SER A 80 9.48 4.86 -5.21
CA SER A 80 10.55 4.59 -6.21
C SER A 80 10.41 5.56 -7.37
N GLN A 81 9.25 6.14 -7.55
CA GLN A 81 9.04 7.09 -8.67
C GLN A 81 10.21 8.07 -8.73
N GLY A 82 10.77 8.42 -7.59
CA GLY A 82 11.90 9.37 -7.59
C GLY A 82 11.39 10.80 -7.82
N GLY A 83 10.12 11.01 -7.66
CA GLY A 83 9.56 12.38 -7.88
C GLY A 83 9.15 12.97 -6.53
N ASP A 84 8.29 13.96 -6.54
CA ASP A 84 7.86 14.59 -5.26
C ASP A 84 7.07 13.57 -4.43
N LEU A 85 7.67 13.05 -3.40
CA LEU A 85 6.96 12.05 -2.55
C LEU A 85 5.71 12.69 -1.94
N GLY A 86 5.65 14.00 -1.92
CA GLY A 86 4.46 14.68 -1.34
C GLY A 86 3.19 14.17 -2.03
N VAL A 87 3.23 14.03 -3.33
CA VAL A 87 2.02 13.54 -4.06
C VAL A 87 1.77 12.07 -3.70
N THR A 88 2.80 11.27 -3.68
CA THR A 88 2.60 9.83 -3.35
C THR A 88 1.89 9.72 -2.00
N THR A 89 2.38 10.40 -1.01
CA THR A 89 1.73 10.34 0.32
C THR A 89 0.24 10.63 0.15
N ASN A 90 -0.10 11.67 -0.56
CA ASN A 90 -1.53 12.00 -0.78
C ASN A 90 -2.13 10.97 -1.73
N ALA A 91 -1.35 10.48 -2.66
CA ALA A 91 -1.88 9.47 -3.63
C ALA A 91 -2.10 8.15 -2.90
N ILE A 92 -1.07 7.60 -2.33
CA ILE A 92 -1.21 6.31 -1.60
C ILE A 92 -2.15 6.49 -0.41
N ALA A 93 -1.93 7.49 0.39
CA ALA A 93 -2.80 7.71 1.58
C ALA A 93 -4.26 7.85 1.14
N ASP A 94 -4.55 8.70 0.19
CA ASP A 94 -5.96 8.87 -0.26
C ASP A 94 -6.52 7.50 -0.69
N ALA A 95 -5.82 6.80 -1.53
CA ALA A 95 -6.32 5.48 -1.98
C ALA A 95 -6.63 4.62 -0.75
N LEU A 96 -5.78 4.64 0.24
CA LEU A 96 -6.04 3.85 1.47
C LEU A 96 -7.21 4.46 2.25
N THR A 97 -7.26 5.76 2.33
CA THR A 97 -8.37 6.41 3.08
C THR A 97 -9.71 6.08 2.41
N SER A 98 -9.80 6.24 1.12
CA SER A 98 -11.08 5.94 0.42
C SER A 98 -11.40 4.44 0.55
N ALA A 99 -10.39 3.62 0.56
CA ALA A 99 -10.62 2.15 0.68
C ALA A 99 -11.11 1.83 2.09
N PHE A 100 -10.49 2.39 3.09
CA PHE A 100 -10.91 2.11 4.49
C PHE A 100 -12.43 2.23 4.60
N TYR A 101 -12.97 3.36 4.23
CA TYR A 101 -14.45 3.55 4.31
C TYR A 101 -15.14 2.69 3.25
N GLN A 102 -14.51 2.50 2.13
CA GLN A 102 -15.14 1.67 1.06
C GLN A 102 -15.05 0.19 1.42
N THR A 103 -14.18 -0.16 2.34
CA THR A 103 -14.05 -1.60 2.70
C THR A 103 -14.72 -1.89 4.05
N THR A 104 -14.30 -1.26 5.11
CA THR A 104 -14.94 -1.56 6.43
C THR A 104 -15.41 -0.26 7.11
N GLY A 105 -14.63 0.77 7.06
CA GLY A 105 -15.04 2.04 7.72
C GLY A 105 -14.18 2.28 8.96
N VAL A 106 -12.89 2.10 8.84
CA VAL A 106 -11.98 2.32 10.01
C VAL A 106 -11.15 3.58 9.76
N VAL A 107 -10.41 4.02 10.74
CA VAL A 107 -9.58 5.24 10.55
C VAL A 107 -8.37 4.91 9.66
N ASN A 108 -8.26 5.59 8.56
CA ASN A 108 -7.11 5.33 7.64
C ASN A 108 -5.82 5.85 8.29
N SER A 109 -5.93 6.78 9.19
CA SER A 109 -4.73 7.35 9.86
C SER A 109 -3.89 6.23 10.49
N ARG A 110 -4.49 5.16 10.91
CA ARG A 110 -3.70 4.07 11.55
C ARG A 110 -2.82 3.38 10.51
N PHE A 111 -3.40 2.89 9.45
CA PHE A 111 -2.60 2.22 8.40
C PHE A 111 -1.84 3.26 7.56
N ILE A 112 -2.53 4.25 7.08
CA ILE A 112 -1.88 5.29 6.24
C ILE A 112 -0.72 5.92 7.00
N SER A 113 -0.89 6.21 8.26
CA SER A 113 0.22 6.84 9.04
C SER A 113 1.46 5.95 8.97
N GLU A 114 1.30 4.67 9.17
CA GLU A 114 2.47 3.76 9.11
C GLU A 114 3.14 3.88 7.73
N ILE A 115 2.38 3.79 6.69
CA ILE A 115 2.96 3.90 5.32
C ILE A 115 3.50 5.32 5.12
N ARG A 116 2.85 6.30 5.69
CA ARG A 116 3.33 7.71 5.52
C ARG A 116 4.81 7.80 5.94
N SER A 117 5.14 7.24 7.06
CA SER A 117 6.55 7.30 7.54
C SER A 117 7.42 6.36 6.68
N LEU A 118 6.86 5.26 6.25
CA LEU A 118 7.64 4.31 5.41
C LEU A 118 7.94 4.94 4.05
N ILE A 119 6.97 5.57 3.45
CA ILE A 119 7.20 6.21 2.13
C ILE A 119 8.33 7.22 2.23
N GLY A 120 8.40 7.95 3.31
CA GLY A 120 9.48 8.96 3.47
C GLY A 120 10.83 8.25 3.64
N MET A 121 10.83 7.11 4.28
CA MET A 121 12.11 6.37 4.48
C MET A 121 12.71 6.00 3.12
N PHE A 122 11.88 5.66 2.17
CA PHE A 122 12.41 5.28 0.82
C PHE A 122 13.06 6.50 0.17
N ALA A 123 12.49 7.66 0.36
CA ALA A 123 13.07 8.89 -0.26
C ALA A 123 14.46 9.15 0.34
N GLN A 124 14.69 8.73 1.56
CA GLN A 124 16.02 8.96 2.19
C GLN A 124 17.06 8.08 1.51
N ALA A 125 16.67 6.91 1.08
CA ALA A 125 17.65 6.01 0.40
C ALA A 125 18.02 6.59 -0.97
N SER A 126 17.08 7.24 -1.62
CA SER A 126 17.38 7.83 -2.95
C SER A 126 18.33 9.01 -2.79
N ALA A 127 18.37 9.60 -1.62
CA ALA A 127 19.28 10.76 -1.40
C ALA A 127 20.74 10.28 -1.46
N ASN A 128 20.97 9.01 -1.25
CA ASN A 128 22.36 8.49 -1.30
C ASN A 128 22.85 8.48 -2.75
N ASP A 129 21.96 8.35 -3.68
CA ASP A 129 22.38 8.33 -5.12
C ASP A 129 22.94 9.70 -5.50
N VAL A 130 22.27 10.75 -5.13
CA VAL A 130 22.75 12.11 -5.47
C VAL A 130 24.07 12.38 -4.74
N TYR A 131 24.23 11.80 -3.58
CA TYR A 131 25.49 12.02 -2.80
C TYR A 131 25.41 11.26 -1.48
N ALA A 132 26.50 11.17 -0.77
CA ALA A 132 26.48 10.43 0.53
C ALA A 132 25.78 11.29 1.58
N SER A 133 24.74 10.79 2.18
CA SER A 133 24.02 11.59 3.22
C SER A 133 25.00 11.96 4.34
N ALA A 134 26.00 11.15 4.56
CA ALA A 134 26.99 11.46 5.63
C ALA A 134 27.54 12.88 5.43
N GLY A 135 27.66 13.30 4.20
CA GLY A 135 28.19 14.67 3.94
C GLY A 135 27.39 15.69 4.75
N SER A 136 26.13 15.43 4.96
CA SER A 136 25.29 16.39 5.74
C SER A 136 25.85 16.51 7.16
N GLY A 137 26.49 15.48 7.66
CA GLY A 137 27.04 15.53 9.03
C GLY A 137 28.06 16.67 9.13
N GLY A 1 -22.72 -13.39 4.96
CA GLY A 1 -22.13 -12.76 6.18
C GLY A 1 -22.81 -11.42 6.43
N MET A 2 -23.81 -11.39 7.27
CA MET A 2 -24.50 -10.11 7.56
C MET A 2 -23.51 -9.11 8.15
N GLY A 3 -22.57 -9.57 8.92
CA GLY A 3 -21.57 -8.63 9.52
C GLY A 3 -20.40 -8.46 8.55
N GLN A 4 -19.40 -7.74 8.96
CA GLN A 4 -18.22 -7.53 8.05
C GLN A 4 -16.93 -7.61 8.87
N ALA A 5 -15.83 -7.84 8.22
CA ALA A 5 -14.53 -7.93 8.96
C ALA A 5 -14.19 -6.56 9.56
N ASN A 6 -13.60 -6.55 10.73
CA ASN A 6 -13.23 -5.24 11.36
C ASN A 6 -12.22 -4.51 10.47
N THR A 7 -11.62 -5.21 9.55
CA THR A 7 -10.62 -4.55 8.66
C THR A 7 -10.59 -5.30 7.32
N PRO A 8 -10.25 -4.60 6.23
CA PRO A 8 -10.21 -5.18 4.88
C PRO A 8 -9.13 -6.26 4.75
N TRP A 9 -8.01 -6.11 5.39
CA TRP A 9 -6.95 -7.16 5.26
C TRP A 9 -7.26 -8.32 6.21
N SER A 10 -8.31 -8.21 6.98
CA SER A 10 -8.67 -9.33 7.90
C SER A 10 -9.44 -10.39 7.13
N SER A 11 -10.14 -9.97 6.11
CA SER A 11 -10.92 -10.94 5.29
C SER A 11 -10.40 -10.92 3.85
N LYS A 12 -10.51 -12.02 3.16
CA LYS A 12 -10.02 -12.06 1.76
C LYS A 12 -10.94 -11.23 0.86
N ALA A 13 -12.21 -11.24 1.13
CA ALA A 13 -13.17 -10.46 0.30
C ALA A 13 -12.92 -8.96 0.48
N ASN A 14 -12.83 -8.51 1.70
CA ASN A 14 -12.60 -7.06 1.95
C ASN A 14 -11.16 -6.69 1.58
N ALA A 15 -10.25 -7.63 1.68
CA ALA A 15 -8.83 -7.34 1.34
C ALA A 15 -8.68 -7.07 -0.15
N ASP A 16 -9.21 -7.92 -0.98
CA ASP A 16 -9.08 -7.72 -2.45
C ASP A 16 -9.61 -6.33 -2.83
N ALA A 17 -10.80 -5.99 -2.45
CA ALA A 17 -11.34 -4.65 -2.82
C ALA A 17 -10.42 -3.58 -2.25
N PHE A 18 -9.85 -3.83 -1.10
CA PHE A 18 -8.92 -2.84 -0.49
C PHE A 18 -7.73 -2.63 -1.42
N ILE A 19 -7.27 -3.68 -2.07
CA ILE A 19 -6.11 -3.54 -2.99
C ILE A 19 -6.56 -2.85 -4.29
N ASN A 20 -7.64 -3.31 -4.87
CA ASN A 20 -8.12 -2.70 -6.14
C ASN A 20 -8.50 -1.24 -5.89
N SER A 21 -9.24 -0.97 -4.86
CA SER A 21 -9.65 0.44 -4.57
C SER A 21 -8.41 1.29 -4.33
N PHE A 22 -7.37 0.72 -3.79
CA PHE A 22 -6.14 1.52 -3.52
C PHE A 22 -5.47 1.94 -4.84
N ILE A 23 -5.23 1.00 -5.71
CA ILE A 23 -4.57 1.35 -7.01
C ILE A 23 -5.47 2.29 -7.81
N SER A 24 -6.68 1.90 -8.07
CA SER A 24 -7.60 2.77 -8.86
C SER A 24 -7.79 4.11 -8.13
N ALA A 25 -7.73 4.10 -6.83
CA ALA A 25 -7.92 5.36 -6.07
C ALA A 25 -6.64 6.21 -6.12
N ALA A 26 -5.50 5.60 -5.91
CA ALA A 26 -4.23 6.38 -5.93
C ALA A 26 -3.91 6.82 -7.35
N SER A 27 -4.28 6.04 -8.34
CA SER A 27 -3.99 6.41 -9.74
C SER A 27 -4.65 7.75 -10.09
N ASN A 28 -5.76 8.05 -9.49
CA ASN A 28 -6.46 9.34 -9.81
C ASN A 28 -6.30 10.34 -8.66
N THR A 29 -5.49 10.03 -7.68
CA THR A 29 -5.33 10.98 -6.54
C THR A 29 -4.18 11.95 -6.84
N GLY A 30 -2.97 11.53 -6.64
CA GLY A 30 -1.81 12.43 -6.90
C GLY A 30 -1.50 12.47 -8.39
N SER A 31 -0.48 11.78 -8.80
CA SER A 31 -0.12 11.77 -10.25
C SER A 31 0.14 10.33 -10.70
N PHE A 32 1.08 9.66 -10.07
CA PHE A 32 1.37 8.26 -10.46
C PHE A 32 1.41 8.16 -11.99
N SER A 33 2.56 8.34 -12.58
CA SER A 33 2.66 8.26 -14.06
C SER A 33 2.21 6.89 -14.55
N GLN A 34 1.90 6.76 -15.80
CA GLN A 34 1.45 5.44 -16.34
C GLN A 34 2.47 4.37 -15.96
N ASP A 35 3.73 4.70 -15.96
CA ASP A 35 4.76 3.70 -15.59
C ASP A 35 4.45 3.16 -14.19
N GLN A 36 4.13 4.02 -13.27
CA GLN A 36 3.82 3.55 -11.89
C GLN A 36 2.56 2.69 -11.94
N MET A 37 1.62 3.01 -12.79
CA MET A 37 0.39 2.20 -12.88
C MET A 37 0.73 0.79 -13.33
N GLU A 38 1.76 0.66 -14.15
CA GLU A 38 2.15 -0.70 -14.62
C GLU A 38 2.76 -1.47 -13.45
N ASN A 39 3.51 -0.82 -12.61
CA ASN A 39 4.13 -1.52 -11.45
C ASN A 39 3.03 -1.94 -10.48
N MET A 40 2.11 -1.05 -10.20
CA MET A 40 1.02 -1.39 -9.26
C MET A 40 0.29 -2.63 -9.78
N SER A 41 0.22 -2.79 -11.07
CA SER A 41 -0.47 -3.98 -11.65
C SER A 41 0.36 -5.23 -11.36
N LEU A 42 1.64 -5.08 -11.13
CA LEU A 42 2.50 -6.27 -10.85
C LEU A 42 2.48 -6.57 -9.35
N ILE A 43 2.25 -5.58 -8.54
CA ILE A 43 2.23 -5.83 -7.07
C ILE A 43 0.87 -5.43 -6.50
N GLY A 44 0.50 -5.97 -5.37
CA GLY A 44 -0.82 -5.63 -4.79
C GLY A 44 -1.88 -6.54 -5.39
N ASN A 45 -2.30 -6.27 -6.59
CA ASN A 45 -3.33 -7.13 -7.24
C ASN A 45 -2.73 -8.53 -7.44
N THR A 46 -1.48 -8.59 -7.81
CA THR A 46 -0.83 -9.92 -8.01
C THR A 46 -0.93 -10.72 -6.72
N LEU A 47 -0.84 -10.05 -5.61
CA LEU A 47 -0.94 -10.76 -4.30
C LEU A 47 -2.30 -11.43 -4.19
N MET A 48 -3.32 -10.83 -4.74
CA MET A 48 -4.67 -11.43 -4.66
C MET A 48 -4.60 -12.87 -5.19
N ALA A 49 -3.89 -13.09 -6.25
CA ALA A 49 -3.77 -14.47 -6.80
C ALA A 49 -3.13 -15.36 -5.74
N ALA A 50 -2.23 -14.81 -4.97
CA ALA A 50 -1.57 -15.61 -3.90
C ALA A 50 -2.62 -16.01 -2.87
N MET A 51 -3.70 -15.26 -2.80
CA MET A 51 -4.76 -15.58 -1.81
C MET A 51 -5.31 -16.98 -2.09
N ASP A 52 -5.28 -17.41 -3.32
CA ASP A 52 -5.79 -18.78 -3.64
C ASP A 52 -4.76 -19.83 -3.20
N ASN A 53 -3.59 -19.41 -2.79
CA ASN A 53 -2.55 -20.39 -2.37
C ASN A 53 -2.94 -21.03 -1.03
N MET A 54 -3.43 -20.25 -0.11
CA MET A 54 -3.80 -20.82 1.22
C MET A 54 -4.59 -22.13 1.06
N GLY A 55 -5.19 -22.34 -0.08
CA GLY A 55 -5.97 -23.60 -0.27
C GLY A 55 -7.40 -23.40 0.25
N GLY A 56 -7.58 -22.49 1.18
CA GLY A 56 -8.94 -22.24 1.73
C GLY A 56 -8.86 -21.99 3.25
N ARG A 57 -7.77 -21.43 3.72
CA ARG A 57 -7.63 -21.16 5.18
C ARG A 57 -6.99 -19.78 5.38
N ILE A 58 -7.71 -18.86 5.95
CA ILE A 58 -7.13 -17.50 6.19
C ILE A 58 -7.07 -17.20 7.68
N THR A 59 -6.09 -16.46 8.11
CA THR A 59 -5.97 -16.13 9.56
C THR A 59 -5.41 -14.73 9.73
N PRO A 60 -5.45 -14.19 10.95
CA PRO A 60 -4.94 -12.84 11.26
C PRO A 60 -3.42 -12.76 11.16
N SER A 61 -2.72 -13.69 11.76
CA SER A 61 -1.23 -13.66 11.70
C SER A 61 -0.77 -13.75 10.24
N LYS A 62 -1.46 -14.52 9.44
CA LYS A 62 -1.06 -14.65 8.01
C LYS A 62 -1.44 -13.38 7.24
N LEU A 63 -2.65 -12.92 7.41
CA LEU A 63 -3.08 -11.70 6.68
C LEU A 63 -2.44 -10.46 7.33
N GLN A 64 -2.49 -10.37 8.62
CA GLN A 64 -1.88 -9.20 9.30
C GLN A 64 -0.43 -9.04 8.86
N ALA A 65 0.28 -10.13 8.73
CA ALA A 65 1.70 -10.04 8.28
C ALA A 65 1.74 -9.69 6.80
N LEU A 66 0.83 -10.22 6.04
CA LEU A 66 0.80 -9.91 4.58
C LEU A 66 0.28 -8.49 4.36
N ASP A 67 -0.85 -8.17 4.90
CA ASP A 67 -1.42 -6.80 4.71
C ASP A 67 -0.33 -5.76 4.99
N MET A 68 0.66 -6.10 5.78
CA MET A 68 1.75 -5.13 6.09
C MET A 68 2.65 -4.95 4.86
N ALA A 69 2.74 -5.95 4.02
CA ALA A 69 3.61 -5.84 2.82
C ALA A 69 2.97 -4.92 1.79
N PHE A 70 1.67 -4.93 1.67
CA PHE A 70 1.00 -4.06 0.68
C PHE A 70 1.44 -2.60 0.89
N ALA A 71 1.55 -2.18 2.12
CA ALA A 71 1.97 -0.78 2.38
C ALA A 71 3.41 -0.56 1.91
N SER A 72 4.24 -1.56 2.06
CA SER A 72 5.66 -1.41 1.62
C SER A 72 5.73 -1.35 0.09
N SER A 73 4.86 -2.06 -0.58
CA SER A 73 4.89 -2.04 -2.07
C SER A 73 4.41 -0.68 -2.58
N VAL A 74 3.30 -0.21 -2.09
CA VAL A 74 2.78 1.11 -2.56
C VAL A 74 3.84 2.20 -2.30
N ALA A 75 4.57 2.08 -1.23
CA ALA A 75 5.61 3.10 -0.93
C ALA A 75 6.76 2.99 -1.93
N GLN A 76 7.18 1.78 -2.22
CA GLN A 76 8.31 1.61 -3.18
C GLN A 76 7.87 2.05 -4.58
N ILE A 77 6.76 1.57 -5.05
CA ILE A 77 6.27 1.97 -6.40
C ILE A 77 6.22 3.49 -6.52
N ALA A 78 5.61 4.13 -5.57
CA ALA A 78 5.49 5.61 -5.61
C ALA A 78 6.82 6.25 -5.16
N ALA A 79 7.31 5.89 -4.01
CA ALA A 79 8.59 6.49 -3.53
C ALA A 79 9.69 6.24 -4.56
N SER A 80 9.54 5.22 -5.36
CA SER A 80 10.57 4.92 -6.40
C SER A 80 10.41 5.90 -7.56
N GLN A 81 9.26 6.50 -7.68
CA GLN A 81 9.04 7.46 -8.79
C GLN A 81 10.18 8.49 -8.83
N GLY A 82 10.73 8.79 -7.69
CA GLY A 82 11.85 9.78 -7.66
C GLY A 82 11.30 11.19 -7.85
N GLY A 83 10.02 11.36 -7.70
CA GLY A 83 9.42 12.72 -7.87
C GLY A 83 9.05 13.28 -6.50
N ASP A 84 8.22 14.29 -6.47
CA ASP A 84 7.81 14.88 -5.17
C ASP A 84 7.08 13.83 -4.33
N LEU A 85 7.71 13.32 -3.32
CA LEU A 85 7.03 12.28 -2.47
C LEU A 85 5.79 12.90 -1.81
N GLY A 86 5.72 14.19 -1.72
CA GLY A 86 4.54 14.84 -1.10
C GLY A 86 3.26 14.36 -1.80
N VAL A 87 3.32 14.20 -3.09
CA VAL A 87 2.10 13.72 -3.83
C VAL A 87 1.83 12.26 -3.50
N THR A 88 2.84 11.42 -3.55
CA THR A 88 2.63 9.99 -3.23
C THR A 88 1.91 9.86 -1.89
N THR A 89 2.40 10.55 -0.89
CA THR A 89 1.75 10.48 0.45
C THR A 89 0.25 10.74 0.27
N ASN A 90 -0.09 11.75 -0.47
CA ASN A 90 -1.54 12.05 -0.70
C ASN A 90 -2.14 10.98 -1.60
N ALA A 91 -1.41 10.54 -2.59
CA ALA A 91 -1.93 9.49 -3.51
C ALA A 91 -2.08 8.18 -2.74
N ILE A 92 -1.01 7.67 -2.20
CA ILE A 92 -1.09 6.39 -1.44
C ILE A 92 -2.05 6.55 -0.25
N ALA A 93 -1.91 7.62 0.49
CA ALA A 93 -2.81 7.84 1.65
C ALA A 93 -4.25 8.00 1.17
N ASP A 94 -4.48 8.87 0.24
CA ASP A 94 -5.87 9.08 -0.27
C ASP A 94 -6.41 7.78 -0.85
N ALA A 95 -5.57 6.98 -1.45
CA ALA A 95 -6.05 5.69 -2.04
C ALA A 95 -6.37 4.73 -0.90
N LEU A 96 -5.54 4.68 0.10
CA LEU A 96 -5.78 3.76 1.24
C LEU A 96 -6.97 4.27 2.06
N THR A 97 -7.08 5.55 2.22
CA THR A 97 -8.21 6.12 3.02
C THR A 97 -9.54 5.80 2.34
N SER A 98 -9.66 6.11 1.08
CA SER A 98 -10.94 5.83 0.36
C SER A 98 -11.25 4.33 0.44
N ALA A 99 -10.25 3.50 0.41
CA ALA A 99 -10.49 2.03 0.46
C ALA A 99 -10.98 1.64 1.87
N PHE A 100 -10.36 2.16 2.89
CA PHE A 100 -10.78 1.82 4.27
C PHE A 100 -12.31 1.93 4.39
N TYR A 101 -12.85 3.07 4.04
CA TYR A 101 -14.32 3.26 4.13
C TYR A 101 -15.02 2.45 3.04
N GLN A 102 -14.39 2.30 1.91
CA GLN A 102 -15.02 1.52 0.81
C GLN A 102 -14.92 0.03 1.09
N THR A 103 -14.03 -0.37 1.96
CA THR A 103 -13.89 -1.83 2.25
C THR A 103 -14.53 -2.19 3.60
N THR A 104 -14.07 -1.62 4.68
CA THR A 104 -14.66 -1.98 6.00
C THR A 104 -15.11 -0.72 6.76
N GLY A 105 -14.30 0.32 6.75
CA GLY A 105 -14.69 1.55 7.48
C GLY A 105 -13.81 1.73 8.72
N VAL A 106 -12.53 1.54 8.59
CA VAL A 106 -11.64 1.72 9.76
C VAL A 106 -10.87 3.03 9.61
N VAL A 107 -10.18 3.46 10.63
CA VAL A 107 -9.43 4.74 10.53
C VAL A 107 -8.26 4.57 9.56
N ASN A 108 -8.23 5.36 8.52
CA ASN A 108 -7.13 5.25 7.53
C ASN A 108 -5.83 5.76 8.15
N SER A 109 -5.94 6.59 9.16
CA SER A 109 -4.73 7.15 9.82
C SER A 109 -3.90 6.02 10.45
N ARG A 110 -4.54 4.96 10.88
CA ARG A 110 -3.76 3.85 11.51
C ARG A 110 -2.83 3.19 10.49
N PHE A 111 -3.37 2.74 9.39
CA PHE A 111 -2.51 2.08 8.36
C PHE A 111 -1.70 3.14 7.59
N ILE A 112 -2.36 4.12 7.05
CA ILE A 112 -1.65 5.16 6.25
C ILE A 112 -0.57 5.84 7.11
N SER A 113 -0.80 6.00 8.38
CA SER A 113 0.23 6.66 9.24
C SER A 113 1.57 5.92 9.11
N GLU A 114 1.54 4.62 9.13
CA GLU A 114 2.80 3.84 9.01
C GLU A 114 3.35 3.95 7.58
N ILE A 115 2.48 3.92 6.61
CA ILE A 115 2.96 4.01 5.19
C ILE A 115 3.71 5.33 4.99
N ARG A 116 3.18 6.42 5.48
CA ARG A 116 3.87 7.72 5.30
C ARG A 116 5.30 7.63 5.83
N SER A 117 5.46 7.11 7.02
CA SER A 117 6.84 6.99 7.57
C SER A 117 7.69 6.15 6.62
N LEU A 118 7.10 5.19 5.98
CA LEU A 118 7.87 4.33 5.04
C LEU A 118 8.16 5.10 3.76
N ILE A 119 7.22 5.85 3.25
CA ILE A 119 7.46 6.62 2.01
C ILE A 119 8.63 7.59 2.23
N GLY A 120 8.74 8.12 3.41
CA GLY A 120 9.86 9.07 3.70
C GLY A 120 11.17 8.28 3.78
N MET A 121 11.13 7.09 4.28
CA MET A 121 12.38 6.28 4.39
C MET A 121 12.96 6.05 2.99
N PHE A 122 12.14 5.70 2.04
CA PHE A 122 12.64 5.46 0.66
C PHE A 122 13.31 6.74 0.14
N ALA A 123 12.77 7.89 0.47
CA ALA A 123 13.38 9.15 -0.01
C ALA A 123 14.77 9.32 0.62
N GLN A 124 14.95 8.83 1.81
CA GLN A 124 16.28 8.97 2.47
C GLN A 124 17.30 8.10 1.73
N ALA A 125 16.89 7.00 1.19
CA ALA A 125 17.84 6.12 0.46
C ALA A 125 18.49 6.91 -0.68
N SER A 126 17.76 7.80 -1.29
CA SER A 126 18.33 8.61 -2.40
C SER A 126 19.59 9.33 -1.90
N ALA A 127 19.60 9.76 -0.67
CA ALA A 127 20.79 10.46 -0.13
C ALA A 127 21.96 9.48 -0.05
N ASN A 128 21.67 8.22 0.07
CA ASN A 128 22.77 7.20 0.16
C ASN A 128 23.64 7.30 -1.08
N ASP A 129 23.16 7.94 -2.12
CA ASP A 129 23.97 8.07 -3.37
C ASP A 129 25.17 8.98 -3.10
N VAL A 130 24.97 10.07 -2.42
CA VAL A 130 26.11 10.98 -2.12
C VAL A 130 27.09 10.30 -1.16
N TYR A 131 26.59 9.44 -0.33
CA TYR A 131 27.48 8.73 0.63
C TYR A 131 26.64 7.81 1.52
N ALA A 132 27.24 7.20 2.51
CA ALA A 132 26.47 6.30 3.40
C ALA A 132 25.66 7.14 4.39
N SER A 133 24.35 7.10 4.29
CA SER A 133 23.51 7.90 5.23
C SER A 133 22.83 6.96 6.22
N ALA A 134 22.75 7.35 7.46
CA ALA A 134 22.10 6.48 8.48
C ALA A 134 22.63 5.06 8.36
N GLY A 135 23.60 4.71 9.17
CA GLY A 135 24.17 3.33 9.10
C GLY A 135 23.06 2.32 9.42
N SER A 136 22.11 2.69 10.23
CA SER A 136 21.01 1.75 10.58
C SER A 136 20.10 1.57 9.38
N GLY A 137 19.28 0.56 9.38
CA GLY A 137 18.35 0.33 8.25
C GLY A 137 17.09 -0.38 8.73
#